data_7WKA
#
_entry.id   7WKA
#
_cell.length_a   1.00
_cell.length_b   1.00
_cell.length_c   1.00
_cell.angle_alpha   90.00
_cell.angle_beta   90.00
_cell.angle_gamma   90.00
#
_symmetry.space_group_name_H-M   'P 1'
#
loop_
_entity.id
_entity.type
_entity.pdbx_description
1 polymer 'Spike glycoprotein'
2 polymer 'Heavy chain of S3H3 Fab'
3 polymer 'Light chain of S3H3 Fab'
#
loop_
_entity_poly.entity_id
_entity_poly.type
_entity_poly.pdbx_seq_one_letter_code
_entity_poly.pdbx_strand_id
1 'polypeptide(L)'
;MFVFLVLLPLVSSQCVNLTTRTQLPPAYTNSFTRGVYYPDKVFRSSVLHSTQDLFLPFFSNVTWFHVISGTNGTKRFDNP
VLPFNDGVYFASIEKSNIIRGWIFGTTLDSKTQSLLIVNNATNVVIKVCEFQFCNDPFLDHKNNKSWMESEFRVYSSANN
CTFEYVSQPFLMDLEGKQGNFKNLREFVFKNIDGYFKIYSKHTPIIVREPEDLPQGFSALEPLVDLPIGINITRFQTLLA
LHRSYLTPGDSSSGWTAGAAAYYVGYLQPRTFLLKYNENGTITDAVDCALDPLSETKCTLKSFTVEKGIYQTSNFRVQPT
ESIVRFPNITNLCPFDEVFNATRFASVYAWNRKRISNCVADYSVLYNLAPFFTFKCYGVSPTKLNDLCFTNVYADSFVIR
GDEVRQIAPGQTGNIADYNYKLPDDFTGCVIAWNSNKLDSKVSGNYNYLYRLFRKSNLKPFERDISTEIYQAGNKPCNGV
AGFNCYFPLRSYSFRPTYGVGHQPYRVVVLSFELLHAPATVCGPKKSTNLVKNKCVNFNFNGLKGTGVLTESNKKFLPFQ
QFGRDIADTTDAVRDPQTLEILDITPCSFGGVSVITPGTNTSNQVAVLYQGVNCTEVPVAIHADQLTPTWRVYSTGSNVF
QTRAGCLIGAEYVNNSYECDIPIGAGICASYQTQTKSHGSASSVASQSIIAYTMSLGAENSVAYSNNSIAIPTNFTISVT
TEILPVSMTKTSVDCTMYICGDSTECSNLLLQYGSFCTQLKRALTGIAVEQDKNTQEVFAQVKQIYKTPPIKYFGGFNFS
QILPDPSKPSKRSFIEDLLFNKVTLADAGFIKQYGDCLGDIAARDLICAQKFKGLTVLPPLLTDEMIAQYTSALLAGTIT
SGWTFGAGAALQIPFAMQMAYRFNGIGVTQNVLYENQKLIANQFNSAIGKIQDSLSSTASALGKLQDVVNHNAQALNTLV
KQLSSKFGAISSVLNDIFSRLDPPEAEVQIDRLITGRLQSLQTYVTQQLIRAAEIRASANLAATKMSECVLGQSKRVDFC
GKGYHLMSFPQSAPHGVVFLHVTYVPAQEKNFTTAPAICHDGKAHFPREGVFVSNGTHWFVTQRNFYEPQIITTDNTFVS
GNCDVVIGIVNNTVYDPLQPELDSFKEELDKYFKNHTSPDVDLGDISGINASVVNIQKEIDRLNEVAKNLNESLIDLQEL
GKYEQGSGYIPEAPRDGQAYVRKDGEWVLLSTFLENLYFQGDYKDDDDKHHHHHHHHH
;
A,C,B
2 'polypeptide(L)'
;QVQLQQPGAELVRPGASVKLSCKASGYSFTRFWMNWVKQRPGQGLEWIGMIHPSDSETRLNQKFKDKATLTVDKSSTTAY
MQLSSPTSEDSAVYYCARKDYDYDAWFAYWGQGTLVTVSAAKTTPPSVYPLAPGSAAQTNSMVTLGCLVKGYFPEPVTVT
WNSGSLSSGVHTFPAVLQSDLYTLSSSVTVPSSTWPSETVTCNVAHPASSTKVDKKI
;
c,a
3 'polypeptide(L)'
;DIVLTQSPASLAVSLGQRATISCRASKSVSASVYSYMHWYQQKPGQPPKLLIYLASSLESGVPARFSGSGSGTDFTLNIH
PVEEEDAATYYCHHSRELPPAFGGGTKLEIKRADAAPTVSIFPPSSEQLTSGGASVVCFLNNFYPKDINVKWKIDGSERQ
NGVLNSWTDQDSKDSTYSMSSTLTLTKDEYERHNSYTCEATHKTSTSPIVKSFNR
;
d,b
#
# COMPACT_ATOMS: atom_id res chain seq x y z
N GLN A 14 70.98 8.39 27.59
CA GLN A 14 70.74 7.36 26.59
C GLN A 14 70.63 5.99 27.25
N CYS A 15 71.77 5.41 27.61
CA CYS A 15 71.81 4.15 28.34
C CYS A 15 71.78 4.34 29.85
N VAL A 16 71.95 5.57 30.33
CA VAL A 16 71.92 5.88 31.75
C VAL A 16 70.71 6.78 32.02
N ASN A 17 69.82 6.31 32.90
CA ASN A 17 68.61 7.05 33.20
C ASN A 17 68.87 8.12 34.26
N LEU A 18 67.82 8.83 34.62
CA LEU A 18 67.89 9.88 35.63
C LEU A 18 67.99 9.28 37.03
N THR A 19 68.44 10.12 37.97
CA THR A 19 68.51 9.72 39.38
C THR A 19 67.11 9.58 39.96
N THR A 20 66.20 10.47 39.60
CA THR A 20 64.81 10.43 40.07
C THR A 20 63.96 9.38 39.36
N ARG A 21 64.46 8.77 38.28
CA ARG A 21 63.72 7.73 37.58
C ARG A 21 63.85 6.41 38.32
N THR A 22 62.72 5.89 38.79
CA THR A 22 62.65 4.65 39.55
C THR A 22 61.25 4.07 39.42
N GLN A 23 61.10 2.97 40.19
CA GLN A 23 59.82 2.21 40.18
C GLN A 23 58.82 2.86 41.13
N LEU A 24 57.57 2.97 40.67
CA LEU A 24 56.50 3.57 41.49
C LEU A 24 55.20 2.82 41.18
N PRO A 25 54.40 2.45 42.19
CA PRO A 25 53.11 1.80 41.95
C PRO A 25 52.16 2.72 41.16
N PRO A 26 51.05 2.22 40.59
CA PRO A 26 50.17 3.04 39.77
C PRO A 26 49.00 3.68 40.50
N ALA A 27 49.27 4.43 41.58
CA ALA A 27 48.16 5.15 42.19
C ALA A 27 47.23 5.70 41.11
N TYR A 28 45.93 5.70 41.41
CA TYR A 28 44.94 6.07 40.40
C TYR A 28 43.95 7.07 40.99
N THR A 29 43.42 7.91 40.10
CA THR A 29 42.37 8.87 40.42
C THR A 29 41.14 8.51 39.60
N ASN A 30 40.09 9.33 39.72
CA ASN A 30 38.82 9.07 39.05
C ASN A 30 38.41 10.29 38.26
N SER A 31 38.33 10.16 36.94
CA SER A 31 37.77 11.18 36.08
C SER A 31 36.26 11.19 36.24
N PHE A 32 35.67 12.39 36.22
CA PHE A 32 34.25 12.49 36.58
C PHE A 32 33.38 12.70 35.34
N THR A 33 33.32 13.92 34.82
CA THR A 33 32.62 14.19 33.56
C THR A 33 33.54 14.32 32.35
N ARG A 34 34.86 14.26 32.53
CA ARG A 34 35.79 14.60 31.47
C ARG A 34 35.91 13.49 30.42
N GLY A 35 36.41 13.86 29.25
CA GLY A 35 36.63 12.94 28.16
C GLY A 35 35.63 12.95 27.04
N VAL A 36 34.79 13.98 26.93
CA VAL A 36 33.73 14.05 25.93
C VAL A 36 34.16 15.00 24.82
N TYR A 37 34.10 14.53 23.58
CA TYR A 37 34.52 15.30 22.41
C TYR A 37 33.39 15.33 21.40
N TYR A 38 33.53 16.20 20.40
CA TYR A 38 32.60 16.24 19.27
C TYR A 38 32.77 14.99 18.42
N PRO A 39 31.73 14.14 18.28
CA PRO A 39 31.88 12.93 17.46
C PRO A 39 31.94 13.21 15.97
N ASP A 40 31.38 14.33 15.52
CA ASP A 40 31.48 14.73 14.12
C ASP A 40 31.56 16.25 14.07
N LYS A 41 31.73 16.77 12.86
CA LYS A 41 31.79 18.20 12.62
C LYS A 41 30.44 18.78 12.21
N VAL A 42 29.39 17.95 12.21
CA VAL A 42 28.06 18.41 11.81
C VAL A 42 27.44 19.22 12.95
N PHE A 43 26.97 20.41 12.63
CA PHE A 43 26.28 21.26 13.59
C PHE A 43 24.91 20.68 13.92
N ARG A 44 24.62 20.54 15.22
CA ARG A 44 23.31 20.16 15.71
C ARG A 44 22.97 21.06 16.90
N SER A 45 21.74 21.57 16.92
CA SER A 45 21.32 22.52 17.95
C SER A 45 20.05 22.03 18.62
N SER A 46 20.10 21.93 19.95
CA SER A 46 18.97 21.66 20.86
C SER A 46 18.29 20.32 20.60
N VAL A 47 19.07 19.33 20.18
CA VAL A 47 18.57 17.99 19.91
C VAL A 47 19.41 16.99 20.68
N LEU A 48 18.90 15.77 20.77
CA LEU A 48 19.60 14.64 21.38
C LEU A 48 20.19 13.80 20.25
N HIS A 49 21.48 13.53 20.34
CA HIS A 49 22.20 12.75 19.33
C HIS A 49 22.83 11.54 20.00
N SER A 50 22.60 10.36 19.42
CA SER A 50 23.13 9.11 19.94
C SER A 50 24.06 8.50 18.91
N THR A 51 25.32 8.33 19.27
CA THR A 51 26.32 7.76 18.39
C THR A 51 27.16 6.75 19.17
N GLN A 52 27.92 5.95 18.43
CA GLN A 52 28.77 4.91 19.00
C GLN A 52 30.19 5.06 18.48
N ASP A 53 31.11 5.38 19.38
CA ASP A 53 32.52 5.54 19.04
C ASP A 53 33.31 5.18 20.30
N LEU A 54 34.63 5.18 20.22
CA LEU A 54 35.47 4.90 21.38
C LEU A 54 35.55 6.16 22.23
N PHE A 55 35.05 6.07 23.46
CA PHE A 55 34.92 7.20 24.38
C PHE A 55 35.66 6.87 25.67
N LEU A 56 35.93 7.91 26.47
CA LEU A 56 36.41 7.72 27.83
C LEU A 56 35.20 7.46 28.72
N PRO A 57 35.12 6.30 29.39
CA PRO A 57 33.90 5.99 30.16
C PRO A 57 33.82 6.77 31.45
N PHE A 58 32.59 7.09 31.85
CA PHE A 58 32.37 7.63 33.18
C PHE A 58 32.51 6.51 34.21
N PHE A 59 32.95 6.88 35.42
CA PHE A 59 33.43 6.00 36.49
C PHE A 59 34.52 5.06 35.96
N SER A 60 35.69 5.63 35.73
CA SER A 60 36.86 4.91 35.25
C SER A 60 38.06 5.23 36.13
N ASN A 61 39.18 4.59 35.83
CA ASN A 61 40.41 4.79 36.58
C ASN A 61 41.50 5.26 35.62
N VAL A 62 41.93 6.51 35.78
CA VAL A 62 43.12 7.03 35.12
C VAL A 62 44.27 6.96 36.13
N THR A 63 45.46 6.65 35.63
CA THR A 63 46.58 6.36 36.52
C THR A 63 47.36 7.65 36.80
N TRP A 64 47.57 7.94 38.08
CA TRP A 64 48.19 9.19 38.50
C TRP A 64 49.70 9.11 38.31
N PHE A 65 50.23 10.00 37.49
CA PHE A 65 51.66 10.11 37.24
C PHE A 65 52.17 11.47 37.71
N HIS A 66 53.46 11.52 38.00
CA HIS A 66 54.07 12.73 38.54
C HIS A 66 55.50 12.86 38.02
N VAL A 67 55.88 14.09 37.69
CA VAL A 67 57.25 14.42 37.31
C VAL A 67 57.72 15.54 38.24
N ILE A 68 58.94 15.38 38.79
CA ILE A 68 59.52 16.36 39.68
C ILE A 68 61.03 16.40 39.50
N LYS A 75 61.40 13.55 44.38
CA LYS A 75 62.55 12.86 43.81
C LYS A 75 62.14 11.55 43.15
N ARG A 76 60.86 11.47 42.76
CA ARG A 76 60.30 10.27 42.16
C ARG A 76 59.76 10.59 40.77
N PHE A 77 60.17 9.80 39.78
CA PHE A 77 59.67 9.95 38.41
C PHE A 77 59.45 8.58 37.81
N ASP A 78 58.30 8.41 37.16
CA ASP A 78 57.92 7.15 36.52
C ASP A 78 57.51 7.46 35.09
N ASN A 79 58.05 6.71 34.13
CA ASN A 79 57.64 6.80 32.73
C ASN A 79 57.56 5.39 32.17
N PRO A 80 56.44 4.69 32.40
CA PRO A 80 56.32 3.31 31.90
C PRO A 80 55.89 3.29 30.44
N VAL A 81 55.81 2.09 29.85
CA VAL A 81 55.37 1.93 28.47
C VAL A 81 54.06 1.15 28.50
N LEU A 82 52.93 1.87 28.27
CA LEU A 82 51.56 1.35 28.22
C LEU A 82 51.14 1.02 26.78
N PRO A 83 50.26 0.05 26.57
CA PRO A 83 49.81 -0.26 25.20
C PRO A 83 48.85 0.79 24.64
N PHE A 84 48.96 1.01 23.34
CA PHE A 84 48.14 1.96 22.59
C PHE A 84 46.74 1.43 22.29
N ASN A 85 46.55 0.10 22.33
CA ASN A 85 45.36 -0.52 21.75
C ASN A 85 44.12 -0.37 22.63
N ASP A 86 44.28 0.06 23.87
CA ASP A 86 43.14 0.38 24.72
C ASP A 86 42.73 1.84 24.65
N GLY A 87 43.37 2.64 23.81
CA GLY A 87 43.04 4.04 23.66
C GLY A 87 43.87 4.92 24.58
N VAL A 88 44.09 6.15 24.12
CA VAL A 88 44.92 7.12 24.83
C VAL A 88 44.08 8.33 25.18
N TYR A 89 43.94 8.61 26.49
CA TYR A 89 43.38 9.85 26.98
C TYR A 89 44.49 10.58 27.72
N PHE A 90 44.69 11.86 27.41
CA PHE A 90 45.76 12.66 27.97
C PHE A 90 45.17 13.90 28.63
N ALA A 91 45.57 14.14 29.88
CA ALA A 91 45.26 15.39 30.57
C ALA A 91 46.45 15.75 31.44
N SER A 92 46.88 17.02 31.39
CA SER A 92 48.03 17.47 32.14
C SER A 92 47.84 18.91 32.57
N ILE A 93 48.30 19.23 33.78
CA ILE A 93 48.28 20.58 34.32
C ILE A 93 49.73 21.02 34.49
N GLU A 94 50.17 21.94 33.65
CA GLU A 94 51.52 22.47 33.73
C GLU A 94 51.55 23.91 33.20
N LYS A 95 52.34 24.75 33.87
CA LYS A 95 52.57 26.10 33.37
C LYS A 95 53.69 26.16 32.35
N SER A 96 54.81 25.47 32.61
CA SER A 96 56.05 25.69 31.89
C SER A 96 56.26 24.71 30.73
N ASN A 97 55.28 23.83 30.47
CA ASN A 97 55.23 22.87 29.35
C ASN A 97 56.43 21.91 29.36
N ILE A 98 56.41 21.01 30.35
CA ILE A 98 57.48 20.03 30.50
C ILE A 98 57.36 18.93 29.44
N ILE A 99 56.14 18.48 29.15
CA ILE A 99 55.94 17.42 28.17
C ILE A 99 56.05 18.01 26.77
N ARG A 100 57.02 17.51 26.00
CA ARG A 100 57.31 18.04 24.67
C ARG A 100 56.67 17.23 23.55
N GLY A 101 56.00 16.14 23.87
CA GLY A 101 55.37 15.31 22.86
C GLY A 101 55.35 13.86 23.29
N TRP A 102 55.21 12.98 22.30
CA TRP A 102 55.06 11.55 22.55
C TRP A 102 55.92 10.77 21.57
N ILE A 103 56.13 9.48 21.89
CA ILE A 103 56.83 8.54 21.04
C ILE A 103 55.87 7.42 20.70
N PHE A 104 55.59 7.23 19.42
CA PHE A 104 54.66 6.22 18.94
C PHE A 104 55.39 5.21 18.08
N GLY A 105 55.41 3.97 18.53
CA GLY A 105 56.10 2.92 17.79
C GLY A 105 55.53 1.56 18.12
N THR A 106 56.13 0.55 17.50
CA THR A 106 55.71 -0.85 17.68
C THR A 106 56.85 -1.67 18.27
N THR A 107 57.88 -1.98 17.49
CA THR A 107 59.04 -2.72 18.01
C THR A 107 60.19 -1.82 18.44
N LEU A 108 59.99 -0.49 18.34
CA LEU A 108 60.90 0.57 18.80
C LEU A 108 62.28 0.51 18.13
N ASP A 109 62.28 0.33 16.81
CA ASP A 109 63.52 0.28 16.04
C ASP A 109 63.27 0.84 14.64
N SER A 110 64.28 0.71 13.77
CA SER A 110 64.19 1.23 12.40
C SER A 110 63.62 0.21 11.42
N LYS A 111 63.21 -0.96 11.88
CA LYS A 111 62.67 -1.98 10.98
C LYS A 111 61.21 -1.72 10.60
N THR A 112 60.52 -0.84 11.31
CA THR A 112 59.12 -0.53 11.01
C THR A 112 58.95 0.99 11.08
N GLN A 113 57.72 1.43 10.80
CA GLN A 113 57.39 2.85 10.82
C GLN A 113 57.06 3.29 12.24
N SER A 114 57.49 4.50 12.59
CA SER A 114 57.25 5.07 13.90
C SER A 114 56.93 6.55 13.77
N LEU A 115 56.16 7.05 14.72
CA LEU A 115 55.73 8.44 14.75
C LEU A 115 56.32 9.15 15.95
N LEU A 116 56.97 10.29 15.73
CA LEU A 116 57.53 11.12 16.79
C LEU A 116 56.96 12.52 16.66
N ILE A 117 56.18 12.93 17.65
CA ILE A 117 55.64 14.28 17.72
C ILE A 117 56.54 15.09 18.65
N VAL A 118 57.15 16.14 18.11
CA VAL A 118 58.08 16.97 18.87
C VAL A 118 57.76 18.43 18.57
N ASN A 119 57.89 19.28 19.58
CA ASN A 119 57.62 20.70 19.46
C ASN A 119 58.86 21.49 19.89
N ASN A 120 59.29 22.42 19.04
CA ASN A 120 60.38 23.33 19.33
C ASN A 120 59.90 24.65 19.93
N ALA A 121 58.60 24.74 20.27
CA ALA A 121 57.74 25.82 20.74
C ALA A 121 57.37 26.82 19.63
N THR A 122 57.88 26.66 18.41
CA THR A 122 57.40 27.40 17.25
C THR A 122 56.48 26.54 16.39
N ASN A 123 57.00 25.46 15.81
CA ASN A 123 56.21 24.54 15.00
C ASN A 123 56.28 23.14 15.57
N VAL A 124 55.17 22.41 15.47
CA VAL A 124 55.10 21.03 15.92
C VAL A 124 55.50 20.14 14.74
N VAL A 125 56.58 19.41 14.90
CA VAL A 125 57.11 18.55 13.83
C VAL A 125 56.48 17.17 13.95
N ILE A 126 55.73 16.77 12.93
CA ILE A 126 55.07 15.47 12.87
C ILE A 126 55.63 14.72 11.68
N LYS A 127 56.36 13.63 11.94
CA LYS A 127 56.98 12.83 10.89
C LYS A 127 56.80 11.36 11.18
N VAL A 128 56.33 10.61 10.18
CA VAL A 128 56.27 9.16 10.22
C VAL A 128 57.44 8.64 9.41
N CYS A 129 58.43 8.06 10.08
CA CYS A 129 59.63 7.61 9.41
C CYS A 129 60.26 6.49 10.23
N GLU A 130 61.36 5.93 9.72
CA GLU A 130 62.09 4.90 10.43
C GLU A 130 62.97 5.57 11.48
N PHE A 131 62.73 5.25 12.76
CA PHE A 131 63.36 5.93 13.88
C PHE A 131 64.04 4.90 14.77
N GLN A 132 65.34 5.07 15.00
CA GLN A 132 66.10 4.21 15.90
C GLN A 132 65.95 4.72 17.33
N PHE A 133 65.60 3.83 18.25
CA PHE A 133 65.28 4.20 19.62
C PHE A 133 66.22 3.53 20.62
N CYS A 134 66.62 4.30 21.63
CA CYS A 134 67.33 3.79 22.78
C CYS A 134 66.32 3.47 23.88
N ASN A 135 66.82 3.17 25.09
CA ASN A 135 65.91 2.83 26.18
C ASN A 135 65.25 4.07 26.77
N ASP A 136 66.04 5.11 27.06
CA ASP A 136 65.55 6.32 27.72
C ASP A 136 66.09 7.53 26.96
N PRO A 137 65.37 8.04 25.96
CA PRO A 137 65.82 9.25 25.29
C PRO A 137 65.57 10.49 26.13
N PHE A 138 66.45 11.48 25.97
CA PHE A 138 66.42 12.71 26.74
C PHE A 138 66.20 13.91 25.82
N LEU A 139 65.66 14.98 26.41
CA LEU A 139 65.54 16.28 25.75
C LEU A 139 66.00 17.35 26.72
N ASP A 140 67.01 18.12 26.31
CA ASP A 140 67.56 19.17 27.17
C ASP A 140 67.06 20.56 26.79
N VAL A 154 67.56 11.21 20.98
CA VAL A 154 66.25 10.64 20.66
C VAL A 154 66.38 9.62 19.51
N TYR A 155 67.00 10.03 18.40
CA TYR A 155 67.26 9.12 17.30
C TYR A 155 68.53 9.57 16.58
N SER A 156 69.32 8.60 16.13
CA SER A 156 70.57 8.90 15.43
C SER A 156 70.32 9.36 14.00
N SER A 157 69.53 8.60 13.24
CA SER A 157 69.31 8.91 11.83
C SER A 157 67.95 8.37 11.40
N ALA A 158 67.44 8.92 10.30
CA ALA A 158 66.16 8.51 9.75
C ALA A 158 66.21 8.57 8.23
N ASN A 159 65.67 7.55 7.58
CA ASN A 159 65.61 7.51 6.13
C ASN A 159 64.39 6.71 5.68
N ASN A 160 64.18 6.70 4.36
CA ASN A 160 63.12 5.98 3.62
C ASN A 160 61.73 6.35 4.12
N CYS A 161 61.39 7.62 3.96
CA CYS A 161 60.05 8.11 4.28
C CYS A 161 59.72 9.31 3.39
N THR A 162 58.47 9.36 2.92
CA THR A 162 57.98 10.47 2.11
C THR A 162 57.13 11.47 2.90
N PHE A 163 56.89 11.23 4.19
CA PHE A 163 55.90 11.99 4.94
C PHE A 163 56.60 13.02 5.83
N GLU A 164 56.27 14.29 5.59
CA GLU A 164 56.67 15.40 6.45
C GLU A 164 55.47 16.31 6.67
N TYR A 165 55.35 16.86 7.87
CA TYR A 165 54.24 17.75 8.19
C TYR A 165 54.74 18.90 9.04
N VAL A 166 54.35 20.12 8.65
CA VAL A 166 54.66 21.34 9.39
C VAL A 166 53.35 21.99 9.80
N SER A 167 53.18 22.20 11.11
CA SER A 167 51.95 22.77 11.64
C SER A 167 52.01 24.30 11.59
N GLN A 168 51.03 24.94 12.23
CA GLN A 168 50.95 26.39 12.27
C GLN A 168 51.96 26.96 13.28
N PRO A 169 52.63 28.06 12.94
CA PRO A 169 53.60 28.64 13.87
C PRO A 169 52.93 29.39 15.02
N PHE A 170 53.59 29.37 16.18
CA PHE A 170 53.10 30.06 17.37
C PHE A 170 54.31 30.43 18.22
N LEU A 171 54.04 31.09 19.35
CA LEU A 171 55.09 31.49 20.28
C LEU A 171 54.65 31.17 21.69
N MET A 172 55.40 30.30 22.37
CA MET A 172 55.16 29.96 23.76
C MET A 172 56.46 30.04 24.53
N ASP A 173 56.39 30.55 25.77
CA ASP A 173 57.56 30.67 26.63
C ASP A 173 57.78 29.37 27.38
N LEU A 174 59.00 28.84 27.29
CA LEU A 174 59.36 27.59 27.94
C LEU A 174 59.95 27.80 29.33
N GLU A 175 60.02 29.04 29.81
CA GLU A 175 60.58 29.33 31.12
C GLU A 175 59.52 29.13 32.21
N GLY A 176 59.92 29.37 33.46
CA GLY A 176 59.02 29.19 34.56
C GLY A 176 58.06 30.35 34.75
N LYS A 177 56.90 30.04 35.32
CA LYS A 177 55.85 31.01 35.59
C LYS A 177 55.51 31.01 37.07
N GLN A 178 54.86 32.07 37.51
CA GLN A 178 54.45 32.24 38.90
C GLN A 178 52.94 32.33 39.00
N GLY A 179 52.42 32.01 40.17
CA GLY A 179 50.99 32.09 40.42
C GLY A 179 50.27 30.77 40.25
N ASN A 180 48.96 30.88 40.06
CA ASN A 180 48.10 29.72 39.87
C ASN A 180 48.30 29.10 38.50
N PHE A 181 47.85 27.85 38.36
CA PHE A 181 48.07 27.08 37.14
C PHE A 181 46.99 27.47 36.14
N LYS A 182 47.40 28.07 35.03
CA LYS A 182 46.47 28.65 34.06
C LYS A 182 46.23 27.76 32.84
N ASN A 183 46.89 26.61 32.72
CA ASN A 183 46.88 25.83 31.49
C ASN A 183 46.41 24.41 31.77
N LEU A 184 45.43 23.95 31.00
CA LEU A 184 44.98 22.56 31.00
C LEU A 184 44.79 22.13 29.55
N ARG A 185 45.51 21.08 29.14
CA ARG A 185 45.40 20.54 27.79
C ARG A 185 44.85 19.13 27.87
N GLU A 186 43.73 18.89 27.19
CA GLU A 186 43.07 17.59 27.17
C GLU A 186 43.15 17.04 25.74
N PHE A 187 43.90 15.96 25.57
CA PHE A 187 44.13 15.35 24.26
C PHE A 187 43.63 13.92 24.25
N VAL A 188 42.96 13.53 23.16
CA VAL A 188 42.50 12.17 22.95
C VAL A 188 43.14 11.65 21.67
N PHE A 189 43.90 10.57 21.79
CA PHE A 189 44.61 9.96 20.66
C PHE A 189 44.01 8.59 20.36
N LYS A 190 43.58 8.39 19.11
CA LYS A 190 43.00 7.12 18.72
C LYS A 190 43.28 6.88 17.24
N ASN A 191 43.19 5.61 16.84
CA ASN A 191 43.36 5.20 15.46
C ASN A 191 42.06 4.52 15.03
N ILE A 192 41.33 5.15 14.13
CA ILE A 192 40.07 4.63 13.61
C ILE A 192 40.22 4.45 12.11
N ASP A 193 40.24 3.18 11.67
CA ASP A 193 40.28 2.73 10.26
C ASP A 193 41.49 3.26 9.51
N GLY A 194 42.63 3.30 10.20
CA GLY A 194 43.86 3.82 9.64
C GLY A 194 43.99 5.33 9.64
N TYR A 195 43.14 6.04 10.38
CA TYR A 195 43.19 7.49 10.47
C TYR A 195 43.45 7.90 11.91
N PHE A 196 44.54 8.64 12.12
CA PHE A 196 44.95 9.09 13.44
C PHE A 196 44.50 10.53 13.61
N LYS A 197 43.61 10.78 14.57
CA LYS A 197 43.04 12.10 14.81
C LYS A 197 43.51 12.64 16.16
N ILE A 198 43.67 13.96 16.22
CA ILE A 198 44.11 14.66 17.43
C ILE A 198 43.03 15.65 17.81
N TYR A 199 42.47 15.50 19.01
CA TYR A 199 41.45 16.40 19.53
C TYR A 199 42.07 17.29 20.61
N SER A 200 41.92 18.61 20.43
CA SER A 200 42.61 19.58 21.26
C SER A 200 41.60 20.48 21.97
N LYS A 201 41.80 20.68 23.27
CA LYS A 201 41.02 21.62 24.06
C LYS A 201 41.92 22.27 25.09
N HIS A 202 41.83 23.60 25.20
CA HIS A 202 42.61 24.37 26.15
C HIS A 202 41.67 25.26 26.96
N THR A 203 41.70 25.12 28.28
CA THR A 203 40.90 25.94 29.18
C THR A 203 41.68 26.22 30.46
N PRO A 204 41.48 27.40 31.07
CA PRO A 204 42.06 27.64 32.39
C PRO A 204 41.24 27.00 33.50
N ILE A 205 41.93 26.68 34.60
CA ILE A 205 41.27 26.12 35.77
C ILE A 205 41.37 27.09 36.94
N ASP A 212 45.63 18.65 43.11
CA ASP A 212 45.99 18.09 41.81
C ASP A 212 44.88 17.21 41.25
N LEU A 213 43.64 17.52 41.62
CA LEU A 213 42.48 16.77 41.16
C LEU A 213 41.61 17.65 40.28
N PRO A 214 41.51 17.40 38.98
CA PRO A 214 40.66 18.23 38.12
C PRO A 214 39.19 17.89 38.28
N GLN A 215 38.35 18.90 38.03
CA GLN A 215 36.90 18.73 38.09
C GLN A 215 36.26 19.67 37.08
N GLY A 216 35.02 19.38 36.74
CA GLY A 216 34.30 20.16 35.76
C GLY A 216 34.17 19.43 34.43
N PHE A 217 33.33 19.99 33.56
CA PHE A 217 33.04 19.39 32.27
C PHE A 217 33.51 20.32 31.16
N SER A 218 34.13 19.73 30.13
CA SER A 218 34.64 20.48 28.99
C SER A 218 34.43 19.66 27.73
N ALA A 219 34.19 20.35 26.61
CA ALA A 219 33.95 19.72 25.32
C ALA A 219 35.17 19.95 24.43
N LEU A 220 35.77 18.87 23.97
CA LEU A 220 36.97 18.95 23.14
C LEU A 220 36.63 19.32 21.70
N GLU A 221 37.60 19.90 21.01
CA GLU A 221 37.46 20.32 19.62
C GLU A 221 38.47 19.59 18.75
N PRO A 222 38.14 19.32 17.47
CA PRO A 222 39.11 18.68 16.58
C PRO A 222 40.21 19.65 16.16
N LEU A 223 41.38 19.09 15.84
CA LEU A 223 42.53 19.88 15.44
C LEU A 223 43.04 19.45 14.07
N VAL A 224 43.70 18.28 13.97
CA VAL A 224 44.27 17.81 12.71
C VAL A 224 43.79 16.40 12.44
N ASP A 225 44.01 15.95 11.20
CA ASP A 225 43.69 14.61 10.77
C ASP A 225 44.93 14.04 10.07
N LEU A 226 45.45 12.93 10.58
CA LEU A 226 46.64 12.32 10.02
C LEU A 226 46.29 10.96 9.43
N PRO A 227 46.26 10.81 8.01
CA PRO A 227 46.04 9.48 7.39
C PRO A 227 47.31 8.65 7.30
N ILE A 228 47.68 8.04 8.43
CA ILE A 228 48.93 7.31 8.54
C ILE A 228 48.69 5.84 8.21
N GLY A 229 47.91 5.17 9.05
CA GLY A 229 47.54 3.78 8.81
C GLY A 229 48.65 2.76 9.04
N ILE A 230 49.30 2.85 10.21
CA ILE A 230 50.31 1.88 10.60
C ILE A 230 49.87 1.25 11.92
N ASN A 231 50.48 0.10 12.24
CA ASN A 231 50.21 -0.61 13.48
C ASN A 231 51.11 -0.01 14.55
N ILE A 232 50.51 0.58 15.58
CA ILE A 232 51.23 1.11 16.74
C ILE A 232 50.70 0.38 17.98
N THR A 233 51.54 -0.46 18.57
CA THR A 233 51.14 -1.25 19.73
C THR A 233 51.25 -0.50 21.05
N ARG A 234 52.34 0.23 21.28
CA ARG A 234 52.60 0.85 22.58
C ARG A 234 52.98 2.32 22.36
N PHE A 235 53.22 3.04 23.46
CA PHE A 235 53.56 4.45 23.34
C PHE A 235 54.49 4.86 24.48
N GLN A 236 55.22 5.94 24.26
CA GLN A 236 56.10 6.55 25.26
C GLN A 236 55.90 8.06 25.23
N THR A 237 56.46 8.74 26.23
CA THR A 237 56.35 10.18 26.37
C THR A 237 57.72 10.84 26.33
N LEU A 238 57.72 12.15 26.08
CA LEU A 238 58.94 12.96 26.03
C LEU A 238 59.06 13.82 27.28
N LEU A 239 60.30 14.07 27.67
CA LEU A 239 60.61 14.78 28.92
C LEU A 239 61.67 15.84 28.67
N ALA A 240 61.33 17.10 28.95
CA ALA A 240 62.29 18.20 28.89
C ALA A 240 63.09 18.28 30.17
N LEU A 241 64.35 18.66 30.05
CA LEU A 241 65.28 18.72 31.18
C LEU A 241 65.96 20.08 31.22
N HIS A 242 66.28 20.53 32.43
CA HIS A 242 66.99 21.79 32.62
C HIS A 242 68.03 21.63 33.73
N ARG A 243 69.06 22.46 33.67
CA ARG A 243 70.14 22.42 34.64
C ARG A 243 70.59 23.85 34.93
N SER A 244 70.76 24.16 36.21
CA SER A 244 71.20 25.49 36.63
C SER A 244 72.69 25.68 36.37
N SER A 252 74.32 13.15 32.08
CA SER A 252 73.25 12.16 32.00
C SER A 252 72.25 12.34 33.13
N SER A 253 72.70 12.09 34.37
CA SER A 253 71.87 12.22 35.55
C SER A 253 71.98 13.58 36.23
N GLY A 254 72.77 14.49 35.67
CA GLY A 254 72.90 15.81 36.27
C GLY A 254 71.77 16.75 35.90
N TRP A 255 71.00 16.42 34.87
CA TRP A 255 69.88 17.23 34.46
C TRP A 255 68.70 17.03 35.41
N THR A 256 67.84 18.05 35.48
CA THR A 256 66.72 18.07 36.43
C THR A 256 65.43 18.33 35.66
N ALA A 257 64.46 17.44 35.83
CA ALA A 257 63.14 17.62 35.23
C ALA A 257 62.30 18.60 36.05
N GLY A 258 61.33 19.22 35.37
CA GLY A 258 60.46 20.16 36.03
C GLY A 258 59.36 19.48 36.83
N ALA A 259 58.55 20.30 37.48
CA ALA A 259 57.49 19.82 38.37
C ALA A 259 56.13 19.98 37.69
N ALA A 260 55.52 18.86 37.34
CA ALA A 260 54.21 18.84 36.69
C ALA A 260 53.55 17.50 36.97
N ALA A 261 52.41 17.26 36.32
CA ALA A 261 51.69 15.99 36.42
C ALA A 261 50.92 15.77 35.12
N TYR A 262 50.71 14.50 34.79
CA TYR A 262 49.95 14.16 33.60
C TYR A 262 49.19 12.86 33.84
N TYR A 263 48.10 12.68 33.09
CA TYR A 263 47.19 11.56 33.26
C TYR A 263 47.08 10.75 31.97
N VAL A 264 46.88 9.45 32.20
CA VAL A 264 46.71 8.52 31.07
C VAL A 264 45.81 7.40 31.56
N GLY A 265 44.80 7.04 30.75
CA GLY A 265 43.90 5.92 31.09
C GLY A 265 43.70 5.06 29.86
N TYR A 266 42.45 4.74 29.51
CA TYR A 266 42.17 3.97 28.26
C TYR A 266 40.76 4.30 27.77
N LEU A 267 40.50 4.08 26.48
CA LEU A 267 39.17 4.38 25.89
C LEU A 267 38.29 3.13 25.90
N GLN A 268 37.13 3.17 25.24
CA GLN A 268 36.18 2.03 25.25
C GLN A 268 34.88 2.40 24.52
N PRO A 269 34.17 1.46 23.84
CA PRO A 269 32.96 1.82 23.11
C PRO A 269 31.91 2.40 24.06
N ARG A 270 31.30 3.52 23.70
CA ARG A 270 30.30 4.15 24.60
C ARG A 270 29.19 4.79 23.77
N THR A 271 27.97 4.79 24.29
CA THR A 271 26.81 5.42 23.58
C THR A 271 26.36 6.63 24.39
N PHE A 272 27.13 7.72 24.35
CA PHE A 272 26.81 8.90 25.14
C PHE A 272 25.61 9.63 24.56
N LEU A 273 24.93 10.37 25.43
CA LEU A 273 23.86 11.29 25.05
C LEU A 273 24.44 12.70 25.14
N LEU A 274 24.23 13.51 24.11
CA LEU A 274 24.84 14.82 24.04
C LEU A 274 23.79 15.92 24.02
N LYS A 275 23.96 16.88 24.92
CA LYS A 275 23.06 18.03 25.03
C LYS A 275 23.68 19.19 24.25
N TYR A 276 22.88 19.83 23.40
CA TYR A 276 23.35 20.92 22.55
C TYR A 276 22.64 22.21 22.92
N ASN A 277 23.39 23.30 22.98
CA ASN A 277 22.85 24.62 23.29
C ASN A 277 22.49 25.35 22.00
N GLU A 278 22.20 26.64 22.14
CA GLU A 278 21.95 27.48 20.97
C GLU A 278 23.23 27.86 20.24
N ASN A 279 24.37 27.80 20.93
CA ASN A 279 25.66 28.15 20.33
C ASN A 279 26.37 26.94 19.70
N GLY A 280 25.83 25.74 19.87
CA GLY A 280 26.42 24.56 19.25
C GLY A 280 27.53 23.91 20.02
N THR A 281 27.53 23.99 21.35
CA THR A 281 28.53 23.35 22.18
C THR A 281 27.87 22.33 23.09
N ILE A 282 28.66 21.41 23.60
CA ILE A 282 28.16 20.36 24.48
C ILE A 282 28.30 20.86 25.92
N THR A 283 27.18 21.13 26.58
CA THR A 283 27.18 21.53 27.98
C THR A 283 26.92 20.38 28.94
N ASP A 284 26.48 19.22 28.44
CA ASP A 284 26.13 18.11 29.32
C ASP A 284 26.30 16.81 28.55
N ALA A 285 26.69 15.76 29.27
CA ALA A 285 26.89 14.45 28.68
C ALA A 285 26.31 13.38 29.58
N VAL A 286 25.48 12.51 29.02
CA VAL A 286 24.83 11.42 29.75
C VAL A 286 25.28 10.11 29.14
N ASP A 287 25.90 9.26 29.96
CA ASP A 287 26.30 7.93 29.50
C ASP A 287 25.06 7.04 29.42
N CYS A 288 25.07 6.09 28.48
CA CYS A 288 23.94 5.19 28.32
C CYS A 288 23.90 4.15 29.44
N ALA A 289 25.02 3.46 29.67
CA ALA A 289 25.13 2.55 30.80
C ALA A 289 26.19 3.09 31.76
N LEU A 290 25.74 3.69 32.86
CA LEU A 290 26.58 4.05 33.99
C LEU A 290 25.90 3.64 35.28
N ASP A 291 24.78 4.30 35.56
CA ASP A 291 23.92 4.13 36.70
C ASP A 291 22.50 3.86 36.17
N PRO A 292 21.62 3.24 36.95
CA PRO A 292 20.22 3.07 36.48
C PRO A 292 19.41 4.35 36.37
N LEU A 293 19.85 5.46 36.99
CA LEU A 293 19.32 6.77 36.65
C LEU A 293 19.74 7.16 35.24
N SER A 294 20.98 6.86 34.85
CA SER A 294 21.46 7.21 33.52
C SER A 294 20.97 6.22 32.46
N GLU A 295 20.58 5.01 32.86
CA GLU A 295 20.03 4.04 31.92
C GLU A 295 18.59 4.36 31.55
N THR A 296 17.89 5.17 32.35
CA THR A 296 16.53 5.58 32.03
C THR A 296 16.50 6.56 30.87
N LYS A 297 17.49 7.47 30.82
CA LYS A 297 17.52 8.51 29.80
C LYS A 297 17.95 8.00 28.44
N CYS A 298 18.61 6.84 28.37
CA CYS A 298 19.15 6.37 27.11
C CYS A 298 18.07 5.76 26.22
N THR A 299 17.15 5.01 26.80
CA THR A 299 16.09 4.39 26.01
C THR A 299 14.97 5.39 25.71
N LEU A 300 14.65 6.26 26.68
CA LEU A 300 13.53 7.20 26.51
C LEU A 300 13.90 8.41 25.67
N LYS A 301 15.21 8.69 25.52
CA LYS A 301 15.78 9.85 24.79
C LYS A 301 15.24 11.19 25.31
N SER A 302 15.30 11.36 26.63
CA SER A 302 14.82 12.58 27.27
C SER A 302 15.87 13.07 28.24
N PHE A 303 15.91 14.41 28.41
CA PHE A 303 16.87 15.02 29.32
C PHE A 303 16.47 14.89 30.78
N THR A 304 15.18 14.87 31.08
CA THR A 304 14.70 14.71 32.45
C THR A 304 13.86 13.44 32.55
N VAL A 305 13.75 12.91 33.77
CA VAL A 305 12.99 11.71 34.06
C VAL A 305 11.81 12.10 34.95
N GLU A 306 10.60 11.76 34.52
CA GLU A 306 9.40 12.07 35.27
C GLU A 306 9.14 10.98 36.32
N LYS A 307 8.00 11.06 37.00
CA LYS A 307 7.67 10.17 38.09
C LYS A 307 6.86 8.99 37.57
N GLY A 308 7.43 7.80 37.67
CA GLY A 308 6.74 6.60 37.21
C GLY A 308 7.73 5.48 36.94
N ILE A 309 7.17 4.31 36.64
CA ILE A 309 7.95 3.12 36.34
C ILE A 309 8.22 3.06 34.84
N TYR A 310 9.49 2.86 34.48
CA TYR A 310 9.93 2.82 33.10
C TYR A 310 10.67 1.51 32.84
N GLN A 311 10.55 1.03 31.61
CA GLN A 311 11.24 -0.19 31.18
C GLN A 311 12.52 0.19 30.46
N THR A 312 13.62 -0.45 30.84
CA THR A 312 14.95 -0.06 30.36
C THR A 312 15.54 -1.13 29.43
N SER A 313 15.84 -2.31 29.96
CA SER A 313 16.60 -3.30 29.22
C SER A 313 16.11 -4.69 29.60
N ASN A 314 16.86 -5.71 29.21
CA ASN A 314 16.51 -7.09 29.48
C ASN A 314 17.69 -7.81 30.13
N PHE A 315 17.38 -8.85 30.90
CA PHE A 315 18.41 -9.58 31.63
C PHE A 315 19.14 -10.54 30.69
N ARG A 316 20.46 -10.40 30.62
CA ARG A 316 21.29 -11.20 29.73
C ARG A 316 22.39 -11.90 30.51
N VAL A 317 22.71 -13.11 30.08
CA VAL A 317 23.79 -13.91 30.66
C VAL A 317 24.85 -14.09 29.59
N GLN A 318 26.04 -13.55 29.83
CA GLN A 318 27.12 -13.68 28.86
C GLN A 318 27.76 -15.06 28.97
N PRO A 319 27.92 -15.79 27.87
CA PRO A 319 28.55 -17.12 27.95
C PRO A 319 30.07 -16.99 28.09
N THR A 320 30.67 -18.06 28.61
CA THR A 320 32.10 -18.10 28.87
C THR A 320 32.79 -19.09 27.93
N GLU A 321 32.50 -20.38 28.05
CA GLU A 321 33.16 -21.41 27.26
C GLU A 321 32.29 -21.79 26.05
N SER A 322 32.76 -22.78 25.30
CA SER A 322 32.03 -23.31 24.15
C SER A 322 32.19 -24.82 24.13
N ILE A 323 31.07 -25.53 24.00
CA ILE A 323 31.07 -26.99 23.96
C ILE A 323 30.94 -27.43 22.50
N VAL A 324 31.96 -28.11 22.00
CA VAL A 324 31.97 -28.65 20.64
C VAL A 324 32.12 -30.16 20.77
N ARG A 325 31.15 -30.90 20.25
CA ARG A 325 31.17 -32.36 20.29
C ARG A 325 31.14 -32.91 18.87
N PHE A 326 32.23 -33.54 18.46
CA PHE A 326 32.39 -34.20 17.18
C PHE A 326 32.64 -35.69 17.40
N PRO A 327 32.15 -36.55 16.49
CA PRO A 327 32.48 -37.98 16.59
C PRO A 327 33.92 -38.26 16.20
N ASN A 328 34.56 -39.18 16.92
CA ASN A 328 35.97 -39.49 16.74
C ASN A 328 36.11 -40.78 15.94
N ILE A 329 36.57 -40.65 14.70
CA ILE A 329 36.84 -41.79 13.82
C ILE A 329 38.30 -41.70 13.39
N THR A 330 39.05 -42.78 13.59
CA THR A 330 40.48 -42.80 13.29
C THR A 330 40.78 -43.10 11.83
N ASN A 331 39.77 -43.32 10.99
CA ASN A 331 39.98 -43.64 9.59
C ASN A 331 40.15 -42.36 8.77
N LEU A 332 41.03 -42.44 7.76
CA LEU A 332 41.25 -41.33 6.84
C LEU A 332 40.40 -41.52 5.58
N CYS A 333 39.92 -40.42 5.03
CA CYS A 333 39.03 -40.48 3.88
C CYS A 333 39.84 -40.72 2.60
N PRO A 334 39.36 -41.58 1.68
CA PRO A 334 40.13 -41.86 0.46
C PRO A 334 40.06 -40.74 -0.58
N PHE A 335 40.79 -39.65 -0.35
CA PHE A 335 40.84 -38.55 -1.29
C PHE A 335 41.77 -38.82 -2.46
N ASP A 336 42.67 -39.80 -2.35
CA ASP A 336 43.56 -40.13 -3.45
C ASP A 336 42.92 -41.03 -4.49
N GLU A 337 41.80 -41.68 -4.15
CA GLU A 337 41.08 -42.51 -5.10
C GLU A 337 40.15 -41.71 -5.99
N VAL A 338 39.90 -40.44 -5.67
CA VAL A 338 39.03 -39.58 -6.46
C VAL A 338 39.84 -38.51 -7.20
N PHE A 339 40.56 -37.66 -6.48
CA PHE A 339 41.30 -36.57 -7.13
C PHE A 339 42.60 -37.07 -7.75
N ASN A 340 43.34 -37.89 -7.01
CA ASN A 340 44.70 -38.27 -7.38
C ASN A 340 44.79 -39.59 -8.15
N ALA A 341 43.65 -40.19 -8.50
CA ALA A 341 43.68 -41.47 -9.20
C ALA A 341 44.09 -41.31 -10.66
N THR A 342 44.68 -42.38 -11.21
CA THR A 342 45.30 -42.29 -12.52
C THR A 342 44.26 -42.32 -13.65
N ARG A 343 43.35 -43.29 -13.61
CA ARG A 343 42.36 -43.47 -14.66
C ARG A 343 40.96 -43.20 -14.13
N PHE A 344 40.18 -42.46 -14.92
CA PHE A 344 38.84 -42.03 -14.54
C PHE A 344 37.81 -42.68 -15.47
N ALA A 345 36.55 -42.31 -15.27
CA ALA A 345 35.43 -42.80 -16.06
C ALA A 345 35.06 -41.77 -17.13
N SER A 346 33.96 -42.03 -17.83
CA SER A 346 33.55 -41.23 -18.97
C SER A 346 32.42 -40.27 -18.58
N VAL A 347 31.94 -39.51 -19.56
CA VAL A 347 30.90 -38.51 -19.33
C VAL A 347 29.53 -39.15 -19.22
N TYR A 348 29.20 -40.06 -20.16
CA TYR A 348 27.85 -40.60 -20.24
C TYR A 348 27.58 -41.62 -19.13
N ALA A 349 28.61 -42.35 -18.72
CA ALA A 349 28.53 -43.22 -17.54
C ALA A 349 29.76 -42.93 -16.69
N TRP A 350 29.56 -42.37 -15.51
CA TRP A 350 30.65 -42.03 -14.61
C TRP A 350 30.71 -43.02 -13.45
N ASN A 351 31.69 -42.80 -12.58
CA ASN A 351 31.87 -43.61 -11.37
C ASN A 351 31.56 -42.69 -10.20
N ARG A 352 30.43 -42.96 -9.53
CA ARG A 352 29.97 -42.13 -8.43
C ARG A 352 30.52 -42.71 -7.12
N LYS A 353 31.38 -41.95 -6.45
CA LYS A 353 32.04 -42.41 -5.24
C LYS A 353 31.40 -41.76 -4.02
N ARG A 354 31.04 -42.58 -3.04
CA ARG A 354 30.43 -42.11 -1.80
C ARG A 354 31.43 -42.35 -0.67
N ILE A 355 31.96 -41.27 -0.11
CA ILE A 355 32.99 -41.33 0.93
C ILE A 355 32.31 -41.12 2.27
N SER A 356 32.45 -42.10 3.17
CA SER A 356 31.79 -42.04 4.47
C SER A 356 32.64 -42.78 5.49
N ASN A 357 32.30 -42.55 6.77
CA ASN A 357 32.87 -43.18 7.97
C ASN A 357 34.39 -42.96 8.08
N CYS A 358 34.78 -41.69 8.04
CA CYS A 358 36.19 -41.32 8.19
C CYS A 358 36.26 -39.91 8.77
N VAL A 359 37.49 -39.47 9.07
CA VAL A 359 37.78 -38.09 9.47
C VAL A 359 39.01 -37.63 8.69
N ALA A 360 38.85 -36.57 7.90
CA ALA A 360 39.97 -36.01 7.17
C ALA A 360 39.77 -34.50 7.06
N ASP A 361 40.89 -33.78 6.95
CA ASP A 361 40.88 -32.34 6.77
C ASP A 361 40.52 -32.03 5.33
N TYR A 362 39.84 -30.90 5.12
CA TYR A 362 39.48 -30.44 3.79
C TYR A 362 40.54 -29.54 3.17
N SER A 363 41.71 -29.46 3.79
CA SER A 363 42.83 -28.67 3.20
C SER A 363 43.37 -29.38 1.95
N VAL A 364 44.61 -29.07 1.54
CA VAL A 364 45.26 -29.73 0.37
C VAL A 364 44.32 -29.70 -0.85
N LEU A 365 43.29 -28.86 -0.84
CA LEU A 365 42.41 -28.73 -2.00
C LEU A 365 42.38 -27.29 -2.52
N TYR A 366 41.89 -26.37 -1.70
CA TYR A 366 41.58 -25.02 -2.20
C TYR A 366 42.84 -24.16 -2.31
N ASN A 367 43.83 -24.38 -1.43
CA ASN A 367 45.01 -23.51 -1.42
C ASN A 367 45.95 -23.83 -2.58
N LEU A 368 46.47 -25.05 -2.65
CA LEU A 368 47.24 -25.46 -3.83
C LEU A 368 46.28 -25.74 -4.98
N ALA A 369 46.44 -25.02 -6.10
CA ALA A 369 45.48 -25.01 -7.20
C ALA A 369 45.60 -26.26 -8.06
N PRO A 370 44.59 -27.16 -8.06
CA PRO A 370 44.68 -28.35 -8.92
C PRO A 370 44.49 -28.09 -10.41
N PHE A 371 43.39 -27.42 -10.77
CA PHE A 371 43.05 -27.23 -12.20
C PHE A 371 43.16 -25.75 -12.56
N PHE A 372 44.04 -25.03 -11.87
CA PHE A 372 44.11 -23.57 -12.09
C PHE A 372 42.74 -22.96 -11.81
N THR A 373 41.85 -22.90 -12.82
CA THR A 373 40.60 -22.14 -12.57
C THR A 373 39.68 -22.73 -11.50
N PHE A 374 39.36 -21.92 -10.49
CA PHE A 374 38.47 -22.30 -9.40
C PHE A 374 37.01 -22.00 -9.73
N LYS A 375 36.12 -22.88 -9.29
CA LYS A 375 34.68 -22.64 -9.36
C LYS A 375 34.03 -23.03 -8.03
N CYS A 376 33.42 -22.06 -7.37
CA CYS A 376 32.62 -22.28 -6.17
C CYS A 376 31.40 -21.39 -6.20
N TYR A 377 30.27 -21.92 -5.77
CA TYR A 377 29.00 -21.20 -5.86
C TYR A 377 28.31 -21.04 -4.52
N GLY A 378 27.76 -22.15 -3.99
CA GLY A 378 26.91 -22.10 -2.81
C GLY A 378 27.57 -21.81 -1.49
N VAL A 379 28.60 -22.56 -1.13
CA VAL A 379 29.26 -22.46 0.17
C VAL A 379 30.65 -21.88 -0.04
N SER A 380 30.98 -20.87 0.76
CA SER A 380 32.33 -20.30 0.78
C SER A 380 33.34 -21.33 1.29
N PRO A 381 34.57 -21.31 0.77
CA PRO A 381 35.58 -22.30 1.23
C PRO A 381 36.10 -22.10 2.65
N THR A 382 35.85 -20.93 3.27
CA THR A 382 36.00 -20.85 4.73
C THR A 382 34.94 -21.69 5.44
N LYS A 383 33.74 -21.77 4.87
CA LYS A 383 32.61 -22.45 5.50
C LYS A 383 32.48 -23.90 5.07
N LEU A 384 33.38 -24.40 4.21
CA LEU A 384 33.43 -25.83 3.95
C LEU A 384 34.02 -26.57 5.14
N ASN A 385 34.91 -25.92 5.89
CA ASN A 385 35.52 -26.48 7.09
C ASN A 385 34.65 -26.28 8.33
N ASP A 386 33.55 -25.56 8.22
CA ASP A 386 32.70 -25.22 9.36
C ASP A 386 31.54 -26.20 9.51
N LEU A 387 30.60 -26.20 8.56
CA LEU A 387 29.42 -27.04 8.66
C LEU A 387 29.73 -28.47 8.22
N CYS A 388 28.71 -29.31 8.28
CA CYS A 388 28.80 -30.71 7.86
C CYS A 388 27.76 -30.94 6.77
N PHE A 389 28.22 -31.23 5.55
CA PHE A 389 27.34 -31.72 4.49
C PHE A 389 27.02 -33.18 4.79
N THR A 390 25.88 -33.66 4.27
CA THR A 390 25.37 -34.99 4.61
C THR A 390 26.21 -36.11 4.00
N ASN A 391 26.39 -36.09 2.69
CA ASN A 391 27.27 -37.03 2.01
C ASN A 391 27.91 -36.35 0.80
N VAL A 392 28.78 -37.08 0.11
CA VAL A 392 29.49 -36.53 -1.04
C VAL A 392 29.36 -37.52 -2.20
N TYR A 393 29.01 -37.02 -3.38
CA TYR A 393 28.93 -37.80 -4.60
C TYR A 393 29.95 -37.24 -5.57
N ALA A 394 31.00 -38.01 -5.85
CA ALA A 394 32.06 -37.57 -6.75
C ALA A 394 31.74 -38.08 -8.15
N ASP A 395 31.42 -37.16 -9.06
CA ASP A 395 31.10 -37.50 -10.44
C ASP A 395 32.33 -37.17 -11.30
N SER A 396 33.01 -38.20 -11.77
CA SER A 396 34.28 -38.06 -12.44
C SER A 396 34.14 -38.28 -13.94
N PHE A 397 34.59 -37.30 -14.72
CA PHE A 397 34.55 -37.41 -16.18
C PHE A 397 35.72 -36.62 -16.75
N VAL A 398 35.86 -36.68 -18.07
CA VAL A 398 36.89 -35.96 -18.83
C VAL A 398 36.19 -35.17 -19.93
N ILE A 399 36.33 -33.85 -19.88
CA ILE A 399 35.64 -32.96 -20.81
C ILE A 399 36.70 -32.28 -21.67
N ARG A 400 36.30 -31.87 -22.88
CA ARG A 400 37.19 -31.14 -23.78
C ARG A 400 37.46 -29.73 -23.27
N GLY A 401 38.55 -29.14 -23.77
CA GLY A 401 39.06 -27.92 -23.19
C GLY A 401 38.31 -26.67 -23.59
N ASP A 402 37.63 -26.67 -24.73
CA ASP A 402 36.82 -25.53 -25.11
C ASP A 402 35.47 -25.52 -24.39
N GLU A 403 34.94 -26.69 -24.07
CA GLU A 403 33.63 -26.86 -23.46
C GLU A 403 33.68 -26.97 -21.94
N VAL A 404 34.85 -26.71 -21.33
CA VAL A 404 35.02 -26.84 -19.87
C VAL A 404 34.27 -25.75 -19.10
N ARG A 405 33.87 -24.65 -19.76
CA ARG A 405 33.07 -23.61 -19.13
C ARG A 405 31.59 -23.98 -18.98
N GLN A 406 31.16 -25.11 -19.54
CA GLN A 406 29.77 -25.53 -19.52
C GLN A 406 29.39 -26.31 -18.26
N ILE A 407 30.30 -26.45 -17.30
CA ILE A 407 29.99 -27.14 -16.06
C ILE A 407 29.72 -26.07 -15.00
N ALA A 408 28.43 -25.92 -14.66
CA ALA A 408 27.76 -24.93 -13.82
C ALA A 408 26.28 -25.29 -13.87
N PRO A 409 25.46 -24.92 -12.88
CA PRO A 409 24.01 -25.15 -13.01
C PRO A 409 23.38 -24.21 -14.02
N GLY A 410 22.48 -24.77 -14.84
CA GLY A 410 21.76 -24.01 -15.84
C GLY A 410 22.59 -23.62 -17.07
N GLN A 411 23.32 -24.58 -17.65
CA GLN A 411 24.10 -24.32 -18.84
C GLN A 411 23.44 -24.94 -20.07
N THR A 412 24.09 -24.74 -21.22
CA THR A 412 23.60 -25.22 -22.50
C THR A 412 24.78 -25.70 -23.33
N GLY A 413 24.68 -26.94 -23.82
CA GLY A 413 25.70 -27.47 -24.70
C GLY A 413 25.26 -28.80 -25.27
N ASN A 414 26.18 -29.41 -26.04
CA ASN A 414 25.94 -30.76 -26.55
C ASN A 414 26.15 -31.80 -25.46
N ILE A 415 26.97 -31.49 -24.46
CA ILE A 415 27.20 -32.35 -23.31
C ILE A 415 26.17 -32.04 -22.24
N ALA A 416 26.13 -30.77 -21.79
CA ALA A 416 25.45 -30.41 -20.55
C ALA A 416 23.92 -30.47 -20.65
N ASP A 417 23.37 -30.40 -21.87
CA ASP A 417 21.94 -30.64 -22.01
C ASP A 417 21.63 -32.13 -22.08
N TYR A 418 22.43 -32.89 -22.83
CA TYR A 418 22.09 -34.27 -23.16
C TYR A 418 22.75 -35.31 -22.25
N ASN A 419 23.62 -34.90 -21.34
CA ASN A 419 24.24 -35.86 -20.44
C ASN A 419 24.19 -35.42 -18.98
N TYR A 420 24.90 -34.36 -18.64
CA TYR A 420 25.16 -33.98 -17.26
C TYR A 420 24.48 -32.65 -16.97
N LYS A 421 23.42 -32.68 -16.15
CA LYS A 421 22.72 -31.49 -15.72
C LYS A 421 22.90 -31.28 -14.23
N LEU A 422 22.74 -30.02 -13.81
CA LEU A 422 22.69 -29.67 -12.41
C LEU A 422 21.39 -28.93 -12.12
N PRO A 423 20.75 -29.21 -10.99
CA PRO A 423 19.55 -28.46 -10.61
C PRO A 423 19.90 -27.07 -10.07
N ASP A 424 18.86 -26.24 -9.95
CA ASP A 424 19.04 -24.87 -9.49
C ASP A 424 19.39 -24.79 -8.01
N ASP A 425 18.99 -25.78 -7.21
CA ASP A 425 19.31 -25.82 -5.79
C ASP A 425 20.59 -26.60 -5.48
N PHE A 426 21.34 -27.02 -6.51
CA PHE A 426 22.60 -27.71 -6.32
C PHE A 426 23.65 -26.79 -5.70
N THR A 427 24.41 -27.32 -4.76
CA THR A 427 25.31 -26.55 -3.93
C THR A 427 26.63 -27.27 -3.79
N GLY A 428 27.72 -26.60 -4.16
CA GLY A 428 29.05 -27.17 -4.03
C GLY A 428 30.03 -26.48 -4.96
N CYS A 429 31.29 -26.89 -4.85
CA CYS A 429 32.36 -26.38 -5.69
C CYS A 429 32.69 -27.37 -6.80
N VAL A 430 33.07 -26.84 -7.95
CA VAL A 430 33.53 -27.65 -9.08
C VAL A 430 35.05 -27.69 -9.02
N ILE A 431 35.59 -28.88 -8.73
CA ILE A 431 37.02 -29.10 -8.61
C ILE A 431 37.45 -29.96 -9.79
N ALA A 432 38.55 -29.59 -10.44
CA ALA A 432 39.01 -30.35 -11.58
C ALA A 432 40.53 -30.43 -11.54
N TRP A 433 41.11 -31.01 -12.59
CA TRP A 433 42.55 -31.25 -12.63
C TRP A 433 43.02 -31.25 -14.08
N ASN A 434 44.25 -30.77 -14.29
CA ASN A 434 44.80 -30.55 -15.62
C ASN A 434 45.62 -31.80 -16.00
N SER A 435 45.14 -32.54 -16.99
CA SER A 435 45.76 -33.77 -17.45
C SER A 435 46.65 -33.59 -18.68
N ASN A 436 46.86 -32.35 -19.15
CA ASN A 436 47.48 -32.09 -20.45
C ASN A 436 48.96 -32.46 -20.50
N LYS A 437 49.64 -32.49 -19.36
CA LYS A 437 51.07 -32.79 -19.33
C LYS A 437 51.39 -34.27 -19.26
N LEU A 438 50.38 -35.15 -19.17
CA LEU A 438 50.64 -36.57 -18.95
C LEU A 438 50.05 -37.45 -20.05
N ASP A 439 48.73 -37.67 -20.08
CA ASP A 439 48.20 -38.74 -20.92
C ASP A 439 47.84 -38.29 -22.34
N SER A 440 48.17 -37.05 -22.72
CA SER A 440 47.91 -36.59 -24.07
C SER A 440 48.90 -37.23 -25.05
N LYS A 441 48.38 -37.91 -26.05
CA LYS A 441 49.18 -38.70 -26.97
C LYS A 441 49.04 -38.17 -28.39
N VAL A 442 50.03 -38.51 -29.23
CA VAL A 442 50.03 -38.10 -30.63
C VAL A 442 48.96 -38.85 -31.41
N SER A 443 48.82 -40.15 -31.14
CA SER A 443 47.75 -40.95 -31.71
C SER A 443 46.38 -40.65 -31.11
N GLY A 444 46.33 -40.09 -29.91
CA GLY A 444 45.10 -39.73 -29.26
C GLY A 444 44.69 -40.73 -28.20
N ASN A 445 43.76 -40.33 -27.35
CA ASN A 445 43.22 -41.18 -26.29
C ASN A 445 41.85 -41.65 -26.77
N TYR A 446 41.77 -42.92 -27.16
CA TYR A 446 40.53 -43.54 -27.60
C TYR A 446 39.84 -44.35 -26.50
N ASN A 447 40.41 -44.39 -25.30
CA ASN A 447 39.80 -45.16 -24.21
C ASN A 447 38.62 -44.41 -23.61
N TYR A 448 38.75 -43.10 -23.41
CA TYR A 448 37.65 -42.29 -22.94
C TYR A 448 36.68 -42.01 -24.09
N LEU A 449 35.39 -42.01 -23.78
CA LEU A 449 34.35 -41.84 -24.79
C LEU A 449 33.32 -40.83 -24.30
N TYR A 450 32.48 -40.36 -25.22
CA TYR A 450 31.44 -39.40 -24.91
C TYR A 450 30.30 -39.56 -25.91
N ARG A 451 29.12 -39.09 -25.51
CA ARG A 451 27.91 -39.17 -26.34
C ARG A 451 27.38 -37.77 -26.59
N LEU A 452 27.30 -37.39 -27.86
CA LEU A 452 26.85 -36.06 -28.24
C LEU A 452 25.34 -35.91 -28.18
N PHE A 453 24.60 -36.85 -28.77
CA PHE A 453 23.20 -36.62 -29.13
C PHE A 453 22.24 -37.39 -28.24
N ARG A 454 21.10 -36.77 -27.97
CA ARG A 454 19.98 -37.41 -27.28
C ARG A 454 18.72 -36.74 -27.78
N LYS A 455 17.61 -37.51 -27.83
CA LYS A 455 16.35 -37.01 -28.37
C LYS A 455 15.68 -35.96 -27.48
N SER A 456 15.92 -35.98 -26.18
CA SER A 456 15.29 -35.04 -25.27
C SER A 456 16.28 -34.66 -24.17
N ASN A 457 15.79 -33.90 -23.19
CA ASN A 457 16.61 -33.50 -22.05
C ASN A 457 16.64 -34.62 -21.01
N LEU A 458 17.84 -35.08 -20.66
CA LEU A 458 18.00 -36.16 -19.70
C LEU A 458 17.82 -35.63 -18.29
N LYS A 459 17.27 -36.47 -17.41
CA LYS A 459 17.16 -36.15 -16.00
C LYS A 459 18.54 -36.09 -15.36
N PRO A 460 18.75 -35.16 -14.41
CA PRO A 460 20.07 -35.04 -13.78
C PRO A 460 20.34 -36.16 -12.79
N PHE A 461 21.64 -36.34 -12.50
CA PHE A 461 22.23 -37.38 -11.63
C PHE A 461 21.86 -38.79 -12.10
N GLU A 462 21.79 -39.00 -13.42
CA GLU A 462 21.47 -40.29 -13.99
C GLU A 462 22.37 -40.52 -15.20
N ARG A 463 23.11 -41.62 -15.20
CA ARG A 463 23.99 -41.96 -16.30
C ARG A 463 23.19 -42.49 -17.49
N ASP A 464 23.78 -42.36 -18.68
CA ASP A 464 23.15 -42.82 -19.92
C ASP A 464 23.89 -44.07 -20.38
N ILE A 465 23.26 -45.24 -20.22
CA ILE A 465 23.81 -46.51 -20.69
C ILE A 465 23.23 -46.94 -22.03
N SER A 466 22.37 -46.11 -22.64
CA SER A 466 21.60 -46.55 -23.80
C SER A 466 22.44 -46.54 -25.07
N THR A 467 22.38 -47.65 -25.81
CA THR A 467 23.05 -47.82 -27.09
C THR A 467 22.17 -47.46 -28.28
N GLU A 468 20.99 -46.89 -28.03
CA GLU A 468 20.00 -46.65 -29.07
C GLU A 468 20.43 -45.54 -30.02
N ILE A 469 20.30 -45.81 -31.32
CA ILE A 469 20.74 -44.90 -32.37
C ILE A 469 19.76 -43.74 -32.49
N TYR A 470 20.30 -42.52 -32.56
CA TYR A 470 19.48 -41.33 -32.77
C TYR A 470 18.92 -41.32 -34.19
N GLN A 471 17.60 -41.22 -34.29
CA GLN A 471 16.89 -41.27 -35.58
C GLN A 471 16.25 -39.91 -35.83
N ALA A 472 16.77 -39.18 -36.81
CA ALA A 472 16.25 -37.85 -37.12
C ALA A 472 14.96 -37.93 -37.93
N GLY A 473 14.94 -38.75 -38.98
CA GLY A 473 13.81 -38.83 -39.88
C GLY A 473 13.00 -40.08 -39.70
N ASN A 474 12.30 -40.47 -40.77
CA ASN A 474 11.46 -41.66 -40.78
C ASN A 474 12.17 -42.89 -41.30
N LYS A 475 13.44 -42.76 -41.69
CA LYS A 475 14.23 -43.90 -42.14
C LYS A 475 14.65 -44.74 -40.94
N PRO A 476 14.34 -46.04 -40.90
CA PRO A 476 14.83 -46.88 -39.80
C PRO A 476 16.34 -47.11 -39.88
N CYS A 477 17.00 -46.96 -38.74
CA CYS A 477 18.45 -47.02 -38.69
C CYS A 477 18.99 -48.44 -38.68
N ASN A 478 18.22 -49.39 -38.11
CA ASN A 478 18.55 -50.82 -37.94
C ASN A 478 19.86 -51.02 -37.16
N GLY A 479 20.11 -50.18 -36.16
CA GLY A 479 21.27 -50.32 -35.30
C GLY A 479 22.55 -49.70 -35.82
N VAL A 480 22.58 -49.22 -37.07
CA VAL A 480 23.78 -48.67 -37.69
C VAL A 480 23.45 -47.27 -38.21
N ALA A 481 24.51 -46.53 -38.54
CA ALA A 481 24.36 -45.20 -39.12
C ALA A 481 23.88 -45.30 -40.57
N GLY A 482 23.33 -44.20 -41.06
CA GLY A 482 22.75 -44.19 -42.38
C GLY A 482 22.07 -42.86 -42.67
N PHE A 483 21.12 -42.91 -43.61
CA PHE A 483 20.35 -41.72 -43.97
C PHE A 483 19.39 -41.35 -42.85
N ASN A 484 19.50 -40.09 -42.40
CA ASN A 484 18.80 -39.51 -41.23
C ASN A 484 19.04 -40.33 -39.95
N CYS A 485 20.26 -40.82 -39.78
CA CYS A 485 20.66 -41.57 -38.60
C CYS A 485 22.04 -41.11 -38.15
N TYR A 486 22.14 -40.68 -36.89
CA TYR A 486 23.38 -40.21 -36.32
C TYR A 486 23.82 -41.15 -35.22
N PHE A 487 25.14 -41.37 -35.13
CA PHE A 487 25.70 -42.25 -34.11
C PHE A 487 26.34 -41.35 -33.05
N PRO A 488 25.75 -41.22 -31.85
CA PRO A 488 26.22 -40.20 -30.91
C PRO A 488 27.54 -40.49 -30.23
N LEU A 489 27.99 -41.74 -30.22
CA LEU A 489 29.21 -42.09 -29.52
C LEU A 489 30.42 -41.75 -30.38
N ARG A 490 31.27 -40.87 -29.87
CA ARG A 490 32.44 -40.40 -30.60
C ARG A 490 33.70 -40.64 -29.76
N SER A 491 34.84 -40.30 -30.34
CA SER A 491 36.13 -40.36 -29.68
C SER A 491 36.70 -38.96 -29.54
N TYR A 492 37.57 -38.77 -28.55
CA TYR A 492 38.11 -37.44 -28.26
C TYR A 492 39.18 -37.04 -29.24
N SER A 493 39.35 -35.72 -29.39
CA SER A 493 40.28 -35.10 -30.33
C SER A 493 41.64 -34.83 -29.70
N PHE A 494 41.91 -35.35 -28.51
CA PHE A 494 43.01 -34.91 -27.65
C PHE A 494 44.38 -35.26 -28.21
N ARG A 495 45.19 -34.23 -28.45
CA ARG A 495 46.59 -34.30 -28.84
C ARG A 495 47.31 -33.14 -28.16
N PRO A 496 48.57 -33.32 -27.74
CA PRO A 496 49.31 -32.19 -27.16
C PRO A 496 49.73 -31.13 -28.16
N THR A 497 49.73 -31.43 -29.46
CA THR A 497 50.22 -30.49 -30.47
C THR A 497 49.18 -29.43 -30.84
N TYR A 498 47.94 -29.56 -30.39
CA TYR A 498 46.91 -28.60 -30.73
C TYR A 498 46.90 -27.43 -29.74
N GLY A 499 45.86 -26.61 -29.83
CA GLY A 499 45.76 -25.40 -29.05
C GLY A 499 45.12 -25.59 -27.69
N VAL A 500 44.44 -24.52 -27.24
CA VAL A 500 43.92 -24.46 -25.87
C VAL A 500 42.64 -25.29 -25.73
N GLY A 501 41.77 -25.26 -26.74
CA GLY A 501 40.47 -25.91 -26.62
C GLY A 501 40.49 -27.41 -26.78
N HIS A 502 41.62 -27.95 -27.26
CA HIS A 502 41.82 -29.40 -27.34
C HIS A 502 42.58 -29.97 -26.15
N GLN A 503 42.87 -29.16 -25.14
CA GLN A 503 43.60 -29.66 -23.97
C GLN A 503 42.73 -30.55 -23.10
N PRO A 504 43.16 -31.76 -22.77
CA PRO A 504 42.35 -32.63 -21.90
C PRO A 504 42.32 -32.15 -20.45
N TYR A 505 41.11 -32.14 -19.89
CA TYR A 505 40.87 -31.73 -18.50
C TYR A 505 40.09 -32.83 -17.80
N ARG A 506 40.51 -33.18 -16.59
CA ARG A 506 39.82 -34.20 -15.80
C ARG A 506 39.02 -33.53 -14.68
N VAL A 507 37.70 -33.74 -14.68
CA VAL A 507 36.78 -33.02 -13.81
C VAL A 507 36.09 -34.02 -12.89
N VAL A 508 36.27 -33.86 -11.58
CA VAL A 508 35.58 -34.67 -10.58
C VAL A 508 34.74 -33.72 -9.72
N VAL A 509 33.42 -33.75 -9.90
CA VAL A 509 32.52 -32.80 -9.24
C VAL A 509 32.03 -33.40 -7.93
N LEU A 510 32.31 -32.73 -6.82
CA LEU A 510 31.79 -33.12 -5.52
C LEU A 510 30.36 -32.60 -5.38
N SER A 511 29.41 -33.50 -5.18
CA SER A 511 28.00 -33.16 -5.03
C SER A 511 27.64 -33.27 -3.56
N PHE A 512 27.19 -32.16 -2.97
CA PHE A 512 26.92 -32.13 -1.54
C PHE A 512 25.42 -32.31 -1.30
N GLU A 513 25.05 -32.43 -0.02
CA GLU A 513 23.66 -32.41 0.45
C GLU A 513 23.63 -31.61 1.75
N LEU A 514 22.44 -31.21 2.21
CA LEU A 514 22.39 -30.27 3.32
C LEU A 514 21.22 -30.59 4.26
N LEU A 515 21.52 -30.63 5.56
CA LEU A 515 20.61 -30.81 6.70
C LEU A 515 19.76 -32.08 6.63
N HIS A 516 20.33 -33.16 6.10
CA HIS A 516 19.66 -34.46 6.08
C HIS A 516 20.09 -35.33 7.26
N ALA A 517 20.80 -34.74 8.23
CA ALA A 517 21.34 -35.36 9.45
C ALA A 517 20.31 -36.14 10.29
N PRO A 518 20.72 -37.24 10.99
CA PRO A 518 22.00 -37.84 11.44
C PRO A 518 22.98 -38.40 10.38
N ALA A 519 24.20 -38.68 10.87
CA ALA A 519 25.33 -39.29 10.16
C ALA A 519 25.78 -38.47 8.95
N THR A 520 26.38 -37.30 9.21
CA THR A 520 26.89 -36.45 8.14
C THR A 520 28.34 -36.75 7.75
N VAL A 521 29.06 -37.51 8.59
CA VAL A 521 30.51 -37.78 8.52
C VAL A 521 31.25 -36.45 8.51
N CYS A 522 31.33 -35.80 9.68
CA CYS A 522 31.80 -34.43 9.80
C CYS A 522 33.31 -34.33 9.59
N GLY A 523 33.74 -33.09 9.33
CA GLY A 523 35.09 -32.78 8.91
C GLY A 523 36.04 -32.35 10.01
N PRO A 524 36.90 -31.36 9.69
CA PRO A 524 38.11 -31.10 10.50
C PRO A 524 37.94 -30.46 11.86
N LYS A 525 39.09 -29.98 12.36
CA LYS A 525 39.40 -29.42 13.68
C LYS A 525 39.11 -30.40 14.81
N LYS A 526 38.63 -29.89 15.95
CA LYS A 526 38.67 -30.62 17.21
C LYS A 526 37.33 -30.53 17.92
N SER A 527 37.20 -31.37 18.95
CA SER A 527 36.09 -31.32 19.89
C SER A 527 36.56 -30.72 21.21
N THR A 528 35.62 -30.54 22.14
CA THR A 528 35.90 -30.05 23.48
C THR A 528 35.21 -30.92 24.51
N ASN A 529 35.57 -30.73 25.77
CA ASN A 529 34.94 -31.45 26.86
C ASN A 529 33.55 -30.89 27.14
N LEU A 530 32.73 -31.70 27.80
CA LEU A 530 31.34 -31.37 28.08
C LEU A 530 31.22 -30.80 29.48
N VAL A 531 30.52 -29.66 29.59
CA VAL A 531 30.33 -28.94 30.84
C VAL A 531 28.84 -28.89 31.15
N LYS A 532 28.47 -29.35 32.34
CA LYS A 532 27.08 -29.38 32.77
C LYS A 532 26.77 -28.21 33.71
N ASN A 533 25.51 -27.73 33.59
CA ASN A 533 24.90 -26.67 34.41
C ASN A 533 25.67 -25.35 34.32
N LYS A 534 25.88 -24.89 33.10
CA LYS A 534 26.50 -23.59 32.85
C LYS A 534 25.95 -23.04 31.54
N CYS A 535 25.69 -21.74 31.49
CA CYS A 535 25.27 -21.11 30.25
C CYS A 535 26.51 -20.89 29.38
N VAL A 536 26.57 -21.58 28.24
CA VAL A 536 27.72 -21.52 27.33
C VAL A 536 27.19 -21.55 25.91
N ASN A 537 28.08 -21.25 24.96
CA ASN A 537 27.75 -21.42 23.55
C ASN A 537 27.85 -22.89 23.16
N PHE A 538 27.00 -23.30 22.21
CA PHE A 538 26.98 -24.66 21.72
C PHE A 538 27.40 -24.66 20.25
N ASN A 539 28.20 -25.66 19.86
CA ASN A 539 28.31 -26.07 18.46
C ASN A 539 28.14 -27.58 18.47
N PHE A 540 27.00 -28.06 17.97
CA PHE A 540 26.68 -29.49 17.94
C PHE A 540 26.43 -29.89 16.49
N ASN A 541 27.40 -30.63 15.92
CA ASN A 541 27.38 -31.18 14.54
C ASN A 541 27.14 -30.11 13.47
N GLY A 542 27.69 -28.92 13.69
CA GLY A 542 27.45 -27.78 12.84
C GLY A 542 26.30 -26.89 13.27
N LEU A 543 25.36 -27.42 14.06
CA LEU A 543 24.24 -26.62 14.56
C LEU A 543 24.65 -25.94 15.86
N LYS A 544 24.18 -24.71 16.05
CA LYS A 544 24.62 -23.87 17.16
C LYS A 544 23.46 -23.62 18.13
N GLY A 545 23.76 -22.90 19.19
CA GLY A 545 22.78 -22.59 20.21
C GLY A 545 23.45 -22.09 21.47
N THR A 546 22.60 -21.68 22.42
CA THR A 546 23.04 -21.20 23.72
C THR A 546 22.11 -21.72 24.79
N GLY A 547 22.65 -22.37 25.81
CA GLY A 547 21.81 -22.89 26.88
C GLY A 547 22.60 -23.70 27.88
N VAL A 548 21.88 -24.54 28.63
CA VAL A 548 22.44 -25.39 29.66
C VAL A 548 22.10 -26.84 29.34
N LEU A 549 22.80 -27.75 30.00
CA LEU A 549 22.63 -29.18 29.78
C LEU A 549 22.05 -29.82 31.04
N THR A 550 20.83 -30.34 30.93
CA THR A 550 20.16 -31.04 32.01
C THR A 550 19.79 -32.45 31.56
N GLU A 551 19.48 -33.30 32.54
CA GLU A 551 19.22 -34.71 32.25
C GLU A 551 17.86 -34.90 31.62
N SER A 552 17.82 -35.65 30.51
CA SER A 552 16.59 -35.91 29.78
C SER A 552 15.84 -37.06 30.43
N ASN A 553 14.59 -36.81 30.84
CA ASN A 553 13.75 -37.82 31.46
C ASN A 553 12.80 -38.50 30.48
N LYS A 554 12.85 -38.13 29.21
CA LYS A 554 11.92 -38.67 28.22
C LYS A 554 12.61 -39.73 27.36
N LYS A 555 11.84 -40.76 26.99
CA LYS A 555 12.36 -41.83 26.15
C LYS A 555 12.32 -41.42 24.68
N PHE A 556 13.45 -41.54 24.00
CA PHE A 556 13.62 -41.09 22.63
C PHE A 556 14.03 -42.26 21.75
N LEU A 557 13.94 -42.03 20.43
CA LEU A 557 14.35 -43.02 19.45
C LEU A 557 15.89 -43.17 19.47
N PRO A 558 16.39 -44.40 19.30
CA PRO A 558 17.85 -44.59 19.29
C PRO A 558 18.55 -44.05 18.04
N PHE A 559 17.83 -43.86 16.95
CA PHE A 559 18.41 -43.31 15.73
C PHE A 559 18.30 -41.78 15.68
N GLN A 560 17.76 -41.16 16.72
CA GLN A 560 17.55 -39.72 16.73
C GLN A 560 18.83 -38.98 17.12
N GLN A 561 19.29 -38.09 16.24
CA GLN A 561 20.41 -37.22 16.59
C GLN A 561 19.96 -36.02 17.41
N PHE A 562 18.86 -35.37 17.01
CA PHE A 562 18.39 -34.16 17.67
C PHE A 562 16.88 -34.05 17.48
N GLY A 563 16.28 -33.16 18.26
CA GLY A 563 14.86 -32.91 18.18
C GLY A 563 14.57 -31.45 18.50
N ARG A 564 13.34 -31.03 18.19
CA ARG A 564 12.96 -29.63 18.30
C ARG A 564 11.75 -29.47 19.21
N ASP A 565 11.55 -28.25 19.69
CA ASP A 565 10.45 -27.92 20.57
C ASP A 565 9.23 -27.46 19.75
N ILE A 566 8.26 -26.84 20.42
CA ILE A 566 7.09 -26.31 19.74
C ILE A 566 7.42 -25.01 18.99
N ALA A 567 8.54 -24.36 19.33
CA ALA A 567 9.02 -23.22 18.56
C ALA A 567 10.00 -23.62 17.46
N ASP A 568 10.23 -24.93 17.28
CA ASP A 568 11.13 -25.55 16.29
C ASP A 568 12.58 -25.07 16.42
N THR A 569 13.06 -24.95 17.65
CA THR A 569 14.48 -24.77 17.94
C THR A 569 14.96 -26.01 18.70
N THR A 570 16.25 -26.30 18.61
CA THR A 570 16.75 -27.59 19.08
C THR A 570 16.90 -27.57 20.60
N ASP A 571 16.09 -28.38 21.27
CA ASP A 571 16.12 -28.52 22.73
C ASP A 571 16.81 -29.78 23.21
N ALA A 572 17.25 -30.67 22.31
CA ALA A 572 17.83 -31.94 22.72
C ALA A 572 18.85 -32.39 21.68
N VAL A 573 19.92 -33.01 22.17
CA VAL A 573 21.03 -33.42 21.32
C VAL A 573 21.55 -34.76 21.85
N ARG A 574 22.09 -35.57 20.94
CA ARG A 574 22.71 -36.85 21.29
C ARG A 574 24.21 -36.74 21.07
N ASP A 575 24.98 -37.15 22.08
CA ASP A 575 26.43 -37.14 22.00
C ASP A 575 26.89 -38.34 21.18
N PRO A 576 27.52 -38.15 20.01
CA PRO A 576 27.80 -39.30 19.12
C PRO A 576 28.90 -40.22 19.58
N GLN A 577 29.85 -39.74 20.40
CA GLN A 577 30.97 -40.59 20.82
C GLN A 577 30.53 -41.62 21.86
N THR A 578 29.89 -41.17 22.93
CA THR A 578 29.27 -42.03 23.92
C THR A 578 27.84 -41.53 24.10
N LEU A 579 26.88 -42.46 24.06
CA LEU A 579 25.48 -42.11 23.84
C LEU A 579 24.88 -41.56 25.14
N GLU A 580 24.48 -40.29 25.10
CA GLU A 580 23.83 -39.61 26.20
C GLU A 580 22.97 -38.51 25.60
N ILE A 581 21.79 -38.30 26.17
CA ILE A 581 20.85 -37.30 25.69
C ILE A 581 20.67 -36.24 26.78
N LEU A 582 21.01 -34.99 26.45
CA LEU A 582 20.90 -33.89 27.38
C LEU A 582 19.94 -32.83 26.83
N ASP A 583 19.08 -32.32 27.70
CA ASP A 583 18.15 -31.27 27.30
C ASP A 583 18.85 -29.93 27.18
N ILE A 584 18.27 -29.02 26.40
CA ILE A 584 18.80 -27.69 26.20
C ILE A 584 17.72 -26.70 26.66
N THR A 585 18.03 -25.96 27.73
CA THR A 585 17.16 -24.89 28.20
C THR A 585 17.87 -23.56 28.00
N PRO A 586 17.32 -22.63 27.21
CA PRO A 586 18.06 -21.41 26.86
C PRO A 586 18.12 -20.40 28.00
N CYS A 587 19.23 -19.67 28.03
CA CYS A 587 19.51 -18.68 29.06
C CYS A 587 19.08 -17.30 28.56
N SER A 588 19.41 -16.28 29.38
CA SER A 588 19.22 -14.84 29.13
C SER A 588 17.73 -14.51 28.93
N PHE A 589 16.99 -14.60 30.03
CA PHE A 589 15.55 -14.37 30.02
C PHE A 589 15.18 -13.33 31.08
N GLY A 590 14.10 -12.61 30.82
CA GLY A 590 13.58 -11.63 31.76
C GLY A 590 13.98 -10.22 31.40
N GLY A 591 13.09 -9.28 31.74
CA GLY A 591 13.33 -7.87 31.52
C GLY A 591 13.83 -7.15 32.77
N VAL A 592 14.41 -5.97 32.53
CA VAL A 592 14.93 -5.11 33.59
C VAL A 592 14.20 -3.78 33.52
N SER A 593 13.49 -3.43 34.59
CA SER A 593 12.78 -2.17 34.68
C SER A 593 13.31 -1.35 35.86
N VAL A 594 13.07 -0.04 35.80
CA VAL A 594 13.53 0.85 36.84
C VAL A 594 12.33 1.52 37.50
N ILE A 595 12.49 1.85 38.78
CA ILE A 595 11.48 2.56 39.57
C ILE A 595 12.19 3.75 40.20
N THR A 596 11.77 4.96 39.82
CA THR A 596 12.47 6.16 40.28
C THR A 596 11.46 7.29 40.45
N PRO A 597 11.76 8.26 41.34
CA PRO A 597 11.03 9.54 41.31
C PRO A 597 11.62 10.50 40.29
N GLY A 598 11.18 11.76 40.33
CA GLY A 598 11.69 12.74 39.38
C GLY A 598 13.10 13.19 39.71
N THR A 599 13.72 13.89 38.75
CA THR A 599 15.10 14.30 38.90
C THR A 599 15.27 15.49 39.84
N ASN A 600 14.18 16.21 40.13
CA ASN A 600 14.24 17.30 41.09
C ASN A 600 14.04 16.82 42.52
N THR A 601 13.79 15.53 42.74
CA THR A 601 13.56 15.01 44.09
C THR A 601 14.85 14.36 44.62
N SER A 602 15.22 13.22 44.07
CA SER A 602 16.44 12.53 44.50
C SER A 602 16.97 11.69 43.33
N ASN A 603 18.13 11.07 43.55
CA ASN A 603 18.78 10.21 42.57
C ASN A 603 18.54 8.72 42.81
N GLN A 604 17.74 8.36 43.81
CA GLN A 604 17.59 6.96 44.21
C GLN A 604 16.69 6.22 43.23
N VAL A 605 17.23 5.15 42.63
CA VAL A 605 16.53 4.37 41.62
C VAL A 605 16.46 2.92 42.09
N ALA A 606 15.24 2.38 42.17
CA ALA A 606 15.00 0.97 42.45
C ALA A 606 14.91 0.22 41.12
N VAL A 607 15.55 -0.94 41.05
CA VAL A 607 15.60 -1.71 39.81
C VAL A 607 14.71 -2.94 39.94
N LEU A 608 13.76 -3.09 39.01
CA LEU A 608 12.79 -4.18 39.03
C LEU A 608 13.23 -5.24 38.04
N TYR A 609 13.57 -6.43 38.55
CA TYR A 609 13.78 -7.60 37.71
C TYR A 609 12.48 -8.37 37.61
N GLN A 610 11.98 -8.55 36.39
CA GLN A 610 10.70 -9.18 36.15
C GLN A 610 10.89 -10.39 35.24
N GLY A 611 10.43 -11.54 35.70
CA GLY A 611 10.66 -12.78 34.98
C GLY A 611 12.06 -13.32 35.09
N VAL A 612 12.80 -12.89 36.10
CA VAL A 612 14.20 -13.24 36.30
C VAL A 612 14.30 -14.13 37.52
N ASN A 613 15.09 -15.21 37.42
CA ASN A 613 15.38 -16.05 38.57
C ASN A 613 16.28 -15.27 39.52
N CYS A 614 15.81 -15.10 40.76
CA CYS A 614 16.44 -14.19 41.72
C CYS A 614 17.43 -14.88 42.64
N THR A 615 17.56 -16.21 42.55
CA THR A 615 18.53 -16.91 43.38
C THR A 615 19.94 -16.83 42.81
N GLU A 616 20.07 -16.62 41.50
CA GLU A 616 21.37 -16.58 40.84
C GLU A 616 21.94 -15.18 40.71
N VAL A 617 21.21 -14.15 41.15
CA VAL A 617 21.71 -12.78 41.07
C VAL A 617 21.92 -12.22 42.47
N PRO A 628 22.04 -4.69 33.04
CA PRO A 628 22.74 -3.59 33.72
C PRO A 628 24.17 -3.95 34.09
N THR A 629 25.04 -2.94 34.09
CA THR A 629 26.44 -3.11 34.45
C THR A 629 26.74 -2.81 35.91
N TRP A 630 25.72 -2.52 36.71
CA TRP A 630 25.90 -2.06 38.09
C TRP A 630 25.67 -3.24 39.03
N ARG A 631 26.75 -3.76 39.61
CA ARG A 631 26.74 -4.96 40.42
C ARG A 631 26.66 -4.69 41.92
N VAL A 632 26.49 -3.44 42.33
CA VAL A 632 26.67 -3.03 43.73
C VAL A 632 25.48 -3.48 44.59
N TYR A 633 24.31 -3.71 43.97
CA TYR A 633 23.14 -4.23 44.70
C TYR A 633 23.23 -5.72 45.03
N SER A 634 24.27 -6.43 44.58
CA SER A 634 24.42 -7.86 44.85
C SER A 634 25.03 -8.17 46.21
N THR A 635 25.28 -7.15 47.05
CA THR A 635 25.73 -7.36 48.42
C THR A 635 24.65 -8.05 49.26
N GLY A 636 23.40 -7.70 49.02
CA GLY A 636 22.29 -8.39 49.66
C GLY A 636 21.57 -7.53 50.68
N SER A 637 20.40 -8.04 51.09
CA SER A 637 19.44 -7.47 52.07
C SER A 637 18.87 -6.12 51.66
N ASN A 638 18.90 -5.79 50.36
CA ASN A 638 18.13 -4.69 49.79
C ASN A 638 16.87 -5.16 49.06
N VAL A 639 16.59 -6.45 49.06
CA VAL A 639 15.65 -7.05 48.13
C VAL A 639 14.48 -7.68 48.90
N PHE A 640 13.29 -7.55 48.31
CA PHE A 640 12.09 -8.26 48.77
C PHE A 640 11.54 -9.05 47.60
N GLN A 641 11.11 -10.28 47.86
CA GLN A 641 10.62 -11.16 46.81
C GLN A 641 9.11 -11.01 46.65
N THR A 642 8.67 -10.71 45.43
CA THR A 642 7.26 -10.57 45.10
C THR A 642 6.87 -11.66 44.12
N ARG A 643 5.60 -11.63 43.68
CA ARG A 643 5.14 -12.60 42.70
C ARG A 643 5.58 -12.23 41.29
N ALA A 644 5.72 -10.93 41.01
CA ALA A 644 6.14 -10.46 39.70
C ALA A 644 7.65 -10.51 39.51
N GLY A 645 8.40 -10.69 40.58
CA GLY A 645 9.85 -10.70 40.49
C GLY A 645 10.44 -10.28 41.83
N CYS A 646 11.68 -9.78 41.77
CA CYS A 646 12.38 -9.29 42.95
C CYS A 646 12.84 -7.86 42.71
N LEU A 647 12.64 -7.00 43.70
CA LEU A 647 12.94 -5.58 43.60
C LEU A 647 14.12 -5.26 44.50
N ILE A 648 15.26 -4.94 43.89
CA ILE A 648 16.48 -4.61 44.61
C ILE A 648 16.49 -3.12 44.95
N GLY A 649 17.06 -2.78 46.09
CA GLY A 649 17.18 -1.40 46.50
C GLY A 649 15.91 -0.80 47.07
N ALA A 650 15.09 -1.58 47.76
CA ALA A 650 13.87 -1.08 48.37
C ALA A 650 13.66 -1.76 49.71
N GLU A 651 13.29 -0.97 50.72
CA GLU A 651 13.06 -1.48 52.06
C GLU A 651 11.59 -1.83 52.22
N TYR A 652 11.32 -3.11 52.46
CA TYR A 652 9.95 -3.57 52.64
C TYR A 652 9.45 -3.22 54.03
N VAL A 653 8.23 -2.69 54.09
CA VAL A 653 7.60 -2.31 55.36
C VAL A 653 6.33 -3.14 55.53
N ASN A 654 5.91 -3.27 56.77
CA ASN A 654 4.72 -4.04 57.12
C ASN A 654 3.45 -3.21 57.22
N ASN A 655 3.56 -1.89 57.04
CA ASN A 655 2.37 -1.05 57.09
C ASN A 655 1.68 -1.05 55.71
N SER A 656 0.53 -0.39 55.64
CA SER A 656 -0.24 -0.32 54.40
C SER A 656 -0.72 1.10 54.21
N TYR A 657 -0.27 1.74 53.13
CA TYR A 657 -0.53 3.15 52.86
C TYR A 657 -1.06 3.32 51.45
N GLU A 658 -1.20 4.58 51.03
CA GLU A 658 -1.56 4.93 49.67
C GLU A 658 -0.29 5.26 48.91
N CYS A 659 -0.07 4.59 47.79
CA CYS A 659 1.17 4.70 47.05
C CYS A 659 1.00 5.57 45.81
N ASP A 660 2.07 5.69 45.04
CA ASP A 660 2.07 6.45 43.79
C ASP A 660 2.43 5.59 42.59
N ILE A 661 3.65 5.06 42.54
CA ILE A 661 4.15 4.32 41.37
C ILE A 661 3.77 2.85 41.51
N PRO A 662 2.94 2.31 40.61
CA PRO A 662 2.55 0.90 40.72
C PRO A 662 3.63 -0.04 40.19
N ILE A 663 3.58 -1.28 40.69
CA ILE A 663 4.46 -2.34 40.21
C ILE A 663 3.55 -3.43 39.64
N GLY A 664 2.90 -4.16 40.52
CA GLY A 664 2.00 -5.22 40.14
C GLY A 664 1.95 -6.29 41.20
N ALA A 665 1.03 -7.25 40.98
CA ALA A 665 0.81 -8.46 41.79
C ALA A 665 0.49 -8.14 43.26
N GLY A 666 -0.22 -7.04 43.48
CA GLY A 666 -0.60 -6.62 44.81
C GLY A 666 0.40 -5.74 45.53
N ILE A 667 1.66 -5.72 45.09
CA ILE A 667 2.72 -4.95 45.74
C ILE A 667 2.92 -3.66 44.97
N CYS A 668 2.85 -2.53 45.68
CA CYS A 668 3.03 -1.21 45.10
C CYS A 668 4.28 -0.57 45.71
N ALA A 669 4.56 0.66 45.32
CA ALA A 669 5.73 1.37 45.81
C ALA A 669 5.47 2.87 45.86
N SER A 670 6.17 3.54 46.76
CA SER A 670 6.06 4.98 46.90
C SER A 670 7.35 5.52 47.50
N TYR A 671 7.53 6.83 47.41
CA TYR A 671 8.69 7.50 47.98
C TYR A 671 8.24 8.17 49.28
N GLN A 672 8.69 7.62 50.41
CA GLN A 672 8.32 8.13 51.73
C GLN A 672 9.59 8.25 52.57
N THR A 673 9.46 8.94 53.70
CA THR A 673 10.56 9.10 54.63
C THR A 673 10.73 7.86 55.50
N SER A 686 17.68 11.02 54.70
CA SER A 686 17.11 9.90 55.45
C SER A 686 15.83 9.41 54.80
N GLN A 687 15.75 9.52 53.48
CA GLN A 687 14.60 9.09 52.71
C GLN A 687 15.03 8.10 51.64
N SER A 688 14.16 7.13 51.36
CA SER A 688 14.44 6.09 50.39
C SER A 688 13.13 5.63 49.76
N ILE A 689 13.20 4.57 48.96
CA ILE A 689 12.03 4.02 48.28
C ILE A 689 11.57 2.78 49.04
N ILE A 690 10.30 2.77 49.44
CA ILE A 690 9.73 1.64 50.16
C ILE A 690 8.67 0.97 49.28
N ALA A 691 8.44 -0.31 49.55
CA ALA A 691 7.47 -1.11 48.82
C ALA A 691 6.58 -1.84 49.82
N TYR A 692 5.28 -1.84 49.54
CA TYR A 692 4.29 -2.41 50.44
C TYR A 692 3.06 -2.80 49.63
N THR A 693 2.00 -3.18 50.35
CA THR A 693 0.73 -3.55 49.74
C THR A 693 -0.22 -2.35 49.81
N MET A 694 -0.88 -2.07 48.69
CA MET A 694 -1.75 -0.89 48.56
C MET A 694 -3.01 -1.02 49.41
N SER A 695 -3.25 -0.01 50.24
CA SER A 695 -4.41 0.04 51.11
C SER A 695 -5.68 0.31 50.31
N LEU A 696 -6.80 -0.17 50.83
CA LEU A 696 -8.11 0.08 50.24
C LEU A 696 -8.82 1.26 50.88
N GLY A 697 -8.17 1.96 51.79
CA GLY A 697 -8.79 3.01 52.57
C GLY A 697 -9.04 2.58 54.01
N ALA A 698 -9.71 3.46 54.75
CA ALA A 698 -9.96 3.22 56.15
C ALA A 698 -11.09 2.22 56.35
N GLU A 699 -10.96 1.41 57.40
CA GLU A 699 -11.96 0.40 57.73
C GLU A 699 -13.07 1.03 58.57
N ASN A 700 -14.28 1.01 58.04
CA ASN A 700 -15.45 1.54 58.74
C ASN A 700 -16.57 0.52 58.58
N SER A 701 -17.05 -0.02 59.70
CA SER A 701 -18.12 -0.99 59.71
C SER A 701 -19.34 -0.39 60.40
N VAL A 702 -20.46 -0.36 59.70
CA VAL A 702 -21.70 0.17 60.24
C VAL A 702 -22.50 -0.96 60.88
N ALA A 703 -23.19 -0.65 61.97
CA ALA A 703 -23.88 -1.67 62.75
C ALA A 703 -25.25 -1.98 62.14
N TYR A 704 -25.94 -2.93 62.75
CA TYR A 704 -27.26 -3.34 62.30
C TYR A 704 -28.10 -3.67 63.51
N SER A 705 -29.36 -3.25 63.49
CA SER A 705 -30.31 -3.56 64.55
C SER A 705 -31.66 -3.81 63.91
N ASN A 706 -32.68 -3.99 64.76
CA ASN A 706 -34.04 -4.21 64.25
C ASN A 706 -34.65 -2.89 63.78
N ASN A 707 -34.51 -1.83 64.58
CA ASN A 707 -35.03 -0.51 64.22
C ASN A 707 -33.93 0.52 64.41
N SER A 708 -33.43 1.08 63.30
CA SER A 708 -32.53 2.21 63.31
C SER A 708 -32.68 2.97 62.00
N ILE A 709 -32.52 4.29 62.06
CA ILE A 709 -32.51 5.13 60.86
C ILE A 709 -31.61 6.34 61.14
N ALA A 710 -30.87 6.76 60.12
CA ALA A 710 -29.99 7.93 60.22
C ALA A 710 -30.52 9.01 59.28
N ILE A 711 -30.98 10.11 59.84
CA ILE A 711 -31.53 11.23 59.09
C ILE A 711 -30.53 12.37 59.11
N PRO A 712 -30.12 12.89 57.95
CA PRO A 712 -29.11 13.96 57.94
C PRO A 712 -29.68 15.31 58.35
N THR A 713 -28.84 16.11 59.01
CA THR A 713 -29.23 17.44 59.48
C THR A 713 -28.39 18.52 58.82
N ASN A 714 -27.08 18.58 59.09
CA ASN A 714 -26.23 19.62 58.54
C ASN A 714 -25.89 19.31 57.09
N PHE A 715 -25.99 20.32 56.22
CA PHE A 715 -25.88 20.14 54.78
C PHE A 715 -24.70 20.96 54.24
N THR A 716 -24.21 20.52 53.08
CA THR A 716 -23.16 21.23 52.38
C THR A 716 -23.33 21.01 50.88
N ILE A 717 -22.68 21.86 50.10
CA ILE A 717 -22.71 21.79 48.64
C ILE A 717 -21.30 21.52 48.15
N SER A 718 -21.09 20.34 47.55
CA SER A 718 -19.80 19.94 47.04
C SER A 718 -19.75 20.11 45.53
N VAL A 719 -18.69 20.75 45.04
CA VAL A 719 -18.50 21.02 43.63
C VAL A 719 -17.24 20.29 43.16
N THR A 720 -17.40 19.41 42.17
CA THR A 720 -16.31 18.64 41.60
C THR A 720 -16.06 19.08 40.15
N THR A 721 -15.06 18.48 39.53
CA THR A 721 -14.64 18.85 38.19
C THR A 721 -14.35 17.60 37.37
N GLU A 722 -15.02 17.47 36.22
CA GLU A 722 -14.79 16.38 35.30
C GLU A 722 -14.32 16.94 33.96
N ILE A 723 -13.34 16.27 33.36
CA ILE A 723 -12.69 16.74 32.13
C ILE A 723 -12.81 15.64 31.08
N LEU A 724 -13.53 15.92 30.00
CA LEU A 724 -13.66 15.02 28.86
C LEU A 724 -13.06 15.66 27.62
N PRO A 725 -12.07 15.05 26.96
CA PRO A 725 -11.58 15.59 25.69
C PRO A 725 -12.56 15.38 24.56
N VAL A 726 -12.53 16.30 23.60
CA VAL A 726 -13.50 16.32 22.51
C VAL A 726 -12.80 16.06 21.17
N SER A 727 -11.88 16.95 20.79
CA SER A 727 -11.25 16.89 19.49
C SER A 727 -9.73 16.80 19.64
N MET A 728 -9.08 16.37 18.55
CA MET A 728 -7.65 16.19 18.49
C MET A 728 -7.05 17.13 17.45
N THR A 729 -5.73 17.01 17.26
CA THR A 729 -5.02 17.84 16.29
C THR A 729 -5.16 17.24 14.90
N LYS A 730 -5.70 18.01 13.97
CA LYS A 730 -5.91 17.54 12.61
C LYS A 730 -4.62 17.68 11.81
N THR A 731 -4.15 16.56 11.24
CA THR A 731 -2.90 16.53 10.48
C THR A 731 -3.18 16.05 9.06
N SER A 732 -2.24 16.36 8.17
CA SER A 732 -2.30 15.92 6.78
C SER A 732 -0.89 15.54 6.33
N VAL A 733 -0.77 14.40 5.65
CA VAL A 733 0.51 13.86 5.22
C VAL A 733 0.52 13.81 3.70
N ASP A 734 1.50 14.47 3.09
CA ASP A 734 1.69 14.46 1.65
C ASP A 734 2.45 13.20 1.25
N CYS A 735 2.08 12.62 0.10
CA CYS A 735 2.77 11.44 -0.41
C CYS A 735 4.06 11.81 -1.13
N THR A 736 4.07 12.95 -1.82
CA THR A 736 5.20 13.31 -2.67
C THR A 736 6.38 13.85 -1.86
N MET A 737 6.11 14.76 -0.91
CA MET A 737 7.18 15.45 -0.21
C MET A 737 7.81 14.57 0.88
N TYR A 738 7.04 13.65 1.46
CA TYR A 738 7.59 12.79 2.50
C TYR A 738 8.43 11.67 1.92
N ILE A 739 7.91 10.98 0.89
CA ILE A 739 8.61 9.84 0.33
C ILE A 739 9.75 10.29 -0.59
N CYS A 740 9.49 11.26 -1.45
CA CYS A 740 10.48 11.70 -2.44
C CYS A 740 11.08 13.04 -2.04
N GLY A 741 12.34 13.21 -2.43
CA GLY A 741 13.10 14.42 -2.18
C GLY A 741 13.05 15.42 -3.31
N ASP A 742 11.94 15.39 -4.08
CA ASP A 742 11.71 16.10 -5.35
C ASP A 742 12.79 15.76 -6.38
N SER A 743 12.98 14.46 -6.61
CA SER A 743 13.86 13.95 -7.64
C SER A 743 13.02 13.25 -8.71
N THR A 744 13.53 13.23 -9.94
CA THR A 744 12.78 12.66 -11.05
C THR A 744 12.80 11.13 -11.02
N GLU A 745 13.82 10.53 -10.42
CA GLU A 745 13.89 9.07 -10.36
C GLU A 745 13.01 8.48 -9.27
N CYS A 746 12.65 9.29 -8.28
CA CYS A 746 11.80 8.79 -7.19
C CYS A 746 10.34 8.73 -7.61
N SER A 747 9.89 9.70 -8.41
CA SER A 747 8.48 9.76 -8.79
C SER A 747 8.14 8.78 -9.91
N ASN A 748 9.16 8.29 -10.63
CA ASN A 748 8.90 7.31 -11.68
C ASN A 748 8.61 5.94 -11.11
N LEU A 749 9.28 5.58 -10.02
CA LEU A 749 9.01 4.32 -9.34
C LEU A 749 7.87 4.44 -8.34
N LEU A 750 7.44 5.66 -8.03
CA LEU A 750 6.31 5.86 -7.13
C LEU A 750 4.99 5.57 -7.81
N LEU A 751 4.90 5.80 -9.12
CA LEU A 751 3.66 5.57 -9.86
C LEU A 751 3.43 4.08 -10.12
N GLN A 752 4.48 3.25 -10.03
CA GLN A 752 4.30 1.80 -10.12
C GLN A 752 3.69 1.23 -8.85
N TYR A 753 3.84 1.90 -7.71
CA TYR A 753 3.22 1.47 -6.46
C TYR A 753 1.76 1.87 -6.35
N GLY A 754 1.32 2.86 -7.11
CA GLY A 754 -0.10 3.18 -7.22
C GLY A 754 -0.79 3.77 -6.00
N SER A 755 -1.81 3.05 -5.55
CA SER A 755 -2.83 3.54 -4.61
C SER A 755 -2.44 3.36 -3.15
N PHE A 756 -1.18 3.01 -2.85
CA PHE A 756 -0.70 2.81 -1.48
C PHE A 756 -0.83 4.06 -0.62
N CYS A 757 -0.41 5.22 -1.14
CA CYS A 757 -0.58 6.44 -0.37
C CYS A 757 -1.86 7.19 -0.73
N THR A 758 -2.65 6.66 -1.67
CA THR A 758 -3.97 7.23 -1.94
C THR A 758 -4.95 6.88 -0.84
N GLN A 759 -4.85 5.63 -0.33
CA GLN A 759 -5.67 5.22 0.81
C GLN A 759 -5.24 5.91 2.10
N LEU A 760 -3.95 6.19 2.24
CA LEU A 760 -3.45 6.81 3.45
C LEU A 760 -3.74 8.31 3.48
N LYS A 761 -3.92 8.92 2.32
CA LYS A 761 -4.28 10.34 2.26
C LYS A 761 -5.77 10.54 2.55
N ARG A 762 -6.61 9.65 2.01
CA ARG A 762 -8.06 9.79 2.19
C ARG A 762 -8.53 9.31 3.55
N ALA A 763 -7.71 8.51 4.25
CA ALA A 763 -8.07 8.12 5.61
C ALA A 763 -7.86 9.26 6.58
N LEU A 764 -6.78 10.03 6.41
CA LEU A 764 -6.53 11.21 7.24
C LEU A 764 -7.45 12.37 6.88
N THR A 765 -7.97 12.39 5.65
CA THR A 765 -9.01 13.35 5.29
C THR A 765 -10.32 13.02 5.99
N GLY A 766 -10.64 11.73 6.11
CA GLY A 766 -11.86 11.31 6.76
C GLY A 766 -11.82 11.44 8.27
N ILE A 767 -10.61 11.50 8.85
CA ILE A 767 -10.48 11.86 10.26
C ILE A 767 -10.83 13.34 10.47
N ALA A 768 -10.33 14.20 9.57
CA ALA A 768 -10.44 15.65 9.74
C ALA A 768 -11.85 16.16 9.48
N VAL A 769 -12.67 15.39 8.77
CA VAL A 769 -14.09 15.71 8.68
C VAL A 769 -14.79 15.37 10.01
N GLU A 770 -14.43 14.24 10.61
CA GLU A 770 -15.10 13.79 11.83
C GLU A 770 -14.60 14.53 13.07
N GLN A 771 -13.46 15.21 12.99
CA GLN A 771 -13.02 16.05 14.10
C GLN A 771 -13.84 17.33 14.20
N ASP A 772 -14.33 17.84 13.07
CA ASP A 772 -15.23 18.98 13.09
C ASP A 772 -16.65 18.59 13.48
N LYS A 773 -17.04 17.33 13.25
CA LYS A 773 -18.36 16.88 13.66
C LYS A 773 -18.43 16.60 15.15
N ASN A 774 -17.29 16.37 15.81
CA ASN A 774 -17.29 16.16 17.25
C ASN A 774 -17.48 17.46 18.01
N THR A 775 -17.04 18.58 17.44
CA THR A 775 -17.23 19.87 18.09
C THR A 775 -18.65 20.40 17.92
N GLN A 776 -19.35 19.98 16.87
CA GLN A 776 -20.71 20.46 16.62
C GLN A 776 -21.73 19.76 17.50
N GLU A 777 -21.48 18.50 17.89
CA GLU A 777 -22.41 17.75 18.71
C GLU A 777 -22.21 17.98 20.21
N VAL A 778 -21.10 18.61 20.60
CA VAL A 778 -20.77 18.84 22.01
C VAL A 778 -20.94 20.30 22.38
N PHE A 779 -20.20 21.20 21.71
CA PHE A 779 -20.08 22.58 22.14
C PHE A 779 -21.35 23.39 21.86
N ALA A 780 -21.97 23.16 20.71
CA ALA A 780 -23.20 23.86 20.34
C ALA A 780 -24.36 22.87 20.40
N GLN A 781 -25.20 22.99 21.43
CA GLN A 781 -26.41 22.18 21.50
C GLN A 781 -27.56 22.82 20.72
N VAL A 782 -27.72 24.15 20.85
CA VAL A 782 -28.83 24.86 20.23
C VAL A 782 -28.27 25.93 19.30
N LYS A 783 -29.12 26.39 18.39
CA LYS A 783 -28.76 27.42 17.43
C LYS A 783 -29.14 28.83 17.88
N GLN A 784 -29.68 28.98 19.09
CA GLN A 784 -30.15 30.26 19.58
C GLN A 784 -29.14 30.84 20.57
N ILE A 785 -28.78 32.10 20.37
CA ILE A 785 -27.80 32.80 21.20
C ILE A 785 -28.52 33.38 22.41
N TYR A 786 -28.08 33.00 23.60
CA TYR A 786 -28.62 33.51 24.85
C TYR A 786 -27.61 34.44 25.50
N LYS A 787 -28.09 35.58 25.98
CA LYS A 787 -27.23 36.56 26.63
C LYS A 787 -27.78 36.92 27.99
N THR A 788 -26.89 37.37 28.86
CA THR A 788 -27.10 37.75 30.26
C THR A 788 -27.42 39.24 30.33
N PRO A 789 -28.44 39.65 31.09
CA PRO A 789 -28.70 41.09 31.31
C PRO A 789 -27.59 41.73 32.14
N PRO A 790 -27.30 43.03 31.90
CA PRO A 790 -26.13 43.64 32.55
C PRO A 790 -26.27 43.90 34.05
N ILE A 791 -27.49 43.96 34.57
CA ILE A 791 -27.71 44.11 36.00
C ILE A 791 -27.83 42.70 36.58
N LYS A 792 -26.83 42.29 37.36
CA LYS A 792 -26.72 40.90 37.80
C LYS A 792 -26.86 40.84 39.32
N TYR A 793 -28.02 40.36 39.78
CA TYR A 793 -28.15 39.81 41.12
C TYR A 793 -29.00 38.55 41.00
N PHE A 794 -28.39 37.38 41.17
CA PHE A 794 -29.09 36.10 41.11
C PHE A 794 -28.88 35.37 42.42
N GLY A 795 -29.92 35.31 43.25
CA GLY A 795 -29.96 34.48 44.45
C GLY A 795 -28.97 34.80 45.56
N GLY A 796 -28.30 35.95 45.51
CA GLY A 796 -27.20 36.21 46.41
C GLY A 796 -25.96 35.39 46.15
N PHE A 797 -25.64 35.11 44.89
CA PHE A 797 -24.48 34.30 44.52
C PHE A 797 -23.50 35.14 43.70
N ASN A 798 -22.25 34.70 43.65
CA ASN A 798 -21.23 35.33 42.82
C ASN A 798 -21.06 34.45 41.58
N PHE A 799 -21.60 34.93 40.46
CA PHE A 799 -21.47 34.25 39.17
C PHE A 799 -20.39 34.84 38.26
N SER A 800 -19.58 35.78 38.77
CA SER A 800 -18.66 36.54 37.91
C SER A 800 -17.45 35.73 37.46
N GLN A 801 -17.19 34.56 38.05
CA GLN A 801 -16.07 33.75 37.61
C GLN A 801 -16.39 32.95 36.34
N ILE A 802 -17.66 32.59 36.13
CA ILE A 802 -18.01 31.84 34.93
C ILE A 802 -18.51 32.74 33.80
N LEU A 803 -18.76 34.02 34.06
CA LEU A 803 -19.22 34.92 33.02
C LEU A 803 -18.02 35.61 32.35
N PRO A 804 -18.09 35.81 31.03
CA PRO A 804 -16.94 36.41 30.33
C PRO A 804 -16.82 37.91 30.58
N ASP A 805 -15.62 38.41 30.31
CA ASP A 805 -15.26 39.80 30.59
C ASP A 805 -15.52 40.62 29.34
N PRO A 806 -16.45 41.59 29.36
CA PRO A 806 -16.66 42.44 28.18
C PRO A 806 -15.55 43.44 27.92
N SER A 807 -14.71 43.75 28.91
CA SER A 807 -13.65 44.73 28.69
C SER A 807 -12.49 44.14 27.91
N LYS A 808 -12.23 42.84 28.10
CA LYS A 808 -11.20 42.17 27.32
C LYS A 808 -11.73 41.88 25.92
N PRO A 809 -10.93 42.14 24.86
CA PRO A 809 -11.41 41.86 23.50
C PRO A 809 -11.53 40.38 23.17
N SER A 810 -10.72 39.53 23.81
CA SER A 810 -10.93 38.10 23.75
C SER A 810 -11.91 37.70 24.84
N LYS A 811 -13.05 37.14 24.44
CA LYS A 811 -14.13 36.88 25.39
C LYS A 811 -13.97 35.49 25.96
N ARG A 812 -13.53 35.42 27.22
CA ARG A 812 -13.39 34.19 28.00
C ARG A 812 -13.69 34.55 29.44
N SER A 813 -13.98 33.54 30.26
CA SER A 813 -14.24 33.80 31.67
C SER A 813 -12.96 33.74 32.47
N PHE A 814 -13.08 33.87 33.79
CA PHE A 814 -11.91 33.85 34.66
C PHE A 814 -11.38 32.44 34.86
N ILE A 815 -12.26 31.44 34.83
CA ILE A 815 -11.84 30.04 34.94
C ILE A 815 -11.19 29.60 33.64
N GLU A 816 -11.74 30.02 32.50
CA GLU A 816 -11.25 29.59 31.19
C GLU A 816 -9.91 30.24 30.83
N ASP A 817 -9.57 31.37 31.46
CA ASP A 817 -8.22 31.92 31.31
C ASP A 817 -7.19 31.05 32.04
N LEU A 818 -7.60 30.40 33.14
CA LEU A 818 -6.72 29.47 33.82
C LEU A 818 -6.63 28.13 33.11
N LEU A 819 -7.65 27.78 32.33
CA LEU A 819 -7.62 26.52 31.59
C LEU A 819 -6.73 26.62 30.36
N PHE A 820 -6.60 27.82 29.79
CA PHE A 820 -5.81 27.99 28.58
C PHE A 820 -4.31 28.04 28.89
N ASN A 821 -3.93 28.61 30.04
CA ASN A 821 -2.53 28.81 30.38
C ASN A 821 -1.81 27.54 30.82
N LYS A 822 -2.55 26.51 31.24
CA LYS A 822 -1.94 25.28 31.71
C LYS A 822 -1.82 24.21 30.62
N VAL A 823 -2.29 24.49 29.40
CA VAL A 823 -2.23 23.56 28.29
C VAL A 823 -1.29 24.15 27.24
N THR A 824 -0.17 23.48 26.99
CA THR A 824 0.81 23.95 26.02
C THR A 824 0.84 23.05 24.80
N LYS A 851 11.17 23.83 8.01
CA LYS A 851 10.92 22.65 8.84
C LYS A 851 9.77 21.83 8.29
N PHE A 852 9.35 22.13 7.07
CA PHE A 852 8.19 21.50 6.44
C PHE A 852 8.69 20.44 5.46
N LYS A 853 8.52 19.18 5.82
CA LYS A 853 8.82 18.04 4.96
C LYS A 853 7.60 17.52 4.23
N GLY A 854 6.46 18.21 4.34
CA GLY A 854 5.18 17.68 3.90
C GLY A 854 4.28 17.28 5.04
N LEU A 855 4.80 17.21 6.26
CA LEU A 855 4.00 16.98 7.45
C LEU A 855 3.47 18.33 7.93
N THR A 856 2.16 18.49 7.93
CA THR A 856 1.55 19.77 8.27
C THR A 856 0.44 19.56 9.28
N VAL A 857 0.02 20.67 9.88
CA VAL A 857 -1.08 20.69 10.83
C VAL A 857 -2.24 21.43 10.18
N LEU A 858 -3.37 20.75 10.05
CA LEU A 858 -4.56 21.37 9.48
C LEU A 858 -5.17 22.33 10.50
N PRO A 859 -5.60 23.52 10.08
CA PRO A 859 -6.24 24.45 11.01
C PRO A 859 -7.66 24.01 11.33
N PRO A 860 -8.16 24.28 12.54
CA PRO A 860 -9.52 23.86 12.87
C PRO A 860 -10.55 24.78 12.23
N LEU A 861 -11.73 24.22 11.97
CA LEU A 861 -12.84 25.01 11.46
C LEU A 861 -13.40 25.94 12.54
N LEU A 862 -13.43 25.47 13.78
CA LEU A 862 -14.03 26.20 14.89
C LEU A 862 -12.91 26.76 15.75
N THR A 863 -12.77 28.08 15.77
CA THR A 863 -11.74 28.75 16.55
C THR A 863 -12.10 28.71 18.03
N ASP A 864 -11.07 28.94 18.87
CA ASP A 864 -11.24 28.89 20.32
C ASP A 864 -12.00 30.09 20.86
N GLU A 865 -12.07 31.18 20.10
CA GLU A 865 -12.95 32.28 20.48
C GLU A 865 -14.41 31.92 20.27
N MET A 866 -14.71 31.11 19.25
CA MET A 866 -16.08 30.71 18.97
C MET A 866 -16.54 29.52 19.81
N ILE A 867 -15.61 28.79 20.42
CA ILE A 867 -15.99 27.77 21.41
C ILE A 867 -16.50 28.45 22.68
N ALA A 868 -15.85 29.56 23.06
CA ALA A 868 -16.27 30.31 24.24
C ALA A 868 -17.55 31.12 23.99
N GLN A 869 -17.88 31.40 22.73
CA GLN A 869 -19.17 32.00 22.42
C GLN A 869 -20.31 30.99 22.52
N TYR A 870 -20.01 29.69 22.38
CA TYR A 870 -21.02 28.68 22.66
C TYR A 870 -21.26 28.54 24.15
N THR A 871 -20.19 28.56 24.94
CA THR A 871 -20.33 28.33 26.38
C THR A 871 -20.80 29.58 27.12
N SER A 872 -20.74 30.74 26.47
CA SER A 872 -21.29 31.95 27.08
C SER A 872 -22.81 31.94 27.05
N ALA A 873 -23.41 31.28 26.06
CA ALA A 873 -24.86 31.12 26.02
C ALA A 873 -25.33 29.99 26.92
N LEU A 874 -24.53 28.93 27.07
CA LEU A 874 -24.96 27.78 27.85
C LEU A 874 -24.79 27.99 29.35
N LEU A 875 -23.79 28.78 29.75
CA LEU A 875 -23.68 29.16 31.17
C LEU A 875 -24.72 30.21 31.53
N ALA A 876 -25.11 31.04 30.57
CA ALA A 876 -26.27 31.91 30.71
C ALA A 876 -27.55 31.10 30.90
N GLY A 877 -27.95 30.36 29.85
CA GLY A 877 -29.32 29.86 29.74
C GLY A 877 -29.69 28.74 30.68
N THR A 878 -28.71 28.11 31.33
CA THR A 878 -29.01 27.23 32.45
C THR A 878 -29.51 28.03 33.65
N ILE A 879 -28.82 29.13 33.96
CA ILE A 879 -29.26 30.04 35.00
C ILE A 879 -30.42 30.89 34.50
N THR A 880 -30.38 31.32 33.24
CA THR A 880 -31.36 32.25 32.68
C THR A 880 -32.69 31.55 32.36
N SER A 881 -32.67 30.61 31.42
CA SER A 881 -33.89 30.00 30.91
C SER A 881 -34.28 28.71 31.61
N GLY A 882 -33.52 28.28 32.61
CA GLY A 882 -33.81 27.02 33.27
C GLY A 882 -33.26 25.84 32.50
N TRP A 883 -33.95 24.71 32.54
CA TRP A 883 -33.59 23.55 31.75
C TRP A 883 -34.39 23.42 30.47
N THR A 884 -35.30 24.35 30.20
CA THR A 884 -36.26 24.23 29.10
C THR A 884 -35.76 24.84 27.79
N PHE A 885 -34.51 25.32 27.74
CA PHE A 885 -34.03 25.96 26.53
C PHE A 885 -33.66 24.94 25.45
N GLY A 886 -33.26 23.74 25.85
CA GLY A 886 -32.97 22.69 24.89
C GLY A 886 -34.18 21.82 24.61
N ALA A 887 -35.21 21.97 25.43
CA ALA A 887 -36.45 21.22 25.28
C ALA A 887 -37.52 21.99 24.52
N GLY A 888 -37.20 23.17 24.01
CA GLY A 888 -38.18 24.00 23.34
C GLY A 888 -37.74 25.45 23.35
N ALA A 889 -38.73 26.33 23.28
CA ALA A 889 -38.47 27.77 23.35
C ALA A 889 -38.06 28.16 24.77
N ALA A 890 -37.35 29.28 24.87
CA ALA A 890 -36.80 29.71 26.14
C ALA A 890 -37.88 30.39 26.98
N LEU A 891 -38.13 29.83 28.16
CA LEU A 891 -39.10 30.39 29.09
C LEU A 891 -38.47 31.52 29.91
N GLN A 892 -39.27 32.13 30.76
CA GLN A 892 -38.78 33.08 31.75
C GLN A 892 -39.01 32.45 33.12
N ILE A 893 -37.93 31.97 33.73
CA ILE A 893 -37.95 31.34 35.05
C ILE A 893 -37.06 32.15 35.98
N PRO A 894 -37.57 32.68 37.09
CA PRO A 894 -36.70 33.33 38.08
C PRO A 894 -35.76 32.33 38.75
N PHE A 895 -34.63 32.85 39.27
CA PHE A 895 -33.57 31.99 39.76
C PHE A 895 -33.90 31.36 41.11
N ALA A 896 -34.77 32.01 41.90
CA ALA A 896 -35.14 31.47 43.21
C ALA A 896 -36.06 30.26 43.10
N MET A 897 -36.74 30.11 41.96
CA MET A 897 -37.57 28.93 41.73
C MET A 897 -36.83 27.82 40.98
N GLN A 898 -35.61 28.08 40.49
CA GLN A 898 -34.88 27.05 39.76
C GLN A 898 -34.29 26.00 40.70
N MET A 899 -33.83 26.42 41.88
CA MET A 899 -33.26 25.48 42.83
C MET A 899 -34.34 24.70 43.57
N ALA A 900 -35.59 25.16 43.54
CA ALA A 900 -36.67 24.44 44.20
C ALA A 900 -37.09 23.21 43.41
N TYR A 901 -37.13 23.30 42.08
CA TYR A 901 -37.57 22.16 41.28
C TYR A 901 -36.45 21.13 41.13
N ARG A 902 -35.20 21.58 41.22
CA ARG A 902 -34.07 20.65 41.24
C ARG A 902 -33.95 19.94 42.57
N PHE A 903 -34.46 20.53 43.65
CA PHE A 903 -34.61 19.81 44.91
C PHE A 903 -35.75 18.81 44.85
N ASN A 904 -36.78 19.07 44.04
CA ASN A 904 -37.94 18.19 43.99
C ASN A 904 -37.66 16.92 43.20
N GLY A 905 -36.63 16.93 42.35
CA GLY A 905 -36.26 15.71 41.64
C GLY A 905 -35.52 14.73 42.52
N ILE A 906 -34.75 15.22 43.49
CA ILE A 906 -33.99 14.35 44.39
C ILE A 906 -34.72 14.07 45.68
N GLY A 907 -35.94 14.57 45.85
CA GLY A 907 -36.73 14.27 47.03
C GLY A 907 -36.70 15.28 48.14
N VAL A 908 -36.27 16.52 47.87
CA VAL A 908 -36.15 17.56 48.89
C VAL A 908 -37.28 18.57 48.66
N THR A 909 -38.07 18.81 49.71
CA THR A 909 -39.15 19.79 49.63
C THR A 909 -38.59 21.21 49.65
N GLN A 910 -39.45 22.17 49.29
CA GLN A 910 -39.12 23.60 49.23
C GLN A 910 -38.95 24.27 50.59
N ASN A 911 -39.19 23.55 51.71
CA ASN A 911 -38.93 24.08 53.04
C ASN A 911 -37.43 24.31 53.29
N VAL A 912 -36.58 23.49 52.67
CA VAL A 912 -35.14 23.52 52.93
C VAL A 912 -34.48 24.70 52.23
N LEU A 913 -35.00 25.07 51.05
CA LEU A 913 -34.35 26.10 50.22
C LEU A 913 -34.59 27.51 50.78
N TYR A 914 -35.82 27.82 51.18
CA TYR A 914 -36.16 29.19 51.51
C TYR A 914 -35.69 29.60 52.90
N GLU A 915 -35.61 28.65 53.83
CA GLU A 915 -35.14 28.99 55.17
C GLU A 915 -33.62 29.08 55.24
N ASN A 916 -32.92 28.17 54.56
CA ASN A 916 -31.48 28.03 54.65
C ASN A 916 -30.72 28.80 53.58
N GLN A 917 -31.41 29.70 52.84
CA GLN A 917 -30.86 30.37 51.64
C GLN A 917 -29.65 31.24 51.93
N LYS A 918 -29.55 31.78 53.15
CA LYS A 918 -28.34 32.49 53.56
C LYS A 918 -27.18 31.53 53.82
N LEU A 919 -27.47 30.29 54.19
CA LEU A 919 -26.41 29.30 54.40
C LEU A 919 -25.97 28.67 53.08
N ILE A 920 -26.80 28.75 52.03
CA ILE A 920 -26.40 28.26 50.72
C ILE A 920 -25.40 29.24 50.09
N ALA A 921 -25.54 30.53 50.37
CA ALA A 921 -24.65 31.54 49.81
C ALA A 921 -23.27 31.50 50.47
N ASN A 922 -23.18 30.97 51.69
CA ASN A 922 -21.87 30.73 52.30
C ASN A 922 -21.20 29.49 51.74
N GLN A 923 -21.98 28.45 51.41
CA GLN A 923 -21.39 27.21 50.90
C GLN A 923 -21.04 27.32 49.42
N PHE A 924 -21.81 28.07 48.65
CA PHE A 924 -21.55 28.18 47.22
C PHE A 924 -20.38 29.11 46.93
N ASN A 925 -20.21 30.17 47.74
CA ASN A 925 -19.09 31.08 47.54
C ASN A 925 -17.79 30.47 48.05
N SER A 926 -17.87 29.53 49.00
CA SER A 926 -16.67 28.84 49.45
C SER A 926 -16.27 27.72 48.49
N ALA A 927 -17.22 27.16 47.76
CA ALA A 927 -16.91 26.07 46.84
C ALA A 927 -16.28 26.57 45.55
N ILE A 928 -16.60 27.81 45.15
CA ILE A 928 -15.99 28.37 43.95
C ILE A 928 -14.64 28.96 44.26
N GLY A 929 -14.34 29.19 45.54
CA GLY A 929 -13.00 29.63 45.92
C GLY A 929 -11.98 28.52 45.90
N LYS A 930 -12.44 27.27 46.06
CA LYS A 930 -11.55 26.13 45.96
C LYS A 930 -11.24 25.76 44.52
N ILE A 931 -12.06 26.22 43.56
CA ILE A 931 -11.77 26.01 42.15
C ILE A 931 -10.65 26.94 41.70
N GLN A 932 -10.68 28.19 42.16
CA GLN A 932 -9.69 29.19 41.75
C GLN A 932 -8.35 28.96 42.43
N ASP A 933 -8.36 28.35 43.62
CA ASP A 933 -7.11 28.02 44.30
C ASP A 933 -6.46 26.76 43.73
N SER A 934 -7.25 25.83 43.20
CA SER A 934 -6.70 24.59 42.66
C SER A 934 -6.10 24.80 41.28
N LEU A 935 -6.74 25.64 40.45
CA LEU A 935 -6.25 25.86 39.10
C LEU A 935 -5.05 26.79 39.07
N SER A 936 -4.87 27.60 40.11
CA SER A 936 -3.70 28.46 40.21
C SER A 936 -2.52 27.79 40.91
N SER A 937 -2.67 26.54 41.33
CA SER A 937 -1.61 25.81 42.01
C SER A 937 -1.34 24.47 41.33
N THR A 938 -2.30 23.55 41.35
CA THR A 938 -2.11 22.22 40.78
C THR A 938 -2.53 22.21 39.32
N ALA A 939 -1.57 21.94 38.43
CA ALA A 939 -1.81 21.86 37.00
C ALA A 939 -2.08 20.43 36.52
N SER A 940 -2.14 19.46 37.43
CA SER A 940 -2.30 18.07 37.06
C SER A 940 -3.73 17.66 36.77
N ALA A 941 -4.71 18.55 37.00
CA ALA A 941 -6.09 18.21 36.70
C ALA A 941 -6.38 18.32 35.21
N LEU A 942 -5.62 19.14 34.50
CA LEU A 942 -5.76 19.32 33.05
C LEU A 942 -4.84 18.39 32.26
N GLY A 943 -4.18 17.43 32.92
CA GLY A 943 -3.23 16.57 32.24
C GLY A 943 -3.86 15.53 31.32
N LYS A 944 -5.17 15.33 31.41
CA LYS A 944 -5.87 14.53 30.40
C LYS A 944 -5.94 15.28 29.07
N LEU A 945 -6.07 16.61 29.12
CA LEU A 945 -6.00 17.41 27.90
C LEU A 945 -4.57 17.63 27.45
N GLN A 946 -3.61 17.56 28.37
CA GLN A 946 -2.20 17.70 28.01
C GLN A 946 -1.67 16.48 27.28
N ASP A 947 -2.28 15.31 27.47
CA ASP A 947 -1.85 14.12 26.75
C ASP A 947 -2.31 14.16 25.29
N VAL A 948 -3.42 14.87 25.02
CA VAL A 948 -3.94 15.00 23.66
C VAL A 948 -2.99 15.85 22.81
N VAL A 949 -2.35 16.84 23.44
CA VAL A 949 -1.23 17.52 22.81
C VAL A 949 -0.02 16.60 22.71
N ASN A 950 0.20 15.75 23.73
CA ASN A 950 1.42 14.94 23.77
C ASN A 950 1.32 13.70 22.87
N HIS A 951 0.12 13.13 22.70
CA HIS A 951 -0.01 12.00 21.79
C HIS A 951 0.02 12.45 20.33
N ASN A 952 -0.38 13.69 20.05
CA ASN A 952 -0.24 14.20 18.69
C ASN A 952 1.18 14.69 18.40
N ALA A 953 1.92 15.08 19.44
CA ALA A 953 3.30 15.52 19.23
C ALA A 953 4.25 14.34 19.05
N GLN A 954 4.04 13.26 19.83
CA GLN A 954 4.93 12.11 19.73
C GLN A 954 4.62 11.26 18.51
N ALA A 955 3.44 11.42 17.92
CA ALA A 955 3.16 10.75 16.65
C ALA A 955 3.89 11.44 15.50
N LEU A 956 4.02 12.77 15.57
CA LEU A 956 4.75 13.51 14.54
C LEU A 956 6.26 13.45 14.73
N ASN A 957 6.73 13.41 15.98
CA ASN A 957 8.18 13.47 16.23
C ASN A 957 8.85 12.13 15.97
N THR A 958 8.14 11.03 16.21
CA THR A 958 8.72 9.73 15.88
C THR A 958 8.58 9.39 14.40
N LEU A 959 7.68 10.05 13.69
CA LEU A 959 7.57 9.85 12.24
C LEU A 959 8.63 10.62 11.48
N VAL A 960 9.02 11.81 11.98
CA VAL A 960 9.98 12.64 11.27
C VAL A 960 11.40 12.14 11.50
N LYS A 961 11.62 11.34 12.55
CA LYS A 961 12.93 10.75 12.78
C LYS A 961 13.13 9.43 12.06
N GLN A 962 12.15 8.98 11.27
CA GLN A 962 12.32 7.77 10.48
C GLN A 962 13.21 8.00 9.27
N LEU A 963 13.30 9.25 8.80
CA LEU A 963 14.03 9.54 7.57
C LEU A 963 15.54 9.56 7.78
N SER A 964 16.00 9.70 9.02
CA SER A 964 17.43 9.67 9.29
C SER A 964 17.99 8.25 9.28
N SER A 965 17.15 7.26 9.51
CA SER A 965 17.59 5.87 9.50
C SER A 965 17.74 5.38 8.06
N LYS A 966 18.62 4.40 7.89
CA LYS A 966 19.10 4.01 6.56
C LYS A 966 18.23 2.99 5.85
N PHE A 967 17.29 2.34 6.57
CA PHE A 967 16.32 1.34 6.06
C PHE A 967 16.98 0.12 5.41
N GLY A 968 18.21 -0.24 5.83
CA GLY A 968 18.95 -1.31 5.20
C GLY A 968 19.85 -0.87 4.06
N ALA A 969 19.57 0.28 3.45
CA ALA A 969 20.42 0.85 2.41
C ALA A 969 21.71 1.43 3.01
N ILE A 970 22.66 1.69 2.12
CA ILE A 970 23.95 2.28 2.52
C ILE A 970 23.75 3.72 3.00
N SER A 971 23.04 4.53 2.22
CA SER A 971 22.72 5.90 2.61
C SER A 971 21.22 6.11 2.52
N SER A 972 20.73 7.02 3.35
CA SER A 972 19.31 7.35 3.40
C SER A 972 18.92 8.52 2.51
N VAL A 973 19.89 9.15 1.85
CA VAL A 973 19.64 10.28 0.96
C VAL A 973 19.33 9.72 -0.42
N LEU A 974 18.23 10.19 -1.02
CA LEU A 974 17.82 9.71 -2.34
C LEU A 974 18.73 10.23 -3.44
N ASN A 975 19.39 11.37 -3.22
CA ASN A 975 20.37 11.85 -4.18
C ASN A 975 21.67 11.07 -4.10
N ASP A 976 21.95 10.45 -2.95
CA ASP A 976 23.17 9.67 -2.78
C ASP A 976 23.04 8.23 -3.26
N ILE A 977 21.83 7.76 -3.54
CA ILE A 977 21.67 6.43 -4.14
C ILE A 977 21.92 6.50 -5.64
N PHE A 978 21.39 7.54 -6.30
CA PHE A 978 21.49 7.66 -7.75
C PHE A 978 22.89 8.10 -8.20
N SER A 979 23.53 9.00 -7.47
CA SER A 979 24.81 9.54 -7.88
C SER A 979 25.99 8.64 -7.53
N ARG A 980 25.78 7.59 -6.73
CA ARG A 980 26.87 6.71 -6.32
C ARG A 980 26.75 5.32 -6.95
N LEU A 981 25.67 4.60 -6.67
CA LEU A 981 25.48 3.25 -7.17
C LEU A 981 25.13 3.24 -8.66
N ASP A 982 25.29 2.05 -9.26
CA ASP A 982 24.94 1.80 -10.66
C ASP A 982 23.43 1.96 -10.87
N PRO A 983 23.01 2.36 -12.07
CA PRO A 983 21.56 2.45 -12.38
C PRO A 983 20.83 1.10 -12.40
N PRO A 984 21.46 -0.06 -12.66
CA PRO A 984 20.84 -1.29 -12.16
C PRO A 984 20.87 -1.46 -10.64
N GLU A 985 21.94 -1.02 -9.98
CA GLU A 985 22.06 -1.24 -8.54
C GLU A 985 21.24 -0.24 -7.72
N ALA A 986 20.93 0.93 -8.28
CA ALA A 986 20.18 1.92 -7.50
C ALA A 986 18.70 1.59 -7.44
N GLU A 987 18.18 0.90 -8.46
CA GLU A 987 16.73 0.64 -8.53
C GLU A 987 16.30 -0.44 -7.54
N VAL A 988 17.24 -1.26 -7.06
CA VAL A 988 16.96 -2.10 -5.90
C VAL A 988 16.93 -1.26 -4.63
N GLN A 989 17.89 -0.35 -4.48
CA GLN A 989 18.05 0.39 -3.23
C GLN A 989 17.06 1.55 -3.09
N ILE A 990 16.56 2.10 -4.20
CA ILE A 990 15.49 3.09 -4.12
C ILE A 990 14.19 2.42 -3.69
N ASP A 991 13.95 1.19 -4.18
CA ASP A 991 12.74 0.45 -3.81
C ASP A 991 12.78 -0.07 -2.37
N ARG A 992 13.97 -0.15 -1.77
CA ARG A 992 14.03 -0.47 -0.34
C ARG A 992 13.74 0.77 0.50
N LEU A 993 14.09 1.95 0.01
CA LEU A 993 13.89 3.17 0.79
C LEU A 993 12.45 3.65 0.73
N ILE A 994 11.76 3.40 -0.39
CA ILE A 994 10.35 3.80 -0.50
C ILE A 994 9.47 2.88 0.34
N THR A 995 9.83 1.58 0.39
CA THR A 995 9.08 0.59 1.16
C THR A 995 9.26 0.82 2.67
N GLY A 996 10.42 1.34 3.08
CA GLY A 996 10.60 1.78 4.45
C GLY A 996 9.82 3.04 4.78
N ARG A 997 9.62 3.92 3.79
CA ARG A 997 8.79 5.09 3.99
C ARG A 997 7.31 4.81 3.83
N LEU A 998 6.93 3.72 3.16
CA LEU A 998 5.52 3.32 3.13
C LEU A 998 5.12 2.64 4.42
N GLN A 999 6.01 1.82 5.00
CA GLN A 999 5.70 1.13 6.25
C GLN A 999 5.75 2.06 7.45
N SER A 1000 6.47 3.17 7.34
CA SER A 1000 6.40 4.19 8.39
C SER A 1000 5.07 4.92 8.38
N LEU A 1001 4.47 5.07 7.19
CA LEU A 1001 3.14 5.66 7.10
C LEU A 1001 2.04 4.65 7.44
N GLN A 1002 2.32 3.36 7.29
CA GLN A 1002 1.33 2.35 7.70
C GLN A 1002 1.26 2.22 9.22
N THR A 1003 2.32 2.60 9.93
CA THR A 1003 2.23 2.68 11.38
C THR A 1003 1.56 3.96 11.86
N TYR A 1004 1.71 5.06 11.11
CA TYR A 1004 1.20 6.35 11.56
C TYR A 1004 -0.30 6.49 11.37
N VAL A 1005 -0.79 6.13 10.18
CA VAL A 1005 -2.20 6.38 9.83
C VAL A 1005 -3.11 5.38 10.54
N THR A 1006 -2.60 4.17 10.79
CA THR A 1006 -3.33 3.18 11.58
C THR A 1006 -3.42 3.60 13.05
N GLN A 1007 -2.38 4.29 13.54
CA GLN A 1007 -2.41 4.84 14.90
C GLN A 1007 -3.39 6.02 14.99
N GLN A 1008 -3.53 6.79 13.92
CA GLN A 1008 -4.44 7.93 13.94
C GLN A 1008 -5.90 7.50 13.80
N LEU A 1009 -6.15 6.32 13.23
CA LEU A 1009 -7.52 5.82 13.15
C LEU A 1009 -7.98 5.23 14.47
N ILE A 1010 -7.08 4.64 15.25
CA ILE A 1010 -7.44 4.07 16.55
C ILE A 1010 -7.64 5.17 17.58
N ARG A 1011 -6.81 6.23 17.51
CA ARG A 1011 -7.01 7.38 18.39
C ARG A 1011 -8.22 8.22 17.98
N ALA A 1012 -8.65 8.13 16.72
CA ALA A 1012 -9.92 8.73 16.34
C ALA A 1012 -11.11 7.96 16.90
N ALA A 1013 -10.96 6.64 17.06
CA ALA A 1013 -12.02 5.84 17.65
C ALA A 1013 -12.08 5.99 19.16
N GLU A 1014 -10.94 6.27 19.79
CA GLU A 1014 -10.94 6.50 21.24
C GLU A 1014 -11.47 7.90 21.57
N ILE A 1015 -11.29 8.86 20.66
CA ILE A 1015 -11.77 10.21 20.91
C ILE A 1015 -13.24 10.34 20.45
N ARG A 1016 -13.75 9.36 19.69
CA ARG A 1016 -15.15 9.38 19.31
C ARG A 1016 -16.04 8.95 20.47
N ALA A 1017 -15.60 7.96 21.24
CA ALA A 1017 -16.39 7.48 22.38
C ALA A 1017 -16.32 8.45 23.55
N SER A 1018 -15.25 9.25 23.63
CA SER A 1018 -15.18 10.28 24.67
C SER A 1018 -16.01 11.49 24.29
N ALA A 1019 -16.12 11.80 23.00
CA ALA A 1019 -16.93 12.93 22.58
C ALA A 1019 -18.41 12.59 22.60
N ASN A 1020 -18.76 11.33 22.35
CA ASN A 1020 -20.15 10.89 22.49
C ASN A 1020 -20.55 10.80 23.95
N LEU A 1021 -19.59 10.53 24.84
CA LEU A 1021 -19.84 10.67 26.27
C LEU A 1021 -19.94 12.14 26.65
N ALA A 1022 -19.19 13.01 25.97
CA ALA A 1022 -19.27 14.44 26.23
C ALA A 1022 -20.54 15.06 25.65
N ALA A 1023 -21.03 14.51 24.52
CA ALA A 1023 -22.28 15.00 23.95
C ALA A 1023 -23.48 14.49 24.74
N THR A 1024 -23.32 13.38 25.45
CA THR A 1024 -24.38 12.89 26.33
C THR A 1024 -24.50 13.75 27.57
N LYS A 1025 -23.36 14.12 28.19
CA LYS A 1025 -23.40 14.87 29.44
C LYS A 1025 -23.73 16.34 29.24
N MET A 1026 -23.62 16.85 28.02
CA MET A 1026 -24.19 18.16 27.72
C MET A 1026 -25.71 18.08 27.64
N SER A 1027 -26.22 17.01 27.02
CA SER A 1027 -27.66 16.86 26.85
C SER A 1027 -28.36 16.43 28.13
N GLU A 1028 -27.67 15.74 29.03
CA GLU A 1028 -28.27 15.24 30.26
C GLU A 1028 -27.98 16.15 31.45
N CYS A 1029 -26.70 16.34 31.79
CA CYS A 1029 -26.35 17.04 33.02
C CYS A 1029 -26.51 18.55 32.88
N VAL A 1030 -26.07 19.12 31.75
CA VAL A 1030 -26.12 20.57 31.57
C VAL A 1030 -27.52 21.03 31.19
N LEU A 1031 -28.13 20.39 30.19
CA LEU A 1031 -29.41 20.83 29.65
C LEU A 1031 -30.61 20.26 30.41
N GLY A 1032 -30.39 19.49 31.46
CA GLY A 1032 -31.52 18.96 32.20
C GLY A 1032 -31.09 18.48 33.57
N GLN A 1033 -32.02 17.81 34.24
CA GLN A 1033 -31.79 17.24 35.56
C GLN A 1033 -31.78 15.72 35.42
N SER A 1034 -30.76 15.08 35.99
CA SER A 1034 -30.62 13.64 35.94
C SER A 1034 -30.69 13.03 37.33
N LYS A 1035 -31.35 11.88 37.43
CA LYS A 1035 -31.46 11.13 38.67
C LYS A 1035 -30.35 10.09 38.83
N ARG A 1036 -29.37 10.09 37.92
CA ARG A 1036 -28.35 9.07 37.88
C ARG A 1036 -27.33 9.23 39.01
N VAL A 1037 -26.62 8.14 39.29
CA VAL A 1037 -25.57 8.09 40.29
C VAL A 1037 -24.25 7.89 39.57
N ASP A 1038 -23.25 8.74 39.90
CA ASP A 1038 -21.88 8.75 39.35
C ASP A 1038 -21.86 8.96 37.83
N PHE A 1039 -22.76 9.81 37.34
CA PHE A 1039 -22.79 10.25 35.95
C PHE A 1039 -22.56 11.75 35.86
N CYS A 1040 -23.43 12.52 36.50
CA CYS A 1040 -23.32 13.97 36.64
C CYS A 1040 -22.47 14.39 37.84
N GLY A 1041 -21.77 13.46 38.47
CA GLY A 1041 -20.94 13.69 39.63
C GLY A 1041 -21.47 13.01 40.88
N LYS A 1042 -20.62 12.96 41.90
CA LYS A 1042 -20.90 12.20 43.10
C LYS A 1042 -21.90 12.92 43.99
N GLY A 1043 -22.96 12.22 44.36
CA GLY A 1043 -24.05 12.79 45.13
C GLY A 1043 -25.26 13.06 44.26
N TYR A 1044 -26.22 13.78 44.86
CA TYR A 1044 -27.46 14.11 44.18
C TYR A 1044 -27.21 15.26 43.22
N HIS A 1045 -27.70 15.12 41.99
CA HIS A 1045 -27.44 16.10 40.94
C HIS A 1045 -28.32 17.33 41.11
N LEU A 1046 -27.71 18.51 41.00
CA LEU A 1046 -28.44 19.77 40.87
C LEU A 1046 -28.26 20.34 39.47
N MET A 1047 -27.08 20.89 39.17
CA MET A 1047 -26.82 21.49 37.87
C MET A 1047 -25.36 21.32 37.51
N SER A 1048 -25.04 21.50 36.23
CA SER A 1048 -23.69 21.35 35.73
C SER A 1048 -23.29 22.57 34.90
N PHE A 1049 -22.04 22.98 35.04
CA PHE A 1049 -21.51 24.17 34.36
C PHE A 1049 -20.42 23.79 33.38
N PRO A 1050 -20.67 23.88 32.07
CA PRO A 1050 -19.59 23.61 31.11
C PRO A 1050 -18.63 24.79 30.97
N GLN A 1051 -17.38 24.47 30.65
CA GLN A 1051 -16.34 25.48 30.46
C GLN A 1051 -15.62 25.20 29.16
N SER A 1052 -15.19 26.27 28.49
CA SER A 1052 -14.42 26.12 27.26
C SER A 1052 -12.97 25.76 27.58
N ALA A 1053 -12.45 24.80 26.82
CA ALA A 1053 -11.10 24.30 27.00
C ALA A 1053 -10.50 24.01 25.62
N PRO A 1054 -9.19 24.17 25.46
CA PRO A 1054 -8.55 23.71 24.22
C PRO A 1054 -8.53 22.20 24.12
N HIS A 1055 -8.97 21.68 22.96
CA HIS A 1055 -9.06 20.25 22.60
C HIS A 1055 -9.90 19.44 23.59
N GLY A 1056 -10.96 20.05 24.12
CA GLY A 1056 -11.80 19.34 25.06
C GLY A 1056 -12.81 20.27 25.72
N VAL A 1057 -13.38 19.79 26.82
CA VAL A 1057 -14.38 20.54 27.59
C VAL A 1057 -14.18 20.22 29.07
N VAL A 1058 -14.41 21.21 29.93
CA VAL A 1058 -14.28 21.07 31.37
C VAL A 1058 -15.65 21.25 32.01
N PHE A 1059 -16.09 20.26 32.75
CA PHE A 1059 -17.40 20.26 33.40
C PHE A 1059 -17.24 20.66 34.86
N LEU A 1060 -18.11 21.57 35.32
CA LEU A 1060 -18.19 21.93 36.73
C LEU A 1060 -19.56 21.51 37.25
N HIS A 1061 -19.59 20.50 38.11
CA HIS A 1061 -20.83 19.91 38.58
C HIS A 1061 -21.18 20.44 39.97
N VAL A 1062 -22.43 20.84 40.14
CA VAL A 1062 -22.95 21.27 41.44
C VAL A 1062 -23.78 20.12 42.00
N THR A 1063 -23.34 19.57 43.13
CA THR A 1063 -23.95 18.40 43.72
C THR A 1063 -24.44 18.71 45.13
N TYR A 1064 -25.36 17.87 45.62
CA TYR A 1064 -25.96 17.99 46.94
C TYR A 1064 -25.49 16.80 47.79
N VAL A 1065 -24.62 17.07 48.75
CA VAL A 1065 -24.01 16.05 49.59
C VAL A 1065 -24.44 16.29 51.05
N PRO A 1066 -25.13 15.37 51.69
CA PRO A 1066 -25.39 15.50 53.13
C PRO A 1066 -24.15 15.17 53.94
N ALA A 1067 -24.08 15.73 55.15
CA ALA A 1067 -22.88 15.64 55.97
C ALA A 1067 -23.15 14.99 57.32
N GLN A 1068 -23.78 15.69 58.25
CA GLN A 1068 -23.92 15.23 59.63
C GLN A 1068 -25.26 14.52 59.82
N GLU A 1069 -25.19 13.31 60.38
CA GLU A 1069 -26.35 12.45 60.55
C GLU A 1069 -26.49 12.06 62.02
N LYS A 1070 -27.68 11.61 62.38
CA LYS A 1070 -27.97 11.21 63.76
C LYS A 1070 -28.88 10.00 63.76
N ASN A 1071 -28.57 9.02 64.60
CA ASN A 1071 -29.30 7.76 64.64
C ASN A 1071 -30.62 7.92 65.37
N PHE A 1072 -31.72 7.52 64.71
CA PHE A 1072 -33.07 7.61 65.23
C PHE A 1072 -33.71 6.22 65.25
N THR A 1073 -34.80 6.11 66.00
CA THR A 1073 -35.54 4.85 66.12
C THR A 1073 -36.74 4.86 65.18
N THR A 1074 -36.85 3.82 64.35
CA THR A 1074 -37.87 3.75 63.31
C THR A 1074 -38.88 2.64 63.62
N ALA A 1075 -39.82 2.44 62.67
CA ALA A 1075 -40.95 1.52 62.67
C ALA A 1075 -41.62 1.57 61.29
N PRO A 1076 -42.03 0.42 60.74
CA PRO A 1076 -42.70 0.45 59.43
C PRO A 1076 -44.12 0.99 59.47
N ALA A 1077 -44.85 0.84 60.57
CA ALA A 1077 -46.24 1.25 60.65
C ALA A 1077 -46.60 1.51 62.10
N ILE A 1078 -47.71 2.24 62.28
CA ILE A 1078 -48.27 2.51 63.59
C ILE A 1078 -49.69 1.95 63.64
N CYS A 1079 -50.16 1.71 64.86
CA CYS A 1079 -51.46 1.07 65.10
C CYS A 1079 -52.28 1.98 66.01
N HIS A 1080 -53.51 2.30 65.56
CA HIS A 1080 -54.38 3.20 66.32
C HIS A 1080 -55.69 2.51 66.67
N ASP A 1081 -56.61 2.35 65.71
CA ASP A 1081 -57.93 1.80 65.95
C ASP A 1081 -58.01 0.29 65.72
N GLY A 1082 -56.88 -0.35 65.44
CA GLY A 1082 -56.86 -1.74 65.00
C GLY A 1082 -56.50 -1.90 63.55
N LYS A 1083 -56.41 -0.80 62.79
CA LYS A 1083 -55.98 -0.82 61.41
C LYS A 1083 -54.61 -0.17 61.30
N ALA A 1084 -53.78 -0.70 60.40
CA ALA A 1084 -52.43 -0.19 60.24
C ALA A 1084 -52.42 1.10 59.43
N HIS A 1085 -51.63 2.06 59.90
CA HIS A 1085 -51.45 3.33 59.22
C HIS A 1085 -50.07 3.34 58.57
N PHE A 1086 -50.04 3.27 57.23
CA PHE A 1086 -48.84 3.26 56.40
C PHE A 1086 -48.48 4.68 55.96
N PRO A 1087 -47.19 5.02 55.94
CA PRO A 1087 -46.80 6.36 55.47
C PRO A 1087 -46.91 6.50 53.97
N ARG A 1088 -47.36 7.67 53.52
CA ARG A 1088 -47.42 7.96 52.09
C ARG A 1088 -46.05 8.36 51.57
N GLU A 1089 -45.53 9.49 52.04
CA GLU A 1089 -44.19 9.96 51.68
C GLU A 1089 -43.40 10.18 52.96
N GLY A 1090 -42.21 9.61 53.02
CA GLY A 1090 -41.32 9.81 54.15
C GLY A 1090 -41.26 8.62 55.09
N VAL A 1091 -40.60 8.86 56.22
CA VAL A 1091 -40.25 7.82 57.18
C VAL A 1091 -40.84 8.15 58.54
N PHE A 1092 -40.86 7.15 59.41
CA PHE A 1092 -41.23 7.31 60.81
C PHE A 1092 -39.97 7.29 61.65
N VAL A 1093 -39.77 8.35 62.46
CA VAL A 1093 -38.63 8.44 63.36
C VAL A 1093 -39.14 8.64 64.78
N SER A 1094 -38.24 8.42 65.74
CA SER A 1094 -38.57 8.63 67.15
C SER A 1094 -37.34 9.17 67.86
N ASN A 1095 -37.57 10.12 68.76
CA ASN A 1095 -36.53 10.64 69.64
C ASN A 1095 -36.49 9.93 70.99
N GLY A 1096 -37.31 8.89 71.16
CA GLY A 1096 -37.41 8.17 72.42
C GLY A 1096 -38.71 8.41 73.17
N THR A 1097 -39.54 9.35 72.72
CA THR A 1097 -40.80 9.63 73.39
C THR A 1097 -41.96 9.59 72.40
N HIS A 1098 -41.98 10.51 71.44
CA HIS A 1098 -43.04 10.61 70.46
C HIS A 1098 -42.53 10.21 69.08
N TRP A 1099 -43.44 9.69 68.26
CA TRP A 1099 -43.13 9.31 66.89
C TRP A 1099 -43.39 10.49 65.96
N PHE A 1100 -42.41 10.80 65.12
CA PHE A 1100 -42.46 11.94 64.22
C PHE A 1100 -42.44 11.46 62.78
N VAL A 1101 -43.00 12.28 61.89
CA VAL A 1101 -43.02 12.02 60.46
C VAL A 1101 -42.00 12.96 59.81
N THR A 1102 -40.92 12.39 59.29
CA THR A 1102 -39.88 13.15 58.60
C THR A 1102 -39.66 12.58 57.21
N GLN A 1103 -38.62 13.04 56.53
CA GLN A 1103 -38.27 12.63 55.18
C GLN A 1103 -36.87 12.04 55.19
N ARG A 1104 -36.52 11.38 54.09
CA ARG A 1104 -35.23 10.70 53.99
C ARG A 1104 -34.08 11.68 53.83
N ASN A 1105 -34.32 12.84 53.22
CA ASN A 1105 -33.25 13.73 52.80
C ASN A 1105 -32.96 14.86 53.79
N PHE A 1106 -33.70 14.98 54.88
CA PHE A 1106 -33.68 16.11 55.81
C PHE A 1106 -34.55 15.77 57.00
N TYR A 1107 -34.36 16.53 58.08
CA TYR A 1107 -35.08 16.31 59.34
C TYR A 1107 -36.04 17.48 59.55
N GLU A 1108 -37.34 17.20 59.39
CA GLU A 1108 -38.41 18.15 59.66
C GLU A 1108 -39.48 17.42 60.45
N PRO A 1109 -39.43 17.47 61.79
CA PRO A 1109 -40.41 16.72 62.60
C PRO A 1109 -41.80 17.33 62.56
N GLN A 1110 -42.80 16.47 62.36
CA GLN A 1110 -44.19 16.88 62.25
C GLN A 1110 -45.06 15.93 63.09
N ILE A 1111 -46.26 16.39 63.40
CA ILE A 1111 -47.23 15.53 64.06
C ILE A 1111 -47.83 14.55 63.04
N ILE A 1112 -48.34 13.44 63.55
CA ILE A 1112 -48.93 12.41 62.70
C ILE A 1112 -50.35 12.81 62.37
N THR A 1113 -50.65 12.96 61.08
CA THR A 1113 -51.95 13.38 60.60
C THR A 1113 -52.52 12.32 59.67
N THR A 1114 -53.85 12.40 59.44
CA THR A 1114 -54.51 11.45 58.56
C THR A 1114 -54.20 11.71 57.08
N ASP A 1115 -53.82 12.94 56.73
CA ASP A 1115 -53.46 13.24 55.35
C ASP A 1115 -52.07 12.72 54.98
N ASN A 1116 -51.19 12.53 55.97
CA ASN A 1116 -49.85 12.01 55.73
C ASN A 1116 -49.76 10.50 55.92
N THR A 1117 -50.85 9.84 56.31
CA THR A 1117 -50.87 8.41 56.53
C THR A 1117 -51.92 7.76 55.64
N PHE A 1118 -51.78 6.45 55.46
CA PHE A 1118 -52.69 5.68 54.62
C PHE A 1118 -53.09 4.41 55.36
N VAL A 1119 -54.39 4.11 55.34
CA VAL A 1119 -54.94 3.01 56.12
C VAL A 1119 -55.08 1.79 55.21
N SER A 1120 -54.29 0.76 55.49
CA SER A 1120 -54.43 -0.53 54.82
C SER A 1120 -54.11 -1.65 55.79
N GLY A 1121 -54.96 -2.68 55.80
CA GLY A 1121 -54.74 -3.85 56.63
C GLY A 1121 -55.00 -3.62 58.11
N ASN A 1122 -54.84 -4.69 58.88
CA ASN A 1122 -54.93 -4.65 60.33
C ASN A 1122 -53.51 -4.61 60.93
N CYS A 1123 -53.44 -4.69 62.25
CA CYS A 1123 -52.18 -4.58 62.96
C CYS A 1123 -51.51 -5.92 63.24
N ASP A 1124 -52.10 -7.03 62.79
CA ASP A 1124 -51.55 -8.36 63.04
C ASP A 1124 -50.69 -8.89 61.90
N VAL A 1125 -50.47 -8.09 60.85
CA VAL A 1125 -49.70 -8.52 59.69
C VAL A 1125 -48.26 -8.01 59.80
N VAL A 1126 -48.12 -6.68 59.87
CA VAL A 1126 -46.81 -6.03 59.72
C VAL A 1126 -45.98 -6.24 60.98
N ILE A 1127 -44.78 -6.79 60.81
CA ILE A 1127 -43.87 -7.04 61.93
C ILE A 1127 -43.18 -5.74 62.31
N GLY A 1128 -43.30 -5.34 63.57
CA GLY A 1128 -42.69 -4.12 64.06
C GLY A 1128 -43.63 -2.95 64.23
N ILE A 1129 -44.93 -3.17 64.18
CA ILE A 1129 -45.90 -2.10 64.34
C ILE A 1129 -46.04 -1.75 65.82
N VAL A 1130 -46.19 -0.46 66.11
CA VAL A 1130 -46.31 0.03 67.47
C VAL A 1130 -47.66 0.72 67.65
N ASN A 1131 -48.07 0.87 68.91
CA ASN A 1131 -49.33 1.51 69.24
C ASN A 1131 -49.13 3.02 69.40
N ASN A 1132 -49.97 3.79 68.73
CA ASN A 1132 -49.87 5.25 68.77
C ASN A 1132 -51.29 5.79 68.55
N THR A 1133 -51.44 7.11 68.65
CA THR A 1133 -52.70 7.80 68.42
C THR A 1133 -52.53 8.77 67.26
N VAL A 1134 -53.27 8.53 66.18
CA VAL A 1134 -53.22 9.39 65.00
C VAL A 1134 -54.06 10.63 65.27
N TYR A 1135 -53.44 11.81 65.16
CA TYR A 1135 -54.15 13.05 65.41
C TYR A 1135 -55.02 13.42 64.22
N ASP A 1136 -56.28 13.72 64.49
CA ASP A 1136 -57.23 14.12 63.46
C ASP A 1136 -57.47 15.62 63.59
N PRO A 1137 -57.18 16.43 62.57
CA PRO A 1137 -57.45 17.87 62.67
C PRO A 1137 -58.92 18.24 62.62
N LEU A 1138 -59.80 17.34 62.14
CA LEU A 1138 -61.23 17.62 62.11
C LEU A 1138 -61.89 17.51 63.47
N GLN A 1139 -61.26 16.79 64.41
CA GLN A 1139 -61.83 16.66 65.75
C GLN A 1139 -61.83 17.93 66.60
N PRO A 1140 -60.78 18.78 66.65
CA PRO A 1140 -60.97 20.09 67.30
C PRO A 1140 -61.86 21.06 66.53
N GLU A 1141 -62.08 20.85 65.23
CA GLU A 1141 -62.95 21.76 64.48
C GLU A 1141 -64.43 21.49 64.77
N LEU A 1142 -64.77 20.28 65.22
CA LEU A 1142 -66.15 20.00 65.60
C LEU A 1142 -66.50 20.58 66.97
N ASP A 1143 -65.51 20.69 67.85
CA ASP A 1143 -65.73 21.22 69.18
C ASP A 1143 -65.53 22.74 69.26
N SER A 1144 -65.21 23.38 68.14
CA SER A 1144 -65.00 24.83 68.13
C SER A 1144 -65.72 25.47 66.95
N GLN B 14 14.67 -74.67 -14.82
CA GLN B 14 14.86 -73.25 -14.57
C GLN B 14 13.93 -72.43 -15.46
N CYS B 15 13.97 -72.71 -16.76
CA CYS B 15 13.09 -72.05 -17.72
C CYS B 15 11.81 -72.82 -17.99
N VAL B 16 11.61 -73.94 -17.31
CA VAL B 16 10.43 -74.79 -17.48
C VAL B 16 9.32 -74.24 -16.60
N ASN B 17 8.16 -73.97 -17.20
CA ASN B 17 7.02 -73.46 -16.45
C ASN B 17 6.39 -74.58 -15.63
N LEU B 18 6.14 -74.28 -14.35
CA LEU B 18 5.59 -75.27 -13.43
C LEU B 18 4.11 -75.51 -13.68
N THR B 19 3.62 -76.63 -13.14
CA THR B 19 2.21 -76.98 -13.22
C THR B 19 1.35 -76.02 -12.38
N THR B 20 1.89 -75.56 -11.26
CA THR B 20 1.19 -74.63 -10.37
C THR B 20 1.10 -73.21 -10.90
N ARG B 21 1.84 -72.86 -11.96
CA ARG B 21 1.74 -71.55 -12.57
C ARG B 21 0.49 -71.50 -13.44
N THR B 22 -0.43 -70.59 -13.11
CA THR B 22 -1.69 -70.47 -13.84
C THR B 22 -2.21 -69.06 -13.72
N GLN B 23 -3.17 -68.72 -14.58
CA GLN B 23 -3.78 -67.40 -14.55
C GLN B 23 -4.83 -67.34 -13.44
N LEU B 24 -4.75 -66.26 -12.64
CA LEU B 24 -5.81 -66.04 -11.62
C LEU B 24 -6.24 -64.58 -11.75
N PRO B 25 -7.55 -64.26 -11.77
CA PRO B 25 -7.99 -62.86 -11.74
C PRO B 25 -7.61 -62.29 -10.37
N PRO B 26 -7.49 -60.95 -10.19
CA PRO B 26 -6.99 -60.39 -8.92
C PRO B 26 -8.04 -59.98 -7.86
N ALA B 27 -7.92 -60.52 -6.66
CA ALA B 27 -8.82 -60.13 -5.58
C ALA B 27 -8.16 -59.09 -4.68
N TYR B 28 -8.96 -58.11 -4.24
CA TYR B 28 -8.42 -56.93 -3.58
C TYR B 28 -9.09 -56.73 -2.23
N THR B 29 -8.34 -56.13 -1.30
CA THR B 29 -8.83 -55.76 0.02
C THR B 29 -8.70 -54.26 0.24
N ASN B 30 -9.00 -53.78 1.44
CA ASN B 30 -8.95 -52.37 1.76
C ASN B 30 -8.23 -52.15 3.08
N SER B 31 -7.29 -51.22 3.10
CA SER B 31 -6.61 -50.81 4.32
C SER B 31 -7.41 -49.72 5.02
N PHE B 32 -7.41 -49.74 6.35
CA PHE B 32 -8.30 -48.85 7.08
C PHE B 32 -7.55 -47.67 7.69
N THR B 33 -6.87 -47.87 8.83
CA THR B 33 -6.00 -46.84 9.39
C THR B 33 -4.52 -47.07 9.12
N ARG B 34 -4.15 -48.16 8.47
CA ARG B 34 -2.75 -48.56 8.37
C ARG B 34 -1.99 -47.73 7.33
N GLY B 35 -0.67 -47.77 7.44
CA GLY B 35 0.20 -47.06 6.52
C GLY B 35 0.83 -45.79 7.02
N VAL B 36 0.82 -45.54 8.33
CA VAL B 36 1.32 -44.30 8.90
C VAL B 36 2.69 -44.56 9.53
N TYR B 37 3.68 -43.75 9.14
CA TYR B 37 5.05 -43.90 9.61
C TYR B 37 5.55 -42.54 10.09
N TYR B 38 6.71 -42.56 10.76
CA TYR B 38 7.37 -41.32 11.16
C TYR B 38 7.97 -40.63 9.94
N PRO B 39 7.54 -39.40 9.61
CA PRO B 39 8.14 -38.71 8.46
C PRO B 39 9.56 -38.23 8.70
N ASP B 40 9.94 -37.99 9.94
CA ASP B 40 11.30 -37.58 10.28
C ASP B 40 11.64 -38.10 11.68
N LYS B 41 12.86 -37.83 12.10
CA LYS B 41 13.34 -38.24 13.41
C LYS B 41 13.19 -37.15 14.46
N VAL B 42 12.57 -36.02 14.12
CA VAL B 42 12.41 -34.92 15.05
C VAL B 42 11.32 -35.25 16.06
N PHE B 43 11.67 -35.21 17.35
CA PHE B 43 10.72 -35.50 18.42
C PHE B 43 9.78 -34.31 18.61
N ARG B 44 8.48 -34.60 18.68
CA ARG B 44 7.47 -33.62 19.06
C ARG B 44 6.53 -34.27 20.07
N SER B 45 6.24 -33.57 21.16
CA SER B 45 5.46 -34.13 22.25
C SER B 45 4.13 -33.40 22.39
N SER B 46 3.04 -34.18 22.28
CA SER B 46 1.65 -33.80 22.58
C SER B 46 1.13 -32.64 21.72
N VAL B 47 1.64 -32.53 20.50
CA VAL B 47 1.23 -31.49 19.56
C VAL B 47 0.82 -32.13 18.25
N LEU B 48 0.15 -31.33 17.42
CA LEU B 48 -0.38 -31.77 16.13
C LEU B 48 0.46 -31.14 15.03
N HIS B 49 1.21 -31.97 14.31
CA HIS B 49 2.12 -31.51 13.27
C HIS B 49 1.60 -31.92 11.90
N SER B 50 1.75 -31.02 10.94
CA SER B 50 1.32 -31.25 9.56
C SER B 50 2.54 -31.28 8.66
N THR B 51 2.62 -32.30 7.80
CA THR B 51 3.72 -32.44 6.86
C THR B 51 3.22 -33.16 5.61
N GLN B 52 4.00 -33.07 4.54
CA GLN B 52 3.64 -33.65 3.25
C GLN B 52 4.74 -34.59 2.79
N ASP B 53 4.40 -35.85 2.61
CA ASP B 53 5.31 -36.88 2.12
C ASP B 53 4.44 -37.91 1.39
N LEU B 54 5.06 -38.92 0.79
CA LEU B 54 4.31 -39.99 0.12
C LEU B 54 3.78 -40.94 1.19
N PHE B 55 2.46 -41.03 1.30
CA PHE B 55 1.77 -41.79 2.33
C PHE B 55 0.82 -42.78 1.69
N LEU B 56 0.39 -43.77 2.48
CA LEU B 56 -0.71 -44.64 2.08
C LEU B 56 -2.01 -43.95 2.47
N PRO B 57 -2.89 -43.63 1.51
CA PRO B 57 -4.10 -42.88 1.85
C PRO B 57 -5.15 -43.77 2.51
N PHE B 58 -6.01 -43.12 3.30
CA PHE B 58 -7.17 -43.80 3.85
C PHE B 58 -8.20 -44.00 2.74
N PHE B 59 -8.99 -45.09 2.88
CA PHE B 59 -9.90 -45.64 1.86
C PHE B 59 -9.16 -45.88 0.53
N SER B 60 -8.32 -46.91 0.55
CA SER B 60 -7.51 -47.28 -0.61
C SER B 60 -7.66 -48.76 -0.91
N ASN B 61 -7.59 -49.10 -2.19
CA ASN B 61 -7.72 -50.47 -2.64
C ASN B 61 -6.34 -51.09 -2.79
N VAL B 62 -6.04 -52.07 -1.94
CA VAL B 62 -4.79 -52.82 -2.00
C VAL B 62 -5.08 -54.22 -2.54
N THR B 63 -4.13 -54.78 -3.28
CA THR B 63 -4.37 -56.03 -3.99
C THR B 63 -3.86 -57.21 -3.18
N TRP B 64 -4.77 -58.12 -2.84
CA TRP B 64 -4.49 -59.24 -1.94
C TRP B 64 -3.92 -60.42 -2.71
N PHE B 65 -2.89 -61.05 -2.14
CA PHE B 65 -2.18 -62.15 -2.75
C PHE B 65 -2.29 -63.39 -1.87
N HIS B 66 -2.04 -64.56 -2.47
CA HIS B 66 -2.21 -65.82 -1.74
C HIS B 66 -1.15 -66.81 -2.19
N VAL B 67 -0.66 -67.59 -1.22
CA VAL B 67 0.24 -68.71 -1.48
C VAL B 67 -0.19 -69.88 -0.60
N ILE B 68 -0.34 -71.06 -1.22
CA ILE B 68 -0.73 -72.26 -0.50
C ILE B 68 -0.06 -73.48 -1.12
N LYS B 75 -1.30 -75.06 -3.92
CA LYS B 75 -1.30 -75.47 -5.31
C LYS B 75 -1.15 -74.27 -6.25
N ARG B 76 -0.90 -73.10 -5.66
CA ARG B 76 -0.78 -71.88 -6.44
C ARG B 76 0.15 -70.91 -5.73
N PHE B 77 0.77 -70.04 -6.51
CA PHE B 77 1.68 -69.02 -5.99
C PHE B 77 1.52 -67.75 -6.81
N ASP B 78 1.48 -66.62 -6.12
CA ASP B 78 1.20 -65.31 -6.73
C ASP B 78 2.49 -64.49 -6.77
N ASN B 79 3.00 -64.25 -7.97
CA ASN B 79 4.04 -63.25 -8.19
C ASN B 79 3.80 -62.50 -9.50
N PRO B 80 2.92 -61.49 -9.48
CA PRO B 80 2.86 -60.57 -10.62
C PRO B 80 4.00 -59.56 -10.56
N VAL B 81 4.23 -58.89 -11.68
CA VAL B 81 5.26 -57.86 -11.75
C VAL B 81 4.57 -56.51 -11.67
N LEU B 82 4.73 -55.85 -10.52
CA LEU B 82 4.13 -54.57 -10.16
C LEU B 82 5.15 -53.44 -10.27
N PRO B 83 4.81 -52.31 -10.90
CA PRO B 83 5.77 -51.20 -11.01
C PRO B 83 6.02 -50.49 -9.69
N PHE B 84 7.27 -50.03 -9.52
CA PHE B 84 7.73 -49.37 -8.31
C PHE B 84 7.23 -47.93 -8.19
N ASN B 85 6.83 -47.30 -9.30
CA ASN B 85 6.68 -45.85 -9.35
C ASN B 85 5.42 -45.34 -8.65
N ASP B 86 4.49 -46.24 -8.30
CA ASP B 86 3.37 -45.88 -7.46
C ASP B 86 3.64 -46.07 -5.98
N GLY B 87 4.79 -46.62 -5.62
CA GLY B 87 5.14 -46.80 -4.22
C GLY B 87 4.87 -48.22 -3.74
N VAL B 88 5.56 -48.59 -2.67
CA VAL B 88 5.51 -49.93 -2.11
C VAL B 88 5.01 -49.85 -0.67
N TYR B 89 3.89 -50.51 -0.40
CA TYR B 89 3.44 -50.77 0.97
C TYR B 89 3.26 -52.27 1.12
N PHE B 90 4.02 -52.88 2.02
CA PHE B 90 3.98 -54.32 2.25
C PHE B 90 3.42 -54.59 3.63
N ALA B 91 2.59 -55.63 3.74
CA ALA B 91 2.18 -56.19 5.02
C ALA B 91 1.92 -57.68 4.81
N SER B 92 2.28 -58.50 5.80
CA SER B 92 2.14 -59.95 5.69
C SER B 92 1.72 -60.54 7.02
N ILE B 93 0.75 -61.45 6.97
CA ILE B 93 0.30 -62.20 8.13
C ILE B 93 0.66 -63.67 7.88
N GLU B 94 1.65 -64.18 8.62
CA GLU B 94 2.17 -65.52 8.38
C GLU B 94 2.83 -66.03 9.65
N LYS B 95 3.09 -67.34 9.68
CA LYS B 95 3.71 -67.96 10.85
C LYS B 95 5.22 -68.03 10.71
N SER B 96 5.71 -68.87 9.81
CA SER B 96 7.10 -69.29 9.76
C SER B 96 7.99 -68.41 8.89
N ASN B 97 7.48 -67.27 8.40
CA ASN B 97 8.16 -66.27 7.57
C ASN B 97 8.65 -66.88 6.26
N ILE B 98 7.68 -67.13 5.38
CA ILE B 98 7.92 -67.71 4.05
C ILE B 98 8.69 -66.74 3.16
N ILE B 99 8.38 -65.44 3.23
CA ILE B 99 8.97 -64.46 2.33
C ILE B 99 10.38 -64.13 2.80
N ARG B 100 11.37 -64.39 1.95
CA ARG B 100 12.78 -64.23 2.28
C ARG B 100 13.35 -62.90 1.82
N GLY B 101 12.58 -62.09 1.11
CA GLY B 101 13.08 -60.83 0.59
C GLY B 101 12.39 -60.48 -0.71
N TRP B 102 13.00 -59.55 -1.44
CA TRP B 102 12.44 -59.03 -2.68
C TRP B 102 13.54 -58.87 -3.73
N ILE B 103 13.10 -58.69 -4.97
CA ILE B 103 13.97 -58.38 -6.10
C ILE B 103 13.61 -56.97 -6.57
N PHE B 104 14.59 -56.06 -6.56
CA PHE B 104 14.40 -54.69 -7.00
C PHE B 104 15.29 -54.44 -8.22
N GLY B 105 14.66 -54.11 -9.34
CA GLY B 105 15.40 -53.93 -10.58
C GLY B 105 14.65 -53.05 -11.55
N THR B 106 15.21 -52.93 -12.74
CA THR B 106 14.64 -52.09 -13.80
C THR B 106 14.37 -52.90 -15.06
N THR B 107 15.41 -53.34 -15.77
CA THR B 107 15.22 -54.10 -16.99
C THR B 107 15.29 -55.61 -16.78
N LEU B 108 15.45 -56.04 -15.51
CA LEU B 108 15.37 -57.45 -15.04
C LEU B 108 16.42 -58.35 -15.68
N ASP B 109 17.61 -57.80 -15.91
CA ASP B 109 18.75 -58.57 -16.43
C ASP B 109 20.04 -57.94 -15.91
N SER B 110 21.17 -58.35 -16.47
CA SER B 110 22.48 -57.90 -16.01
C SER B 110 22.94 -56.62 -16.70
N LYS B 111 22.12 -55.99 -17.53
CA LYS B 111 22.53 -54.77 -18.22
C LYS B 111 22.56 -53.55 -17.31
N THR B 112 21.84 -53.57 -16.19
CA THR B 112 21.83 -52.45 -15.27
C THR B 112 21.99 -52.98 -13.85
N GLN B 113 22.05 -52.05 -12.89
CA GLN B 113 22.18 -52.43 -11.49
C GLN B 113 20.83 -52.86 -10.93
N SER B 114 20.90 -53.73 -9.92
CA SER B 114 19.70 -54.25 -9.28
C SER B 114 19.96 -54.49 -7.80
N LEU B 115 18.90 -54.47 -7.01
CA LEU B 115 18.98 -54.61 -5.56
C LEU B 115 18.28 -55.87 -5.12
N LEU B 116 18.93 -56.64 -4.25
CA LEU B 116 18.43 -57.92 -3.77
C LEU B 116 18.57 -58.00 -2.26
N ILE B 117 17.51 -58.48 -1.59
CA ILE B 117 17.49 -58.66 -0.15
C ILE B 117 17.29 -60.14 0.13
N VAL B 118 18.26 -60.74 0.83
CA VAL B 118 18.19 -62.15 1.20
C VAL B 118 18.24 -62.25 2.73
N ASN B 119 17.17 -62.79 3.32
CA ASN B 119 17.08 -62.95 4.77
C ASN B 119 17.26 -64.43 5.08
N ASN B 120 18.42 -64.78 5.65
CA ASN B 120 18.72 -66.13 6.12
C ASN B 120 18.49 -66.29 7.62
N ALA B 121 17.91 -65.26 8.27
CA ALA B 121 17.58 -65.05 9.70
C ALA B 121 18.80 -64.78 10.57
N THR B 122 20.02 -64.78 10.02
CA THR B 122 21.22 -64.41 10.77
C THR B 122 21.68 -63.02 10.37
N ASN B 123 22.27 -62.85 9.18
CA ASN B 123 22.75 -61.56 8.71
C ASN B 123 22.18 -61.32 7.32
N VAL B 124 21.32 -60.31 7.20
CA VAL B 124 20.62 -60.05 5.94
C VAL B 124 21.57 -59.42 4.95
N VAL B 125 21.74 -60.06 3.79
CA VAL B 125 22.68 -59.63 2.77
C VAL B 125 21.98 -58.66 1.83
N ILE B 126 22.47 -57.43 1.79
CA ILE B 126 21.94 -56.39 0.92
C ILE B 126 23.07 -55.95 -0.01
N LYS B 127 22.94 -56.26 -1.30
CA LYS B 127 23.97 -55.94 -2.27
C LYS B 127 23.35 -55.31 -3.51
N VAL B 128 24.09 -54.41 -4.14
CA VAL B 128 23.73 -53.84 -5.43
C VAL B 128 24.78 -54.31 -6.43
N CYS B 129 24.39 -55.21 -7.34
CA CYS B 129 25.33 -55.76 -8.30
C CYS B 129 24.56 -56.13 -9.56
N GLU B 130 25.28 -56.72 -10.52
CA GLU B 130 24.67 -57.15 -11.79
C GLU B 130 24.26 -58.60 -11.65
N PHE B 131 22.95 -58.86 -11.65
CA PHE B 131 22.39 -60.18 -11.45
C PHE B 131 21.58 -60.58 -12.67
N GLN B 132 21.36 -61.89 -12.83
CA GLN B 132 20.52 -62.42 -13.91
C GLN B 132 19.23 -62.95 -13.30
N PHE B 133 18.10 -62.46 -13.79
CA PHE B 133 16.81 -62.74 -13.18
C PHE B 133 15.98 -63.69 -14.02
N CYS B 134 15.34 -64.65 -13.33
CA CYS B 134 14.42 -65.58 -13.97
C CYS B 134 12.99 -65.08 -13.76
N ASN B 135 12.01 -65.87 -14.21
CA ASN B 135 10.61 -65.48 -14.05
C ASN B 135 10.14 -65.68 -12.62
N ASP B 136 10.34 -66.88 -12.07
CA ASP B 136 9.93 -67.22 -10.70
C ASP B 136 11.12 -67.86 -10.01
N PRO B 137 11.93 -67.08 -9.30
CA PRO B 137 13.09 -67.67 -8.61
C PRO B 137 12.68 -68.45 -7.37
N PHE B 138 13.45 -69.49 -7.07
CA PHE B 138 13.14 -70.41 -5.99
C PHE B 138 14.25 -70.42 -4.95
N LEU B 139 13.86 -70.72 -3.70
CA LEU B 139 14.80 -70.93 -2.61
C LEU B 139 14.42 -72.20 -1.87
N ASP B 140 15.40 -73.09 -1.69
CA ASP B 140 15.15 -74.39 -1.07
C ASP B 140 15.00 -74.25 0.45
N VAL B 154 17.87 -67.72 -8.20
CA VAL B 154 17.76 -66.27 -7.99
C VAL B 154 18.70 -65.51 -8.92
N TYR B 155 19.99 -65.87 -8.91
CA TYR B 155 20.92 -65.32 -9.89
C TYR B 155 21.97 -66.37 -10.22
N SER B 156 22.33 -66.45 -11.50
CA SER B 156 23.32 -67.42 -11.95
C SER B 156 24.74 -66.98 -11.64
N SER B 157 25.08 -65.73 -11.98
CA SER B 157 26.44 -65.23 -11.79
C SER B 157 26.37 -63.72 -11.60
N ALA B 158 27.46 -63.17 -11.07
CA ALA B 158 27.54 -61.75 -10.79
C ALA B 158 28.97 -61.25 -10.95
N ASN B 159 29.10 -60.06 -11.52
CA ASN B 159 30.38 -59.36 -11.63
C ASN B 159 30.12 -57.85 -11.69
N ASN B 160 31.23 -57.10 -11.68
CA ASN B 160 31.32 -55.63 -11.87
C ASN B 160 30.47 -54.86 -10.86
N CYS B 161 30.83 -55.01 -9.58
CA CYS B 161 30.24 -54.20 -8.52
C CYS B 161 31.24 -54.00 -7.39
N THR B 162 31.29 -52.78 -6.86
CA THR B 162 32.13 -52.45 -5.71
C THR B 162 31.36 -52.39 -4.40
N PHE B 163 30.05 -52.62 -4.41
CA PHE B 163 29.20 -52.37 -3.25
C PHE B 163 28.91 -53.68 -2.53
N GLU B 164 29.30 -53.75 -1.26
CA GLU B 164 28.96 -54.86 -0.37
C GLU B 164 28.49 -54.29 0.96
N TYR B 165 27.35 -54.77 1.44
CA TYR B 165 26.77 -54.28 2.68
C TYR B 165 26.15 -55.43 3.45
N VAL B 166 26.37 -55.42 4.77
CA VAL B 166 25.77 -56.40 5.67
C VAL B 166 24.93 -55.66 6.71
N SER B 167 24.00 -56.39 7.32
CA SER B 167 23.10 -55.86 8.32
C SER B 167 23.61 -56.20 9.72
N GLN B 168 22.80 -55.90 10.72
CA GLN B 168 23.09 -56.31 12.09
C GLN B 168 22.70 -57.77 12.30
N PRO B 169 23.50 -58.53 13.04
CA PRO B 169 23.17 -59.95 13.26
C PRO B 169 22.06 -60.12 14.28
N PHE B 170 21.23 -61.15 14.06
CA PHE B 170 20.12 -61.48 14.95
C PHE B 170 19.85 -62.97 14.84
N LEU B 171 18.85 -63.44 15.58
CA LEU B 171 18.47 -64.85 15.57
C LEU B 171 16.95 -64.95 15.52
N MET B 172 16.46 -65.65 14.49
CA MET B 172 15.03 -65.93 14.35
C MET B 172 14.85 -67.40 14.04
N ASP B 173 13.63 -67.90 14.19
CA ASP B 173 13.31 -69.29 13.93
C ASP B 173 12.41 -69.38 12.70
N LEU B 174 12.86 -70.14 11.70
CA LEU B 174 12.10 -70.33 10.47
C LEU B 174 11.14 -71.51 10.54
N GLU B 175 11.10 -72.22 11.66
CA GLU B 175 10.17 -73.33 11.83
C GLU B 175 8.76 -72.80 12.09
N GLY B 176 7.78 -73.67 11.85
CA GLY B 176 6.39 -73.29 12.04
C GLY B 176 6.00 -73.24 13.50
N LYS B 177 4.97 -72.45 13.78
CA LYS B 177 4.47 -72.23 15.14
C LYS B 177 3.00 -72.62 15.22
N GLN B 178 2.53 -72.81 16.45
CA GLN B 178 1.15 -73.17 16.71
C GLN B 178 0.39 -71.95 17.22
N GLY B 179 -0.89 -72.17 17.54
CA GLY B 179 -1.72 -71.09 18.05
C GLY B 179 -2.21 -70.17 16.95
N ASN B 180 -2.28 -68.88 17.27
CA ASN B 180 -2.76 -67.87 16.33
C ASN B 180 -1.60 -67.35 15.49
N PHE B 181 -1.84 -66.27 14.76
CA PHE B 181 -0.85 -65.69 13.85
C PHE B 181 -0.07 -64.62 14.62
N LYS B 182 1.18 -64.91 14.92
CA LYS B 182 1.97 -64.09 15.83
C LYS B 182 2.92 -63.10 15.13
N ASN B 183 2.97 -63.09 13.80
CA ASN B 183 3.95 -62.28 13.08
C ASN B 183 3.23 -61.40 12.07
N LEU B 184 3.35 -60.09 12.25
CA LEU B 184 2.88 -59.10 11.29
C LEU B 184 4.03 -58.13 11.01
N ARG B 185 4.54 -58.13 9.79
CA ARG B 185 5.64 -57.27 9.38
C ARG B 185 5.12 -56.28 8.34
N GLU B 186 5.11 -55.01 8.68
CA GLU B 186 4.61 -53.96 7.81
C GLU B 186 5.78 -53.10 7.35
N PHE B 187 6.06 -53.11 6.05
CA PHE B 187 7.21 -52.42 5.47
C PHE B 187 6.74 -51.38 4.46
N VAL B 188 7.40 -50.22 4.48
CA VAL B 188 7.18 -49.16 3.50
C VAL B 188 8.50 -48.92 2.79
N PHE B 189 8.51 -49.14 1.48
CA PHE B 189 9.70 -48.97 0.65
C PHE B 189 9.47 -47.84 -0.33
N LYS B 190 10.40 -46.88 -0.37
CA LYS B 190 10.26 -45.73 -1.25
C LYS B 190 11.65 -45.22 -1.61
N ASN B 191 11.71 -44.43 -2.68
CA ASN B 191 12.94 -43.80 -3.14
C ASN B 191 12.66 -42.31 -3.29
N ILE B 192 13.28 -41.50 -2.45
CA ILE B 192 13.16 -40.04 -2.50
C ILE B 192 14.57 -39.47 -2.70
N ASP B 193 14.81 -38.93 -3.90
CA ASP B 193 16.04 -38.23 -4.31
C ASP B 193 17.30 -39.08 -4.16
N GLY B 194 17.17 -40.38 -4.43
CA GLY B 194 18.28 -41.29 -4.31
C GLY B 194 18.43 -41.96 -2.96
N TYR B 195 17.52 -41.72 -2.02
CA TYR B 195 17.59 -42.33 -0.70
C TYR B 195 16.63 -43.51 -0.62
N PHE B 196 17.15 -44.68 -0.26
CA PHE B 196 16.35 -45.88 -0.06
C PHE B 196 16.23 -46.14 1.44
N LYS B 197 15.02 -46.00 1.98
CA LYS B 197 14.77 -46.14 3.39
C LYS B 197 13.88 -47.36 3.65
N ILE B 198 14.14 -48.03 4.77
CA ILE B 198 13.40 -49.22 5.17
C ILE B 198 12.73 -48.93 6.50
N TYR B 199 11.40 -48.98 6.53
CA TYR B 199 10.61 -48.74 7.73
C TYR B 199 10.06 -50.07 8.24
N SER B 200 10.45 -50.45 9.46
CA SER B 200 10.13 -51.77 9.99
C SER B 200 9.30 -51.64 11.26
N LYS B 201 8.20 -52.39 11.33
CA LYS B 201 7.40 -52.51 12.55
C LYS B 201 6.91 -53.94 12.66
N HIS B 202 7.10 -54.54 13.84
CA HIS B 202 6.70 -55.93 14.09
C HIS B 202 5.78 -55.94 15.31
N THR B 203 4.61 -56.55 15.15
CA THR B 203 3.63 -56.67 16.21
C THR B 203 2.90 -58.00 16.08
N PRO B 204 2.47 -58.59 17.19
CA PRO B 204 1.59 -59.76 17.10
C PRO B 204 0.15 -59.36 16.81
N ILE B 205 -0.57 -60.28 16.17
CA ILE B 205 -1.96 -60.05 15.80
C ILE B 205 -2.75 -61.35 15.87
N ASP B 212 -7.36 -62.62 7.18
CA ASP B 212 -6.98 -61.94 5.95
C ASP B 212 -7.42 -60.49 5.97
N LEU B 213 -7.96 -60.05 7.10
CA LEU B 213 -8.44 -58.68 7.28
C LEU B 213 -7.78 -58.12 8.54
N PRO B 214 -6.64 -57.44 8.40
CA PRO B 214 -6.02 -56.84 9.58
C PRO B 214 -6.73 -55.57 10.03
N GLN B 215 -6.72 -55.34 11.34
CA GLN B 215 -7.37 -54.19 11.94
C GLN B 215 -6.46 -53.58 13.00
N GLY B 216 -6.80 -52.37 13.41
CA GLY B 216 -6.01 -51.65 14.39
C GLY B 216 -5.16 -50.56 13.75
N PHE B 217 -4.31 -49.96 14.59
CA PHE B 217 -3.44 -48.88 14.17
C PHE B 217 -2.09 -49.01 14.86
N SER B 218 -1.03 -48.77 14.11
CA SER B 218 0.32 -48.87 14.64
C SER B 218 1.21 -47.82 13.99
N ALA B 219 2.35 -47.56 14.61
CA ALA B 219 3.32 -46.58 14.14
C ALA B 219 4.62 -47.29 13.75
N LEU B 220 5.04 -47.10 12.51
CA LEU B 220 6.24 -47.75 12.02
C LEU B 220 7.50 -47.02 12.48
N GLU B 221 8.61 -47.75 12.53
CA GLU B 221 9.89 -47.23 12.97
C GLU B 221 10.93 -47.38 11.86
N PRO B 222 11.87 -46.42 11.72
CA PRO B 222 12.89 -46.55 10.69
C PRO B 222 13.97 -47.54 11.07
N LEU B 223 14.59 -48.16 10.06
CA LEU B 223 15.57 -49.21 10.31
C LEU B 223 16.86 -48.98 9.52
N VAL B 224 16.81 -49.14 8.20
CA VAL B 224 17.99 -49.09 7.35
C VAL B 224 17.81 -47.98 6.32
N ASP B 225 18.76 -47.03 6.30
CA ASP B 225 18.80 -45.97 5.31
C ASP B 225 20.07 -46.16 4.48
N LEU B 226 19.91 -46.54 3.21
CA LEU B 226 21.04 -46.66 2.28
C LEU B 226 20.87 -45.67 1.14
N PRO B 227 21.77 -44.69 0.97
CA PRO B 227 21.70 -43.82 -0.21
C PRO B 227 22.29 -44.47 -1.46
N ILE B 228 21.53 -45.40 -2.06
CA ILE B 228 22.03 -46.13 -3.22
C ILE B 228 21.98 -45.26 -4.47
N GLY B 229 20.81 -44.66 -4.74
CA GLY B 229 20.65 -43.77 -5.87
C GLY B 229 20.62 -44.43 -7.23
N ILE B 230 19.79 -45.46 -7.39
CA ILE B 230 19.62 -46.13 -8.68
C ILE B 230 18.15 -46.05 -9.08
N ASN B 231 17.91 -46.26 -10.37
CA ASN B 231 16.57 -46.24 -10.93
C ASN B 231 16.00 -47.66 -10.80
N ILE B 232 14.86 -47.78 -10.11
CA ILE B 232 14.16 -49.05 -9.96
C ILE B 232 12.73 -48.82 -10.45
N THR B 233 12.38 -49.43 -11.59
CA THR B 233 11.05 -49.24 -12.15
C THR B 233 10.06 -50.36 -11.81
N ARG B 234 10.52 -51.50 -11.31
CA ARG B 234 9.68 -52.68 -11.09
C ARG B 234 10.20 -53.46 -9.90
N PHE B 235 9.35 -54.34 -9.36
CA PHE B 235 9.78 -55.18 -8.24
C PHE B 235 9.07 -56.53 -8.30
N GLN B 236 9.73 -57.54 -7.72
CA GLN B 236 9.21 -58.90 -7.63
C GLN B 236 9.34 -59.37 -6.18
N THR B 237 8.97 -60.62 -5.94
CA THR B 237 9.01 -61.24 -4.61
C THR B 237 9.79 -62.55 -4.67
N LEU B 238 10.12 -63.06 -3.49
CA LEU B 238 10.86 -64.31 -3.34
C LEU B 238 10.02 -65.35 -2.62
N LEU B 239 10.38 -66.61 -2.81
CA LEU B 239 9.63 -67.75 -2.27
C LEU B 239 10.58 -68.80 -1.71
N ALA B 240 10.30 -69.24 -0.48
CA ALA B 240 11.02 -70.33 0.15
C ALA B 240 10.22 -71.63 0.03
N LEU B 241 10.93 -72.73 -0.19
CA LEU B 241 10.32 -74.02 -0.48
C LEU B 241 10.83 -75.08 0.49
N HIS B 242 10.01 -76.12 0.71
CA HIS B 242 10.38 -77.22 1.58
C HIS B 242 9.90 -78.53 0.96
N ARG B 243 10.60 -79.61 1.29
CA ARG B 243 10.27 -80.94 0.82
C ARG B 243 10.49 -81.95 1.94
N SER B 244 9.50 -82.81 2.15
CA SER B 244 9.59 -83.85 3.19
C SER B 244 10.54 -84.97 2.77
N SER B 252 11.87 -79.11 -9.41
CA SER B 252 11.15 -77.88 -9.70
C SER B 252 9.76 -77.90 -9.07
N SER B 253 8.95 -78.86 -9.50
CA SER B 253 7.58 -79.00 -9.00
C SER B 253 7.45 -79.97 -7.84
N GLY B 254 8.55 -80.62 -7.43
CA GLY B 254 8.50 -81.53 -6.30
C GLY B 254 8.53 -80.83 -4.96
N TRP B 255 8.99 -79.58 -4.95
CA TRP B 255 9.03 -78.80 -3.71
C TRP B 255 7.63 -78.28 -3.37
N THR B 256 7.39 -78.11 -2.07
CA THR B 256 6.09 -77.71 -1.55
C THR B 256 6.20 -76.33 -0.92
N ALA B 257 5.42 -75.38 -1.43
CA ALA B 257 5.37 -74.04 -0.89
C ALA B 257 4.56 -74.01 0.41
N GLY B 258 4.79 -72.97 1.20
CA GLY B 258 4.09 -72.79 2.46
C GLY B 258 2.75 -72.09 2.28
N ALA B 259 2.20 -71.66 3.41
CA ALA B 259 0.90 -71.00 3.45
C ALA B 259 1.06 -69.64 4.11
N ALA B 260 0.78 -68.58 3.35
CA ALA B 260 0.90 -67.22 3.85
C ALA B 260 -0.06 -66.32 3.10
N ALA B 261 -0.29 -65.13 3.66
CA ALA B 261 -1.17 -64.15 3.05
C ALA B 261 -0.53 -62.77 3.17
N TYR B 262 -0.45 -62.05 2.05
CA TYR B 262 0.18 -60.74 2.03
C TYR B 262 -0.45 -59.91 0.93
N TYR B 263 -0.22 -58.60 1.00
CA TYR B 263 -0.76 -57.67 0.01
C TYR B 263 0.25 -56.55 -0.24
N VAL B 264 0.21 -56.00 -1.45
CA VAL B 264 1.13 -54.96 -1.88
C VAL B 264 0.31 -53.72 -2.23
N GLY B 265 0.59 -52.59 -1.56
CA GLY B 265 -0.09 -51.35 -1.79
C GLY B 265 0.75 -50.35 -2.58
N TYR B 266 0.27 -49.10 -2.58
CA TYR B 266 0.91 -48.03 -3.31
C TYR B 266 0.79 -46.73 -2.51
N LEU B 267 1.59 -45.74 -2.88
CA LEU B 267 1.73 -44.51 -2.13
C LEU B 267 1.31 -43.30 -2.95
N GLN B 268 0.64 -42.34 -2.29
CA GLN B 268 0.18 -41.11 -2.99
C GLN B 268 0.70 -39.88 -2.24
N PRO B 269 0.83 -38.70 -2.90
CA PRO B 269 1.25 -37.48 -2.22
C PRO B 269 0.08 -36.80 -1.48
N ARG B 270 -0.08 -37.09 -0.19
CA ARG B 270 -1.15 -36.49 0.61
C ARG B 270 -0.61 -36.06 1.96
N THR B 271 -1.40 -35.23 2.64
CA THR B 271 -1.03 -34.61 3.90
C THR B 271 -1.79 -35.25 5.05
N PHE B 272 -1.06 -35.68 6.08
CA PHE B 272 -1.67 -36.22 7.29
C PHE B 272 -1.44 -35.28 8.47
N LEU B 273 -2.39 -35.30 9.41
CA LEU B 273 -2.26 -34.60 10.68
C LEU B 273 -1.96 -35.64 11.76
N LEU B 274 -0.76 -35.59 12.31
CA LEU B 274 -0.28 -36.62 13.22
C LEU B 274 -0.53 -36.21 14.66
N LYS B 275 -0.93 -37.18 15.49
CA LYS B 275 -1.16 -36.94 16.91
C LYS B 275 -0.08 -37.64 17.72
N TYR B 276 0.55 -36.89 18.62
CA TYR B 276 1.66 -37.38 19.42
C TYR B 276 1.24 -37.48 20.89
N ASN B 277 1.83 -38.44 21.60
CA ASN B 277 1.60 -38.62 23.01
C ASN B 277 2.81 -38.11 23.81
N GLU B 278 2.77 -38.36 25.13
CA GLU B 278 3.92 -38.01 25.96
C GLU B 278 5.09 -38.97 25.76
N ASN B 279 4.82 -40.18 25.28
CA ASN B 279 5.87 -41.16 25.03
C ASN B 279 6.51 -41.01 23.65
N GLY B 280 5.94 -40.19 22.76
CA GLY B 280 6.54 -39.94 21.47
C GLY B 280 6.11 -40.84 20.34
N THR B 281 4.92 -41.43 20.41
CA THR B 281 4.43 -42.34 19.38
C THR B 281 3.17 -41.77 18.76
N ILE B 282 2.81 -42.28 17.58
CA ILE B 282 1.61 -41.82 16.89
C ILE B 282 0.44 -42.71 17.30
N THR B 283 -0.50 -42.15 18.06
CA THR B 283 -1.72 -42.87 18.40
C THR B 283 -2.90 -42.57 17.47
N ASP B 284 -2.80 -41.53 16.65
CA ASP B 284 -3.90 -41.15 15.76
C ASP B 284 -3.32 -40.40 14.58
N ALA B 285 -3.97 -40.58 13.42
CA ALA B 285 -3.59 -39.88 12.20
C ALA B 285 -4.84 -39.46 11.46
N VAL B 286 -4.91 -38.18 11.09
CA VAL B 286 -6.07 -37.60 10.42
C VAL B 286 -5.63 -37.17 9.02
N ASP B 287 -6.31 -37.70 8.00
CA ASP B 287 -6.03 -37.27 6.63
C ASP B 287 -6.62 -35.89 6.41
N CYS B 288 -5.93 -35.09 5.59
CA CYS B 288 -6.39 -33.73 5.33
C CYS B 288 -7.57 -33.72 4.36
N ALA B 289 -7.45 -34.41 3.23
CA ALA B 289 -8.55 -34.56 2.30
C ALA B 289 -8.92 -36.04 2.21
N LEU B 290 -10.03 -36.41 2.86
CA LEU B 290 -10.70 -37.68 2.63
C LEU B 290 -12.20 -37.43 2.56
N ASP B 291 -12.75 -37.01 3.68
CA ASP B 291 -14.16 -36.74 3.92
C ASP B 291 -14.27 -35.29 4.37
N PRO B 292 -15.46 -34.68 4.29
CA PRO B 292 -15.62 -33.33 4.89
C PRO B 292 -15.56 -33.31 6.41
N LEU B 293 -15.72 -34.44 7.09
CA LEU B 293 -15.32 -34.52 8.50
C LEU B 293 -13.80 -34.39 8.65
N SER B 294 -13.05 -34.99 7.73
CA SER B 294 -11.60 -34.95 7.82
C SER B 294 -11.02 -33.63 7.31
N GLU B 295 -11.78 -32.89 6.49
CA GLU B 295 -11.31 -31.60 6.00
C GLU B 295 -11.50 -30.51 7.05
N THR B 296 -12.36 -30.74 8.04
CA THR B 296 -12.55 -29.77 9.12
C THR B 296 -11.36 -29.79 10.07
N LYS B 297 -10.81 -30.98 10.32
CA LYS B 297 -9.71 -31.12 11.29
C LYS B 297 -8.37 -30.67 10.71
N CYS B 298 -8.27 -30.53 9.39
CA CYS B 298 -7.00 -30.15 8.78
C CYS B 298 -6.72 -28.67 8.92
N THR B 299 -7.74 -27.82 8.71
CA THR B 299 -7.53 -26.39 8.77
C THR B 299 -7.51 -25.87 10.20
N LEU B 300 -8.32 -26.47 11.08
CA LEU B 300 -8.42 -25.98 12.46
C LEU B 300 -7.26 -26.40 13.34
N LYS B 301 -6.47 -27.40 12.89
CA LYS B 301 -5.37 -28.04 13.63
C LYS B 301 -5.82 -28.57 14.99
N SER B 302 -6.96 -29.25 15.00
CA SER B 302 -7.52 -29.86 16.20
C SER B 302 -7.98 -31.27 15.87
N PHE B 303 -7.84 -32.17 16.85
CA PHE B 303 -8.27 -33.56 16.65
C PHE B 303 -9.76 -33.76 16.89
N THR B 304 -10.46 -32.74 17.39
CA THR B 304 -11.91 -32.79 17.57
C THR B 304 -12.54 -31.62 16.82
N VAL B 305 -13.85 -31.75 16.60
CA VAL B 305 -14.62 -30.75 15.87
C VAL B 305 -15.65 -30.16 16.83
N GLU B 306 -15.67 -28.83 16.94
CA GLU B 306 -16.64 -28.15 17.78
C GLU B 306 -17.94 -27.95 17.01
N LYS B 307 -18.94 -27.35 17.66
CA LYS B 307 -20.26 -27.17 17.06
C LYS B 307 -20.31 -25.81 16.38
N GLY B 308 -20.48 -25.82 15.06
CA GLY B 308 -20.55 -24.58 14.31
C GLY B 308 -20.37 -24.85 12.83
N ILE B 309 -20.28 -23.76 12.07
CA ILE B 309 -20.10 -23.80 10.63
C ILE B 309 -18.69 -23.31 10.29
N TYR B 310 -17.96 -24.13 9.53
CA TYR B 310 -16.57 -23.85 9.19
C TYR B 310 -16.40 -23.93 7.68
N GLN B 311 -15.34 -23.28 7.18
CA GLN B 311 -15.01 -23.28 5.76
C GLN B 311 -13.70 -24.04 5.57
N THR B 312 -13.80 -25.24 4.99
CA THR B 312 -12.62 -26.09 4.85
C THR B 312 -11.74 -25.68 3.67
N SER B 313 -12.34 -25.48 2.49
CA SER B 313 -11.58 -25.24 1.27
C SER B 313 -12.47 -24.47 0.30
N ASN B 314 -12.02 -24.37 -0.95
CA ASN B 314 -12.75 -23.67 -1.98
C ASN B 314 -12.93 -24.57 -3.20
N PHE B 315 -13.90 -24.20 -4.03
CA PHE B 315 -14.29 -25.01 -5.18
C PHE B 315 -13.31 -24.81 -6.32
N ARG B 316 -12.80 -25.93 -6.86
CA ARG B 316 -11.79 -25.90 -7.90
C ARG B 316 -12.29 -26.69 -9.12
N VAL B 317 -11.90 -26.22 -10.29
CA VAL B 317 -12.16 -26.90 -11.55
C VAL B 317 -10.82 -27.22 -12.18
N GLN B 318 -10.53 -28.50 -12.34
CA GLN B 318 -9.27 -28.91 -12.95
C GLN B 318 -9.36 -28.78 -14.47
N PRO B 319 -8.37 -28.14 -15.11
CA PRO B 319 -8.40 -28.06 -16.57
C PRO B 319 -8.02 -29.38 -17.22
N THR B 320 -8.50 -29.57 -18.45
CA THR B 320 -8.33 -30.84 -19.14
C THR B 320 -7.27 -30.73 -20.24
N GLU B 321 -7.57 -29.97 -21.30
CA GLU B 321 -6.69 -29.85 -22.44
C GLU B 321 -5.99 -28.49 -22.43
N SER B 322 -5.20 -28.24 -23.47
CA SER B 322 -4.53 -26.97 -23.66
C SER B 322 -4.74 -26.51 -25.10
N ILE B 323 -5.41 -25.38 -25.28
CA ILE B 323 -5.69 -24.84 -26.61
C ILE B 323 -4.45 -24.10 -27.09
N VAL B 324 -3.90 -24.52 -28.22
CA VAL B 324 -2.77 -23.87 -28.86
C VAL B 324 -3.24 -23.37 -30.22
N ARG B 325 -3.35 -22.06 -30.38
CA ARG B 325 -3.70 -21.45 -31.67
C ARG B 325 -2.57 -20.53 -32.10
N PHE B 326 -1.82 -20.96 -33.11
CA PHE B 326 -0.65 -20.32 -33.68
C PHE B 326 -0.84 -20.12 -35.19
N PRO B 327 -0.29 -19.05 -35.78
CA PRO B 327 -0.52 -18.81 -37.21
C PRO B 327 0.33 -19.71 -38.10
N ASN B 328 -0.20 -19.98 -39.29
CA ASN B 328 0.44 -20.89 -40.24
C ASN B 328 0.95 -20.09 -41.43
N ILE B 329 2.28 -19.99 -41.55
CA ILE B 329 2.94 -19.27 -42.63
C ILE B 329 3.79 -20.29 -43.38
N THR B 330 3.75 -20.23 -44.71
CA THR B 330 4.53 -21.15 -45.55
C THR B 330 5.93 -20.64 -45.85
N ASN B 331 6.35 -19.51 -45.27
CA ASN B 331 7.64 -18.89 -45.54
C ASN B 331 8.63 -19.20 -44.43
N LEU B 332 9.91 -19.31 -44.79
CA LEU B 332 10.98 -19.52 -43.84
C LEU B 332 11.78 -18.23 -43.67
N CYS B 333 12.29 -18.02 -42.45
CA CYS B 333 12.96 -16.77 -42.14
C CYS B 333 14.43 -16.85 -42.55
N PRO B 334 14.95 -15.87 -43.41
CA PRO B 334 16.37 -15.89 -43.83
C PRO B 334 17.31 -15.33 -42.77
N PHE B 335 17.60 -16.15 -41.75
CA PHE B 335 18.59 -15.75 -40.75
C PHE B 335 20.02 -15.90 -41.25
N ASP B 336 20.25 -16.69 -42.31
CA ASP B 336 21.60 -16.96 -42.78
C ASP B 336 22.16 -15.83 -43.63
N GLU B 337 21.35 -14.82 -43.97
CA GLU B 337 21.86 -13.66 -44.70
C GLU B 337 22.73 -12.79 -43.80
N VAL B 338 22.25 -12.48 -42.60
CA VAL B 338 23.02 -11.63 -41.71
C VAL B 338 24.09 -12.41 -40.94
N PHE B 339 23.89 -13.71 -40.70
CA PHE B 339 24.84 -14.48 -39.90
C PHE B 339 26.06 -14.89 -40.71
N ASN B 340 25.85 -15.46 -41.90
CA ASN B 340 26.88 -16.14 -42.65
C ASN B 340 27.58 -15.26 -43.69
N ALA B 341 27.28 -13.97 -43.73
CA ALA B 341 27.84 -13.09 -44.76
C ALA B 341 29.32 -12.81 -44.48
N THR B 342 30.08 -12.60 -45.57
CA THR B 342 31.50 -12.32 -45.47
C THR B 342 31.75 -10.88 -45.04
N ARG B 343 31.10 -9.93 -45.68
CA ARG B 343 31.31 -8.51 -45.43
C ARG B 343 30.29 -7.98 -44.42
N PHE B 344 30.79 -7.35 -43.36
CA PHE B 344 29.98 -6.78 -42.30
C PHE B 344 30.23 -5.28 -42.23
N ALA B 345 29.30 -4.58 -41.59
CA ALA B 345 29.41 -3.14 -41.38
C ALA B 345 30.23 -2.84 -40.13
N SER B 346 30.39 -1.56 -39.82
CA SER B 346 31.20 -1.12 -38.70
C SER B 346 30.31 -0.72 -37.53
N VAL B 347 30.95 -0.26 -36.45
CA VAL B 347 30.20 0.03 -35.23
C VAL B 347 29.56 1.42 -35.26
N TYR B 348 30.04 2.32 -36.12
CA TYR B 348 29.43 3.65 -36.19
C TYR B 348 28.16 3.62 -37.05
N ALA B 349 28.17 2.84 -38.12
CA ALA B 349 26.99 2.63 -38.95
C ALA B 349 26.85 1.15 -39.22
N TRP B 350 25.78 0.55 -38.71
CA TRP B 350 25.50 -0.87 -38.91
C TRP B 350 24.37 -1.04 -39.92
N ASN B 351 24.01 -2.30 -40.17
CA ASN B 351 22.98 -2.66 -41.13
C ASN B 351 21.76 -3.15 -40.37
N ARG B 352 20.68 -2.37 -40.40
CA ARG B 352 19.46 -2.74 -39.71
C ARG B 352 18.65 -3.72 -40.54
N LYS B 353 18.05 -4.70 -39.88
CA LYS B 353 17.32 -5.77 -40.55
C LYS B 353 16.02 -6.03 -39.81
N ARG B 354 14.91 -6.03 -40.55
CA ARG B 354 13.58 -6.31 -40.00
C ARG B 354 13.05 -7.58 -40.66
N ILE B 355 12.76 -8.60 -39.84
CA ILE B 355 12.36 -9.91 -40.33
C ILE B 355 10.96 -10.23 -39.80
N SER B 356 10.02 -10.47 -40.70
CA SER B 356 8.63 -10.73 -40.32
C SER B 356 7.98 -11.59 -41.40
N ASN B 357 6.83 -12.16 -41.02
CA ASN B 357 5.91 -12.96 -41.86
C ASN B 357 6.61 -14.20 -42.46
N CYS B 358 7.19 -15.01 -41.58
CA CYS B 358 7.86 -16.25 -41.95
C CYS B 358 7.74 -17.23 -40.80
N VAL B 359 8.49 -18.33 -40.88
CA VAL B 359 8.60 -19.33 -39.80
C VAL B 359 10.08 -19.58 -39.56
N ALA B 360 10.54 -19.33 -38.33
CA ALA B 360 11.95 -19.33 -38.00
C ALA B 360 12.39 -20.67 -37.42
N ASP B 361 13.69 -20.76 -37.15
CA ASP B 361 14.28 -21.89 -36.43
C ASP B 361 15.21 -21.30 -35.37
N TYR B 362 14.86 -21.51 -34.10
CA TYR B 362 15.65 -21.00 -32.99
C TYR B 362 16.62 -22.02 -32.43
N SER B 363 16.73 -23.20 -33.05
CA SER B 363 17.60 -24.25 -32.54
C SER B 363 19.07 -23.98 -32.82
N VAL B 364 19.37 -23.10 -33.79
CA VAL B 364 20.77 -22.77 -34.05
C VAL B 364 21.29 -21.78 -33.03
N LEU B 365 20.41 -21.05 -32.35
CA LEU B 365 20.83 -20.19 -31.25
C LEU B 365 21.00 -20.96 -29.95
N TYR B 366 20.30 -22.09 -29.80
CA TYR B 366 20.20 -22.77 -28.51
C TYR B 366 20.60 -24.24 -28.58
N ASN B 367 19.89 -25.06 -29.37
CA ASN B 367 20.10 -26.50 -29.40
C ASN B 367 21.45 -26.89 -29.99
N LEU B 368 21.72 -26.46 -31.21
CA LEU B 368 23.01 -26.68 -31.85
C LEU B 368 23.75 -25.35 -31.87
N ALA B 369 24.77 -25.22 -31.03
CA ALA B 369 25.49 -23.97 -30.85
C ALA B 369 27.00 -24.20 -30.89
N PRO B 370 27.64 -24.13 -32.08
CA PRO B 370 29.11 -24.12 -32.17
C PRO B 370 29.69 -22.71 -32.08
N PHE B 371 29.38 -22.01 -30.99
CA PHE B 371 29.68 -20.60 -30.82
C PHE B 371 30.66 -20.40 -29.67
N PHE B 372 31.37 -19.28 -29.70
CA PHE B 372 32.34 -18.96 -28.66
C PHE B 372 31.66 -18.57 -27.35
N THR B 373 30.79 -17.57 -27.39
CA THR B 373 30.04 -17.14 -26.22
C THR B 373 28.63 -16.77 -26.64
N PHE B 374 27.63 -17.35 -26.00
CA PHE B 374 26.24 -16.96 -26.19
C PHE B 374 25.69 -16.47 -24.86
N LYS B 375 25.02 -15.32 -24.88
CA LYS B 375 24.45 -14.72 -23.68
C LYS B 375 23.07 -14.19 -24.00
N CYS B 376 22.22 -14.16 -22.96
CA CYS B 376 20.89 -13.57 -23.05
C CYS B 376 20.58 -12.86 -21.74
N TYR B 377 19.63 -11.93 -21.80
CA TYR B 377 19.32 -11.11 -20.62
C TYR B 377 17.86 -11.24 -20.19
N GLY B 378 16.96 -10.59 -20.92
CA GLY B 378 15.56 -10.60 -20.52
C GLY B 378 14.85 -11.89 -20.85
N VAL B 379 14.99 -12.36 -22.09
CA VAL B 379 14.40 -13.61 -22.55
C VAL B 379 15.37 -14.73 -22.22
N SER B 380 14.86 -15.79 -21.59
CA SER B 380 15.66 -16.98 -21.32
C SER B 380 15.98 -17.70 -22.63
N PRO B 381 17.16 -18.32 -22.75
CA PRO B 381 17.46 -19.11 -23.96
C PRO B 381 16.65 -20.39 -24.08
N THR B 382 16.14 -20.94 -22.98
CA THR B 382 15.19 -22.04 -23.05
C THR B 382 13.84 -21.59 -23.58
N LYS B 383 13.47 -20.33 -23.32
CA LYS B 383 12.16 -19.78 -23.60
C LYS B 383 12.09 -19.05 -24.94
N LEU B 384 13.14 -19.17 -25.77
CA LEU B 384 13.15 -18.56 -27.10
C LEU B 384 12.10 -19.18 -28.04
N ASN B 385 11.77 -20.46 -27.82
CA ASN B 385 10.72 -21.15 -28.58
C ASN B 385 9.31 -20.79 -28.13
N ASP B 386 9.15 -19.99 -27.08
CA ASP B 386 7.84 -19.64 -26.53
C ASP B 386 7.36 -18.27 -26.99
N LEU B 387 8.12 -17.22 -26.67
CA LEU B 387 7.64 -15.84 -26.68
C LEU B 387 7.51 -15.27 -28.09
N CYS B 388 6.70 -14.22 -28.18
CA CYS B 388 6.57 -13.37 -29.35
C CYS B 388 6.85 -11.93 -28.92
N PHE B 389 7.14 -11.06 -29.90
CA PHE B 389 7.65 -9.74 -29.58
C PHE B 389 7.13 -8.73 -30.60
N THR B 390 7.67 -7.50 -30.53
CA THR B 390 7.18 -6.36 -31.31
C THR B 390 7.83 -6.31 -32.68
N ASN B 391 9.15 -6.17 -32.72
CA ASN B 391 9.94 -6.22 -33.94
C ASN B 391 11.34 -6.73 -33.60
N VAL B 392 12.07 -7.15 -34.63
CA VAL B 392 13.46 -7.60 -34.47
C VAL B 392 14.38 -6.62 -35.19
N TYR B 393 15.43 -6.20 -34.48
CA TYR B 393 16.49 -5.38 -35.06
C TYR B 393 17.79 -6.15 -34.95
N ALA B 394 18.32 -6.60 -36.08
CA ALA B 394 19.56 -7.36 -36.12
C ALA B 394 20.70 -6.40 -36.40
N ASP B 395 21.56 -6.21 -35.41
CA ASP B 395 22.67 -5.25 -35.49
C ASP B 395 23.97 -6.04 -35.55
N SER B 396 24.61 -6.04 -36.72
CA SER B 396 25.82 -6.82 -36.96
C SER B 396 27.01 -5.88 -37.04
N PHE B 397 28.04 -6.18 -36.24
CA PHE B 397 29.26 -5.38 -36.23
C PHE B 397 30.43 -6.29 -35.82
N VAL B 398 31.63 -5.86 -36.20
CA VAL B 398 32.86 -6.58 -35.87
C VAL B 398 33.61 -5.79 -34.83
N ILE B 399 33.89 -6.41 -33.69
CA ILE B 399 34.44 -5.73 -32.53
C ILE B 399 35.57 -6.60 -31.96
N ARG B 400 36.59 -5.93 -31.41
CA ARG B 400 37.72 -6.62 -30.82
C ARG B 400 37.34 -7.28 -29.49
N GLY B 401 38.16 -8.25 -29.08
CA GLY B 401 37.87 -9.02 -27.88
C GLY B 401 38.11 -8.29 -26.58
N ASP B 402 38.82 -7.16 -26.61
CA ASP B 402 38.97 -6.35 -25.41
C ASP B 402 37.72 -5.52 -25.14
N GLU B 403 37.08 -5.03 -26.20
CA GLU B 403 35.93 -4.15 -26.10
C GLU B 403 34.60 -4.87 -26.22
N VAL B 404 34.60 -6.21 -26.30
CA VAL B 404 33.39 -6.96 -26.63
C VAL B 404 32.43 -7.05 -25.44
N ARG B 405 32.93 -6.80 -24.23
CA ARG B 405 32.09 -6.86 -23.03
C ARG B 405 31.32 -5.57 -22.78
N GLN B 406 31.49 -4.55 -23.61
CA GLN B 406 30.78 -3.29 -23.43
C GLN B 406 29.43 -3.27 -24.14
N ILE B 407 28.99 -4.39 -24.73
CA ILE B 407 27.66 -4.48 -25.29
C ILE B 407 26.80 -5.20 -24.27
N ALA B 408 25.96 -4.44 -23.57
CA ALA B 408 25.22 -4.73 -22.35
C ALA B 408 24.45 -3.46 -21.99
N PRO B 409 23.38 -3.53 -21.20
CA PRO B 409 22.78 -2.29 -20.69
C PRO B 409 23.67 -1.62 -19.64
N GLY B 410 23.74 -0.29 -19.73
CA GLY B 410 24.51 0.50 -18.78
C GLY B 410 26.02 0.38 -18.90
N GLN B 411 26.57 0.61 -20.08
CA GLN B 411 28.01 0.56 -20.31
C GLN B 411 28.51 1.89 -20.87
N THR B 412 29.76 2.20 -20.53
CA THR B 412 30.41 3.44 -20.95
C THR B 412 31.86 3.16 -21.30
N GLY B 413 32.27 3.56 -22.50
CA GLY B 413 33.61 3.28 -22.96
C GLY B 413 33.84 3.91 -24.33
N ASN B 414 34.85 3.38 -25.04
CA ASN B 414 35.14 3.84 -26.40
C ASN B 414 34.03 3.43 -27.37
N ILE B 415 33.75 2.14 -27.45
CA ILE B 415 32.75 1.65 -28.39
C ILE B 415 31.35 1.86 -27.81
N ALA B 416 31.26 1.91 -26.47
CA ALA B 416 29.97 1.91 -25.80
C ALA B 416 29.25 3.24 -25.89
N ASP B 417 29.94 4.35 -25.58
CA ASP B 417 29.39 5.69 -25.66
C ASP B 417 28.97 6.14 -27.05
N TYR B 418 29.94 6.35 -27.94
CA TYR B 418 29.74 7.15 -29.13
C TYR B 418 29.34 6.33 -30.35
N ASN B 419 29.11 5.02 -30.18
CA ASN B 419 28.70 4.17 -31.30
C ASN B 419 27.38 3.47 -31.01
N TYR B 420 27.33 2.57 -30.04
CA TYR B 420 26.16 1.74 -29.81
C TYR B 420 25.85 1.66 -28.32
N LYS B 421 24.69 2.17 -27.92
CA LYS B 421 24.24 2.13 -26.54
C LYS B 421 23.02 1.23 -26.40
N LEU B 422 22.83 0.73 -25.18
CA LEU B 422 21.61 0.02 -24.83
C LEU B 422 20.94 0.68 -23.63
N PRO B 423 19.61 0.81 -23.66
CA PRO B 423 18.90 1.30 -22.48
C PRO B 423 18.78 0.22 -21.40
N ASP B 424 18.37 0.66 -20.20
CA ASP B 424 18.27 -0.25 -19.06
C ASP B 424 17.10 -1.22 -19.20
N ASP B 425 16.05 -0.85 -19.95
CA ASP B 425 14.90 -1.73 -20.17
C ASP B 425 15.02 -2.58 -21.44
N PHE B 426 16.19 -2.57 -22.08
CA PHE B 426 16.42 -3.34 -23.30
C PHE B 426 16.41 -4.84 -23.02
N THR B 427 15.81 -5.59 -23.95
CA THR B 427 15.65 -7.03 -23.83
C THR B 427 16.20 -7.66 -25.10
N GLY B 428 17.08 -8.65 -24.96
CA GLY B 428 17.63 -9.32 -26.12
C GLY B 428 18.73 -10.29 -25.72
N CYS B 429 19.40 -10.82 -26.75
CA CYS B 429 20.48 -11.78 -26.57
C CYS B 429 21.72 -11.31 -27.30
N VAL B 430 22.88 -11.81 -26.84
CA VAL B 430 24.18 -11.49 -27.43
C VAL B 430 24.81 -12.80 -27.88
N ILE B 431 25.09 -12.90 -29.17
CA ILE B 431 25.70 -14.09 -29.77
C ILE B 431 27.08 -13.70 -30.30
N ALA B 432 28.11 -14.39 -29.82
CA ALA B 432 29.48 -14.11 -30.22
C ALA B 432 30.15 -15.38 -30.74
N TRP B 433 31.02 -15.21 -31.74
CA TRP B 433 31.75 -16.31 -32.33
C TRP B 433 33.10 -15.77 -32.82
N ASN B 434 34.14 -16.61 -32.71
CA ASN B 434 35.51 -16.17 -32.94
C ASN B 434 35.78 -16.23 -34.44
N SER B 435 36.02 -15.07 -35.05
CA SER B 435 36.16 -14.92 -36.49
C SER B 435 37.62 -14.90 -36.96
N ASN B 436 38.59 -15.16 -36.07
CA ASN B 436 39.99 -14.85 -36.32
C ASN B 436 40.66 -15.73 -37.37
N LYS B 437 40.06 -16.87 -37.72
CA LYS B 437 40.60 -17.73 -38.76
C LYS B 437 40.06 -17.41 -40.15
N LEU B 438 39.24 -16.36 -40.29
CA LEU B 438 38.61 -16.09 -41.58
C LEU B 438 38.96 -14.70 -42.13
N ASP B 439 38.40 -13.65 -41.55
CA ASP B 439 38.51 -12.31 -42.11
C ASP B 439 39.71 -11.52 -41.60
N SER B 440 40.59 -12.14 -40.80
CA SER B 440 41.74 -11.44 -40.25
C SER B 440 42.85 -11.31 -41.29
N LYS B 441 43.92 -10.63 -40.91
CA LYS B 441 45.02 -10.35 -41.82
C LYS B 441 46.29 -10.24 -41.00
N VAL B 442 47.42 -10.64 -41.62
CA VAL B 442 48.71 -10.66 -40.92
C VAL B 442 49.22 -9.24 -40.69
N SER B 443 49.05 -8.37 -41.67
CA SER B 443 49.51 -6.99 -41.58
C SER B 443 48.49 -6.06 -40.95
N GLY B 444 47.35 -6.57 -40.48
CA GLY B 444 46.33 -5.75 -39.87
C GLY B 444 45.17 -5.49 -40.82
N ASN B 445 43.97 -5.37 -40.24
CA ASN B 445 42.74 -5.17 -41.01
C ASN B 445 42.38 -3.69 -40.89
N TYR B 446 42.55 -2.95 -41.99
CA TYR B 446 42.22 -1.54 -42.04
C TYR B 446 40.84 -1.29 -42.66
N ASN B 447 40.12 -2.34 -43.04
CA ASN B 447 38.81 -2.16 -43.67
C ASN B 447 37.75 -1.81 -42.64
N TYR B 448 37.72 -2.53 -41.53
CA TYR B 448 36.78 -2.22 -40.46
C TYR B 448 37.28 -1.02 -39.66
N LEU B 449 36.36 -0.12 -39.32
CA LEU B 449 36.73 1.17 -38.73
C LEU B 449 35.87 1.45 -37.50
N TYR B 450 36.30 2.42 -36.71
CA TYR B 450 35.57 2.84 -35.52
C TYR B 450 35.87 4.31 -35.23
N ARG B 451 35.02 4.93 -34.41
CA ARG B 451 35.11 6.34 -34.08
C ARG B 451 35.29 6.51 -32.58
N LEU B 452 36.43 7.06 -32.17
CA LEU B 452 36.70 7.32 -30.76
C LEU B 452 36.11 8.62 -30.24
N PHE B 453 36.07 9.67 -31.05
CA PHE B 453 35.84 11.02 -30.57
C PHE B 453 34.49 11.55 -31.04
N ARG B 454 33.76 12.16 -30.10
CA ARG B 454 32.51 12.85 -30.39
C ARG B 454 32.36 13.92 -29.31
N LYS B 455 31.65 15.00 -29.63
CA LYS B 455 31.52 16.14 -28.72
C LYS B 455 30.64 15.81 -27.52
N SER B 456 29.44 15.32 -27.76
CA SER B 456 28.51 14.98 -26.69
C SER B 456 28.17 13.50 -26.78
N ASN B 457 27.37 13.04 -25.83
CA ASN B 457 26.98 11.63 -25.79
C ASN B 457 25.88 11.35 -26.82
N LEU B 458 26.04 10.27 -27.56
CA LEU B 458 25.13 9.91 -28.63
C LEU B 458 23.88 9.24 -28.06
N LYS B 459 22.73 9.57 -28.63
CA LYS B 459 21.48 8.90 -28.29
C LYS B 459 21.51 7.45 -28.79
N PRO B 460 20.89 6.51 -28.06
CA PRO B 460 20.90 5.10 -28.50
C PRO B 460 20.01 4.86 -29.70
N PHE B 461 20.31 3.73 -30.37
CA PHE B 461 19.71 3.28 -31.64
C PHE B 461 19.84 4.34 -32.73
N GLU B 462 21.02 4.95 -32.84
CA GLU B 462 21.28 5.99 -33.82
C GLU B 462 22.69 5.82 -34.36
N ARG B 463 22.82 5.87 -35.68
CA ARG B 463 24.11 5.71 -36.35
C ARG B 463 24.73 7.08 -36.61
N ASP B 464 26.06 7.15 -36.48
CA ASP B 464 26.80 8.39 -36.66
C ASP B 464 27.55 8.30 -37.98
N ILE B 465 27.08 9.07 -38.97
CA ILE B 465 27.73 9.15 -40.27
C ILE B 465 28.63 10.36 -40.42
N SER B 466 28.81 11.16 -39.36
CA SER B 466 29.46 12.44 -39.46
C SER B 466 30.98 12.30 -39.56
N THR B 467 31.54 12.88 -40.61
CA THR B 467 32.98 12.88 -40.88
C THR B 467 33.69 14.09 -40.28
N GLU B 468 33.00 14.89 -39.46
CA GLU B 468 33.52 16.16 -38.96
C GLU B 468 34.64 15.94 -37.95
N ILE B 469 35.69 16.77 -38.08
CA ILE B 469 36.87 16.67 -37.23
C ILE B 469 36.54 17.15 -35.82
N TYR B 470 36.92 16.35 -34.82
CA TYR B 470 36.72 16.73 -33.42
C TYR B 470 37.70 17.84 -33.05
N GLN B 471 37.15 18.95 -32.55
CA GLN B 471 37.91 20.16 -32.23
C GLN B 471 37.87 20.38 -30.72
N ALA B 472 39.01 20.16 -30.07
CA ALA B 472 39.13 20.42 -28.64
C ALA B 472 39.69 21.81 -28.33
N GLY B 473 40.20 22.52 -29.33
CA GLY B 473 40.77 23.84 -29.14
C GLY B 473 39.92 24.95 -29.70
N ASN B 474 40.44 26.18 -29.56
CA ASN B 474 39.81 27.35 -30.15
C ASN B 474 40.26 27.60 -31.58
N LYS B 475 41.32 26.94 -32.04
CA LYS B 475 41.78 27.07 -33.41
C LYS B 475 40.91 26.21 -34.31
N PRO B 476 40.42 26.73 -35.44
CA PRO B 476 39.61 25.90 -36.35
C PRO B 476 40.44 24.88 -37.10
N CYS B 477 39.91 23.67 -37.22
CA CYS B 477 40.63 22.57 -37.85
C CYS B 477 40.55 22.62 -39.37
N ASN B 478 39.42 23.10 -39.92
CA ASN B 478 39.12 23.25 -41.35
C ASN B 478 39.24 21.93 -42.13
N GLY B 479 38.87 20.82 -41.50
CA GLY B 479 38.86 19.53 -42.16
C GLY B 479 40.17 18.79 -42.18
N VAL B 480 41.26 19.40 -41.70
CA VAL B 480 42.58 18.80 -41.70
C VAL B 480 43.13 18.82 -40.28
N ALA B 481 44.21 18.05 -40.08
CA ALA B 481 44.85 17.96 -38.77
C ALA B 481 45.62 19.24 -38.45
N GLY B 482 45.90 19.42 -37.17
CA GLY B 482 46.55 20.65 -36.71
C GLY B 482 46.60 20.68 -35.20
N PHE B 483 46.66 21.90 -34.67
CA PHE B 483 46.73 22.10 -33.22
C PHE B 483 45.36 21.84 -32.60
N ASN B 484 45.33 20.88 -31.66
CA ASN B 484 44.13 20.34 -31.00
C ASN B 484 43.11 19.82 -32.00
N CYS B 485 43.59 19.16 -33.06
CA CYS B 485 42.75 18.59 -34.10
C CYS B 485 43.18 17.15 -34.31
N TYR B 486 42.29 16.21 -34.00
CA TYR B 486 42.55 14.79 -34.19
C TYR B 486 41.49 14.21 -35.13
N PHE B 487 41.89 13.18 -35.86
CA PHE B 487 40.99 12.53 -36.81
C PHE B 487 40.32 11.36 -36.09
N PRO B 488 39.00 11.41 -35.86
CA PRO B 488 38.35 10.45 -34.95
C PRO B 488 38.24 9.03 -35.50
N LEU B 489 38.34 8.84 -36.81
CA LEU B 489 38.05 7.56 -37.43
C LEU B 489 39.34 6.76 -37.53
N ARG B 490 39.46 5.69 -36.75
CA ARG B 490 40.66 4.88 -36.72
C ARG B 490 40.35 3.45 -37.15
N SER B 491 41.39 2.63 -37.21
CA SER B 491 41.30 1.27 -37.73
C SER B 491 41.67 0.26 -36.65
N TYR B 492 41.11 -0.94 -36.77
CA TYR B 492 41.29 -1.98 -35.78
C TYR B 492 42.68 -2.62 -35.87
N SER B 493 43.06 -3.28 -34.80
CA SER B 493 44.37 -3.87 -34.58
C SER B 493 44.47 -5.34 -34.99
N PHE B 494 43.46 -5.86 -35.71
CA PHE B 494 43.19 -7.30 -35.88
C PHE B 494 44.32 -8.06 -36.58
N ARG B 495 44.86 -9.07 -35.88
CA ARG B 495 45.83 -10.02 -36.38
C ARG B 495 45.49 -11.36 -35.74
N PRO B 496 45.63 -12.48 -36.47
CA PRO B 496 45.38 -13.79 -35.84
C PRO B 496 46.47 -14.23 -34.88
N THR B 497 47.69 -13.71 -35.00
CA THR B 497 48.84 -14.25 -34.30
C THR B 497 48.94 -13.80 -32.84
N TYR B 498 48.30 -12.70 -32.46
CA TYR B 498 48.40 -12.20 -31.10
C TYR B 498 47.27 -12.78 -30.23
N GLY B 499 47.12 -12.20 -29.04
CA GLY B 499 46.20 -12.72 -28.05
C GLY B 499 44.74 -12.35 -28.33
N VAL B 500 43.91 -12.55 -27.30
CA VAL B 500 42.46 -12.51 -27.48
C VAL B 500 41.92 -11.08 -27.53
N GLY B 501 42.75 -10.10 -27.16
CA GLY B 501 42.33 -8.71 -27.30
C GLY B 501 42.36 -8.24 -28.75
N HIS B 502 43.20 -8.84 -29.57
CA HIS B 502 43.30 -8.50 -30.98
C HIS B 502 42.48 -9.42 -31.88
N GLN B 503 41.82 -10.42 -31.32
CA GLN B 503 40.99 -11.34 -32.11
C GLN B 503 39.61 -10.75 -32.30
N PRO B 504 39.13 -10.62 -33.54
CA PRO B 504 37.78 -10.09 -33.74
C PRO B 504 36.71 -11.14 -33.46
N TYR B 505 35.55 -10.64 -33.04
CA TYR B 505 34.37 -11.46 -32.80
C TYR B 505 33.21 -10.97 -33.65
N ARG B 506 32.35 -11.91 -34.06
CA ARG B 506 31.14 -11.59 -34.79
C ARG B 506 29.99 -11.49 -33.79
N VAL B 507 29.48 -10.28 -33.58
CA VAL B 507 28.45 -10.01 -32.59
C VAL B 507 27.20 -9.53 -33.29
N VAL B 508 26.11 -10.29 -33.18
CA VAL B 508 24.80 -9.91 -33.69
C VAL B 508 23.86 -9.80 -32.50
N VAL B 509 23.35 -8.60 -32.25
CA VAL B 509 22.49 -8.32 -31.11
C VAL B 509 21.05 -8.18 -31.60
N LEU B 510 20.17 -9.04 -31.09
CA LEU B 510 18.76 -9.01 -31.42
C LEU B 510 18.02 -8.13 -30.41
N SER B 511 17.09 -7.32 -30.92
CA SER B 511 16.31 -6.41 -30.10
C SER B 511 14.91 -6.96 -29.91
N PHE B 512 14.50 -7.15 -28.66
CA PHE B 512 13.18 -7.65 -28.32
C PHE B 512 12.43 -6.60 -27.52
N GLU B 513 11.21 -6.29 -27.97
CA GLU B 513 10.30 -5.40 -27.23
C GLU B 513 9.00 -6.16 -27.01
N LEU B 514 8.42 -5.99 -25.83
CA LEU B 514 7.33 -6.85 -25.37
C LEU B 514 6.02 -6.07 -25.29
N LEU B 515 4.95 -6.68 -25.84
CA LEU B 515 3.55 -6.28 -25.73
C LEU B 515 3.24 -4.89 -26.30
N HIS B 516 4.01 -4.43 -27.28
CA HIS B 516 3.71 -3.18 -27.96
C HIS B 516 2.96 -3.37 -29.27
N ALA B 517 2.70 -4.62 -29.68
CA ALA B 517 2.28 -5.02 -31.02
C ALA B 517 1.95 -6.51 -31.02
N PRO B 518 1.24 -7.05 -32.05
CA PRO B 518 1.12 -8.50 -32.18
C PRO B 518 2.40 -9.24 -32.60
N ALA B 519 2.26 -10.52 -32.89
CA ALA B 519 3.38 -11.44 -33.05
C ALA B 519 4.09 -11.21 -34.39
N THR B 520 5.42 -11.37 -34.35
CA THR B 520 6.27 -11.23 -35.54
C THR B 520 6.28 -12.53 -36.34
N VAL B 521 6.94 -13.55 -35.79
CA VAL B 521 7.10 -14.80 -36.53
C VAL B 521 6.05 -15.76 -35.96
N CYS B 522 6.40 -16.40 -34.83
CA CYS B 522 5.62 -17.12 -33.81
C CYS B 522 6.65 -17.79 -32.92
N GLY B 523 6.25 -18.28 -31.75
CA GLY B 523 7.00 -19.32 -31.11
C GLY B 523 6.75 -20.64 -31.83
N PRO B 524 7.81 -21.32 -32.30
CA PRO B 524 7.61 -22.59 -33.01
C PRO B 524 7.18 -23.71 -32.07
N LYS B 525 6.04 -24.32 -32.39
CA LYS B 525 5.41 -25.43 -31.66
C LYS B 525 4.53 -26.18 -32.64
N LYS B 526 3.67 -27.05 -32.13
CA LYS B 526 2.56 -27.62 -32.87
C LYS B 526 1.33 -26.74 -32.68
N SER B 527 0.17 -27.20 -33.15
CA SER B 527 -1.06 -26.45 -33.02
C SER B 527 -2.23 -27.39 -32.79
N THR B 528 -3.10 -27.03 -31.83
CA THR B 528 -4.28 -27.81 -31.50
C THR B 528 -5.53 -27.10 -32.03
N ASN B 529 -6.70 -27.66 -31.73
CA ASN B 529 -7.98 -27.12 -32.16
C ASN B 529 -8.47 -26.04 -31.19
N LEU B 530 -9.72 -25.61 -31.35
CA LEU B 530 -10.31 -24.52 -30.59
C LEU B 530 -11.51 -25.05 -29.82
N VAL B 531 -11.39 -25.12 -28.50
CA VAL B 531 -12.40 -25.74 -27.64
C VAL B 531 -13.23 -24.65 -26.97
N LYS B 532 -14.55 -24.73 -27.11
CA LYS B 532 -15.44 -23.76 -26.49
C LYS B 532 -16.27 -24.43 -25.41
N ASN B 533 -16.69 -23.60 -24.43
CA ASN B 533 -17.55 -23.95 -23.28
C ASN B 533 -16.95 -25.05 -22.41
N LYS B 534 -15.63 -25.04 -22.23
CA LYS B 534 -14.95 -26.00 -21.38
C LYS B 534 -13.79 -25.30 -20.70
N CYS B 535 -13.62 -25.54 -19.39
CA CYS B 535 -12.54 -24.92 -18.66
C CYS B 535 -11.23 -25.65 -18.97
N VAL B 536 -10.30 -24.95 -19.62
CA VAL B 536 -9.04 -25.51 -20.08
C VAL B 536 -7.95 -24.47 -19.91
N ASN B 537 -6.70 -24.89 -20.03
CA ASN B 537 -5.57 -23.97 -20.04
C ASN B 537 -5.44 -23.35 -21.43
N PHE B 538 -5.01 -22.09 -21.46
CA PHE B 538 -4.80 -21.35 -22.70
C PHE B 538 -3.31 -21.05 -22.86
N ASN B 539 -2.81 -21.15 -24.09
CA ASN B 539 -1.56 -20.49 -24.46
C ASN B 539 -1.83 -19.85 -25.82
N PHE B 540 -1.87 -18.50 -25.85
CA PHE B 540 -2.10 -17.75 -27.07
C PHE B 540 -0.92 -16.81 -27.27
N ASN B 541 -0.05 -17.16 -28.25
CA ASN B 541 1.16 -16.42 -28.64
C ASN B 541 2.10 -16.10 -27.46
N GLY B 542 2.21 -17.05 -26.52
CA GLY B 542 2.96 -16.83 -25.31
C GLY B 542 2.15 -16.36 -24.11
N LEU B 543 0.97 -15.78 -24.34
CA LEU B 543 0.12 -15.32 -23.24
C LEU B 543 -0.76 -16.46 -22.76
N LYS B 544 -0.82 -16.64 -21.45
CA LYS B 544 -1.52 -17.77 -20.85
C LYS B 544 -2.88 -17.35 -20.28
N GLY B 545 -3.60 -18.32 -19.75
CA GLY B 545 -4.90 -18.07 -19.16
C GLY B 545 -5.64 -19.36 -18.92
N THR B 546 -6.72 -19.24 -18.15
CA THR B 546 -7.59 -20.38 -17.84
C THR B 546 -9.03 -19.90 -17.84
N GLY B 547 -9.88 -20.57 -18.62
CA GLY B 547 -11.29 -20.21 -18.64
C GLY B 547 -12.03 -20.92 -19.75
N VAL B 548 -13.16 -20.32 -20.15
CA VAL B 548 -14.02 -20.84 -21.20
C VAL B 548 -14.07 -19.82 -22.34
N LEU B 549 -14.48 -20.30 -23.50
CA LEU B 549 -14.59 -19.46 -24.69
C LEU B 549 -16.04 -19.38 -25.13
N THR B 550 -16.59 -18.17 -25.14
CA THR B 550 -17.96 -17.88 -25.52
C THR B 550 -17.96 -16.81 -26.61
N GLU B 551 -19.13 -16.62 -27.22
CA GLU B 551 -19.27 -15.66 -28.31
C GLU B 551 -19.21 -14.22 -27.79
N SER B 552 -18.90 -13.30 -28.71
CA SER B 552 -18.72 -11.90 -28.38
C SER B 552 -19.74 -11.06 -29.14
N ASN B 553 -20.62 -10.39 -28.41
CA ASN B 553 -21.56 -9.46 -29.02
C ASN B 553 -21.03 -8.04 -29.09
N LYS B 554 -19.91 -7.75 -28.45
CA LYS B 554 -19.30 -6.43 -28.52
C LYS B 554 -18.52 -6.26 -29.82
N LYS B 555 -18.34 -5.01 -30.23
CA LYS B 555 -17.57 -4.69 -31.41
C LYS B 555 -16.07 -4.90 -31.14
N PHE B 556 -15.33 -5.14 -32.22
CA PHE B 556 -13.92 -5.49 -32.10
C PHE B 556 -13.09 -4.54 -32.96
N LEU B 557 -11.82 -4.44 -32.63
CA LEU B 557 -10.82 -3.68 -33.38
C LEU B 557 -9.98 -4.64 -34.23
N PRO B 558 -9.81 -4.36 -35.53
CA PRO B 558 -9.06 -5.30 -36.39
C PRO B 558 -7.56 -5.35 -36.14
N PHE B 559 -6.99 -4.34 -35.49
CA PHE B 559 -5.58 -4.30 -35.15
C PHE B 559 -5.28 -4.90 -33.79
N GLN B 560 -6.29 -5.42 -33.10
CA GLN B 560 -6.19 -5.77 -31.69
C GLN B 560 -5.99 -7.27 -31.51
N GLN B 561 -4.92 -7.65 -30.81
CA GLN B 561 -4.75 -9.05 -30.42
C GLN B 561 -5.61 -9.40 -29.21
N PHE B 562 -5.56 -8.57 -28.17
CA PHE B 562 -6.26 -8.87 -26.92
C PHE B 562 -6.61 -7.57 -26.21
N GLY B 563 -7.50 -7.68 -25.21
CA GLY B 563 -7.94 -6.53 -24.45
C GLY B 563 -8.28 -6.93 -23.03
N ARG B 564 -8.65 -5.92 -22.24
CA ARG B 564 -8.86 -6.09 -20.81
C ARG B 564 -10.25 -5.63 -20.41
N ASP B 565 -10.80 -6.27 -19.38
CA ASP B 565 -12.12 -5.96 -18.84
C ASP B 565 -12.01 -4.92 -17.73
N ILE B 566 -13.09 -4.79 -16.94
CA ILE B 566 -13.08 -3.95 -15.75
C ILE B 566 -12.21 -4.54 -14.63
N ALA B 567 -11.92 -5.85 -14.67
CA ALA B 567 -11.07 -6.51 -13.69
C ALA B 567 -9.60 -6.51 -14.08
N ASP B 568 -9.25 -5.86 -15.20
CA ASP B 568 -7.88 -5.68 -15.72
C ASP B 568 -7.16 -7.02 -16.00
N THR B 569 -7.92 -8.02 -16.43
CA THR B 569 -7.42 -9.30 -16.90
C THR B 569 -7.93 -9.50 -18.32
N THR B 570 -7.37 -10.48 -19.03
CA THR B 570 -7.70 -10.62 -20.45
C THR B 570 -9.05 -11.31 -20.61
N ASP B 571 -10.03 -10.55 -21.13
CA ASP B 571 -11.38 -11.06 -21.37
C ASP B 571 -11.61 -11.50 -22.80
N ALA B 572 -10.72 -11.18 -23.74
CA ALA B 572 -10.97 -11.43 -25.15
C ALA B 572 -9.65 -11.59 -25.86
N VAL B 573 -9.66 -12.34 -26.96
CA VAL B 573 -8.45 -12.65 -27.70
C VAL B 573 -8.84 -12.84 -29.16
N ARG B 574 -7.92 -12.49 -30.06
CA ARG B 574 -8.11 -12.67 -31.49
C ARG B 574 -7.32 -13.90 -31.95
N ASP B 575 -7.95 -14.71 -32.80
CA ASP B 575 -7.25 -15.80 -33.46
C ASP B 575 -6.22 -15.24 -34.44
N PRO B 576 -5.01 -15.80 -34.48
CA PRO B 576 -4.01 -15.30 -35.44
C PRO B 576 -4.30 -15.63 -36.90
N GLN B 577 -4.90 -16.79 -37.18
CA GLN B 577 -5.08 -17.24 -38.56
C GLN B 577 -6.20 -16.47 -39.27
N THR B 578 -7.39 -16.43 -38.67
CA THR B 578 -8.52 -15.68 -39.18
C THR B 578 -8.96 -14.69 -38.12
N LEU B 579 -9.71 -13.67 -38.52
CA LEU B 579 -9.99 -12.55 -37.65
C LEU B 579 -11.36 -12.76 -37.01
N GLU B 580 -11.36 -13.13 -35.74
CA GLU B 580 -12.56 -13.31 -34.92
C GLU B 580 -12.25 -12.89 -33.50
N ILE B 581 -13.29 -12.76 -32.67
CA ILE B 581 -13.16 -12.43 -31.27
C ILE B 581 -14.04 -13.36 -30.44
N LEU B 582 -13.47 -13.88 -29.35
CA LEU B 582 -14.20 -14.75 -28.42
C LEU B 582 -14.00 -14.25 -27.00
N ASP B 583 -15.06 -14.29 -26.20
CA ASP B 583 -14.97 -13.85 -24.81
C ASP B 583 -14.32 -14.91 -23.94
N ILE B 584 -13.66 -14.46 -22.88
CA ILE B 584 -12.98 -15.33 -21.92
C ILE B 584 -13.60 -15.09 -20.55
N THR B 585 -14.28 -16.10 -20.02
CA THR B 585 -14.81 -16.07 -18.66
C THR B 585 -14.03 -17.06 -17.80
N PRO B 586 -13.42 -16.63 -16.69
CA PRO B 586 -12.59 -17.54 -15.90
C PRO B 586 -13.40 -18.54 -15.09
N CYS B 587 -12.71 -19.59 -14.65
CA CYS B 587 -13.31 -20.72 -13.95
C CYS B 587 -12.81 -20.76 -12.52
N SER B 588 -13.23 -21.83 -11.81
CA SER B 588 -12.89 -22.18 -10.43
C SER B 588 -13.30 -21.06 -9.45
N PHE B 589 -14.61 -20.92 -9.31
CA PHE B 589 -15.21 -19.90 -8.48
C PHE B 589 -16.09 -20.54 -7.42
N GLY B 590 -16.12 -19.93 -6.23
CA GLY B 590 -16.92 -20.40 -5.12
C GLY B 590 -16.09 -21.02 -4.03
N GLY B 591 -16.81 -21.52 -3.01
CA GLY B 591 -16.15 -22.06 -1.83
C GLY B 591 -16.94 -23.21 -1.24
N VAL B 592 -16.27 -23.96 -0.36
CA VAL B 592 -16.81 -25.17 0.26
C VAL B 592 -16.88 -24.93 1.76
N SER B 593 -18.09 -24.99 2.32
CA SER B 593 -18.30 -24.86 3.75
C SER B 593 -19.01 -26.09 4.27
N VAL B 594 -18.71 -26.47 5.52
CA VAL B 594 -19.31 -27.66 6.12
C VAL B 594 -20.22 -27.25 7.27
N ILE B 595 -21.24 -28.07 7.51
CA ILE B 595 -22.19 -27.91 8.61
C ILE B 595 -22.23 -29.24 9.33
N THR B 596 -21.79 -29.26 10.58
CA THR B 596 -21.72 -30.53 11.30
C THR B 596 -21.99 -30.32 12.78
N PRO B 597 -22.59 -31.31 13.46
CA PRO B 597 -22.47 -31.39 14.91
C PRO B 597 -21.10 -31.89 15.32
N GLY B 598 -20.81 -31.76 16.62
CA GLY B 598 -19.50 -32.12 17.13
C GLY B 598 -19.27 -33.62 17.19
N THR B 599 -18.04 -33.98 17.58
CA THR B 599 -17.61 -35.38 17.54
C THR B 599 -18.17 -36.19 18.70
N ASN B 600 -18.72 -35.54 19.73
CA ASN B 600 -19.40 -36.26 20.81
C ASN B 600 -20.86 -36.55 20.48
N THR B 601 -21.36 -36.10 19.33
CA THR B 601 -22.75 -36.33 18.96
C THR B 601 -22.83 -37.38 17.84
N SER B 602 -22.42 -37.02 16.63
CA SER B 602 -22.44 -37.94 15.50
C SER B 602 -21.36 -37.54 14.51
N ASN B 603 -21.21 -38.37 13.47
CA ASN B 603 -20.23 -38.14 12.40
C ASN B 603 -20.84 -37.53 11.15
N GLN B 604 -22.14 -37.22 11.15
CA GLN B 604 -22.81 -36.79 9.94
C GLN B 604 -22.48 -35.32 9.63
N VAL B 605 -21.93 -35.09 8.43
CA VAL B 605 -21.46 -33.77 8.01
C VAL B 605 -22.24 -33.34 6.77
N ALA B 606 -22.93 -32.22 6.88
CA ALA B 606 -23.58 -31.57 5.74
C ALA B 606 -22.60 -30.58 5.12
N VAL B 607 -22.58 -30.52 3.80
CA VAL B 607 -21.64 -29.69 3.05
C VAL B 607 -22.44 -28.64 2.28
N LEU B 608 -21.86 -27.44 2.14
CA LEU B 608 -22.52 -26.31 1.50
C LEU B 608 -21.62 -25.71 0.45
N TYR B 609 -22.13 -25.59 -0.78
CA TYR B 609 -21.45 -24.83 -1.83
C TYR B 609 -22.02 -23.42 -1.85
N GLN B 610 -21.15 -22.42 -1.95
CA GLN B 610 -21.55 -21.02 -1.95
C GLN B 610 -21.05 -20.35 -3.22
N GLY B 611 -21.99 -19.85 -4.03
CA GLY B 611 -21.64 -19.22 -5.28
C GLY B 611 -21.22 -20.18 -6.36
N VAL B 612 -21.61 -21.45 -6.24
CA VAL B 612 -21.26 -22.49 -7.20
C VAL B 612 -22.53 -22.91 -7.91
N ASN B 613 -22.48 -22.97 -9.24
CA ASN B 613 -23.60 -23.50 -10.02
C ASN B 613 -23.67 -25.00 -9.79
N CYS B 614 -24.82 -25.47 -9.30
CA CYS B 614 -24.96 -26.84 -8.85
C CYS B 614 -25.56 -27.77 -9.90
N THR B 615 -25.85 -27.27 -11.10
CA THR B 615 -26.36 -28.12 -12.16
C THR B 615 -25.25 -28.92 -12.83
N GLU B 616 -24.00 -28.45 -12.74
CA GLU B 616 -22.88 -29.14 -13.35
C GLU B 616 -22.22 -30.16 -12.43
N VAL B 617 -22.60 -30.21 -11.16
CA VAL B 617 -22.01 -31.17 -10.22
C VAL B 617 -23.07 -32.18 -9.79
N PRO B 628 -12.29 -30.17 -3.87
CA PRO B 628 -12.67 -31.39 -3.14
C PRO B 628 -12.40 -32.68 -3.91
N THR B 629 -11.85 -33.68 -3.23
CA THR B 629 -11.48 -34.94 -3.85
C THR B 629 -12.56 -36.02 -3.69
N TRP B 630 -13.66 -35.72 -3.01
CA TRP B 630 -14.71 -36.70 -2.74
C TRP B 630 -15.78 -36.60 -3.82
N ARG B 631 -16.13 -37.75 -4.40
CA ARG B 631 -17.27 -37.90 -5.30
C ARG B 631 -18.49 -38.53 -4.63
N VAL B 632 -18.42 -38.81 -3.33
CA VAL B 632 -19.29 -39.83 -2.73
C VAL B 632 -20.70 -39.29 -2.47
N TYR B 633 -20.83 -37.99 -2.23
CA TYR B 633 -22.13 -37.38 -1.98
C TYR B 633 -22.76 -36.78 -3.24
N SER B 634 -22.16 -37.01 -4.41
CA SER B 634 -22.60 -36.43 -5.67
C SER B 634 -23.73 -37.21 -6.35
N THR B 635 -24.24 -38.26 -5.70
CA THR B 635 -25.39 -39.00 -6.25
C THR B 635 -26.65 -38.13 -6.23
N GLY B 636 -26.81 -37.31 -5.21
CA GLY B 636 -27.91 -36.36 -5.17
C GLY B 636 -29.06 -36.81 -4.29
N SER B 637 -30.23 -36.20 -4.57
CA SER B 637 -31.58 -36.34 -3.99
C SER B 637 -31.73 -35.80 -2.56
N ASN B 638 -30.64 -35.38 -1.92
CA ASN B 638 -30.68 -34.60 -0.70
C ASN B 638 -30.52 -33.11 -0.94
N VAL B 639 -30.43 -32.68 -2.19
CA VAL B 639 -30.07 -31.31 -2.54
C VAL B 639 -31.29 -30.41 -2.41
N PHE B 640 -31.17 -29.38 -1.57
CA PHE B 640 -32.16 -28.31 -1.47
C PHE B 640 -31.51 -27.01 -1.94
N GLN B 641 -32.25 -26.24 -2.71
CA GLN B 641 -31.71 -25.00 -3.29
C GLN B 641 -32.02 -23.82 -2.37
N THR B 642 -30.98 -23.09 -1.99
CA THR B 642 -31.08 -21.89 -1.17
C THR B 642 -30.62 -20.69 -1.99
N ARG B 643 -30.58 -19.52 -1.34
CA ARG B 643 -30.09 -18.32 -2.01
C ARG B 643 -28.58 -18.33 -2.16
N ALA B 644 -27.86 -18.78 -1.13
CA ALA B 644 -26.41 -18.83 -1.16
C ALA B 644 -25.87 -19.97 -2.02
N GLY B 645 -26.65 -21.02 -2.24
CA GLY B 645 -26.19 -22.14 -3.04
C GLY B 645 -27.06 -23.37 -2.77
N CYS B 646 -26.49 -24.53 -3.05
CA CYS B 646 -27.15 -25.80 -2.81
C CYS B 646 -26.55 -26.46 -1.58
N LEU B 647 -27.41 -27.13 -0.79
CA LEU B 647 -27.00 -27.74 0.46
C LEU B 647 -27.15 -29.26 0.35
N ILE B 648 -26.01 -29.96 0.36
CA ILE B 648 -25.97 -31.40 0.16
C ILE B 648 -25.82 -32.07 1.51
N GLY B 649 -26.72 -33.00 1.82
CA GLY B 649 -26.67 -33.73 3.07
C GLY B 649 -27.66 -33.30 4.12
N ALA B 650 -28.65 -32.47 3.77
CA ALA B 650 -29.67 -32.04 4.71
C ALA B 650 -31.04 -32.19 4.06
N GLU B 651 -31.99 -32.73 4.83
CA GLU B 651 -33.36 -32.93 4.37
C GLU B 651 -34.20 -31.72 4.76
N TYR B 652 -34.83 -31.10 3.77
CA TYR B 652 -35.65 -29.93 4.03
C TYR B 652 -37.00 -30.34 4.60
N VAL B 653 -37.41 -29.65 5.66
CA VAL B 653 -38.69 -29.89 6.31
C VAL B 653 -39.54 -28.62 6.23
N ASN B 654 -40.84 -28.80 6.37
CA ASN B 654 -41.79 -27.70 6.26
C ASN B 654 -42.16 -27.10 7.61
N ASN B 655 -41.64 -27.65 8.71
CA ASN B 655 -41.94 -27.10 10.03
C ASN B 655 -41.01 -25.93 10.33
N SER B 656 -41.24 -25.28 11.47
CA SER B 656 -40.44 -24.13 11.89
C SER B 656 -40.10 -24.28 13.36
N TYR B 657 -38.81 -24.38 13.65
CA TYR B 657 -38.31 -24.60 14.99
C TYR B 657 -37.24 -23.57 15.33
N GLU B 658 -36.62 -23.73 16.50
CA GLU B 658 -35.47 -22.92 16.90
C GLU B 658 -34.20 -23.72 16.61
N CYS B 659 -33.30 -23.12 15.85
CA CYS B 659 -32.12 -23.82 15.36
C CYS B 659 -30.88 -23.41 16.16
N ASP B 660 -29.74 -23.96 15.76
CA ASP B 660 -28.46 -23.66 16.38
C ASP B 660 -27.45 -23.09 15.38
N ILE B 661 -27.04 -23.87 14.39
CA ILE B 661 -25.98 -23.46 13.46
C ILE B 661 -26.59 -22.63 12.34
N PRO B 662 -26.22 -21.36 12.19
CA PRO B 662 -26.81 -20.53 11.13
C PRO B 662 -26.17 -20.82 9.76
N ILE B 663 -26.93 -20.50 8.72
CA ILE B 663 -26.43 -20.55 7.36
C ILE B 663 -26.51 -19.14 6.78
N GLY B 664 -27.73 -18.70 6.48
CA GLY B 664 -27.96 -17.38 5.95
C GLY B 664 -29.24 -17.35 5.14
N ALA B 665 -29.62 -16.12 4.77
CA ALA B 665 -30.77 -15.77 3.91
C ALA B 665 -32.11 -16.32 4.43
N GLY B 666 -32.25 -16.35 5.76
CA GLY B 666 -33.48 -16.81 6.38
C GLY B 666 -33.58 -18.31 6.59
N ILE B 667 -32.76 -19.11 5.93
CA ILE B 667 -32.81 -20.57 6.04
C ILE B 667 -31.72 -21.02 6.99
N CYS B 668 -32.11 -21.69 8.07
CA CYS B 668 -31.19 -22.11 9.11
C CYS B 668 -31.13 -23.64 9.12
N ALA B 669 -30.34 -24.19 10.04
CA ALA B 669 -30.20 -25.64 10.15
C ALA B 669 -29.93 -26.01 11.60
N SER B 670 -30.31 -27.25 11.94
CA SER B 670 -30.11 -27.78 13.28
C SER B 670 -29.97 -29.28 13.18
N TYR B 671 -29.88 -29.93 14.34
CA TYR B 671 -29.77 -31.39 14.43
C TYR B 671 -30.98 -31.89 15.22
N GLN B 672 -31.89 -32.57 14.54
CA GLN B 672 -33.11 -33.08 15.15
C GLN B 672 -33.33 -34.51 14.69
N THR B 673 -34.26 -35.19 15.35
CA THR B 673 -34.62 -36.56 14.98
C THR B 673 -35.55 -36.57 13.77
N SER B 686 -30.76 -42.94 13.70
CA SER B 686 -32.00 -42.57 13.04
C SER B 686 -32.22 -41.06 13.07
N GLN B 687 -31.12 -40.32 13.20
CA GLN B 687 -31.15 -38.86 13.25
C GLN B 687 -30.29 -38.29 12.14
N SER B 688 -30.67 -37.11 11.66
CA SER B 688 -29.98 -36.49 10.54
C SER B 688 -30.12 -34.98 10.63
N ILE B 689 -29.26 -34.28 9.88
CA ILE B 689 -29.28 -32.83 9.84
C ILE B 689 -30.45 -32.37 8.98
N ILE B 690 -31.28 -31.46 9.51
CA ILE B 690 -32.38 -30.89 8.77
C ILE B 690 -32.15 -29.40 8.60
N ALA B 691 -32.80 -28.83 7.58
CA ALA B 691 -32.70 -27.41 7.28
C ALA B 691 -34.10 -26.84 7.09
N TYR B 692 -34.35 -25.68 7.68
CA TYR B 692 -35.68 -25.07 7.69
C TYR B 692 -35.52 -23.57 7.87
N THR B 693 -36.66 -22.90 8.03
CA THR B 693 -36.73 -21.45 8.18
C THR B 693 -36.80 -21.11 9.66
N MET B 694 -36.04 -20.07 10.06
CA MET B 694 -35.93 -19.68 11.45
C MET B 694 -37.23 -19.09 11.98
N SER B 695 -37.65 -19.57 13.15
CA SER B 695 -38.92 -19.20 13.76
C SER B 695 -38.85 -17.81 14.36
N LEU B 696 -39.98 -17.11 14.32
CA LEU B 696 -40.12 -15.80 14.93
C LEU B 696 -40.65 -15.88 16.36
N GLY B 697 -41.06 -17.05 16.80
CA GLY B 697 -41.73 -17.22 18.08
C GLY B 697 -43.22 -17.48 17.91
N ALA B 698 -43.90 -17.54 19.04
CA ALA B 698 -45.32 -17.84 19.06
C ALA B 698 -46.15 -16.65 18.59
N GLU B 699 -47.37 -16.94 18.15
CA GLU B 699 -48.31 -15.92 17.68
C GLU B 699 -49.39 -15.69 18.71
N ASN B 700 -49.63 -14.42 19.04
CA ASN B 700 -50.61 -14.02 20.05
C ASN B 700 -51.68 -13.20 19.35
N SER B 701 -52.94 -13.63 19.48
CA SER B 701 -54.07 -12.93 18.89
C SER B 701 -55.12 -12.67 19.96
N VAL B 702 -55.30 -11.40 20.30
CA VAL B 702 -56.23 -10.95 21.34
C VAL B 702 -57.20 -9.97 20.67
N ALA B 703 -58.49 -10.09 20.96
CA ALA B 703 -59.44 -9.06 20.59
C ALA B 703 -59.40 -7.90 21.58
N TYR B 704 -59.48 -6.68 21.06
CA TYR B 704 -59.34 -5.49 21.88
C TYR B 704 -60.56 -4.58 21.73
N SER B 705 -60.77 -3.72 22.72
CA SER B 705 -61.82 -2.70 22.71
C SER B 705 -61.38 -1.55 23.60
N ASN B 706 -62.21 -0.51 23.65
CA ASN B 706 -61.91 0.66 24.47
C ASN B 706 -62.26 0.46 25.93
N ASN B 707 -63.21 -0.43 26.23
CA ASN B 707 -63.77 -0.55 27.57
C ASN B 707 -63.09 -1.61 28.42
N SER B 708 -62.02 -2.24 27.93
CA SER B 708 -61.36 -3.33 28.65
C SER B 708 -59.97 -2.90 29.13
N ILE B 709 -59.57 -3.41 30.29
CA ILE B 709 -58.24 -3.17 30.83
C ILE B 709 -57.80 -4.46 31.51
N ALA B 710 -56.48 -4.65 31.63
CA ALA B 710 -55.91 -5.83 32.28
C ALA B 710 -54.95 -5.37 33.37
N ILE B 711 -55.29 -5.67 34.62
CA ILE B 711 -54.48 -5.34 35.79
C ILE B 711 -53.97 -6.66 36.38
N PRO B 712 -52.65 -6.84 36.53
CA PRO B 712 -52.13 -8.13 37.01
C PRO B 712 -52.38 -8.34 38.52
N THR B 713 -52.88 -9.53 38.84
CA THR B 713 -53.17 -9.90 40.23
C THR B 713 -52.10 -10.79 40.86
N ASN B 714 -51.07 -11.21 40.11
CA ASN B 714 -50.11 -12.16 40.62
C ASN B 714 -48.70 -11.73 40.24
N PHE B 715 -47.78 -11.84 41.21
CA PHE B 715 -46.42 -11.34 41.08
C PHE B 715 -45.42 -12.48 41.27
N THR B 716 -44.21 -12.27 40.73
CA THR B 716 -43.11 -13.18 40.94
C THR B 716 -41.80 -12.39 40.86
N ILE B 717 -40.74 -13.00 41.36
CA ILE B 717 -39.40 -12.40 41.37
C ILE B 717 -38.48 -13.26 40.52
N SER B 718 -37.92 -12.66 39.47
CA SER B 718 -37.01 -13.35 38.56
C SER B 718 -35.61 -12.77 38.69
N VAL B 719 -34.61 -13.63 38.62
CA VAL B 719 -33.21 -13.24 38.73
C VAL B 719 -32.51 -13.56 37.42
N THR B 720 -31.95 -12.54 36.77
CA THR B 720 -31.23 -12.69 35.53
C THR B 720 -29.77 -12.34 35.73
N THR B 721 -28.91 -12.90 34.87
CA THR B 721 -27.47 -12.77 34.98
C THR B 721 -26.89 -12.23 33.68
N GLU B 722 -26.20 -11.09 33.78
CA GLU B 722 -25.50 -10.49 32.65
C GLU B 722 -24.00 -10.48 32.95
N ILE B 723 -23.20 -10.76 31.92
CA ILE B 723 -21.75 -10.91 32.06
C ILE B 723 -21.09 -9.91 31.12
N LEU B 724 -20.35 -8.96 31.69
CA LEU B 724 -19.60 -7.96 30.94
C LEU B 724 -18.11 -8.12 31.23
N PRO B 725 -17.27 -8.39 30.24
CA PRO B 725 -15.82 -8.45 30.49
C PRO B 725 -15.22 -7.06 30.69
N VAL B 726 -14.17 -7.01 31.51
CA VAL B 726 -13.55 -5.75 31.94
C VAL B 726 -12.12 -5.62 31.40
N SER B 727 -11.23 -6.52 31.79
CA SER B 727 -9.82 -6.41 31.46
C SER B 727 -9.35 -7.64 30.69
N MET B 728 -8.21 -7.49 30.02
CA MET B 728 -7.60 -8.54 29.21
C MET B 728 -6.22 -8.89 29.76
N THR B 729 -5.54 -9.79 29.06
CA THR B 729 -4.21 -10.23 29.47
C THR B 729 -3.16 -9.26 28.94
N LYS B 730 -2.37 -8.70 29.86
CA LYS B 730 -1.34 -7.74 29.50
C LYS B 730 -0.09 -8.47 29.00
N THR B 731 0.35 -8.13 27.79
CA THR B 731 1.51 -8.77 27.18
C THR B 731 2.57 -7.73 26.85
N SER B 732 3.80 -8.22 26.68
CA SER B 732 4.92 -7.37 26.28
C SER B 732 5.86 -8.19 25.40
N VAL B 733 6.40 -7.55 24.36
CA VAL B 733 7.24 -8.20 23.37
C VAL B 733 8.62 -7.56 23.40
N ASP B 734 9.64 -8.38 23.61
CA ASP B 734 11.04 -7.94 23.54
C ASP B 734 11.44 -7.87 22.07
N CYS B 735 12.19 -6.82 21.71
CA CYS B 735 12.65 -6.69 20.33
C CYS B 735 13.86 -7.57 20.06
N THR B 736 14.68 -7.85 21.09
CA THR B 736 15.91 -8.60 20.89
C THR B 736 15.65 -10.09 20.71
N MET B 737 14.80 -10.67 21.56
CA MET B 737 14.62 -12.13 21.56
C MET B 737 13.72 -12.61 20.44
N TYR B 738 12.72 -11.82 20.04
CA TYR B 738 11.77 -12.29 19.03
C TYR B 738 12.34 -12.13 17.62
N ILE B 739 12.98 -10.99 17.34
CA ILE B 739 13.49 -10.73 15.99
C ILE B 739 14.79 -11.51 15.76
N CYS B 740 15.68 -11.52 16.75
CA CYS B 740 17.00 -12.09 16.59
C CYS B 740 17.13 -13.38 17.40
N GLY B 741 18.02 -14.25 16.92
CA GLY B 741 18.32 -15.53 17.54
C GLY B 741 19.49 -15.48 18.51
N ASP B 742 19.71 -14.29 19.10
CA ASP B 742 20.89 -13.91 19.91
C ASP B 742 22.19 -14.10 19.13
N SER B 743 22.20 -13.59 17.91
CA SER B 743 23.40 -13.53 17.07
C SER B 743 23.88 -12.10 16.99
N THR B 744 25.20 -11.93 16.86
CA THR B 744 25.79 -10.59 16.85
C THR B 744 25.55 -9.88 15.52
N GLU B 745 25.34 -10.62 14.44
CA GLU B 745 25.12 -9.99 13.14
C GLU B 745 23.68 -9.53 12.98
N CYS B 746 22.76 -10.07 13.78
CA CYS B 746 21.35 -9.66 13.68
C CYS B 746 21.12 -8.34 14.38
N SER B 747 21.81 -8.10 15.50
CA SER B 747 21.60 -6.87 16.25
C SER B 747 22.30 -5.68 15.60
N ASN B 748 23.29 -5.93 14.75
CA ASN B 748 23.96 -4.84 14.05
C ASN B 748 23.12 -4.33 12.89
N LEU B 749 22.25 -5.18 12.34
CA LEU B 749 21.35 -4.78 11.27
C LEU B 749 20.11 -4.06 11.76
N LEU B 750 19.85 -4.07 13.07
CA LEU B 750 18.68 -3.36 13.60
C LEU B 750 18.96 -1.87 13.81
N LEU B 751 20.22 -1.45 13.72
CA LEU B 751 20.52 -0.02 13.82
C LEU B 751 20.12 0.71 12.55
N GLN B 752 20.15 0.02 11.40
CA GLN B 752 19.65 0.61 10.17
C GLN B 752 18.12 0.61 10.14
N TYR B 753 17.49 -0.38 10.76
CA TYR B 753 16.04 -0.39 10.88
C TYR B 753 15.55 0.54 11.98
N GLY B 754 16.29 0.63 13.08
CA GLY B 754 16.00 1.65 14.09
C GLY B 754 14.75 1.38 14.92
N SER B 755 13.83 2.35 14.87
CA SER B 755 12.72 2.51 15.80
C SER B 755 11.47 1.73 15.42
N PHE B 756 11.58 0.78 14.46
CA PHE B 756 10.45 -0.04 14.03
C PHE B 756 9.84 -0.88 15.15
N CYS B 757 10.68 -1.46 16.01
CA CYS B 757 10.16 -2.18 17.16
C CYS B 757 10.02 -1.30 18.39
N THR B 758 10.50 -0.06 18.34
CA THR B 758 10.38 0.85 19.48
C THR B 758 8.96 1.41 19.57
N GLN B 759 8.36 1.72 18.41
CA GLN B 759 6.98 2.19 18.37
C GLN B 759 5.98 1.10 18.72
N LEU B 760 6.33 -0.15 18.36
CA LEU B 760 5.45 -1.28 18.66
C LEU B 760 5.58 -1.75 20.11
N LYS B 761 6.70 -1.41 20.77
CA LYS B 761 6.86 -1.73 22.19
C LYS B 761 6.11 -0.74 23.06
N ARG B 762 6.16 0.55 22.71
CA ARG B 762 5.47 1.58 23.47
C ARG B 762 3.96 1.57 23.24
N ALA B 763 3.50 0.99 22.12
CA ALA B 763 2.07 0.85 21.91
C ALA B 763 1.50 -0.27 22.78
N LEU B 764 2.29 -1.30 23.05
CA LEU B 764 1.87 -2.34 23.98
C LEU B 764 2.04 -1.89 25.43
N THR B 765 2.91 -0.90 25.67
CA THR B 765 3.01 -0.29 26.99
C THR B 765 1.78 0.57 27.27
N GLY B 766 1.27 1.24 26.24
CA GLY B 766 0.05 2.04 26.37
C GLY B 766 -1.21 1.22 26.54
N ILE B 767 -1.20 -0.05 26.12
CA ILE B 767 -2.31 -0.95 26.43
C ILE B 767 -2.27 -1.34 27.91
N ALA B 768 -1.07 -1.64 28.43
CA ALA B 768 -0.94 -2.25 29.75
C ALA B 768 -1.14 -1.23 30.86
N VAL B 769 -0.97 0.06 30.57
CA VAL B 769 -1.25 1.07 31.59
C VAL B 769 -2.74 1.38 31.64
N GLU B 770 -3.49 1.04 30.59
CA GLU B 770 -4.93 1.27 30.59
C GLU B 770 -5.72 0.07 31.08
N GLN B 771 -5.06 -1.09 31.25
CA GLN B 771 -5.77 -2.25 31.78
C GLN B 771 -5.94 -2.14 33.29
N ASP B 772 -4.99 -1.50 33.97
CA ASP B 772 -5.15 -1.26 35.40
C ASP B 772 -6.13 -0.13 35.68
N LYS B 773 -6.29 0.80 34.73
CA LYS B 773 -7.27 1.87 34.87
C LYS B 773 -8.69 1.39 34.62
N ASN B 774 -8.87 0.29 33.88
CA ASN B 774 -10.21 -0.25 33.67
C ASN B 774 -10.70 -0.98 34.92
N THR B 775 -9.79 -1.54 35.71
CA THR B 775 -10.20 -2.22 36.93
C THR B 775 -10.52 -1.24 38.06
N GLN B 776 -9.97 -0.03 37.99
CA GLN B 776 -10.24 0.96 39.02
C GLN B 776 -11.59 1.66 38.81
N GLU B 777 -12.02 1.82 37.56
CA GLU B 777 -13.27 2.50 37.28
C GLU B 777 -14.48 1.59 37.43
N VAL B 778 -14.30 0.27 37.39
CA VAL B 778 -15.39 -0.69 37.46
C VAL B 778 -15.53 -1.24 38.88
N PHE B 779 -14.47 -1.88 39.37
CA PHE B 779 -14.56 -2.67 40.59
C PHE B 779 -14.63 -1.79 41.84
N ALA B 780 -13.85 -0.72 41.88
CA ALA B 780 -13.84 0.17 43.04
C ALA B 780 -14.64 1.42 42.73
N GLN B 781 -15.84 1.51 43.29
CA GLN B 781 -16.63 2.74 43.18
C GLN B 781 -16.23 3.75 44.25
N VAL B 782 -16.04 3.29 45.49
CA VAL B 782 -15.75 4.17 46.62
C VAL B 782 -14.44 3.72 47.26
N LYS B 783 -13.86 4.61 48.06
CA LYS B 783 -12.65 4.34 48.80
C LYS B 783 -12.92 3.86 50.22
N GLN B 784 -14.18 3.65 50.59
CA GLN B 784 -14.55 3.24 51.94
C GLN B 784 -15.03 1.79 51.89
N ILE B 785 -14.45 0.95 52.75
CA ILE B 785 -14.72 -0.48 52.77
C ILE B 785 -15.62 -0.80 53.95
N TYR B 786 -16.74 -1.48 53.66
CA TYR B 786 -17.72 -1.85 54.67
C TYR B 786 -17.67 -3.35 54.91
N LYS B 787 -17.98 -3.75 56.15
CA LYS B 787 -17.99 -5.15 56.52
C LYS B 787 -19.33 -5.51 57.15
N THR B 788 -19.78 -6.73 56.87
CA THR B 788 -21.02 -7.30 57.36
C THR B 788 -20.89 -7.64 58.85
N PRO B 789 -21.86 -7.27 59.68
CA PRO B 789 -21.86 -7.71 61.10
C PRO B 789 -22.09 -9.21 61.22
N PRO B 790 -21.51 -9.86 62.24
CA PRO B 790 -21.56 -11.35 62.30
C PRO B 790 -22.93 -11.92 62.65
N ILE B 791 -23.82 -11.14 63.23
CA ILE B 791 -25.19 -11.62 63.48
C ILE B 791 -26.04 -11.25 62.28
N LYS B 792 -26.47 -12.26 61.53
CA LYS B 792 -27.12 -12.05 60.24
C LYS B 792 -28.57 -12.52 60.31
N TYR B 793 -29.49 -11.55 60.37
CA TYR B 793 -30.87 -11.76 59.92
C TYR B 793 -31.24 -10.54 59.10
N PHE B 794 -31.38 -10.72 57.78
CA PHE B 794 -31.69 -9.63 56.86
C PHE B 794 -32.98 -9.96 56.11
N GLY B 795 -34.06 -9.27 56.46
CA GLY B 795 -35.33 -9.33 55.74
C GLY B 795 -36.09 -10.64 55.70
N GLY B 796 -35.68 -11.63 56.50
CA GLY B 796 -36.23 -12.97 56.36
C GLY B 796 -35.78 -13.69 55.11
N PHE B 797 -34.61 -13.36 54.58
CA PHE B 797 -34.07 -13.95 53.36
C PHE B 797 -32.74 -14.62 53.65
N ASN B 798 -32.29 -15.46 52.72
CA ASN B 798 -31.00 -16.12 52.84
C ASN B 798 -30.03 -15.39 51.91
N PHE B 799 -29.12 -14.61 52.49
CA PHE B 799 -28.09 -13.89 51.77
C PHE B 799 -26.73 -14.59 51.79
N SER B 800 -26.65 -15.81 52.33
CA SER B 800 -25.35 -16.45 52.58
C SER B 800 -24.66 -16.96 51.32
N GLN B 801 -25.34 -16.99 50.17
CA GLN B 801 -24.69 -17.41 48.93
C GLN B 801 -23.82 -16.31 48.36
N ILE B 802 -24.24 -15.04 48.47
CA ILE B 802 -23.45 -13.95 47.90
C ILE B 802 -22.42 -13.40 48.88
N LEU B 803 -22.49 -13.78 50.15
CA LEU B 803 -21.52 -13.30 51.13
C LEU B 803 -20.30 -14.22 51.17
N PRO B 804 -19.10 -13.66 51.39
CA PRO B 804 -17.90 -14.49 51.41
C PRO B 804 -17.78 -15.33 52.68
N ASP B 805 -16.95 -16.36 52.58
CA ASP B 805 -16.79 -17.33 53.66
C ASP B 805 -15.61 -16.91 54.53
N PRO B 806 -15.83 -16.60 55.82
CA PRO B 806 -14.69 -16.29 56.70
C PRO B 806 -13.84 -17.50 57.09
N SER B 807 -14.36 -18.72 56.93
CA SER B 807 -13.61 -19.90 57.34
C SER B 807 -12.49 -20.23 56.35
N LYS B 808 -12.69 -19.90 55.09
CA LYS B 808 -11.63 -20.09 54.10
C LYS B 808 -10.58 -18.99 54.25
N PRO B 809 -9.30 -19.29 53.96
CA PRO B 809 -8.28 -18.22 53.97
C PRO B 809 -8.45 -17.22 52.83
N SER B 810 -8.92 -17.66 51.67
CA SER B 810 -9.34 -16.75 50.62
C SER B 810 -10.76 -16.29 50.89
N LYS B 811 -11.05 -15.05 50.49
CA LYS B 811 -12.40 -14.50 50.64
C LYS B 811 -13.16 -14.77 49.35
N ARG B 812 -14.10 -15.71 49.40
CA ARG B 812 -14.87 -16.13 48.25
C ARG B 812 -16.27 -16.50 48.71
N SER B 813 -17.27 -16.16 47.89
CA SER B 813 -18.65 -16.52 48.20
C SER B 813 -18.97 -17.88 47.60
N PHE B 814 -20.23 -18.29 47.74
CA PHE B 814 -20.65 -19.60 47.23
C PHE B 814 -20.86 -19.57 45.72
N ILE B 815 -21.26 -18.44 45.17
CA ILE B 815 -21.46 -18.32 43.73
C ILE B 815 -20.11 -18.18 43.01
N GLU B 816 -19.18 -17.45 43.62
CA GLU B 816 -17.89 -17.16 42.99
C GLU B 816 -16.94 -18.36 43.02
N ASP B 817 -17.25 -19.38 43.83
CA ASP B 817 -16.52 -20.64 43.73
C ASP B 817 -16.85 -21.36 42.42
N LEU B 818 -18.09 -21.24 41.96
CA LEU B 818 -18.47 -21.78 40.66
C LEU B 818 -18.04 -20.88 39.50
N LEU B 819 -17.82 -19.58 39.77
CA LEU B 819 -17.38 -18.68 38.71
C LEU B 819 -15.90 -18.85 38.38
N PHE B 820 -15.09 -19.21 39.38
CA PHE B 820 -13.66 -19.34 39.16
C PHE B 820 -13.29 -20.65 38.46
N ASN B 821 -14.04 -21.73 38.72
CA ASN B 821 -13.64 -23.04 38.25
C ASN B 821 -14.05 -23.33 36.81
N LYS B 822 -14.98 -22.57 36.25
CA LYS B 822 -15.42 -22.81 34.87
C LYS B 822 -14.63 -22.03 33.84
N VAL B 823 -13.75 -21.13 34.26
CA VAL B 823 -12.94 -20.33 33.36
C VAL B 823 -11.50 -20.86 33.43
N THR B 824 -11.02 -21.42 32.33
CA THR B 824 -9.68 -21.98 32.28
C THR B 824 -8.70 -21.01 31.62
N LYS B 851 10.53 -22.69 28.27
CA LYS B 851 9.24 -22.32 27.67
C LYS B 851 9.18 -20.83 27.35
N PHE B 852 10.33 -20.17 27.39
CA PHE B 852 10.43 -18.73 27.16
C PHE B 852 10.88 -18.49 25.74
N LYS B 853 9.96 -18.01 24.90
CA LYS B 853 10.22 -17.75 23.49
C LYS B 853 10.57 -16.30 23.21
N GLY B 854 10.65 -15.46 24.25
CA GLY B 854 10.76 -14.03 24.09
C GLY B 854 9.51 -13.27 24.44
N LEU B 855 8.39 -13.96 24.63
CA LEU B 855 7.14 -13.34 25.06
C LEU B 855 7.01 -13.46 26.57
N THR B 856 6.47 -12.42 27.21
CA THR B 856 6.20 -12.44 28.63
C THR B 856 4.75 -12.04 28.88
N VAL B 857 4.27 -12.39 30.06
CA VAL B 857 2.91 -12.07 30.49
C VAL B 857 3.02 -11.16 31.70
N LEU B 858 2.53 -9.93 31.55
CA LEU B 858 2.56 -8.97 32.64
C LEU B 858 1.45 -9.29 33.63
N PRO B 859 1.75 -9.44 34.92
CA PRO B 859 0.68 -9.68 35.89
C PRO B 859 -0.08 -8.40 36.19
N PRO B 860 -1.36 -8.50 36.54
CA PRO B 860 -2.13 -7.28 36.85
C PRO B 860 -1.78 -6.71 38.21
N LEU B 861 -2.08 -5.42 38.36
CA LEU B 861 -1.85 -4.74 39.64
C LEU B 861 -2.86 -5.18 40.69
N LEU B 862 -4.11 -5.35 40.29
CA LEU B 862 -5.19 -5.68 41.21
C LEU B 862 -5.36 -7.20 41.23
N THR B 863 -5.02 -7.81 42.37
CA THR B 863 -5.14 -9.26 42.53
C THR B 863 -6.59 -9.67 42.70
N ASP B 864 -6.85 -10.97 42.47
CA ASP B 864 -8.20 -11.51 42.57
C ASP B 864 -8.70 -11.59 44.00
N GLU B 865 -7.79 -11.60 44.98
CA GLU B 865 -8.21 -11.49 46.38
C GLU B 865 -8.72 -10.10 46.71
N MET B 866 -8.20 -9.08 46.04
CA MET B 866 -8.61 -7.70 46.28
C MET B 866 -9.81 -7.28 45.43
N ILE B 867 -10.18 -8.09 44.43
CA ILE B 867 -11.41 -7.84 43.69
C ILE B 867 -12.61 -8.24 44.56
N ALA B 868 -12.48 -9.35 45.31
CA ALA B 868 -13.55 -9.79 46.19
C ALA B 868 -13.68 -8.91 47.44
N GLN B 869 -12.62 -8.18 47.80
CA GLN B 869 -12.74 -7.18 48.84
C GLN B 869 -13.48 -5.93 48.36
N TYR B 870 -13.51 -5.68 47.05
CA TYR B 870 -14.43 -4.68 46.52
C TYR B 870 -15.85 -5.24 46.43
N THR B 871 -15.96 -6.56 46.26
CA THR B 871 -17.27 -7.18 46.16
C THR B 871 -17.95 -7.27 47.52
N SER B 872 -17.18 -7.64 48.56
CA SER B 872 -17.74 -7.77 49.91
C SER B 872 -18.00 -6.41 50.56
N ALA B 873 -17.36 -5.35 50.06
CA ALA B 873 -17.63 -4.01 50.59
C ALA B 873 -18.92 -3.44 50.03
N LEU B 874 -19.17 -3.63 48.72
CA LEU B 874 -20.35 -3.03 48.10
C LEU B 874 -21.62 -3.83 48.38
N LEU B 875 -21.49 -5.14 48.63
CA LEU B 875 -22.65 -5.91 49.04
C LEU B 875 -23.02 -5.64 50.50
N ALA B 876 -22.04 -5.24 51.30
CA ALA B 876 -22.34 -4.84 52.68
C ALA B 876 -22.93 -3.44 52.72
N GLY B 877 -22.64 -2.61 51.71
CA GLY B 877 -23.21 -1.28 51.66
C GLY B 877 -24.56 -1.22 51.00
N THR B 878 -24.87 -2.19 50.13
CA THR B 878 -26.18 -2.21 49.48
C THR B 878 -27.25 -2.71 50.44
N ILE B 879 -26.93 -3.75 51.23
CA ILE B 879 -27.90 -4.35 52.13
C ILE B 879 -28.12 -3.46 53.36
N THR B 880 -27.04 -3.04 54.03
CA THR B 880 -27.18 -2.28 55.26
C THR B 880 -27.52 -0.81 55.00
N SER B 881 -26.76 -0.16 54.13
CA SER B 881 -26.85 1.29 53.97
C SER B 881 -27.75 1.73 52.82
N GLY B 882 -28.28 0.80 52.04
CA GLY B 882 -29.18 1.20 50.96
C GLY B 882 -28.40 1.64 49.73
N TRP B 883 -28.93 2.65 49.04
CA TRP B 883 -28.31 3.20 47.84
C TRP B 883 -27.45 4.43 48.14
N THR B 884 -27.31 4.80 49.41
CA THR B 884 -26.68 6.06 49.80
C THR B 884 -25.19 5.95 50.09
N PHE B 885 -24.58 4.78 49.88
CA PHE B 885 -23.17 4.62 50.24
C PHE B 885 -22.24 5.25 49.21
N GLY B 886 -22.65 5.29 47.94
CA GLY B 886 -21.83 5.88 46.91
C GLY B 886 -22.15 7.34 46.66
N ALA B 887 -23.33 7.79 47.07
CA ALA B 887 -23.76 9.17 46.89
C ALA B 887 -23.45 10.04 48.09
N GLY B 888 -22.78 9.52 49.11
CA GLY B 888 -22.52 10.28 50.31
C GLY B 888 -22.12 9.36 51.44
N ALA B 889 -22.36 9.84 52.67
CA ALA B 889 -22.09 9.04 53.85
C ALA B 889 -23.10 7.92 53.98
N ALA B 890 -22.70 6.84 54.67
CA ALA B 890 -23.53 5.66 54.81
C ALA B 890 -24.63 5.86 55.83
N LEU B 891 -25.70 5.09 55.69
CA LEU B 891 -26.81 5.11 56.64
C LEU B 891 -26.94 3.74 57.29
N GLN B 892 -27.87 3.64 58.23
CA GLN B 892 -28.29 2.36 58.80
C GLN B 892 -29.78 2.22 58.59
N ILE B 893 -30.19 1.35 57.67
CA ILE B 893 -31.60 1.14 57.34
C ILE B 893 -31.83 -0.37 57.45
N PRO B 894 -32.95 -0.85 57.99
CA PRO B 894 -33.27 -2.27 57.89
C PRO B 894 -33.68 -2.63 56.47
N PHE B 895 -33.58 -3.92 56.13
CA PHE B 895 -33.77 -4.35 54.75
C PHE B 895 -35.25 -4.37 54.37
N ALA B 896 -36.15 -4.47 55.35
CA ALA B 896 -37.59 -4.42 55.06
C ALA B 896 -38.03 -2.99 54.74
N MET B 897 -37.29 -1.99 55.22
CA MET B 897 -37.63 -0.61 54.90
C MET B 897 -36.99 -0.16 53.59
N GLN B 898 -36.04 -0.92 53.05
CA GLN B 898 -35.39 -0.51 51.80
C GLN B 898 -36.25 -0.84 50.60
N MET B 899 -36.90 -2.01 50.61
CA MET B 899 -37.67 -2.45 49.44
C MET B 899 -39.01 -1.74 49.34
N ALA B 900 -39.46 -1.11 50.42
CA ALA B 900 -40.68 -0.31 50.35
C ALA B 900 -40.45 0.99 49.59
N TYR B 901 -39.23 1.54 49.69
CA TYR B 901 -38.87 2.73 48.94
C TYR B 901 -38.23 2.41 47.60
N ARG B 902 -37.88 1.14 47.34
CA ARG B 902 -37.47 0.74 46.01
C ARG B 902 -38.66 0.30 45.16
N PHE B 903 -39.82 0.07 45.78
CA PHE B 903 -41.05 -0.12 45.01
C PHE B 903 -41.67 1.20 44.60
N ASN B 904 -41.28 2.31 45.23
CA ASN B 904 -41.88 3.59 44.91
C ASN B 904 -41.31 4.20 43.63
N GLY B 905 -40.13 3.73 43.19
CA GLY B 905 -39.59 4.17 41.93
C GLY B 905 -40.29 3.57 40.74
N ILE B 906 -40.80 2.33 40.87
CA ILE B 906 -41.52 1.68 39.79
C ILE B 906 -43.02 1.86 39.91
N GLY B 907 -43.50 2.63 40.89
CA GLY B 907 -44.90 2.95 41.00
C GLY B 907 -45.73 2.03 41.88
N VAL B 908 -45.11 1.33 42.82
CA VAL B 908 -45.79 0.37 43.68
C VAL B 908 -45.77 0.91 45.11
N THR B 909 -46.96 1.10 45.68
CA THR B 909 -47.07 1.53 47.07
C THR B 909 -46.75 0.38 48.02
N GLN B 910 -46.56 0.73 49.30
CA GLN B 910 -46.11 -0.16 50.36
C GLN B 910 -47.08 -1.27 50.76
N ASN B 911 -48.30 -1.31 50.20
CA ASN B 911 -49.29 -2.34 50.55
C ASN B 911 -48.86 -3.73 50.07
N VAL B 912 -48.07 -3.81 49.00
CA VAL B 912 -47.72 -5.08 48.40
C VAL B 912 -46.63 -5.80 49.21
N LEU B 913 -45.68 -5.03 49.77
CA LEU B 913 -44.50 -5.63 50.41
C LEU B 913 -44.83 -6.22 51.78
N TYR B 914 -45.57 -5.48 52.61
CA TYR B 914 -45.73 -5.84 54.01
C TYR B 914 -46.71 -6.99 54.22
N GLU B 915 -47.70 -7.13 53.33
CA GLU B 915 -48.64 -8.24 53.44
C GLU B 915 -48.05 -9.54 52.90
N ASN B 916 -47.31 -9.45 51.79
CA ASN B 916 -46.80 -10.60 51.06
C ASN B 916 -45.39 -11.02 51.47
N GLN B 917 -44.86 -10.46 52.57
CA GLN B 917 -43.44 -10.57 52.94
C GLN B 917 -43.02 -12.02 53.26
N LYS B 918 -43.96 -12.84 53.73
CA LYS B 918 -43.67 -14.26 53.91
C LYS B 918 -43.64 -15.00 52.57
N LEU B 919 -44.36 -14.50 51.57
CA LEU B 919 -44.40 -15.17 50.26
C LEU B 919 -43.18 -14.86 49.42
N ILE B 920 -42.48 -13.74 49.68
CA ILE B 920 -41.29 -13.39 48.90
C ILE B 920 -40.10 -14.24 49.35
N ALA B 921 -40.14 -14.77 50.58
CA ALA B 921 -39.07 -15.62 51.09
C ALA B 921 -39.07 -16.99 50.43
N ASN B 922 -40.21 -17.43 49.90
CA ASN B 922 -40.23 -18.56 49.01
C ASN B 922 -39.81 -18.19 47.60
N GLN B 923 -40.06 -16.94 47.17
CA GLN B 923 -39.72 -16.52 45.82
C GLN B 923 -38.25 -16.15 45.67
N PHE B 924 -37.68 -15.43 46.64
CA PHE B 924 -36.33 -14.90 46.49
C PHE B 924 -35.27 -15.96 46.74
N ASN B 925 -35.52 -16.87 47.70
CA ASN B 925 -34.52 -17.88 48.02
C ASN B 925 -34.48 -19.00 46.99
N SER B 926 -35.61 -19.29 46.35
CA SER B 926 -35.62 -20.30 45.30
C SER B 926 -35.09 -19.77 43.97
N ALA B 927 -35.11 -18.46 43.77
CA ALA B 927 -34.64 -17.89 42.51
C ALA B 927 -33.11 -17.82 42.49
N ILE B 928 -32.50 -17.57 43.65
CA ILE B 928 -31.04 -17.53 43.71
C ILE B 928 -30.44 -18.93 43.78
N GLY B 929 -31.25 -19.94 44.12
CA GLY B 929 -30.76 -21.31 44.06
C GLY B 929 -30.72 -21.86 42.65
N LYS B 930 -31.52 -21.30 41.75
CA LYS B 930 -31.48 -21.71 40.36
C LYS B 930 -30.29 -21.10 39.63
N ILE B 931 -29.75 -20.00 40.15
CA ILE B 931 -28.53 -19.41 39.57
C ILE B 931 -27.33 -20.28 39.91
N GLN B 932 -27.34 -20.89 41.11
CA GLN B 932 -26.25 -21.76 41.54
C GLN B 932 -26.27 -23.09 40.78
N ASP B 933 -27.46 -23.58 40.45
CA ASP B 933 -27.57 -24.83 39.72
C ASP B 933 -27.28 -24.67 38.24
N SER B 934 -27.53 -23.49 37.67
CA SER B 934 -27.33 -23.30 36.23
C SER B 934 -25.86 -23.08 35.90
N LEU B 935 -25.12 -22.39 36.78
CA LEU B 935 -23.72 -22.11 36.51
C LEU B 935 -22.84 -23.33 36.77
N SER B 936 -23.27 -24.23 37.67
CA SER B 936 -22.52 -25.44 37.94
C SER B 936 -22.71 -26.51 36.87
N SER B 937 -23.90 -26.60 36.29
CA SER B 937 -24.16 -27.63 35.28
C SER B 937 -23.53 -27.28 33.94
N THR B 938 -23.74 -26.05 33.47
CA THR B 938 -23.27 -25.63 32.16
C THR B 938 -22.28 -24.47 32.30
N ALA B 939 -21.18 -24.56 31.56
CA ALA B 939 -20.17 -23.51 31.51
C ALA B 939 -20.38 -22.54 30.34
N SER B 940 -21.47 -22.70 29.57
CA SER B 940 -21.68 -21.88 28.39
C SER B 940 -22.13 -20.46 28.72
N ALA B 941 -22.65 -20.23 29.92
CA ALA B 941 -23.03 -18.86 30.31
C ALA B 941 -21.82 -18.01 30.62
N LEU B 942 -20.73 -18.62 31.06
CA LEU B 942 -19.47 -17.94 31.33
C LEU B 942 -18.54 -17.91 30.12
N GLY B 943 -19.02 -18.33 28.94
CA GLY B 943 -18.19 -18.42 27.75
C GLY B 943 -17.80 -17.09 27.13
N LYS B 944 -18.43 -15.98 27.55
CA LYS B 944 -17.95 -14.67 27.15
C LYS B 944 -16.64 -14.34 27.84
N LEU B 945 -16.46 -14.79 29.08
CA LEU B 945 -15.18 -14.65 29.76
C LEU B 945 -14.18 -15.69 29.29
N GLN B 946 -14.65 -16.83 28.77
CA GLN B 946 -13.77 -17.86 28.25
C GLN B 946 -13.16 -17.48 26.91
N ASP B 947 -13.81 -16.58 26.16
CA ASP B 947 -13.25 -16.12 24.89
C ASP B 947 -12.10 -15.14 25.12
N VAL B 948 -12.10 -14.45 26.27
CA VAL B 948 -11.03 -13.52 26.61
C VAL B 948 -9.74 -14.29 26.89
N VAL B 949 -9.87 -15.49 27.46
CA VAL B 949 -8.75 -16.43 27.51
C VAL B 949 -8.44 -16.95 26.11
N ASN B 950 -9.46 -17.21 25.29
CA ASN B 950 -9.24 -17.87 24.00
C ASN B 950 -8.71 -16.92 22.94
N HIS B 951 -9.12 -15.65 22.96
CA HIS B 951 -8.58 -14.70 21.99
C HIS B 951 -7.16 -14.28 22.33
N ASN B 952 -6.78 -14.32 23.61
CA ASN B 952 -5.40 -14.03 23.98
C ASN B 952 -4.48 -15.23 23.76
N ALA B 953 -5.02 -16.45 23.82
CA ALA B 953 -4.20 -17.63 23.60
C ALA B 953 -3.93 -17.86 22.12
N GLN B 954 -4.89 -17.51 21.26
CA GLN B 954 -4.67 -17.67 19.83
C GLN B 954 -3.82 -16.55 19.25
N ALA B 955 -3.69 -15.43 19.97
CA ALA B 955 -2.81 -14.36 19.51
C ALA B 955 -1.35 -14.68 19.81
N LEU B 956 -1.08 -15.31 20.96
CA LEU B 956 0.29 -15.62 21.35
C LEU B 956 0.82 -16.86 20.65
N ASN B 957 -0.03 -17.85 20.38
CA ASN B 957 0.44 -19.11 19.82
C ASN B 957 0.68 -19.00 18.33
N THR B 958 -0.10 -18.16 17.64
CA THR B 958 0.06 -18.04 16.20
C THR B 958 1.25 -17.13 15.86
N LEU B 959 1.61 -16.23 16.79
CA LEU B 959 2.71 -15.29 16.57
C LEU B 959 4.06 -15.98 16.62
N VAL B 960 4.18 -17.05 17.42
CA VAL B 960 5.44 -17.79 17.49
C VAL B 960 5.49 -18.94 16.49
N LYS B 961 4.47 -19.09 15.64
CA LYS B 961 4.56 -20.05 14.54
C LYS B 961 5.17 -19.42 13.29
N GLN B 962 5.54 -18.15 13.34
CA GLN B 962 6.21 -17.51 12.21
C GLN B 962 7.70 -17.84 12.17
N LEU B 963 8.24 -18.38 13.27
CA LEU B 963 9.64 -18.80 13.30
C LEU B 963 9.89 -20.06 12.47
N SER B 964 8.87 -20.91 12.32
CA SER B 964 9.00 -22.13 11.53
C SER B 964 8.92 -21.84 10.04
N SER B 965 8.14 -20.84 9.64
CA SER B 965 7.99 -20.49 8.24
C SER B 965 9.21 -19.75 7.73
N LYS B 966 9.55 -19.97 6.46
CA LYS B 966 10.82 -19.56 5.90
C LYS B 966 10.80 -18.18 5.26
N PHE B 967 9.63 -17.55 5.12
CA PHE B 967 9.41 -16.17 4.63
C PHE B 967 9.94 -15.93 3.21
N GLY B 968 10.00 -16.97 2.38
CA GLY B 968 10.60 -16.89 1.07
C GLY B 968 12.09 -17.18 1.03
N ALA B 969 12.79 -17.08 2.15
CA ALA B 969 14.20 -17.44 2.24
C ALA B 969 14.37 -18.96 2.23
N ILE B 970 15.62 -19.38 1.97
CA ILE B 970 15.94 -20.80 1.88
C ILE B 970 15.85 -21.47 3.25
N SER B 971 16.47 -20.86 4.26
CA SER B 971 16.36 -21.35 5.63
C SER B 971 15.85 -20.24 6.54
N SER B 972 15.07 -20.64 7.55
CA SER B 972 14.47 -19.71 8.49
C SER B 972 15.30 -19.47 9.74
N VAL B 973 16.47 -20.10 9.85
CA VAL B 973 17.34 -19.95 11.01
C VAL B 973 18.38 -18.89 10.67
N LEU B 974 18.55 -17.92 11.59
CA LEU B 974 19.52 -16.85 11.37
C LEU B 974 20.96 -17.32 11.52
N ASN B 975 21.19 -18.41 12.25
CA ASN B 975 22.54 -18.94 12.39
C ASN B 975 22.95 -19.75 11.15
N ASP B 976 21.98 -20.20 10.35
CA ASP B 976 22.31 -21.01 9.19
C ASP B 976 22.81 -20.15 8.03
N ILE B 977 22.19 -18.97 7.84
CA ILE B 977 22.53 -18.10 6.71
C ILE B 977 23.90 -17.46 6.93
N PHE B 978 24.27 -17.24 8.20
CA PHE B 978 25.62 -16.82 8.54
C PHE B 978 26.65 -17.92 8.30
N SER B 979 26.22 -19.19 8.37
CA SER B 979 27.13 -20.32 8.17
C SER B 979 27.16 -20.85 6.74
N ARG B 980 26.32 -20.33 5.84
CA ARG B 980 26.29 -20.82 4.46
C ARG B 980 26.85 -19.82 3.47
N LEU B 981 26.07 -18.77 3.21
CA LEU B 981 26.28 -17.84 2.11
C LEU B 981 27.45 -16.91 2.38
N ASP B 982 27.92 -16.27 1.29
CA ASP B 982 28.91 -15.20 1.35
C ASP B 982 28.35 -14.00 2.11
N PRO B 983 29.21 -13.24 2.79
CA PRO B 983 28.73 -12.05 3.56
C PRO B 983 28.14 -10.91 2.71
N PRO B 984 28.48 -10.75 1.41
CA PRO B 984 27.52 -9.98 0.59
C PRO B 984 26.21 -10.71 0.32
N GLU B 985 26.23 -12.02 0.13
CA GLU B 985 25.01 -12.75 -0.23
C GLU B 985 24.11 -13.03 0.97
N ALA B 986 24.68 -13.10 2.18
CA ALA B 986 23.87 -13.48 3.34
C ALA B 986 23.06 -12.29 3.87
N GLU B 987 23.43 -11.07 3.50
CA GLU B 987 22.70 -9.90 3.99
C GLU B 987 21.37 -9.70 3.26
N VAL B 988 21.19 -10.35 2.11
CA VAL B 988 19.89 -10.33 1.45
C VAL B 988 18.91 -11.25 2.17
N GLN B 989 19.34 -12.47 2.50
CA GLN B 989 18.43 -13.48 3.03
C GLN B 989 18.12 -13.28 4.50
N ILE B 990 19.02 -12.65 5.25
CA ILE B 990 18.72 -12.31 6.65
C ILE B 990 17.72 -11.17 6.72
N ASP B 991 17.87 -10.18 5.84
CA ASP B 991 16.95 -9.04 5.81
C ASP B 991 15.58 -9.38 5.26
N ARG B 992 15.42 -10.51 4.56
CA ARG B 992 14.08 -11.00 4.24
C ARG B 992 13.40 -11.56 5.48
N LEU B 993 14.16 -12.15 6.40
CA LEU B 993 13.56 -12.72 7.60
C LEU B 993 13.23 -11.66 8.64
N ILE B 994 14.02 -10.58 8.71
CA ILE B 994 13.77 -9.52 9.68
C ILE B 994 12.55 -8.70 9.25
N THR B 995 12.37 -8.53 7.94
CA THR B 995 11.20 -7.83 7.40
C THR B 995 9.94 -8.68 7.57
N GLY B 996 10.08 -10.01 7.49
CA GLY B 996 8.93 -10.89 7.69
C GLY B 996 8.54 -11.01 9.15
N ARG B 997 9.49 -10.87 10.07
CA ARG B 997 9.15 -10.90 11.49
C ARG B 997 8.58 -9.57 11.97
N LEU B 998 8.95 -8.46 11.33
CA LEU B 998 8.37 -7.17 11.72
C LEU B 998 6.95 -7.01 11.17
N GLN B 999 6.64 -7.63 10.04
CA GLN B 999 5.27 -7.58 9.53
C GLN B 999 4.34 -8.47 10.34
N SER B 1000 4.87 -9.55 10.91
CA SER B 1000 4.10 -10.35 11.85
C SER B 1000 3.98 -9.66 13.20
N LEU B 1001 4.96 -8.83 13.55
CA LEU B 1001 4.88 -8.06 14.79
C LEU B 1001 3.95 -6.87 14.62
N GLN B 1002 3.89 -6.29 13.41
CA GLN B 1002 2.95 -5.20 13.14
C GLN B 1002 1.52 -5.72 13.03
N THR B 1003 1.36 -7.00 12.68
CA THR B 1003 0.05 -7.65 12.69
C THR B 1003 -0.45 -7.84 14.13
N TYR B 1004 0.46 -8.13 15.06
CA TYR B 1004 0.06 -8.45 16.43
C TYR B 1004 -0.30 -7.19 17.22
N VAL B 1005 0.41 -6.09 17.00
CA VAL B 1005 0.17 -4.87 17.76
C VAL B 1005 -1.11 -4.17 17.28
N THR B 1006 -1.41 -4.30 15.98
CA THR B 1006 -2.60 -3.68 15.40
C THR B 1006 -3.87 -4.39 15.86
N GLN B 1007 -3.81 -5.71 16.05
CA GLN B 1007 -4.96 -6.45 16.57
C GLN B 1007 -5.16 -6.19 18.06
N GLN B 1008 -4.08 -6.02 18.82
CA GLN B 1008 -4.23 -5.85 20.27
C GLN B 1008 -4.64 -4.42 20.64
N LEU B 1009 -4.44 -3.46 19.74
CA LEU B 1009 -4.97 -2.12 19.99
C LEU B 1009 -6.46 -2.04 19.73
N ILE B 1010 -6.96 -2.82 18.77
CA ILE B 1010 -8.38 -2.83 18.46
C ILE B 1010 -9.16 -3.63 19.50
N ARG B 1011 -8.56 -4.73 20.00
CA ARG B 1011 -9.18 -5.48 21.08
C ARG B 1011 -9.11 -4.74 22.41
N ALA B 1012 -8.14 -3.82 22.57
CA ALA B 1012 -8.15 -2.91 23.71
C ALA B 1012 -9.25 -1.87 23.58
N ALA B 1013 -9.62 -1.49 22.35
CA ALA B 1013 -10.72 -0.56 22.16
C ALA B 1013 -12.08 -1.24 22.30
N GLU B 1014 -12.17 -2.53 21.96
CA GLU B 1014 -13.42 -3.25 22.13
C GLU B 1014 -13.65 -3.60 23.59
N ILE B 1015 -12.58 -3.76 24.37
CA ILE B 1015 -12.74 -4.05 25.79
C ILE B 1015 -12.89 -2.76 26.59
N ARG B 1016 -12.59 -1.61 25.98
CA ARG B 1016 -12.79 -0.33 26.65
C ARG B 1016 -14.27 0.05 26.66
N ALA B 1017 -14.98 -0.22 25.56
CA ALA B 1017 -16.40 0.11 25.50
C ALA B 1017 -17.24 -0.86 26.31
N SER B 1018 -16.74 -2.09 26.53
CA SER B 1018 -17.44 -3.01 27.41
C SER B 1018 -17.18 -2.68 28.88
N ALA B 1019 -16.01 -2.14 29.19
CA ALA B 1019 -15.72 -1.76 30.56
C ALA B 1019 -16.40 -0.45 30.93
N ASN B 1020 -16.60 0.44 29.95
CA ASN B 1020 -17.36 1.66 30.19
C ASN B 1020 -18.85 1.37 30.29
N LEU B 1021 -19.30 0.29 29.64
CA LEU B 1021 -20.65 -0.22 29.87
C LEU B 1021 -20.74 -0.90 31.23
N ALA B 1022 -19.63 -1.50 31.68
CA ALA B 1022 -19.62 -2.15 32.98
C ALA B 1022 -19.51 -1.14 34.11
N ALA B 1023 -18.76 -0.04 33.89
CA ALA B 1023 -18.63 0.98 34.92
C ALA B 1023 -19.89 1.84 35.03
N THR B 1024 -20.70 1.88 33.98
CA THR B 1024 -22.00 2.53 34.07
C THR B 1024 -22.97 1.68 34.89
N LYS B 1025 -23.01 0.37 34.63
CA LYS B 1025 -23.94 -0.51 35.32
C LYS B 1025 -23.51 -0.82 36.76
N MET B 1026 -22.24 -0.61 37.11
CA MET B 1026 -21.87 -0.61 38.52
C MET B 1026 -22.37 0.66 39.21
N SER B 1027 -22.41 1.77 38.49
CA SER B 1027 -22.90 3.02 39.07
C SER B 1027 -24.42 3.07 39.08
N GLU B 1028 -25.07 2.73 37.97
CA GLU B 1028 -26.51 2.93 37.86
C GLU B 1028 -27.29 1.83 38.56
N CYS B 1029 -26.96 0.56 38.28
CA CYS B 1029 -27.80 -0.54 38.74
C CYS B 1029 -27.52 -0.92 40.19
N VAL B 1030 -26.25 -0.95 40.58
CA VAL B 1030 -25.86 -1.38 41.93
C VAL B 1030 -26.06 -0.25 42.91
N LEU B 1031 -25.36 0.87 42.69
CA LEU B 1031 -25.35 2.00 43.63
C LEU B 1031 -26.63 2.84 43.61
N GLY B 1032 -27.55 2.59 42.69
CA GLY B 1032 -28.78 3.37 42.63
C GLY B 1032 -29.92 2.56 42.06
N GLN B 1033 -31.05 3.23 41.93
CA GLN B 1033 -32.27 2.63 41.40
C GLN B 1033 -32.58 3.25 40.04
N SER B 1034 -32.90 2.42 39.06
CA SER B 1034 -33.21 2.87 37.72
C SER B 1034 -34.65 2.49 37.37
N LYS B 1035 -35.29 3.32 36.54
CA LYS B 1035 -36.61 3.04 36.01
C LYS B 1035 -36.55 2.39 34.63
N ARG B 1036 -35.35 2.07 34.16
CA ARG B 1036 -35.11 1.70 32.77
C ARG B 1036 -35.54 0.26 32.49
N VAL B 1037 -35.82 -0.01 31.22
CA VAL B 1037 -36.16 -1.33 30.72
C VAL B 1037 -34.99 -1.82 29.88
N ASP B 1038 -34.56 -3.07 30.12
CA ASP B 1038 -33.49 -3.81 29.45
C ASP B 1038 -32.13 -3.12 29.57
N PHE B 1039 -31.89 -2.43 30.68
CA PHE B 1039 -30.59 -1.88 31.03
C PHE B 1039 -30.01 -2.59 32.24
N CYS B 1040 -30.74 -2.54 33.36
CA CYS B 1040 -30.43 -3.27 34.59
C CYS B 1040 -31.03 -4.68 34.59
N GLY B 1041 -31.52 -5.15 33.46
CA GLY B 1041 -32.18 -6.44 33.33
C GLY B 1041 -33.65 -6.28 32.97
N LYS B 1042 -34.23 -7.39 32.52
CA LYS B 1042 -35.56 -7.38 31.91
C LYS B 1042 -36.64 -7.25 32.97
N GLY B 1043 -37.53 -6.29 32.79
CA GLY B 1043 -38.56 -5.97 33.75
C GLY B 1043 -38.23 -4.73 34.54
N TYR B 1044 -39.03 -4.49 35.57
CA TYR B 1044 -38.82 -3.34 36.43
C TYR B 1044 -37.67 -3.62 37.39
N HIS B 1045 -36.78 -2.64 37.54
CA HIS B 1045 -35.56 -2.84 38.30
C HIS B 1045 -35.83 -2.73 39.79
N LEU B 1046 -35.29 -3.68 40.55
CA LEU B 1046 -35.31 -3.64 42.01
C LEU B 1046 -33.95 -3.24 42.57
N MET B 1047 -32.92 -4.04 42.28
CA MET B 1047 -31.57 -3.93 42.84
C MET B 1047 -30.67 -4.91 42.09
N SER B 1048 -29.37 -4.71 42.23
CA SER B 1048 -28.37 -5.52 41.53
C SER B 1048 -27.25 -5.91 42.49
N PHE B 1049 -26.78 -7.14 42.34
CA PHE B 1049 -25.72 -7.69 43.19
C PHE B 1049 -24.48 -7.98 42.36
N PRO B 1050 -23.40 -7.24 42.51
CA PRO B 1050 -22.17 -7.56 41.78
C PRO B 1050 -21.41 -8.73 42.39
N GLN B 1051 -20.71 -9.46 41.52
CA GLN B 1051 -19.89 -10.60 41.93
C GLN B 1051 -18.53 -10.48 41.25
N SER B 1052 -17.54 -11.17 41.82
CA SER B 1052 -16.20 -11.13 41.26
C SER B 1052 -16.04 -12.23 40.21
N ALA B 1053 -15.31 -11.89 39.15
CA ALA B 1053 -15.08 -12.80 38.02
C ALA B 1053 -13.67 -12.57 37.50
N PRO B 1054 -13.01 -13.61 37.00
CA PRO B 1054 -11.73 -13.39 36.31
C PRO B 1054 -11.94 -12.73 34.95
N HIS B 1055 -11.16 -11.67 34.69
CA HIS B 1055 -11.17 -10.85 33.47
C HIS B 1055 -12.54 -10.26 33.15
N GLY B 1056 -13.28 -9.89 34.18
CA GLY B 1056 -14.62 -9.38 33.97
C GLY B 1056 -15.41 -9.30 35.26
N VAL B 1057 -16.72 -9.23 35.11
CA VAL B 1057 -17.63 -9.08 36.25
C VAL B 1057 -18.94 -9.81 35.91
N VAL B 1058 -19.54 -10.43 36.91
CA VAL B 1058 -20.81 -11.15 36.77
C VAL B 1058 -21.86 -10.43 37.61
N PHE B 1059 -22.92 -9.98 36.94
CA PHE B 1059 -24.00 -9.24 37.58
C PHE B 1059 -25.13 -10.19 37.95
N LEU B 1060 -25.75 -9.94 39.10
CA LEU B 1060 -26.97 -10.62 39.51
C LEU B 1060 -28.07 -9.57 39.58
N HIS B 1061 -29.01 -9.64 38.64
CA HIS B 1061 -30.06 -8.63 38.50
C HIS B 1061 -31.34 -9.15 39.16
N VAL B 1062 -31.77 -8.49 40.22
CA VAL B 1062 -33.04 -8.80 40.86
C VAL B 1062 -34.12 -7.97 40.16
N THR B 1063 -35.08 -8.65 39.55
CA THR B 1063 -36.06 -8.00 38.68
C THR B 1063 -37.47 -8.23 39.21
N TYR B 1064 -38.39 -7.38 38.74
CA TYR B 1064 -39.79 -7.39 39.15
C TYR B 1064 -40.64 -7.76 37.93
N VAL B 1065 -41.19 -8.97 37.94
CA VAL B 1065 -41.91 -9.52 36.80
C VAL B 1065 -43.36 -9.78 37.22
N PRO B 1066 -44.35 -9.14 36.59
CA PRO B 1066 -45.74 -9.55 36.81
C PRO B 1066 -46.04 -10.86 36.10
N ALA B 1067 -46.93 -11.66 36.69
CA ALA B 1067 -47.15 -13.04 36.28
C ALA B 1067 -48.49 -13.22 35.58
N GLN B 1068 -49.60 -13.25 36.33
CA GLN B 1068 -50.90 -13.60 35.78
C GLN B 1068 -51.77 -12.35 35.63
N GLU B 1069 -52.60 -12.35 34.60
CA GLU B 1069 -53.41 -11.19 34.22
C GLU B 1069 -54.88 -11.54 34.26
N LYS B 1070 -55.71 -10.51 34.45
CA LYS B 1070 -57.15 -10.69 34.46
C LYS B 1070 -57.80 -9.46 33.83
N ASN B 1071 -58.77 -9.70 32.96
CA ASN B 1071 -59.40 -8.62 32.19
C ASN B 1071 -60.49 -7.93 33.02
N PHE B 1072 -60.42 -6.60 33.10
CA PHE B 1072 -61.34 -5.78 33.86
C PHE B 1072 -62.00 -4.77 32.94
N THR B 1073 -63.11 -4.18 33.41
CA THR B 1073 -63.87 -3.19 32.66
C THR B 1073 -63.46 -1.80 33.14
N THR B 1074 -63.09 -0.93 32.20
CA THR B 1074 -62.59 0.41 32.50
C THR B 1074 -63.47 1.48 31.87
N ALA B 1075 -63.04 2.74 32.08
CA ALA B 1075 -63.68 4.00 31.69
C ALA B 1075 -62.71 5.13 32.00
N PRO B 1076 -62.60 6.14 31.13
CA PRO B 1076 -61.64 7.23 31.41
C PRO B 1076 -62.08 8.17 32.52
N ALA B 1077 -63.37 8.35 32.74
CA ALA B 1077 -63.87 9.27 33.76
C ALA B 1077 -65.23 8.80 34.24
N ILE B 1078 -65.60 9.30 35.42
CA ILE B 1078 -66.92 9.04 35.99
C ILE B 1078 -67.63 10.38 36.19
N CYS B 1079 -68.95 10.32 36.25
CA CYS B 1079 -69.80 11.51 36.32
C CYS B 1079 -70.74 11.39 37.51
N HIS B 1080 -70.79 12.42 38.34
CA HIS B 1080 -71.63 12.41 39.54
C HIS B 1080 -72.62 13.58 39.54
N ASP B 1081 -72.17 14.80 39.83
CA ASP B 1081 -73.05 15.95 39.93
C ASP B 1081 -73.14 16.76 38.64
N GLY B 1082 -72.52 16.29 37.56
CA GLY B 1082 -72.38 17.05 36.33
C GLY B 1082 -70.96 17.51 36.08
N LYS B 1083 -70.06 17.32 37.03
CA LYS B 1083 -68.64 17.63 36.86
C LYS B 1083 -67.87 16.33 36.67
N ALA B 1084 -66.89 16.36 35.77
CA ALA B 1084 -66.11 15.17 35.47
C ALA B 1084 -65.06 14.94 36.56
N HIS B 1085 -64.92 13.68 36.96
CA HIS B 1085 -63.93 13.29 37.97
C HIS B 1085 -62.80 12.53 37.28
N PHE B 1086 -61.56 12.92 37.59
CA PHE B 1086 -60.36 12.34 37.01
C PHE B 1086 -59.51 11.71 38.11
N PRO B 1087 -58.85 10.58 37.84
CA PRO B 1087 -58.02 9.97 38.88
C PRO B 1087 -56.69 10.69 39.05
N ARG B 1088 -56.17 10.68 40.28
CA ARG B 1088 -54.85 11.25 40.55
C ARG B 1088 -53.76 10.25 40.21
N GLU B 1089 -53.64 9.20 41.02
CA GLU B 1089 -52.74 8.07 40.76
C GLU B 1089 -53.54 6.79 40.86
N GLY B 1090 -53.71 6.10 39.74
CA GLY B 1090 -54.39 4.83 39.73
C GLY B 1090 -55.14 4.61 38.43
N VAL B 1091 -55.93 3.54 38.41
CA VAL B 1091 -56.75 3.15 37.26
C VAL B 1091 -58.18 2.99 37.73
N PHE B 1092 -59.09 2.91 36.76
CA PHE B 1092 -60.50 2.60 37.02
C PHE B 1092 -60.78 1.18 36.55
N VAL B 1093 -61.26 0.33 37.46
CA VAL B 1093 -61.57 -1.07 37.16
C VAL B 1093 -63.02 -1.32 37.53
N SER B 1094 -63.56 -2.43 37.01
CA SER B 1094 -64.89 -2.88 37.36
C SER B 1094 -64.96 -4.39 37.26
N ASN B 1095 -65.76 -5.00 38.14
CA ASN B 1095 -66.01 -6.44 38.10
C ASN B 1095 -67.27 -6.80 37.31
N GLY B 1096 -67.93 -5.81 36.71
CA GLY B 1096 -69.18 -6.02 36.01
C GLY B 1096 -70.40 -5.47 36.73
N THR B 1097 -70.25 -5.01 37.97
CA THR B 1097 -71.37 -4.47 38.72
C THR B 1097 -71.05 -3.08 39.25
N HIS B 1098 -70.06 -3.00 40.15
CA HIS B 1098 -69.66 -1.74 40.76
C HIS B 1098 -68.30 -1.32 40.25
N TRP B 1099 -68.09 -0.01 40.17
CA TRP B 1099 -66.82 0.56 39.73
C TRP B 1099 -65.88 0.70 40.92
N PHE B 1100 -64.67 0.17 40.78
CA PHE B 1100 -63.66 0.18 41.83
C PHE B 1100 -62.45 0.98 41.37
N VAL B 1101 -61.66 1.46 42.33
CA VAL B 1101 -60.44 2.18 42.04
C VAL B 1101 -59.26 1.44 42.67
N THR B 1102 -58.22 1.22 41.88
CA THR B 1102 -56.98 0.62 42.35
C THR B 1102 -55.82 1.24 41.56
N GLN B 1103 -54.61 0.84 41.91
CA GLN B 1103 -53.43 1.44 41.31
C GLN B 1103 -53.08 0.73 40.00
N ARG B 1104 -51.97 1.14 39.39
CA ARG B 1104 -51.65 0.72 38.03
C ARG B 1104 -51.04 -0.68 37.98
N ASN B 1105 -50.09 -0.97 38.88
CA ASN B 1105 -49.34 -2.21 38.82
C ASN B 1105 -49.97 -3.34 39.60
N PHE B 1106 -50.96 -3.07 40.46
CA PHE B 1106 -51.59 -4.12 41.26
C PHE B 1106 -53.07 -3.84 41.34
N TYR B 1107 -53.81 -4.86 41.81
CA TYR B 1107 -55.26 -4.75 42.00
C TYR B 1107 -55.57 -4.83 43.48
N GLU B 1108 -55.94 -3.69 44.07
CA GLU B 1108 -56.40 -3.60 45.45
C GLU B 1108 -57.65 -2.74 45.43
N PRO B 1109 -58.83 -3.35 45.29
CA PRO B 1109 -60.06 -2.57 45.04
C PRO B 1109 -60.54 -1.80 46.27
N GLN B 1110 -60.87 -0.53 46.04
CA GLN B 1110 -61.34 0.36 47.09
C GLN B 1110 -62.52 1.17 46.56
N ILE B 1111 -63.22 1.82 47.48
CA ILE B 1111 -64.32 2.72 47.10
C ILE B 1111 -63.73 4.02 46.57
N ILE B 1112 -64.52 4.70 45.74
CA ILE B 1112 -64.09 5.95 45.11
C ILE B 1112 -64.38 7.09 46.08
N THR B 1113 -63.33 7.81 46.48
CA THR B 1113 -63.43 8.91 47.43
C THR B 1113 -62.94 10.19 46.78
N THR B 1114 -63.27 11.32 47.43
CA THR B 1114 -62.92 12.62 46.88
C THR B 1114 -61.44 12.93 47.02
N ASP B 1115 -60.76 12.30 47.98
CA ASP B 1115 -59.31 12.46 48.10
C ASP B 1115 -58.54 11.68 47.04
N ASN B 1116 -59.15 10.64 46.47
CA ASN B 1116 -58.49 9.82 45.44
C ASN B 1116 -58.84 10.27 44.02
N THR B 1117 -59.63 11.32 43.86
CA THR B 1117 -60.02 11.80 42.54
C THR B 1117 -59.79 13.30 42.44
N PHE B 1118 -59.88 13.80 41.21
CA PHE B 1118 -59.68 15.21 40.91
C PHE B 1118 -60.82 15.69 40.04
N VAL B 1119 -61.32 16.89 40.33
CA VAL B 1119 -62.52 17.43 39.69
C VAL B 1119 -62.10 18.52 38.72
N SER B 1120 -62.32 18.27 37.42
CA SER B 1120 -62.13 19.29 36.39
C SER B 1120 -63.09 19.04 35.25
N GLY B 1121 -63.64 20.12 34.70
CA GLY B 1121 -64.52 20.03 33.54
C GLY B 1121 -65.91 19.49 33.87
N ASN B 1122 -66.74 19.44 32.84
CA ASN B 1122 -68.07 18.84 32.93
C ASN B 1122 -68.09 17.49 32.20
N CYS B 1123 -69.26 16.86 32.19
CA CYS B 1123 -69.42 15.51 31.67
C CYS B 1123 -69.73 15.47 30.18
N ASP B 1124 -69.78 16.61 29.51
CA ASP B 1124 -70.10 16.67 28.09
C ASP B 1124 -68.86 16.71 27.19
N VAL B 1125 -67.66 16.62 27.77
CA VAL B 1125 -66.42 16.72 27.00
C VAL B 1125 -65.85 15.34 26.75
N VAL B 1126 -65.54 14.61 27.84
CA VAL B 1126 -64.76 13.38 27.76
C VAL B 1126 -65.60 12.25 27.18
N ILE B 1127 -65.10 11.63 26.11
CA ILE B 1127 -65.79 10.53 25.46
C ILE B 1127 -65.59 9.26 26.29
N GLY B 1128 -66.71 8.64 26.69
CA GLY B 1128 -66.66 7.43 27.47
C GLY B 1128 -66.91 7.60 28.95
N ILE B 1129 -67.42 8.74 29.38
CA ILE B 1129 -67.70 8.96 30.80
C ILE B 1129 -69.01 8.27 31.16
N VAL B 1130 -69.06 7.68 32.36
CA VAL B 1130 -70.24 6.95 32.83
C VAL B 1130 -70.72 7.60 34.12
N ASN B 1131 -71.98 7.31 34.45
CA ASN B 1131 -72.57 7.83 35.68
C ASN B 1131 -72.16 6.97 36.87
N ASN B 1132 -71.81 7.63 37.97
CA ASN B 1132 -71.36 6.93 39.17
C ASN B 1132 -71.77 7.79 40.36
N THR B 1133 -71.55 7.26 41.56
CA THR B 1133 -71.78 7.99 42.81
C THR B 1133 -70.46 8.11 43.55
N VAL B 1134 -69.97 9.33 43.68
CA VAL B 1134 -68.70 9.59 44.37
C VAL B 1134 -68.99 9.66 45.87
N TYR B 1135 -68.33 8.79 46.63
CA TYR B 1135 -68.54 8.74 48.08
C TYR B 1135 -67.78 9.87 48.76
N ASP B 1136 -68.50 10.69 49.52
CA ASP B 1136 -67.90 11.77 50.28
C ASP B 1136 -67.67 11.26 51.70
N PRO B 1137 -66.42 11.20 52.18
CA PRO B 1137 -66.19 10.77 53.57
C PRO B 1137 -66.62 11.78 54.62
N LEU B 1138 -66.75 13.06 54.26
CA LEU B 1138 -67.13 14.09 55.22
C LEU B 1138 -68.61 14.10 55.53
N GLN B 1139 -69.45 13.53 54.64
CA GLN B 1139 -70.90 13.53 54.86
C GLN B 1139 -71.37 12.62 56.01
N PRO B 1140 -70.89 11.36 56.19
CA PRO B 1140 -71.23 10.67 57.45
C PRO B 1140 -70.51 11.20 58.68
N GLU B 1141 -69.41 11.94 58.51
CA GLU B 1141 -68.66 12.43 59.67
C GLU B 1141 -69.36 13.63 60.30
N LEU B 1142 -69.90 14.54 59.48
CA LEU B 1142 -70.60 15.70 60.01
C LEU B 1142 -72.00 15.36 60.52
N ASP B 1143 -72.58 14.24 60.07
CA ASP B 1143 -73.90 13.83 60.52
C ASP B 1143 -73.86 12.88 61.71
N SER B 1144 -72.68 12.58 62.23
CA SER B 1144 -72.55 11.68 63.37
C SER B 1144 -71.58 12.26 64.41
N GLN C 1 -7.41 -41.16 -44.51
CA GLN C 1 -8.79 -40.77 -44.79
C GLN C 1 -9.68 -41.00 -43.57
N VAL C 2 -10.40 -39.96 -43.16
CA VAL C 2 -11.27 -40.04 -41.99
C VAL C 2 -12.60 -40.66 -42.41
N GLN C 3 -12.95 -41.79 -41.81
CA GLN C 3 -14.22 -42.45 -42.06
C GLN C 3 -14.77 -43.00 -40.76
N LEU C 4 -16.04 -42.71 -40.49
CA LEU C 4 -16.72 -43.17 -39.29
C LEU C 4 -17.55 -44.40 -39.65
N GLN C 5 -17.42 -45.46 -38.86
CA GLN C 5 -18.05 -46.74 -39.15
C GLN C 5 -19.08 -47.09 -38.08
N GLN C 6 -20.26 -47.51 -38.53
CA GLN C 6 -21.36 -47.93 -37.69
C GLN C 6 -21.94 -49.22 -38.24
N PRO C 7 -22.50 -50.10 -37.40
CA PRO C 7 -23.23 -51.26 -37.91
C PRO C 7 -24.55 -50.85 -38.55
N GLY C 8 -25.05 -51.74 -39.43
CA GLY C 8 -26.22 -51.40 -40.23
C GLY C 8 -27.52 -51.48 -39.45
N ALA C 9 -27.71 -52.56 -38.70
CA ALA C 9 -28.97 -52.76 -37.98
C ALA C 9 -28.69 -53.40 -36.63
N GLU C 10 -29.56 -53.09 -35.67
CA GLU C 10 -29.47 -53.65 -34.32
C GLU C 10 -30.87 -54.00 -33.85
N LEU C 11 -31.06 -55.22 -33.40
CA LEU C 11 -32.34 -55.69 -32.89
C LEU C 11 -32.35 -55.61 -31.37
N VAL C 12 -33.38 -54.99 -30.82
CA VAL C 12 -33.50 -54.82 -29.37
C VAL C 12 -34.98 -54.91 -29.00
N ARG C 13 -35.25 -55.56 -27.85
CA ARG C 13 -36.58 -55.63 -27.28
C ARG C 13 -36.89 -54.34 -26.51
N PRO C 14 -38.17 -53.94 -26.43
CA PRO C 14 -38.52 -52.79 -25.58
C PRO C 14 -38.39 -53.13 -24.10
N GLY C 15 -37.79 -52.20 -23.35
CA GLY C 15 -37.46 -52.41 -21.96
C GLY C 15 -36.02 -52.83 -21.72
N ALA C 16 -35.29 -53.21 -22.75
CA ALA C 16 -33.91 -53.63 -22.64
C ALA C 16 -32.99 -52.43 -22.87
N SER C 17 -31.69 -52.69 -22.98
CA SER C 17 -30.69 -51.65 -23.20
C SER C 17 -30.19 -51.68 -24.64
N VAL C 18 -29.87 -50.50 -25.17
CA VAL C 18 -29.42 -50.33 -26.54
C VAL C 18 -27.97 -49.90 -26.51
N LYS C 19 -27.10 -50.67 -27.18
CA LYS C 19 -25.68 -50.35 -27.26
C LYS C 19 -25.29 -50.22 -28.73
N LEU C 20 -24.71 -49.08 -29.10
CA LEU C 20 -24.29 -48.81 -30.46
C LEU C 20 -22.82 -48.45 -30.49
N SER C 21 -22.24 -48.50 -31.70
CA SER C 21 -20.81 -48.30 -31.89
C SER C 21 -20.56 -47.30 -33.00
N CYS C 22 -19.68 -46.33 -32.73
CA CYS C 22 -19.19 -45.39 -33.74
C CYS C 22 -17.67 -45.42 -33.67
N LYS C 23 -17.03 -45.92 -34.74
CA LYS C 23 -15.59 -46.11 -34.75
C LYS C 23 -14.91 -44.90 -35.38
N ALA C 24 -13.94 -44.33 -34.66
CA ALA C 24 -13.18 -43.18 -35.12
C ALA C 24 -11.84 -43.65 -35.68
N SER C 25 -11.45 -43.06 -36.81
CA SER C 25 -10.20 -43.42 -37.46
C SER C 25 -9.64 -42.21 -38.18
N GLY C 26 -8.30 -42.09 -38.18
CA GLY C 26 -7.62 -41.03 -38.89
C GLY C 26 -7.40 -39.76 -38.11
N TYR C 27 -7.85 -39.69 -36.86
CA TYR C 27 -7.70 -38.47 -36.08
C TYR C 27 -7.62 -38.85 -34.60
N SER C 28 -7.15 -37.89 -33.79
CA SER C 28 -7.05 -38.10 -32.36
C SER C 28 -8.42 -38.08 -31.71
N PHE C 29 -8.70 -39.08 -30.88
CA PHE C 29 -10.05 -39.29 -30.38
C PHE C 29 -10.42 -38.29 -29.29
N THR C 30 -9.46 -37.95 -28.42
CA THR C 30 -9.72 -37.00 -27.35
C THR C 30 -9.68 -35.55 -27.81
N ARG C 31 -9.20 -35.28 -29.03
CA ARG C 31 -9.09 -33.91 -29.53
C ARG C 31 -10.44 -33.39 -30.00
N PHE C 32 -11.21 -34.19 -30.72
CA PHE C 32 -12.43 -33.75 -31.36
C PHE C 32 -13.65 -34.36 -30.67
N TRP C 33 -14.67 -33.52 -30.45
CA TRP C 33 -15.90 -33.99 -29.82
C TRP C 33 -16.73 -34.81 -30.79
N MET C 34 -17.65 -35.61 -30.23
CA MET C 34 -18.55 -36.44 -31.01
C MET C 34 -19.99 -36.00 -30.77
N ASN C 35 -20.85 -36.23 -31.76
CA ASN C 35 -22.25 -35.84 -31.71
C ASN C 35 -23.13 -37.00 -32.16
N TRP C 36 -24.30 -37.11 -31.54
CA TRP C 36 -25.31 -38.09 -31.92
C TRP C 36 -26.58 -37.38 -32.31
N VAL C 37 -27.16 -37.77 -33.44
CA VAL C 37 -28.39 -37.19 -33.95
C VAL C 37 -29.43 -38.29 -34.17
N LYS C 38 -30.69 -37.87 -34.29
CA LYS C 38 -31.82 -38.76 -34.45
C LYS C 38 -32.65 -38.31 -35.65
N GLN C 39 -32.92 -39.23 -36.58
CA GLN C 39 -33.76 -38.94 -37.74
C GLN C 39 -34.84 -40.00 -37.88
N ARG C 40 -36.09 -39.59 -37.66
CA ARG C 40 -37.31 -40.31 -37.95
C ARG C 40 -37.76 -39.99 -39.38
N PRO C 41 -38.43 -40.93 -40.07
CA PRO C 41 -38.95 -40.61 -41.40
C PRO C 41 -40.10 -39.61 -41.36
N GLY C 42 -39.98 -38.56 -42.16
CA GLY C 42 -40.93 -37.47 -42.23
C GLY C 42 -40.78 -36.38 -41.18
N GLN C 43 -40.13 -36.66 -40.06
CA GLN C 43 -39.93 -35.65 -39.02
C GLN C 43 -38.73 -34.77 -39.31
N GLY C 44 -37.63 -35.37 -39.75
CA GLY C 44 -36.36 -34.67 -39.92
C GLY C 44 -35.38 -35.00 -38.81
N LEU C 45 -34.30 -34.23 -38.78
CA LEU C 45 -33.23 -34.47 -37.83
C LEU C 45 -33.58 -33.92 -36.45
N GLU C 46 -33.23 -34.69 -35.41
CA GLU C 46 -33.33 -34.24 -34.02
C GLU C 46 -31.99 -34.49 -33.35
N TRP C 47 -31.65 -33.66 -32.36
CA TRP C 47 -30.34 -33.72 -31.74
C TRP C 47 -30.40 -34.45 -30.40
N ILE C 48 -29.57 -35.48 -30.25
CA ILE C 48 -29.59 -36.31 -29.05
C ILE C 48 -28.64 -35.75 -28.00
N GLY C 49 -27.34 -35.80 -28.26
CA GLY C 49 -26.37 -35.42 -27.26
C GLY C 49 -24.97 -35.30 -27.81
N MET C 50 -24.13 -34.61 -27.05
CA MET C 50 -22.74 -34.33 -27.41
C MET C 50 -21.89 -34.47 -26.16
N ILE C 51 -20.76 -35.18 -26.28
CA ILE C 51 -19.92 -35.53 -25.15
C ILE C 51 -18.47 -35.17 -25.43
N HIS C 52 -17.82 -34.51 -24.47
CA HIS C 52 -16.37 -34.38 -24.46
C HIS C 52 -15.77 -35.73 -24.08
N PRO C 53 -15.01 -36.38 -24.96
CA PRO C 53 -14.51 -37.74 -24.66
C PRO C 53 -13.40 -37.78 -23.61
N SER C 54 -12.65 -36.68 -23.40
CA SER C 54 -11.54 -36.74 -22.46
C SER C 54 -12.04 -36.61 -21.02
N ASP C 55 -12.98 -35.71 -20.77
CA ASP C 55 -13.49 -35.47 -19.42
C ASP C 55 -14.66 -36.38 -19.07
N SER C 56 -15.25 -37.04 -20.08
CA SER C 56 -16.53 -37.78 -20.03
C SER C 56 -17.66 -36.93 -19.43
N GLU C 57 -17.87 -35.74 -20.00
CA GLU C 57 -18.94 -34.85 -19.57
C GLU C 57 -19.96 -34.73 -20.69
N THR C 58 -21.24 -34.82 -20.34
CA THR C 58 -22.32 -34.94 -21.31
C THR C 58 -23.13 -33.65 -21.40
N ARG C 59 -23.62 -33.37 -22.60
CA ARG C 59 -24.56 -32.28 -22.87
C ARG C 59 -25.78 -32.89 -23.56
N LEU C 60 -26.95 -32.78 -22.94
CA LEU C 60 -28.15 -33.44 -23.43
C LEU C 60 -29.28 -32.45 -23.65
N ASN C 61 -30.25 -32.89 -24.44
CA ASN C 61 -31.47 -32.13 -24.68
C ASN C 61 -32.37 -32.21 -23.43
N GLN C 62 -33.30 -31.25 -23.33
CA GLN C 62 -34.18 -31.19 -22.16
C GLN C 62 -35.24 -32.29 -22.20
N LYS C 63 -35.77 -32.58 -23.40
CA LYS C 63 -36.73 -33.67 -23.55
C LYS C 63 -36.04 -35.04 -23.42
N PHE C 64 -34.78 -35.12 -23.82
CA PHE C 64 -34.02 -36.36 -23.89
C PHE C 64 -33.27 -36.69 -22.60
N LYS C 65 -33.55 -35.95 -21.51
CA LYS C 65 -32.97 -36.26 -20.20
C LYS C 65 -33.41 -37.64 -19.71
N ASP C 66 -32.41 -38.40 -19.21
CA ASP C 66 -32.45 -39.73 -18.59
C ASP C 66 -32.81 -40.89 -19.51
N LYS C 67 -33.16 -40.62 -20.78
CA LYS C 67 -33.36 -41.69 -21.75
C LYS C 67 -32.03 -42.17 -22.33
N ALA C 68 -31.10 -41.25 -22.58
CA ALA C 68 -29.83 -41.55 -23.21
C ALA C 68 -28.69 -41.40 -22.20
N THR C 69 -27.66 -42.22 -22.37
CA THR C 69 -26.46 -42.17 -21.55
C THR C 69 -25.25 -42.25 -22.48
N LEU C 70 -24.39 -41.23 -22.45
CA LEU C 70 -23.25 -41.15 -23.34
C LEU C 70 -21.98 -41.55 -22.60
N THR C 71 -21.26 -42.52 -23.16
CA THR C 71 -19.95 -42.91 -22.65
C THR C 71 -19.01 -43.13 -23.82
N VAL C 72 -17.72 -43.06 -23.55
CA VAL C 72 -16.68 -43.14 -24.57
C VAL C 72 -15.66 -44.20 -24.19
N ASP C 73 -14.85 -44.59 -25.17
CA ASP C 73 -13.71 -45.48 -24.95
C ASP C 73 -12.53 -44.85 -25.67
N LYS C 74 -11.52 -44.44 -24.91
CA LYS C 74 -10.34 -43.81 -25.50
C LYS C 74 -9.27 -44.81 -25.90
N SER C 75 -9.38 -46.06 -25.45
CA SER C 75 -8.38 -47.06 -25.79
C SER C 75 -8.61 -47.61 -27.21
N SER C 76 -9.87 -47.88 -27.55
CA SER C 76 -10.22 -48.41 -28.86
C SER C 76 -10.62 -47.32 -29.85
N THR C 77 -10.64 -46.06 -29.41
CA THR C 77 -11.13 -44.86 -30.14
C THR C 77 -12.54 -45.07 -30.71
N THR C 78 -13.46 -45.47 -29.83
CA THR C 78 -14.82 -45.81 -30.23
C THR C 78 -15.79 -45.18 -29.25
N ALA C 79 -16.73 -44.39 -29.78
CA ALA C 79 -17.73 -43.71 -28.98
C ALA C 79 -19.00 -44.56 -28.87
N TYR C 80 -19.63 -44.52 -27.70
CA TYR C 80 -20.81 -45.32 -27.42
C TYR C 80 -22.00 -44.41 -27.10
N MET C 81 -23.19 -44.96 -27.26
CA MET C 81 -24.43 -44.30 -26.82
C MET C 81 -25.33 -45.36 -26.23
N GLN C 82 -25.80 -45.13 -24.99
CA GLN C 82 -26.61 -46.09 -24.27
C GLN C 82 -28.01 -45.53 -24.06
N LEU C 83 -29.00 -46.13 -24.71
CA LEU C 83 -30.39 -45.75 -24.56
C LEU C 83 -31.04 -46.65 -23.52
N SER C 84 -31.90 -46.05 -22.69
CA SER C 84 -32.58 -46.77 -21.61
C SER C 84 -34.08 -46.74 -21.88
N SER C 85 -34.69 -47.94 -21.91
CA SER C 85 -36.11 -48.25 -22.14
C SER C 85 -36.65 -47.63 -23.43
N PRO C 86 -36.32 -48.17 -24.61
CA PRO C 86 -36.81 -47.56 -25.85
C PRO C 86 -38.28 -47.89 -26.11
N THR C 87 -38.94 -46.99 -26.83
CA THR C 87 -40.34 -47.10 -27.16
C THR C 87 -40.51 -47.28 -28.67
N SER C 88 -41.78 -47.28 -29.10
CA SER C 88 -42.07 -47.40 -30.54
C SER C 88 -41.75 -46.12 -31.28
N GLU C 89 -41.77 -44.97 -30.59
CA GLU C 89 -41.38 -43.70 -31.21
C GLU C 89 -39.88 -43.47 -31.20
N ASP C 90 -39.12 -44.32 -30.50
CA ASP C 90 -37.67 -44.17 -30.43
C ASP C 90 -36.94 -44.89 -31.55
N SER C 91 -37.65 -45.62 -32.41
CA SER C 91 -37.01 -46.29 -33.53
C SER C 91 -36.77 -45.29 -34.65
N ALA C 92 -35.51 -45.09 -35.01
CA ALA C 92 -35.13 -44.03 -35.95
C ALA C 92 -33.79 -44.42 -36.58
N VAL C 93 -33.24 -43.48 -37.35
CA VAL C 93 -31.96 -43.65 -38.02
C VAL C 93 -30.94 -42.76 -37.31
N TYR C 94 -29.85 -43.36 -36.83
CA TYR C 94 -28.86 -42.67 -36.03
C TYR C 94 -27.57 -42.48 -36.81
N TYR C 95 -26.97 -41.31 -36.66
CA TYR C 95 -25.67 -41.00 -37.25
C TYR C 95 -24.73 -40.54 -36.15
N CYS C 96 -23.42 -40.57 -36.46
CA CYS C 96 -22.41 -39.93 -35.62
C CYS C 96 -21.51 -39.11 -36.53
N ALA C 97 -21.07 -37.94 -36.03
CA ALA C 97 -20.36 -36.97 -36.85
C ALA C 97 -19.14 -36.44 -36.12
N ARG C 98 -18.18 -35.94 -36.89
CA ARG C 98 -16.99 -35.29 -36.34
C ARG C 98 -17.17 -33.78 -36.39
N LYS C 99 -16.91 -33.13 -35.26
CA LYS C 99 -17.17 -31.70 -35.08
C LYS C 99 -15.84 -30.96 -35.20
N ASP C 100 -15.68 -30.20 -36.28
CA ASP C 100 -14.42 -29.51 -36.57
C ASP C 100 -14.58 -28.04 -36.19
N TYR C 101 -13.51 -27.45 -35.66
CA TYR C 101 -13.68 -26.09 -35.08
C TYR C 101 -12.95 -24.97 -35.82
N ASP C 102 -13.69 -24.00 -36.35
CA ASP C 102 -13.11 -22.78 -36.95
C ASP C 102 -14.17 -21.73 -36.67
N TYR C 103 -14.12 -21.09 -35.51
CA TYR C 103 -15.20 -20.19 -35.08
C TYR C 103 -16.50 -20.98 -34.97
N ASP C 104 -17.43 -20.77 -35.90
CA ASP C 104 -18.66 -21.55 -35.98
C ASP C 104 -18.33 -22.98 -36.34
N ALA C 105 -18.75 -23.91 -35.48
CA ALA C 105 -18.36 -25.30 -35.59
C ALA C 105 -19.30 -26.04 -36.52
N TRP C 106 -18.75 -26.58 -37.60
CA TRP C 106 -19.50 -27.40 -38.54
C TRP C 106 -19.33 -28.87 -38.21
N PHE C 107 -19.99 -29.71 -38.99
CA PHE C 107 -19.85 -31.16 -38.91
C PHE C 107 -19.19 -31.60 -40.22
N ALA C 108 -17.95 -32.06 -40.14
CA ALA C 108 -17.17 -32.32 -41.35
C ALA C 108 -17.56 -33.61 -42.03
N TYR C 109 -17.61 -34.71 -41.28
CA TYR C 109 -17.80 -36.04 -41.83
C TYR C 109 -18.90 -36.76 -41.05
N TRP C 110 -19.38 -37.87 -41.60
CA TRP C 110 -20.51 -38.60 -41.05
C TRP C 110 -20.25 -40.10 -41.11
N GLY C 111 -21.10 -40.86 -40.42
CA GLY C 111 -20.99 -42.30 -40.38
C GLY C 111 -21.85 -42.99 -41.42
N GLN C 112 -21.85 -44.33 -41.35
CA GLN C 112 -22.56 -45.15 -42.32
C GLN C 112 -24.06 -45.24 -42.05
N GLY C 113 -24.49 -45.02 -40.82
CA GLY C 113 -25.90 -45.07 -40.47
C GLY C 113 -26.28 -46.37 -39.79
N THR C 114 -27.25 -46.27 -38.88
CA THR C 114 -27.74 -47.42 -38.11
C THR C 114 -29.25 -47.30 -37.99
N LEU C 115 -29.97 -48.37 -38.38
CA LEU C 115 -31.41 -48.44 -38.24
C LEU C 115 -31.74 -49.37 -37.08
N VAL C 116 -32.31 -48.80 -36.02
CA VAL C 116 -32.64 -49.55 -34.81
C VAL C 116 -34.13 -49.86 -34.84
N THR C 117 -34.47 -51.14 -34.81
CA THR C 117 -35.86 -51.60 -34.81
C THR C 117 -36.19 -52.17 -33.44
N VAL C 118 -37.17 -51.57 -32.77
CA VAL C 118 -37.57 -51.99 -31.42
C VAL C 118 -38.86 -52.78 -31.54
N SER C 119 -38.81 -54.05 -31.14
CA SER C 119 -39.88 -55.04 -31.24
C SER C 119 -39.43 -56.30 -30.51
N ALA C 120 -40.40 -57.16 -30.19
CA ALA C 120 -40.15 -58.42 -29.51
C ALA C 120 -40.06 -59.61 -30.46
N ALA C 121 -40.11 -59.37 -31.77
CA ALA C 121 -40.18 -60.44 -32.75
C ALA C 121 -38.84 -61.15 -32.92
N LYS C 122 -38.91 -62.37 -33.43
CA LYS C 122 -37.76 -63.22 -33.69
C LYS C 122 -37.30 -63.07 -35.13
N THR C 123 -36.00 -63.22 -35.33
CA THR C 123 -35.39 -63.04 -36.65
C THR C 123 -35.77 -64.18 -37.58
N THR C 124 -36.40 -63.82 -38.71
CA THR C 124 -36.91 -64.79 -39.67
C THR C 124 -36.07 -64.74 -40.93
N PRO C 125 -35.55 -65.87 -41.42
CA PRO C 125 -34.83 -65.87 -42.70
C PRO C 125 -35.79 -65.67 -43.87
N PRO C 126 -35.36 -64.99 -44.93
CA PRO C 126 -36.29 -64.63 -46.01
C PRO C 126 -36.60 -65.79 -46.94
N SER C 127 -37.79 -65.72 -47.55
CA SER C 127 -38.22 -66.65 -48.59
C SER C 127 -38.51 -65.82 -49.84
N VAL C 128 -37.72 -66.03 -50.89
CA VAL C 128 -37.75 -65.19 -52.07
C VAL C 128 -38.52 -65.92 -53.18
N TYR C 129 -39.60 -65.29 -53.65
CA TYR C 129 -40.41 -65.84 -54.72
C TYR C 129 -40.23 -64.99 -55.97
N PRO C 130 -39.81 -65.56 -57.10
CA PRO C 130 -39.63 -64.77 -58.32
C PRO C 130 -40.96 -64.43 -58.98
N LEU C 131 -40.92 -63.37 -59.79
CA LEU C 131 -42.10 -62.87 -60.49
C LEU C 131 -41.80 -62.82 -61.98
N ALA C 132 -42.60 -63.55 -62.77
CA ALA C 132 -42.49 -63.55 -64.21
C ALA C 132 -43.86 -63.33 -64.84
N PRO C 133 -43.95 -62.58 -65.94
CA PRO C 133 -45.25 -62.42 -66.61
C PRO C 133 -45.74 -63.67 -67.33
N GLY C 134 -44.82 -64.50 -67.84
CA GLY C 134 -45.18 -65.74 -68.50
C GLY C 134 -45.54 -65.64 -69.97
N SER C 135 -45.88 -64.45 -70.46
CA SER C 135 -46.26 -64.26 -71.86
C SER C 135 -45.99 -62.81 -72.23
N ALA C 136 -46.28 -62.47 -73.48
CA ALA C 136 -46.11 -61.10 -73.97
C ALA C 136 -47.17 -60.82 -75.03
N ALA C 137 -47.68 -59.59 -75.02
CA ALA C 137 -48.65 -59.14 -76.00
C ALA C 137 -48.01 -58.40 -77.17
N GLN C 138 -46.68 -58.21 -77.12
CA GLN C 138 -45.84 -57.58 -78.16
C GLN C 138 -46.26 -56.14 -78.46
N THR C 139 -46.77 -55.42 -77.46
CA THR C 139 -47.15 -54.03 -77.63
C THR C 139 -46.04 -53.05 -77.28
N ASN C 140 -44.94 -53.52 -76.68
CA ASN C 140 -43.82 -52.67 -76.31
C ASN C 140 -42.52 -53.41 -76.59
N SER C 141 -41.45 -52.63 -76.71
CA SER C 141 -40.12 -53.19 -76.94
C SER C 141 -39.33 -53.41 -75.65
N MET C 142 -39.90 -53.08 -74.50
CA MET C 142 -39.22 -53.22 -73.21
C MET C 142 -39.89 -54.34 -72.42
N VAL C 143 -39.07 -55.15 -71.75
CA VAL C 143 -39.54 -56.32 -71.01
C VAL C 143 -39.37 -56.04 -69.51
N THR C 144 -40.47 -56.17 -68.77
CA THR C 144 -40.49 -55.89 -67.34
C THR C 144 -40.33 -57.18 -66.55
N LEU C 145 -39.41 -57.18 -65.58
CA LEU C 145 -39.21 -58.30 -64.67
C LEU C 145 -39.41 -57.83 -63.23
N GLY C 146 -39.59 -58.80 -62.34
CA GLY C 146 -39.84 -58.49 -60.95
C GLY C 146 -39.34 -59.57 -60.01
N CYS C 147 -39.13 -59.17 -58.76
CA CYS C 147 -38.66 -60.06 -57.70
C CYS C 147 -39.36 -59.69 -56.41
N LEU C 148 -39.82 -60.70 -55.67
CA LEU C 148 -40.59 -60.49 -54.45
C LEU C 148 -39.88 -61.14 -53.26
N VAL C 149 -39.67 -60.37 -52.21
CA VAL C 149 -39.01 -60.83 -50.99
C VAL C 149 -40.00 -60.68 -49.84
N LYS C 150 -40.46 -61.80 -49.29
CA LYS C 150 -41.43 -61.78 -48.20
C LYS C 150 -40.96 -62.70 -47.07
N GLY C 151 -41.51 -62.46 -45.88
CA GLY C 151 -41.19 -63.24 -44.71
C GLY C 151 -39.78 -63.05 -44.18
N TYR C 152 -39.41 -61.80 -43.90
CA TYR C 152 -38.07 -61.50 -43.38
C TYR C 152 -38.22 -60.51 -42.23
N PHE C 153 -37.14 -60.41 -41.44
CA PHE C 153 -37.03 -59.59 -40.23
C PHE C 153 -35.58 -59.67 -39.77
N PRO C 154 -34.98 -58.56 -39.31
CA PRO C 154 -35.40 -57.15 -39.36
C PRO C 154 -35.13 -56.48 -40.71
N GLU C 155 -35.77 -55.33 -40.93
CA GLU C 155 -35.52 -54.49 -42.10
C GLU C 155 -34.15 -53.79 -41.97
N PRO C 156 -33.49 -53.46 -43.10
CA PRO C 156 -33.74 -53.77 -44.52
C PRO C 156 -32.98 -55.00 -45.03
N VAL C 157 -33.23 -55.33 -46.30
CA VAL C 157 -32.49 -56.36 -47.02
C VAL C 157 -32.06 -55.76 -48.36
N THR C 158 -30.76 -55.76 -48.62
CA THR C 158 -30.23 -55.24 -49.87
C THR C 158 -30.48 -56.25 -50.99
N VAL C 159 -31.21 -55.82 -52.02
CA VAL C 159 -31.57 -56.66 -53.15
C VAL C 159 -30.98 -56.04 -54.41
N THR C 160 -30.10 -56.80 -55.08
CA THR C 160 -29.46 -56.35 -56.31
C THR C 160 -29.82 -57.28 -57.45
N TRP C 161 -29.70 -56.76 -58.66
CA TRP C 161 -29.98 -57.51 -59.88
C TRP C 161 -28.66 -57.92 -60.53
N ASN C 162 -28.47 -59.25 -60.67
CA ASN C 162 -27.28 -59.90 -61.26
C ASN C 162 -25.98 -59.51 -60.55
N SER C 163 -26.05 -59.49 -59.21
CA SER C 163 -24.97 -59.07 -58.29
C SER C 163 -24.47 -57.66 -58.59
N GLY C 164 -25.39 -56.74 -58.86
CA GLY C 164 -25.03 -55.37 -59.13
C GLY C 164 -24.52 -55.10 -60.53
N SER C 165 -24.93 -55.92 -61.51
CA SER C 165 -24.48 -55.71 -62.88
C SER C 165 -25.25 -54.59 -63.57
N LEU C 166 -26.55 -54.48 -63.30
CA LEU C 166 -27.39 -53.45 -63.91
C LEU C 166 -27.62 -52.34 -62.91
N SER C 167 -27.01 -51.18 -63.17
CA SER C 167 -27.16 -50.01 -62.32
C SER C 167 -28.25 -49.05 -62.81
N SER C 168 -28.88 -49.35 -63.95
CA SER C 168 -29.92 -48.50 -64.52
C SER C 168 -31.20 -49.30 -64.67
N GLY C 169 -32.33 -48.60 -64.54
CA GLY C 169 -33.62 -49.23 -64.66
C GLY C 169 -34.06 -50.05 -63.47
N VAL C 170 -33.46 -49.82 -62.31
CA VAL C 170 -33.79 -50.57 -61.09
C VAL C 170 -34.57 -49.66 -60.15
N HIS C 171 -35.46 -50.27 -59.37
CA HIS C 171 -36.32 -49.54 -58.44
C HIS C 171 -36.30 -50.25 -57.10
N THR C 172 -36.09 -49.48 -56.03
CA THR C 172 -36.08 -49.99 -54.67
C THR C 172 -37.37 -49.58 -53.98
N PHE C 173 -38.07 -50.54 -53.39
CA PHE C 173 -39.39 -50.30 -52.81
C PHE C 173 -39.33 -50.48 -51.30
N PRO C 174 -40.07 -49.68 -50.53
CA PRO C 174 -39.99 -49.78 -49.06
C PRO C 174 -40.76 -50.98 -48.53
N ALA C 175 -40.42 -51.35 -47.29
CA ALA C 175 -41.04 -52.48 -46.61
C ALA C 175 -42.34 -52.07 -45.94
N VAL C 176 -43.29 -53.01 -45.89
CA VAL C 176 -44.57 -52.82 -45.24
C VAL C 176 -44.68 -53.83 -44.11
N LEU C 177 -44.92 -53.35 -42.89
CA LEU C 177 -45.03 -54.21 -41.72
C LEU C 177 -46.47 -54.72 -41.60
N GLN C 178 -46.64 -56.04 -41.74
CA GLN C 178 -47.91 -56.71 -41.50
C GLN C 178 -47.66 -58.01 -40.75
N SER C 179 -48.27 -58.12 -39.56
CA SER C 179 -48.26 -59.30 -38.68
C SER C 179 -46.85 -59.73 -38.29
N ASP C 180 -46.05 -58.75 -37.85
CA ASP C 180 -44.62 -58.84 -37.52
C ASP C 180 -43.78 -59.37 -38.67
N LEU C 181 -44.13 -59.02 -39.91
CA LEU C 181 -43.41 -59.46 -41.10
C LEU C 181 -43.29 -58.29 -42.07
N TYR C 182 -42.07 -58.03 -42.52
CA TYR C 182 -41.80 -57.02 -43.53
C TYR C 182 -41.92 -57.62 -44.92
N THR C 183 -42.35 -56.80 -45.88
CA THR C 183 -42.46 -57.29 -47.28
C THR C 183 -42.51 -56.10 -48.25
N LEU C 184 -41.75 -56.16 -49.33
CA LEU C 184 -41.77 -55.08 -50.36
C LEU C 184 -41.82 -55.74 -51.74
N SER C 185 -40.94 -55.34 -52.65
CA SER C 185 -40.87 -55.96 -54.00
C SER C 185 -39.76 -55.27 -54.81
N SER C 186 -39.23 -55.94 -55.83
CA SER C 186 -38.25 -55.30 -56.68
C SER C 186 -38.72 -55.37 -58.13
N SER C 187 -38.22 -54.44 -58.95
CA SER C 187 -38.62 -54.37 -60.35
C SER C 187 -37.45 -53.89 -61.19
N VAL C 188 -37.39 -54.41 -62.42
CA VAL C 188 -36.37 -54.00 -63.39
C VAL C 188 -37.00 -54.09 -64.78
N THR C 189 -36.58 -53.20 -65.67
CA THR C 189 -37.08 -53.15 -67.04
C THR C 189 -35.90 -53.27 -68.00
N VAL C 190 -35.89 -54.35 -68.79
CA VAL C 190 -34.80 -54.63 -69.70
C VAL C 190 -35.31 -54.56 -71.13
N PRO C 191 -34.47 -54.22 -72.12
CA PRO C 191 -34.90 -54.32 -73.52
C PRO C 191 -34.96 -55.77 -73.99
N SER C 192 -35.60 -55.95 -75.16
CA SER C 192 -35.87 -57.27 -75.70
C SER C 192 -34.65 -57.98 -76.28
N SER C 193 -33.53 -57.28 -76.46
CA SER C 193 -32.29 -57.90 -76.89
C SER C 193 -31.42 -58.39 -75.72
N THR C 194 -31.93 -58.27 -74.49
CA THR C 194 -31.17 -58.61 -73.29
C THR C 194 -31.63 -59.94 -72.68
N TRP C 195 -32.91 -60.02 -72.29
CA TRP C 195 -33.45 -61.16 -71.54
C TRP C 195 -33.47 -62.52 -72.27
N PRO C 196 -33.72 -62.64 -73.59
CA PRO C 196 -33.39 -63.94 -74.23
C PRO C 196 -31.90 -64.20 -74.36
N SER C 197 -31.07 -63.16 -74.47
CA SER C 197 -29.63 -63.37 -74.61
C SER C 197 -28.97 -63.65 -73.26
N GLU C 198 -29.35 -62.92 -72.22
CA GLU C 198 -28.73 -63.02 -70.91
C GLU C 198 -29.79 -63.34 -69.86
N THR C 199 -29.43 -64.20 -68.92
CA THR C 199 -30.35 -64.59 -67.84
C THR C 199 -30.24 -63.61 -66.69
N VAL C 200 -31.35 -62.96 -66.34
CA VAL C 200 -31.40 -61.96 -65.28
C VAL C 200 -31.85 -62.64 -64.00
N THR C 201 -31.04 -62.54 -62.94
CA THR C 201 -31.30 -63.18 -61.67
C THR C 201 -31.46 -62.14 -60.56
N CYS C 202 -32.12 -62.55 -59.49
CA CYS C 202 -32.40 -61.70 -58.33
C CYS C 202 -31.49 -62.12 -57.18
N ASN C 203 -30.55 -61.24 -56.83
CA ASN C 203 -29.59 -61.50 -55.76
C ASN C 203 -30.13 -60.89 -54.48
N VAL C 204 -30.41 -61.75 -53.49
CA VAL C 204 -30.96 -61.32 -52.20
C VAL C 204 -29.99 -61.74 -51.11
N ALA C 205 -29.50 -60.76 -50.34
CA ALA C 205 -28.56 -61.01 -49.26
C ALA C 205 -29.11 -60.40 -47.98
N HIS C 206 -29.35 -61.25 -46.98
CA HIS C 206 -29.86 -60.79 -45.69
C HIS C 206 -28.69 -60.62 -44.74
N PRO C 207 -28.34 -59.39 -44.34
CA PRO C 207 -27.17 -59.20 -43.47
C PRO C 207 -27.37 -59.64 -42.03
N ALA C 208 -28.61 -59.68 -41.54
CA ALA C 208 -28.84 -59.96 -40.13
C ALA C 208 -28.73 -61.46 -39.84
N SER C 209 -29.32 -62.30 -40.69
CA SER C 209 -29.27 -63.74 -40.49
C SER C 209 -28.14 -64.42 -41.26
N SER C 210 -27.35 -63.63 -42.01
CA SER C 210 -26.22 -64.07 -42.85
C SER C 210 -26.63 -65.13 -43.87
N THR C 211 -27.79 -64.92 -44.50
CA THR C 211 -28.33 -65.83 -45.50
C THR C 211 -28.40 -65.14 -46.85
N LYS C 212 -27.94 -65.83 -47.89
CA LYS C 212 -27.95 -65.33 -49.25
C LYS C 212 -28.81 -66.25 -50.11
N VAL C 213 -29.91 -65.72 -50.63
CA VAL C 213 -30.87 -66.48 -51.41
C VAL C 213 -30.79 -66.02 -52.86
N ASP C 214 -30.51 -66.94 -53.78
CA ASP C 214 -30.41 -66.64 -55.21
C ASP C 214 -31.53 -67.37 -55.91
N LYS C 215 -32.36 -66.62 -56.65
CA LYS C 215 -33.44 -67.17 -57.44
C LYS C 215 -33.28 -66.73 -58.89
N LYS C 216 -33.95 -67.46 -59.79
CA LYS C 216 -33.91 -67.18 -61.21
C LYS C 216 -35.32 -66.88 -61.73
N ILE C 217 -35.39 -66.03 -62.75
CA ILE C 217 -36.66 -65.65 -63.34
C ILE C 217 -36.75 -66.21 -64.76
N ASP D 1 -34.19 -21.58 -26.26
CA ASP D 1 -33.08 -21.36 -27.17
C ASP D 1 -33.51 -20.72 -28.49
N ILE D 2 -32.73 -20.95 -29.54
CA ILE D 2 -33.01 -20.43 -30.87
C ILE D 2 -33.71 -21.52 -31.66
N VAL D 3 -34.98 -21.28 -32.03
CA VAL D 3 -35.79 -22.25 -32.75
C VAL D 3 -35.82 -21.85 -34.22
N LEU D 4 -35.34 -22.73 -35.08
CA LEU D 4 -35.31 -22.49 -36.53
C LEU D 4 -36.54 -23.11 -37.18
N THR D 5 -37.21 -22.31 -38.00
CA THR D 5 -38.41 -22.73 -38.72
C THR D 5 -38.30 -22.29 -40.17
N GLN D 6 -38.35 -23.25 -41.09
CA GLN D 6 -38.27 -22.97 -42.52
C GLN D 6 -39.65 -23.08 -43.15
N SER D 7 -39.97 -22.15 -44.04
CA SER D 7 -41.23 -22.18 -44.75
C SER D 7 -40.99 -22.07 -46.27
N PRO D 8 -41.75 -22.83 -47.08
CA PRO D 8 -42.74 -23.85 -46.75
C PRO D 8 -42.12 -25.23 -46.46
N ALA D 9 -42.96 -26.25 -46.31
CA ALA D 9 -42.46 -27.59 -46.05
C ALA D 9 -41.91 -28.26 -47.29
N SER D 10 -42.56 -28.06 -48.44
CA SER D 10 -42.10 -28.63 -49.71
C SER D 10 -42.26 -27.61 -50.80
N LEU D 11 -41.29 -27.59 -51.73
CA LEU D 11 -41.29 -26.62 -52.82
C LEU D 11 -40.83 -27.32 -54.09
N ALA D 12 -41.58 -27.11 -55.18
CA ALA D 12 -41.27 -27.71 -56.48
C ALA D 12 -40.82 -26.62 -57.44
N VAL D 13 -39.54 -26.67 -57.82
CA VAL D 13 -38.94 -25.67 -58.70
C VAL D 13 -38.50 -26.37 -59.98
N SER D 14 -38.96 -25.84 -61.12
CA SER D 14 -38.58 -26.35 -62.43
C SER D 14 -37.13 -26.02 -62.75
N LEU D 15 -36.59 -26.75 -63.73
CA LEU D 15 -35.18 -26.63 -64.09
C LEU D 15 -34.92 -25.32 -64.84
N GLY D 16 -33.96 -24.54 -64.34
CA GLY D 16 -33.61 -23.27 -64.92
C GLY D 16 -34.05 -22.05 -64.13
N GLN D 17 -34.92 -22.24 -63.12
CA GLN D 17 -35.42 -21.13 -62.32
C GLN D 17 -34.53 -20.94 -61.09
N ARG D 18 -34.98 -20.11 -60.15
CA ARG D 18 -34.26 -19.85 -58.91
C ARG D 18 -35.13 -20.24 -57.72
N ALA D 19 -34.57 -21.05 -56.83
CA ALA D 19 -35.27 -21.52 -55.64
C ALA D 19 -34.91 -20.63 -54.45
N THR D 20 -35.92 -20.07 -53.81
CA THR D 20 -35.74 -19.24 -52.63
C THR D 20 -36.35 -19.95 -51.42
N ILE D 21 -35.48 -20.43 -50.53
CA ILE D 21 -35.89 -21.14 -49.32
C ILE D 21 -35.19 -20.48 -48.13
N SER D 22 -35.98 -20.01 -47.18
CA SER D 22 -35.49 -19.20 -46.07
C SER D 22 -35.47 -20.01 -44.78
N CYS D 23 -34.48 -19.72 -43.93
CA CYS D 23 -34.38 -20.26 -42.59
C CYS D 23 -34.54 -19.10 -41.62
N ARG D 24 -35.68 -19.08 -40.91
CA ARG D 24 -36.00 -18.00 -39.98
C ARG D 24 -35.58 -18.40 -38.58
N ALA D 25 -35.07 -17.42 -37.83
CA ALA D 25 -34.57 -17.64 -36.48
C ALA D 25 -35.43 -16.87 -35.47
N SER D 26 -35.61 -17.46 -34.29
CA SER D 26 -36.39 -16.79 -33.25
C SER D 26 -35.57 -15.71 -32.55
N LYS D 27 -34.26 -15.90 -32.44
CA LYS D 27 -33.37 -14.93 -31.80
C LYS D 27 -32.24 -14.59 -32.76
N SER D 28 -31.51 -13.52 -32.43
CA SER D 28 -30.43 -13.03 -33.28
C SER D 28 -29.21 -13.93 -33.14
N VAL D 29 -28.74 -14.48 -34.26
CA VAL D 29 -27.56 -15.33 -34.29
C VAL D 29 -26.30 -14.56 -34.63
N SER D 30 -26.39 -13.25 -34.82
CA SER D 30 -25.26 -12.43 -35.21
C SER D 30 -24.53 -11.92 -33.97
N ALA D 31 -23.26 -12.33 -33.84
CA ALA D 31 -22.42 -11.87 -32.71
C ALA D 31 -20.97 -11.82 -33.22
N SER D 32 -20.23 -10.75 -32.90
CA SER D 32 -18.85 -10.58 -33.42
C SER D 32 -18.89 -10.24 -34.91
N VAL D 33 -20.04 -9.76 -35.40
CA VAL D 33 -20.17 -9.33 -36.83
C VAL D 33 -20.47 -10.56 -37.71
N TYR D 34 -20.17 -11.77 -37.22
CA TYR D 34 -20.39 -13.00 -38.03
C TYR D 34 -21.54 -13.80 -37.43
N SER D 35 -22.51 -14.22 -38.26
CA SER D 35 -23.59 -15.05 -37.75
C SER D 35 -23.18 -16.51 -37.70
N TYR D 36 -23.88 -17.28 -36.86
CA TYR D 36 -23.66 -18.72 -36.74
C TYR D 36 -24.78 -19.43 -37.50
N MET D 37 -24.46 -19.98 -38.67
CA MET D 37 -25.42 -20.75 -39.45
C MET D 37 -24.66 -21.73 -40.34
N HIS D 38 -25.25 -22.92 -40.54
CA HIS D 38 -24.76 -23.89 -41.51
C HIS D 38 -25.92 -24.37 -42.37
N TRP D 39 -25.59 -25.05 -43.46
CA TRP D 39 -26.59 -25.59 -44.38
C TRP D 39 -26.29 -27.04 -44.70
N TYR D 40 -27.32 -27.88 -44.63
CA TYR D 40 -27.19 -29.31 -44.87
C TYR D 40 -28.12 -29.75 -45.99
N GLN D 41 -27.67 -30.71 -46.78
CA GLN D 41 -28.42 -31.26 -47.89
C GLN D 41 -28.38 -32.78 -47.81
N GLN D 42 -29.54 -33.41 -47.61
CA GLN D 42 -29.63 -34.84 -47.39
C GLN D 42 -30.40 -35.51 -48.51
N LYS D 43 -29.72 -36.33 -49.28
CA LYS D 43 -30.24 -37.28 -50.25
C LYS D 43 -30.74 -38.53 -49.51
N PRO D 44 -31.77 -39.22 -50.03
CA PRO D 44 -32.27 -40.42 -49.33
C PRO D 44 -31.31 -41.60 -49.44
N GLY D 45 -31.16 -42.32 -48.32
CA GLY D 45 -30.18 -43.38 -48.22
C GLY D 45 -28.78 -42.94 -47.87
N GLN D 46 -28.55 -41.64 -47.71
CA GLN D 46 -27.24 -41.06 -47.48
C GLN D 46 -27.33 -40.07 -46.33
N PRO D 47 -26.24 -39.87 -45.58
CA PRO D 47 -26.19 -38.79 -44.58
C PRO D 47 -26.15 -37.42 -45.24
N PRO D 48 -26.55 -36.36 -44.53
CA PRO D 48 -26.46 -35.01 -45.12
C PRO D 48 -25.03 -34.51 -45.26
N LYS D 49 -24.85 -33.56 -46.17
CA LYS D 49 -23.54 -33.04 -46.52
C LYS D 49 -23.48 -31.54 -46.23
N LEU D 50 -22.27 -31.05 -45.94
CA LEU D 50 -22.07 -29.66 -45.61
C LEU D 50 -21.92 -28.82 -46.88
N LEU D 51 -22.60 -27.67 -46.91
CA LEU D 51 -22.57 -26.79 -48.07
C LEU D 51 -21.98 -25.43 -47.73
N ILE D 52 -22.70 -24.59 -47.00
CA ILE D 52 -22.34 -23.19 -46.79
C ILE D 52 -22.13 -22.96 -45.31
N TYR D 53 -20.92 -22.51 -44.94
CA TYR D 53 -20.60 -22.15 -43.57
C TYR D 53 -20.52 -20.63 -43.47
N LEU D 54 -21.01 -20.08 -42.35
CA LEU D 54 -20.93 -18.61 -42.11
C LEU D 54 -21.64 -17.85 -43.24
N ALA D 55 -22.31 -18.58 -44.15
CA ALA D 55 -23.10 -17.94 -45.22
C ALA D 55 -22.22 -17.20 -46.22
N SER D 56 -21.50 -16.15 -45.79
CA SER D 56 -20.76 -15.36 -46.76
C SER D 56 -19.72 -16.15 -47.53
N SER D 57 -19.53 -17.43 -47.22
CA SER D 57 -18.41 -18.20 -47.75
C SER D 57 -18.90 -19.51 -48.32
N LEU D 58 -18.08 -20.13 -49.17
CA LEU D 58 -18.44 -21.38 -49.82
C LEU D 58 -17.33 -22.40 -49.62
N GLU D 59 -17.73 -23.63 -49.30
CA GLU D 59 -16.77 -24.71 -49.08
C GLU D 59 -16.20 -25.17 -50.42
N SER D 60 -14.90 -25.46 -50.44
CA SER D 60 -14.27 -26.03 -51.62
C SER D 60 -14.72 -27.47 -51.83
N GLY D 61 -14.97 -27.81 -53.09
CA GLY D 61 -15.62 -29.05 -53.45
C GLY D 61 -17.11 -28.94 -53.69
N VAL D 62 -17.74 -27.89 -53.14
CA VAL D 62 -19.13 -27.59 -53.44
C VAL D 62 -19.18 -26.71 -54.69
N PRO D 63 -20.01 -27.04 -55.69
CA PRO D 63 -20.07 -26.22 -56.91
C PRO D 63 -20.71 -24.86 -56.69
N ALA D 64 -20.50 -23.98 -57.67
CA ALA D 64 -20.80 -22.55 -57.55
C ALA D 64 -22.29 -22.21 -57.66
N ARG D 65 -23.15 -23.19 -57.96
CA ARG D 65 -24.58 -22.92 -58.06
C ARG D 65 -25.27 -22.82 -56.70
N PHE D 66 -24.58 -23.18 -55.61
CA PHE D 66 -25.12 -23.14 -54.26
C PHE D 66 -24.59 -21.88 -53.58
N SER D 67 -25.47 -20.92 -53.33
CA SER D 67 -25.08 -19.65 -52.74
C SER D 67 -26.14 -19.19 -51.74
N GLY D 68 -25.73 -18.34 -50.82
CA GLY D 68 -26.63 -17.83 -49.81
C GLY D 68 -26.19 -16.47 -49.33
N SER D 69 -27.12 -15.75 -48.72
CA SER D 69 -26.88 -14.39 -48.22
C SER D 69 -27.86 -14.12 -47.07
N GLY D 70 -27.91 -12.88 -46.65
CA GLY D 70 -28.81 -12.45 -45.59
C GLY D 70 -28.08 -12.16 -44.29
N SER D 71 -28.70 -11.32 -43.47
CA SER D 71 -28.14 -10.93 -42.18
C SER D 71 -29.26 -10.88 -41.15
N GLY D 72 -28.87 -10.93 -39.88
CA GLY D 72 -29.84 -10.93 -38.80
C GLY D 72 -30.54 -12.27 -38.68
N THR D 73 -31.86 -12.21 -38.48
CA THR D 73 -32.68 -13.40 -38.34
C THR D 73 -33.31 -13.85 -39.64
N ASP D 74 -33.07 -13.13 -40.74
CA ASP D 74 -33.64 -13.45 -42.04
C ASP D 74 -32.50 -13.85 -42.96
N PHE D 75 -32.43 -15.14 -43.30
CA PHE D 75 -31.44 -15.68 -44.22
C PHE D 75 -32.13 -16.21 -45.46
N THR D 76 -31.40 -16.21 -46.58
CA THR D 76 -31.96 -16.63 -47.86
C THR D 76 -30.97 -17.55 -48.57
N LEU D 77 -31.42 -18.76 -48.89
CA LEU D 77 -30.64 -19.73 -49.64
C LEU D 77 -31.14 -19.72 -51.09
N ASN D 78 -30.29 -19.28 -52.01
CA ASN D 78 -30.64 -19.16 -53.42
C ASN D 78 -30.02 -20.31 -54.20
N ILE D 79 -30.87 -21.16 -54.77
CA ILE D 79 -30.42 -22.29 -55.59
C ILE D 79 -30.74 -21.96 -57.03
N HIS D 80 -29.68 -21.89 -57.85
CA HIS D 80 -29.72 -21.49 -59.27
C HIS D 80 -28.34 -21.71 -59.88
N PRO D 81 -28.26 -22.31 -61.09
CA PRO D 81 -29.31 -23.00 -61.88
C PRO D 81 -29.69 -24.39 -61.34
N VAL D 82 -30.98 -24.71 -61.45
CA VAL D 82 -31.52 -25.94 -60.87
C VAL D 82 -31.17 -27.12 -61.76
N GLU D 83 -30.61 -28.17 -61.16
CA GLU D 83 -30.24 -29.38 -61.85
C GLU D 83 -30.98 -30.57 -61.23
N GLU D 84 -30.95 -31.70 -61.94
CA GLU D 84 -31.74 -32.86 -61.54
C GLU D 84 -31.13 -33.59 -60.35
N GLU D 85 -29.84 -33.38 -60.08
CA GLU D 85 -29.19 -34.01 -58.94
C GLU D 85 -29.34 -33.20 -57.65
N ASP D 86 -30.03 -32.06 -57.69
CA ASP D 86 -30.13 -31.18 -56.53
C ASP D 86 -31.39 -31.41 -55.71
N ALA D 87 -32.23 -32.38 -56.08
CA ALA D 87 -33.48 -32.60 -55.35
C ALA D 87 -33.22 -33.40 -54.09
N ALA D 88 -33.51 -32.80 -52.93
CA ALA D 88 -33.14 -33.28 -51.60
C ALA D 88 -33.76 -32.38 -50.53
N THR D 89 -33.59 -32.75 -49.27
CA THR D 89 -34.08 -31.97 -48.15
C THR D 89 -33.00 -31.00 -47.69
N TYR D 90 -33.41 -29.78 -47.35
CA TYR D 90 -32.50 -28.73 -46.90
C TYR D 90 -32.70 -28.43 -45.43
N TYR D 91 -31.60 -28.31 -44.70
CA TYR D 91 -31.60 -28.09 -43.26
C TYR D 91 -30.75 -26.87 -42.92
N CYS D 92 -30.98 -26.34 -41.72
CA CYS D 92 -30.18 -25.24 -41.18
C CYS D 92 -29.97 -25.45 -39.69
N HIS D 93 -28.82 -24.98 -39.19
CA HIS D 93 -28.36 -25.30 -37.85
C HIS D 93 -27.59 -24.13 -37.25
N HIS D 94 -27.79 -23.90 -35.95
CA HIS D 94 -27.04 -22.89 -35.20
C HIS D 94 -26.23 -23.58 -34.10
N SER D 95 -24.94 -23.25 -34.03
CA SER D 95 -24.06 -23.76 -32.99
C SER D 95 -23.85 -22.78 -31.84
N ARG D 96 -24.58 -21.65 -31.83
CA ARG D 96 -24.25 -20.53 -30.96
C ARG D 96 -24.63 -20.80 -29.50
N GLU D 97 -25.86 -21.21 -29.26
CA GLU D 97 -26.37 -21.36 -27.90
C GLU D 97 -26.56 -22.83 -27.55
N LEU D 98 -26.18 -23.19 -26.32
CA LEU D 98 -26.40 -24.53 -25.81
C LEU D 98 -27.74 -24.62 -25.07
N PRO D 99 -28.53 -25.67 -25.32
CA PRO D 99 -28.38 -26.78 -26.28
C PRO D 99 -28.72 -26.42 -27.74
N PRO D 100 -28.02 -27.03 -28.70
CA PRO D 100 -28.30 -26.73 -30.11
C PRO D 100 -29.60 -27.38 -30.58
N ALA D 101 -30.24 -26.71 -31.54
CA ALA D 101 -31.51 -27.16 -32.09
C ALA D 101 -31.39 -27.28 -33.60
N PHE D 102 -32.34 -27.99 -34.20
CA PHE D 102 -32.41 -28.20 -35.63
C PHE D 102 -33.68 -27.57 -36.20
N GLY D 103 -33.65 -27.26 -37.48
CA GLY D 103 -34.78 -26.66 -38.16
C GLY D 103 -35.84 -27.69 -38.55
N GLY D 104 -36.90 -27.19 -39.16
CA GLY D 104 -37.98 -28.06 -39.58
C GLY D 104 -37.66 -28.82 -40.85
N GLY D 105 -36.97 -28.19 -41.77
CA GLY D 105 -36.57 -28.83 -43.01
C GLY D 105 -37.47 -28.48 -44.17
N THR D 106 -36.88 -28.42 -45.36
CA THR D 106 -37.61 -28.13 -46.59
C THR D 106 -37.08 -29.03 -47.69
N LYS D 107 -37.98 -29.76 -48.34
CA LYS D 107 -37.62 -30.70 -49.40
C LYS D 107 -37.84 -30.03 -50.75
N LEU D 108 -36.84 -30.11 -51.62
CA LEU D 108 -36.92 -29.49 -52.95
C LEU D 108 -37.31 -30.55 -53.98
N GLU D 109 -38.28 -30.22 -54.82
CA GLU D 109 -38.76 -31.11 -55.86
C GLU D 109 -38.48 -30.51 -57.24
N ILE D 110 -38.35 -31.38 -58.24
CA ILE D 110 -38.12 -30.97 -59.62
C ILE D 110 -39.44 -31.02 -60.35
N LYS D 111 -39.85 -29.89 -60.92
CA LYS D 111 -41.10 -29.78 -61.65
C LYS D 111 -40.84 -29.98 -63.14
N ARG D 112 -41.32 -31.10 -63.68
CA ARG D 112 -41.18 -31.42 -65.09
C ARG D 112 -42.56 -31.74 -65.66
N ALA D 113 -42.59 -32.21 -66.90
CA ALA D 113 -43.84 -32.54 -67.57
C ALA D 113 -44.44 -33.83 -67.02
N ASP D 114 -45.73 -34.00 -67.25
CA ASP D 114 -46.47 -35.17 -66.77
C ASP D 114 -46.13 -36.40 -67.60
N ALA D 115 -46.37 -37.57 -67.01
CA ALA D 115 -46.09 -38.84 -67.66
C ALA D 115 -47.16 -39.85 -67.27
N ALA D 116 -47.54 -40.72 -68.24
CA ALA D 116 -48.55 -41.77 -68.04
C ALA D 116 -47.91 -42.98 -67.37
N PRO D 117 -48.58 -43.59 -66.39
CA PRO D 117 -47.99 -44.75 -65.72
C PRO D 117 -48.08 -46.02 -66.56
N THR D 118 -47.10 -46.89 -66.37
CA THR D 118 -47.05 -48.17 -67.08
C THR D 118 -47.61 -49.25 -66.15
N VAL D 119 -48.66 -49.94 -66.60
CA VAL D 119 -49.36 -50.92 -65.79
C VAL D 119 -48.98 -52.32 -66.28
N SER D 120 -48.35 -53.09 -65.40
CA SER D 120 -47.99 -54.48 -65.69
C SER D 120 -48.28 -55.32 -64.46
N ILE D 121 -48.99 -56.44 -64.67
CA ILE D 121 -49.40 -57.32 -63.57
C ILE D 121 -48.77 -58.70 -63.80
N PHE D 122 -48.19 -59.27 -62.74
CA PHE D 122 -47.46 -60.53 -62.84
C PHE D 122 -48.24 -61.66 -62.16
N PRO D 123 -48.44 -62.78 -62.84
CA PRO D 123 -49.01 -63.97 -62.18
C PRO D 123 -48.02 -64.57 -61.20
N PRO D 124 -48.49 -65.28 -60.17
CA PRO D 124 -47.56 -65.89 -59.20
C PRO D 124 -46.84 -67.11 -59.77
N SER D 125 -45.62 -67.30 -59.30
CA SER D 125 -44.77 -68.41 -59.72
C SER D 125 -45.25 -69.72 -59.10
N SER D 126 -44.80 -70.82 -59.69
CA SER D 126 -45.19 -72.15 -59.21
C SER D 126 -44.43 -72.57 -57.96
N GLU D 127 -43.35 -71.86 -57.59
CA GLU D 127 -42.63 -72.18 -56.37
C GLU D 127 -43.41 -71.71 -55.13
N GLN D 128 -44.22 -70.64 -55.29
CA GLN D 128 -45.04 -70.18 -54.18
C GLN D 128 -46.27 -71.08 -54.00
N LEU D 129 -46.75 -71.68 -55.09
CA LEU D 129 -47.94 -72.52 -55.02
C LEU D 129 -47.65 -73.89 -54.42
N THR D 130 -46.37 -74.28 -54.34
CA THR D 130 -45.99 -75.49 -53.62
C THR D 130 -46.16 -75.29 -52.12
N SER D 131 -45.79 -74.11 -51.61
CA SER D 131 -45.91 -73.81 -50.19
C SER D 131 -47.35 -73.51 -49.77
N GLY D 132 -48.26 -73.24 -50.70
CA GLY D 132 -49.65 -73.01 -50.40
C GLY D 132 -50.11 -71.57 -50.54
N GLY D 133 -49.21 -70.62 -50.79
CA GLY D 133 -49.56 -69.24 -50.96
C GLY D 133 -49.56 -68.81 -52.43
N ALA D 134 -50.08 -67.61 -52.65
CA ALA D 134 -50.06 -66.98 -53.96
C ALA D 134 -50.00 -65.47 -53.78
N SER D 135 -49.25 -64.82 -54.66
CA SER D 135 -49.13 -63.36 -54.64
C SER D 135 -49.28 -62.82 -56.04
N VAL D 136 -50.32 -62.02 -56.26
CA VAL D 136 -50.54 -61.34 -57.53
C VAL D 136 -50.13 -59.90 -57.34
N VAL D 137 -49.01 -59.51 -57.95
CA VAL D 137 -48.37 -58.22 -57.70
C VAL D 137 -48.35 -57.43 -59.00
N CYS D 138 -48.92 -56.22 -58.97
CA CYS D 138 -48.96 -55.33 -60.11
C CYS D 138 -48.00 -54.17 -59.90
N PHE D 139 -47.29 -53.80 -60.97
CA PHE D 139 -46.30 -52.71 -60.94
C PHE D 139 -46.84 -51.50 -61.67
N LEU D 140 -46.74 -50.34 -61.04
CA LEU D 140 -47.07 -49.05 -61.64
C LEU D 140 -45.83 -48.17 -61.57
N ASN D 141 -45.23 -47.88 -62.73
CA ASN D 141 -43.98 -47.16 -62.79
C ASN D 141 -44.10 -45.97 -63.74
N ASN D 142 -43.19 -45.00 -63.55
CA ASN D 142 -42.93 -43.84 -64.40
C ASN D 142 -44.17 -42.94 -64.54
N PHE D 143 -44.50 -42.28 -63.43
CA PHE D 143 -45.66 -41.39 -63.40
C PHE D 143 -45.32 -40.12 -62.63
N TYR D 144 -45.86 -39.00 -63.11
CA TYR D 144 -45.79 -37.73 -62.41
C TYR D 144 -47.17 -37.07 -62.53
N PRO D 145 -47.68 -36.44 -61.45
CA PRO D 145 -47.20 -36.32 -60.07
C PRO D 145 -47.42 -37.57 -59.22
N LYS D 146 -47.19 -37.45 -57.91
CA LYS D 146 -47.23 -38.61 -57.02
C LYS D 146 -48.64 -38.99 -56.61
N ASP D 147 -49.65 -38.19 -56.94
CA ASP D 147 -51.03 -38.52 -56.58
C ASP D 147 -51.56 -39.55 -57.59
N ILE D 148 -51.87 -40.74 -57.10
CA ILE D 148 -52.27 -41.85 -57.96
C ILE D 148 -53.13 -42.79 -57.09
N ASN D 149 -54.04 -43.52 -57.73
CA ASN D 149 -54.87 -44.50 -57.04
C ASN D 149 -54.86 -45.81 -57.82
N VAL D 150 -54.84 -46.92 -57.10
CA VAL D 150 -54.81 -48.25 -57.68
C VAL D 150 -56.04 -49.01 -57.19
N LYS D 151 -56.63 -49.83 -58.06
CA LYS D 151 -57.80 -50.63 -57.73
C LYS D 151 -57.54 -52.09 -58.06
N TRP D 152 -58.32 -52.97 -57.44
CA TRP D 152 -58.22 -54.41 -57.63
C TRP D 152 -59.61 -54.99 -57.84
N LYS D 153 -59.83 -55.61 -58.99
CA LYS D 153 -61.10 -56.26 -59.32
C LYS D 153 -60.81 -57.68 -59.76
N ILE D 154 -61.39 -58.65 -59.05
CA ILE D 154 -61.26 -60.06 -59.38
C ILE D 154 -62.63 -60.54 -59.86
N ASP D 155 -62.71 -60.85 -61.16
CA ASP D 155 -63.91 -61.34 -61.88
C ASP D 155 -65.09 -60.38 -61.77
N GLY D 156 -64.81 -59.08 -61.80
CA GLY D 156 -65.82 -58.06 -61.66
C GLY D 156 -66.14 -57.66 -60.23
N SER D 157 -65.53 -58.29 -59.25
CA SER D 157 -65.78 -57.99 -57.84
C SER D 157 -64.58 -57.25 -57.25
N GLU D 158 -64.83 -56.10 -56.65
CA GLU D 158 -63.78 -55.27 -56.09
C GLU D 158 -63.32 -55.84 -54.74
N ARG D 159 -62.01 -55.95 -54.58
CA ARG D 159 -61.41 -56.46 -53.35
C ARG D 159 -60.76 -55.31 -52.58
N GLN D 160 -60.78 -55.42 -51.25
CA GLN D 160 -60.29 -54.37 -50.38
C GLN D 160 -59.10 -54.83 -49.53
N ASN D 161 -59.34 -55.81 -48.66
CA ASN D 161 -58.31 -56.26 -47.73
C ASN D 161 -57.26 -57.12 -48.43
N GLY D 162 -56.02 -56.98 -48.00
CA GLY D 162 -54.92 -57.70 -48.60
C GLY D 162 -54.12 -56.92 -49.62
N VAL D 163 -54.30 -55.60 -49.69
CA VAL D 163 -53.63 -54.75 -50.67
C VAL D 163 -52.61 -53.89 -49.92
N LEU D 164 -51.34 -54.00 -50.32
CA LEU D 164 -50.26 -53.28 -49.68
C LEU D 164 -49.54 -52.42 -50.72
N ASN D 165 -49.46 -51.12 -50.47
CA ASN D 165 -48.86 -50.17 -51.40
C ASN D 165 -47.53 -49.67 -50.86
N SER D 166 -46.56 -49.51 -51.77
CA SER D 166 -45.24 -49.02 -51.43
C SER D 166 -44.82 -47.98 -52.45
N TRP D 167 -44.57 -46.75 -52.01
CA TRP D 167 -44.23 -45.64 -52.89
C TRP D 167 -42.79 -45.20 -52.65
N THR D 168 -42.18 -44.63 -53.69
CA THR D 168 -40.79 -44.24 -53.66
C THR D 168 -40.64 -42.73 -53.50
N ASP D 169 -39.39 -42.28 -53.53
CA ASP D 169 -39.06 -40.88 -53.53
C ASP D 169 -38.93 -40.44 -55.00
N GLN D 170 -38.65 -39.15 -55.23
CA GLN D 170 -38.53 -38.64 -56.58
C GLN D 170 -37.19 -39.06 -57.18
N ASP D 171 -37.21 -39.45 -58.46
CA ASP D 171 -36.04 -39.95 -59.14
C ASP D 171 -35.06 -38.81 -59.44
N SER D 172 -33.75 -39.13 -59.40
CA SER D 172 -32.71 -38.15 -59.65
C SER D 172 -32.49 -37.86 -61.13
N LYS D 173 -33.13 -38.61 -62.04
CA LYS D 173 -32.99 -38.38 -63.47
C LYS D 173 -34.34 -38.13 -64.12
N ASP D 174 -35.26 -39.10 -64.11
CA ASP D 174 -36.53 -38.95 -64.79
C ASP D 174 -37.54 -38.13 -63.99
N SER D 175 -37.28 -37.94 -62.68
CA SER D 175 -38.08 -37.14 -61.74
C SER D 175 -39.52 -37.64 -61.62
N THR D 176 -39.69 -38.95 -61.63
CA THR D 176 -40.99 -39.60 -61.50
C THR D 176 -41.00 -40.49 -60.26
N TYR D 177 -42.11 -41.22 -60.08
CA TYR D 177 -42.31 -42.07 -58.92
C TYR D 177 -42.66 -43.48 -59.37
N SER D 178 -42.58 -44.42 -58.43
CA SER D 178 -42.88 -45.82 -58.68
C SER D 178 -43.69 -46.38 -57.52
N MET D 179 -44.74 -47.14 -57.85
CA MET D 179 -45.62 -47.70 -56.83
C MET D 179 -45.96 -49.14 -57.17
N SER D 180 -45.75 -50.03 -56.20
CA SER D 180 -46.12 -51.44 -56.34
C SER D 180 -47.29 -51.76 -55.43
N SER D 181 -48.13 -52.69 -55.88
CA SER D 181 -49.29 -53.14 -55.12
C SER D 181 -49.25 -54.66 -55.03
N THR D 182 -49.29 -55.18 -53.81
CA THR D 182 -49.16 -56.61 -53.55
C THR D 182 -50.48 -57.16 -53.03
N LEU D 183 -51.03 -58.15 -53.73
CA LEU D 183 -52.25 -58.84 -53.32
C LEU D 183 -51.92 -60.29 -53.01
N THR D 184 -52.08 -60.68 -51.75
CA THR D 184 -51.73 -62.02 -51.29
C THR D 184 -53.01 -62.82 -51.04
N LEU D 185 -53.14 -63.96 -51.71
CA LEU D 185 -54.33 -64.78 -51.59
C LEU D 185 -53.94 -66.25 -51.51
N THR D 186 -54.87 -67.06 -50.99
CA THR D 186 -54.64 -68.48 -50.78
C THR D 186 -54.66 -69.25 -52.09
N LYS D 187 -54.14 -70.48 -52.03
CA LYS D 187 -54.09 -71.37 -53.21
C LYS D 187 -55.50 -71.81 -53.63
N ASP D 188 -56.42 -71.94 -52.66
CA ASP D 188 -57.80 -72.24 -53.00
C ASP D 188 -58.52 -71.03 -53.58
N GLU D 189 -58.06 -69.82 -53.27
CA GLU D 189 -58.58 -68.63 -53.93
C GLU D 189 -58.09 -68.53 -55.38
N TYR D 190 -56.87 -69.00 -55.64
CA TYR D 190 -56.28 -68.94 -56.97
C TYR D 190 -56.92 -69.95 -57.94
N GLU D 191 -57.31 -71.12 -57.45
CA GLU D 191 -57.87 -72.14 -58.32
C GLU D 191 -59.33 -71.89 -58.66
N ARG D 192 -60.04 -71.08 -57.87
CA ARG D 192 -61.45 -70.80 -58.11
C ARG D 192 -61.69 -69.54 -58.92
N HIS D 193 -60.63 -68.79 -59.26
CA HIS D 193 -60.77 -67.56 -60.02
C HIS D 193 -59.75 -67.56 -61.15
N ASN D 194 -59.99 -66.69 -62.14
CA ASN D 194 -59.15 -66.62 -63.34
C ASN D 194 -58.63 -65.21 -63.59
N SER D 195 -59.51 -64.26 -63.89
CA SER D 195 -59.08 -62.93 -64.31
C SER D 195 -58.69 -62.08 -63.11
N TYR D 196 -57.49 -61.49 -63.16
CA TYR D 196 -57.02 -60.54 -62.16
C TYR D 196 -56.74 -59.24 -62.87
N THR D 197 -57.53 -58.20 -62.56
CA THR D 197 -57.49 -56.94 -63.27
C THR D 197 -56.80 -55.88 -62.42
N CYS D 198 -55.74 -55.29 -62.98
CA CYS D 198 -55.02 -54.19 -62.34
C CYS D 198 -55.44 -52.89 -63.02
N GLU D 199 -55.95 -51.95 -62.25
CA GLU D 199 -56.41 -50.67 -62.75
C GLU D 199 -55.61 -49.53 -62.12
N ALA D 200 -55.57 -48.40 -62.82
CA ALA D 200 -54.82 -47.24 -62.38
C ALA D 200 -55.66 -45.98 -62.56
N THR D 201 -55.45 -44.99 -61.69
CA THR D 201 -56.16 -43.72 -61.74
C THR D 201 -55.14 -42.60 -61.74
N HIS D 202 -55.11 -41.82 -62.81
CA HIS D 202 -54.18 -40.71 -62.95
C HIS D 202 -54.94 -39.51 -63.48
N LYS D 203 -54.43 -38.31 -63.17
CA LYS D 203 -55.12 -37.07 -63.52
C LYS D 203 -55.07 -36.76 -65.02
N THR D 204 -54.07 -37.28 -65.73
CA THR D 204 -53.96 -37.08 -67.17
C THR D 204 -54.67 -38.16 -67.96
N SER D 205 -55.26 -39.15 -67.30
CA SER D 205 -55.95 -40.25 -67.94
C SER D 205 -57.45 -40.10 -67.73
N THR D 206 -58.22 -40.12 -68.81
CA THR D 206 -59.67 -40.04 -68.71
C THR D 206 -60.25 -41.38 -68.26
N SER D 207 -59.75 -42.47 -68.82
CA SER D 207 -60.21 -43.82 -68.53
C SER D 207 -59.12 -44.61 -67.81
N PRO D 208 -59.48 -45.55 -66.94
CA PRO D 208 -58.45 -46.37 -66.28
C PRO D 208 -57.85 -47.40 -67.22
N ILE D 209 -56.56 -47.67 -67.03
CA ILE D 209 -55.83 -48.64 -67.85
C ILE D 209 -56.14 -50.04 -67.34
N VAL D 210 -56.70 -50.86 -68.21
CA VAL D 210 -57.11 -52.22 -67.87
C VAL D 210 -56.04 -53.19 -68.39
N LYS D 211 -55.37 -53.87 -67.47
CA LYS D 211 -54.38 -54.88 -67.81
C LYS D 211 -54.67 -56.13 -66.99
N SER D 212 -55.03 -57.22 -67.68
CA SER D 212 -55.43 -58.45 -67.02
C SER D 212 -54.86 -59.64 -67.78
N PHE D 213 -54.91 -60.81 -67.15
CA PHE D 213 -54.43 -62.04 -67.75
C PHE D 213 -55.42 -63.16 -67.44
N ASN D 214 -55.25 -64.28 -68.14
CA ASN D 214 -56.06 -65.47 -67.92
C ASN D 214 -55.13 -66.66 -67.70
N ARG D 215 -55.33 -67.36 -66.58
CA ARG D 215 -54.50 -68.51 -66.23
C ARG D 215 -54.88 -69.73 -67.05
N GLN E 14 12.14 25.35 -63.13
CA GLN E 14 12.61 24.52 -62.02
C GLN E 14 13.27 25.37 -60.94
N CYS E 15 14.18 26.24 -61.35
CA CYS E 15 14.93 27.08 -60.42
C CYS E 15 14.25 28.41 -60.14
N VAL E 16 13.06 28.64 -60.71
CA VAL E 16 12.34 29.90 -60.54
C VAL E 16 11.15 29.62 -59.64
N ASN E 17 11.10 30.29 -58.49
CA ASN E 17 9.99 30.14 -57.56
C ASN E 17 8.77 30.90 -58.06
N LEU E 18 7.60 30.45 -57.60
CA LEU E 18 6.33 31.02 -58.01
C LEU E 18 6.10 32.36 -57.29
N THR E 19 5.27 33.21 -57.92
CA THR E 19 5.03 34.56 -57.40
C THR E 19 4.19 34.53 -56.12
N THR E 20 3.35 33.51 -55.95
CA THR E 20 2.43 33.45 -54.82
C THR E 20 3.10 33.09 -53.50
N ARG E 21 4.34 32.62 -53.53
CA ARG E 21 5.10 32.35 -52.32
C ARG E 21 5.75 33.64 -51.83
N THR E 22 5.37 34.08 -50.63
CA THR E 22 5.82 35.35 -50.09
C THR E 22 5.75 35.29 -48.57
N GLN E 23 6.20 36.37 -47.92
CA GLN E 23 6.01 36.41 -46.45
C GLN E 23 4.52 36.65 -46.17
N LEU E 24 3.77 35.59 -45.85
CA LEU E 24 2.33 35.73 -45.51
C LEU E 24 2.17 35.58 -44.01
N PRO E 25 1.96 36.66 -43.25
CA PRO E 25 1.90 36.55 -41.79
C PRO E 25 0.92 35.44 -41.42
N PRO E 26 1.37 34.34 -40.77
CA PRO E 26 0.47 33.21 -40.45
C PRO E 26 -0.55 33.62 -39.38
N ALA E 27 -1.67 32.90 -39.27
CA ALA E 27 -2.71 33.32 -38.31
C ALA E 27 -2.73 32.35 -37.13
N TYR E 28 -3.59 32.57 -36.14
CA TYR E 28 -3.70 31.60 -35.02
C TYR E 28 -5.17 31.38 -34.69
N THR E 29 -5.64 30.15 -34.89
CA THR E 29 -7.05 29.81 -34.55
C THR E 29 -7.07 29.03 -33.23
N ASN E 30 -8.26 28.79 -32.68
CA ASN E 30 -8.37 28.03 -31.45
C ASN E 30 -9.03 26.70 -31.78
N SER E 31 -8.56 25.63 -31.14
CA SER E 31 -9.18 24.31 -31.18
C SER E 31 -9.61 23.94 -29.77
N PHE E 32 -10.77 23.29 -29.64
CA PHE E 32 -11.35 23.14 -28.32
C PHE E 32 -11.17 21.73 -27.76
N THR E 33 -12.00 20.78 -28.21
CA THR E 33 -11.98 19.42 -27.70
C THR E 33 -11.21 18.46 -28.60
N ARG E 34 -10.70 18.92 -29.73
CA ARG E 34 -10.10 18.07 -30.74
C ARG E 34 -8.70 17.61 -30.31
N GLY E 35 -8.23 16.54 -30.95
CA GLY E 35 -6.92 15.99 -30.67
C GLY E 35 -6.91 14.73 -29.82
N VAL E 36 -8.05 14.06 -29.65
CA VAL E 36 -8.17 12.90 -28.78
C VAL E 36 -8.13 11.64 -29.63
N TYR E 37 -7.22 10.74 -29.31
CA TYR E 37 -7.05 9.48 -30.03
C TYR E 37 -6.98 8.33 -29.04
N TYR E 38 -7.06 7.11 -29.57
CA TYR E 38 -6.90 5.91 -28.76
C TYR E 38 -5.42 5.75 -28.39
N PRO E 39 -5.06 5.79 -27.11
CA PRO E 39 -3.62 5.71 -26.75
C PRO E 39 -3.03 4.32 -26.90
N ASP E 40 -3.83 3.26 -26.80
CA ASP E 40 -3.32 1.91 -26.89
C ASP E 40 -4.30 1.06 -27.71
N LYS E 41 -3.98 -0.22 -27.82
CA LYS E 41 -4.79 -1.17 -28.57
C LYS E 41 -5.79 -1.92 -27.70
N VAL E 42 -5.84 -1.62 -26.41
CA VAL E 42 -6.67 -2.36 -25.48
C VAL E 42 -8.10 -1.84 -25.51
N PHE E 43 -9.04 -2.73 -25.83
CA PHE E 43 -10.46 -2.40 -25.81
C PHE E 43 -10.96 -2.40 -24.37
N ARG E 44 -11.52 -1.27 -23.95
CA ARG E 44 -12.12 -1.15 -22.63
C ARG E 44 -13.51 -0.55 -22.78
N SER E 45 -14.39 -0.86 -21.83
CA SER E 45 -15.77 -0.40 -21.87
C SER E 45 -16.23 0.00 -20.48
N SER E 46 -16.91 1.17 -20.41
CA SER E 46 -17.59 1.70 -19.22
C SER E 46 -16.64 1.96 -18.05
N VAL E 47 -15.41 2.37 -18.37
CA VAL E 47 -14.41 2.71 -17.37
C VAL E 47 -13.87 4.11 -17.67
N LEU E 48 -13.18 4.69 -16.70
CA LEU E 48 -12.48 5.95 -16.87
C LEU E 48 -10.99 5.65 -16.74
N HIS E 49 -10.27 5.73 -17.86
CA HIS E 49 -8.88 5.30 -17.93
C HIS E 49 -7.95 6.49 -17.99
N SER E 50 -6.83 6.38 -17.28
CA SER E 50 -5.79 7.41 -17.25
C SER E 50 -4.54 6.89 -17.93
N THR E 51 -3.96 7.71 -18.80
CA THR E 51 -2.74 7.35 -19.51
C THR E 51 -1.87 8.60 -19.66
N GLN E 52 -0.61 8.36 -20.02
CA GLN E 52 0.34 9.45 -20.22
C GLN E 52 1.05 9.24 -21.56
N ASP E 53 0.83 10.16 -22.49
CA ASP E 53 1.41 10.10 -23.82
C ASP E 53 1.47 11.54 -24.32
N LEU E 54 2.03 11.76 -25.52
CA LEU E 54 2.09 13.09 -26.11
C LEU E 54 0.73 13.39 -26.73
N PHE E 55 0.06 14.42 -26.21
CA PHE E 55 -1.31 14.76 -26.56
C PHE E 55 -1.40 16.21 -26.98
N LEU E 56 -2.50 16.55 -27.65
CA LEU E 56 -2.85 17.93 -27.92
C LEU E 56 -3.68 18.46 -26.75
N PRO E 57 -3.23 19.48 -26.02
CA PRO E 57 -4.01 19.98 -24.89
C PRO E 57 -5.22 20.78 -25.34
N PHE E 58 -6.23 20.83 -24.48
CA PHE E 58 -7.48 21.51 -24.79
C PHE E 58 -7.31 23.03 -24.67
N PHE E 59 -8.12 23.74 -25.47
CA PHE E 59 -8.19 25.21 -25.56
C PHE E 59 -6.84 25.83 -25.93
N SER E 60 -6.15 25.18 -26.85
CA SER E 60 -4.82 25.57 -27.28
C SER E 60 -4.88 26.32 -28.61
N ASN E 61 -4.01 27.31 -28.76
CA ASN E 61 -3.96 28.12 -29.96
C ASN E 61 -3.18 27.39 -31.04
N VAL E 62 -3.82 27.17 -32.18
CA VAL E 62 -3.20 26.53 -33.33
C VAL E 62 -3.05 27.55 -34.45
N THR E 63 -1.98 27.44 -35.23
CA THR E 63 -1.65 28.46 -36.20
C THR E 63 -2.44 28.27 -37.48
N TRP E 64 -3.20 29.28 -37.87
CA TRP E 64 -4.13 29.20 -38.99
C TRP E 64 -3.40 29.38 -40.31
N PHE E 65 -3.62 28.44 -41.24
CA PHE E 65 -3.07 28.50 -42.59
C PHE E 65 -4.21 28.58 -43.59
N HIS E 66 -3.98 29.29 -44.69
CA HIS E 66 -5.03 29.48 -45.68
C HIS E 66 -4.40 29.67 -47.05
N VAL E 67 -5.18 29.30 -48.07
CA VAL E 67 -4.81 29.49 -49.47
C VAL E 67 -6.06 29.90 -50.24
N ILE E 68 -5.92 30.95 -51.06
CA ILE E 68 -7.02 31.40 -51.91
C ILE E 68 -6.61 31.27 -53.37
N LYS E 75 -4.12 34.08 -54.53
CA LYS E 75 -2.85 34.57 -55.07
C LYS E 75 -1.72 34.41 -54.06
N ARG E 76 -1.93 33.52 -53.08
CA ARG E 76 -0.93 33.25 -52.06
C ARG E 76 -1.11 31.83 -51.55
N PHE E 77 -0.03 31.26 -51.03
CA PHE E 77 -0.05 29.92 -50.47
C PHE E 77 0.91 29.85 -49.29
N ASP E 78 0.49 29.16 -48.23
CA ASP E 78 1.27 29.03 -47.01
C ASP E 78 2.04 27.72 -47.06
N ASN E 79 3.36 27.80 -47.05
CA ASN E 79 4.22 26.63 -46.80
C ASN E 79 5.40 27.03 -45.92
N PRO E 80 5.18 27.18 -44.61
CA PRO E 80 6.30 27.46 -43.71
C PRO E 80 7.13 26.22 -43.42
N VAL E 81 8.31 26.44 -42.86
CA VAL E 81 9.13 25.34 -42.37
C VAL E 81 8.94 25.27 -40.86
N LEU E 82 8.18 24.28 -40.41
CA LEU E 82 7.67 24.03 -39.05
C LEU E 82 8.47 22.94 -38.37
N PRO E 83 8.85 23.13 -37.09
CA PRO E 83 9.58 22.07 -36.37
C PRO E 83 8.71 20.86 -36.06
N PHE E 84 9.30 19.68 -36.23
CA PHE E 84 8.66 18.39 -35.95
C PHE E 84 8.73 18.02 -34.47
N ASN E 85 9.66 18.61 -33.70
CA ASN E 85 9.95 18.12 -32.36
C ASN E 85 8.90 18.56 -31.34
N ASP E 86 8.05 19.51 -31.70
CA ASP E 86 6.93 19.90 -30.85
C ASP E 86 5.66 19.09 -31.13
N GLY E 87 5.71 18.13 -32.05
CA GLY E 87 4.57 17.31 -32.38
C GLY E 87 3.75 17.88 -33.52
N VAL E 88 3.05 16.99 -34.21
CA VAL E 88 2.25 17.34 -35.39
C VAL E 88 0.81 16.94 -35.14
N TYR E 89 -0.09 17.93 -35.17
CA TYR E 89 -1.53 17.68 -35.25
C TYR E 89 -2.03 18.33 -36.53
N PHE E 90 -2.47 17.52 -37.48
CA PHE E 90 -2.99 18.00 -38.76
C PHE E 90 -4.51 17.87 -38.77
N ALA E 91 -5.19 18.89 -39.29
CA ALA E 91 -6.60 18.84 -39.59
C ALA E 91 -6.88 19.76 -40.76
N SER E 92 -7.80 19.36 -41.64
CA SER E 92 -8.08 20.09 -42.87
C SER E 92 -9.53 19.96 -43.27
N ILE E 93 -10.07 21.02 -43.87
CA ILE E 93 -11.40 21.01 -44.47
C ILE E 93 -11.21 21.33 -45.94
N GLU E 94 -11.42 20.32 -46.81
CA GLU E 94 -11.19 20.47 -48.24
C GLU E 94 -12.26 19.69 -49.00
N LYS E 95 -12.81 20.34 -50.04
CA LYS E 95 -13.69 19.65 -50.96
C LYS E 95 -12.91 18.80 -51.95
N SER E 96 -11.92 19.41 -52.61
CA SER E 96 -11.26 18.82 -53.77
C SER E 96 -9.95 18.11 -53.47
N ASN E 97 -9.55 18.01 -52.19
CA ASN E 97 -8.35 17.35 -51.67
C ASN E 97 -7.06 17.96 -52.26
N ILE E 98 -6.75 19.15 -51.76
CA ILE E 98 -5.60 19.92 -52.26
C ILE E 98 -4.29 19.30 -51.76
N ILE E 99 -4.22 18.93 -50.49
CA ILE E 99 -2.96 18.45 -49.90
C ILE E 99 -2.72 17.01 -50.32
N ARG E 100 -1.61 16.78 -51.02
CA ARG E 100 -1.24 15.47 -51.53
C ARG E 100 -0.26 14.72 -50.64
N GLY E 101 0.19 15.34 -49.55
CA GLY E 101 1.12 14.69 -48.65
C GLY E 101 2.04 15.70 -48.01
N TRP E 102 3.14 15.20 -47.46
CA TRP E 102 4.09 16.02 -46.71
C TRP E 102 5.51 15.60 -47.07
N ILE E 103 6.46 16.46 -46.69
CA ILE E 103 7.88 16.19 -46.82
C ILE E 103 8.47 16.13 -45.42
N PHE E 104 9.03 14.98 -45.06
CA PHE E 104 9.63 14.76 -43.75
C PHE E 104 11.13 14.50 -43.91
N GLY E 105 11.94 15.39 -43.37
CA GLY E 105 13.38 15.26 -43.53
C GLY E 105 14.12 15.90 -42.38
N THR E 106 15.44 15.85 -42.47
CA THR E 106 16.33 16.38 -41.44
C THR E 106 17.01 17.65 -41.93
N THR E 107 18.00 17.53 -42.82
CA THR E 107 18.68 18.70 -43.38
C THR E 107 18.14 19.10 -44.74
N LEU E 108 17.12 18.39 -45.24
CA LEU E 108 16.37 18.66 -46.48
C LEU E 108 17.28 18.62 -47.73
N ASP E 109 18.09 17.58 -47.82
CA ASP E 109 18.96 17.37 -48.96
C ASP E 109 19.15 15.87 -49.18
N SER E 110 20.08 15.53 -50.08
CA SER E 110 20.38 14.14 -50.40
C SER E 110 21.47 13.55 -49.53
N LYS E 111 21.99 14.29 -48.55
CA LYS E 111 23.07 13.78 -47.72
C LYS E 111 22.59 12.85 -46.62
N THR E 112 21.29 12.84 -46.32
CA THR E 112 20.75 12.00 -45.26
C THR E 112 19.47 11.34 -45.75
N GLN E 113 18.87 10.53 -44.90
CA GLN E 113 17.63 9.84 -45.23
C GLN E 113 16.44 10.79 -45.13
N SER E 114 15.38 10.46 -45.85
CA SER E 114 14.20 11.31 -45.94
C SER E 114 12.94 10.45 -45.97
N LEU E 115 11.81 11.09 -45.76
CA LEU E 115 10.51 10.42 -45.74
C LEU E 115 9.50 11.26 -46.51
N LEU E 116 8.76 10.63 -47.42
CA LEU E 116 7.83 11.32 -48.29
C LEU E 116 6.51 10.56 -48.34
N ILE E 117 5.41 11.29 -48.24
CA ILE E 117 4.07 10.74 -48.36
C ILE E 117 3.47 11.26 -49.67
N VAL E 118 3.14 10.33 -50.57
CA VAL E 118 2.51 10.66 -51.84
C VAL E 118 1.14 10.01 -51.88
N ASN E 119 0.10 10.83 -52.03
CA ASN E 119 -1.28 10.35 -52.08
C ASN E 119 -1.79 10.59 -53.49
N ASN E 120 -1.97 9.51 -54.24
CA ASN E 120 -2.52 9.56 -55.59
C ASN E 120 -4.02 9.29 -55.62
N ALA E 121 -4.65 9.19 -54.43
CA ALA E 121 -6.05 8.97 -54.04
C ALA E 121 -6.53 7.53 -54.25
N THR E 122 -5.80 6.71 -55.00
CA THR E 122 -5.98 5.28 -54.99
C THR E 122 -5.04 4.57 -54.02
N ASN E 123 -4.02 5.27 -53.52
CA ASN E 123 -3.03 4.72 -52.60
C ASN E 123 -2.34 5.84 -51.85
N VAL E 124 -1.69 5.48 -50.75
CA VAL E 124 -0.76 6.36 -50.04
C VAL E 124 0.63 5.76 -50.19
N VAL E 125 1.49 6.46 -50.93
CA VAL E 125 2.84 5.96 -51.21
C VAL E 125 3.78 6.51 -50.15
N ILE E 126 4.34 5.61 -49.35
CA ILE E 126 5.27 5.96 -48.29
C ILE E 126 6.61 5.30 -48.59
N LYS E 127 7.63 6.10 -48.87
CA LYS E 127 8.95 5.60 -49.20
C LYS E 127 9.99 6.31 -48.34
N VAL E 128 11.00 5.56 -47.89
CA VAL E 128 12.13 6.11 -47.16
C VAL E 128 13.35 5.92 -48.05
N CYS E 129 13.87 7.02 -48.60
CA CYS E 129 14.99 6.94 -49.53
C CYS E 129 15.75 8.26 -49.48
N GLU E 130 16.77 8.37 -50.32
CA GLU E 130 17.55 9.58 -50.44
C GLU E 130 16.97 10.45 -51.55
N PHE E 131 16.41 11.60 -51.17
CA PHE E 131 15.69 12.47 -52.07
C PHE E 131 16.36 13.84 -52.15
N GLN E 132 16.11 14.55 -53.25
CA GLN E 132 16.58 15.91 -53.42
C GLN E 132 15.38 16.85 -53.26
N PHE E 133 15.49 17.81 -52.35
CA PHE E 133 14.38 18.66 -51.98
C PHE E 133 14.59 20.09 -52.46
N CYS E 134 13.51 20.70 -52.94
CA CYS E 134 13.50 22.08 -53.38
C CYS E 134 12.78 22.93 -52.33
N ASN E 135 12.64 24.23 -52.61
CA ASN E 135 12.04 25.14 -51.65
C ASN E 135 10.51 25.03 -51.64
N ASP E 136 9.90 25.03 -52.83
CA ASP E 136 8.44 25.06 -52.96
C ASP E 136 8.06 23.91 -53.88
N PRO E 137 7.71 22.74 -53.33
CA PRO E 137 7.37 21.59 -54.18
C PRO E 137 6.00 21.73 -54.84
N PHE E 138 5.93 21.30 -56.11
CA PHE E 138 4.75 21.43 -56.95
C PHE E 138 4.31 20.07 -57.46
N LEU E 139 3.00 19.87 -57.52
CA LEU E 139 2.42 18.70 -58.17
C LEU E 139 1.28 19.16 -59.08
N ASP E 140 1.24 18.64 -60.30
CA ASP E 140 0.25 19.06 -61.28
C ASP E 140 -1.08 18.35 -61.07
N VAL E 154 9.33 18.09 -54.87
CA VAL E 154 9.71 17.41 -53.64
C VAL E 154 11.08 16.81 -53.87
N TYR E 155 11.12 15.53 -54.24
CA TYR E 155 12.40 14.78 -54.33
C TYR E 155 12.92 14.64 -55.73
N SER E 156 14.06 15.25 -55.94
CA SER E 156 14.69 14.97 -57.24
C SER E 156 15.36 13.64 -57.01
N SER E 157 16.44 13.62 -56.23
CA SER E 157 17.19 12.37 -55.98
C SER E 157 16.22 11.30 -55.49
N ALA E 158 16.51 10.03 -55.80
CA ALA E 158 15.66 8.89 -55.37
C ALA E 158 16.60 7.69 -55.27
N ASN E 159 17.77 7.86 -54.65
CA ASN E 159 18.78 6.77 -54.60
C ASN E 159 18.81 6.14 -53.20
N ASN E 160 19.35 4.92 -53.08
CA ASN E 160 19.39 4.22 -51.78
C ASN E 160 17.96 3.82 -51.38
N CYS E 161 17.11 3.53 -52.37
CA CYS E 161 15.69 3.17 -52.09
C CYS E 161 15.61 1.67 -51.79
N THR E 162 16.22 1.23 -50.68
CA THR E 162 16.18 -0.20 -50.29
C THR E 162 14.82 -0.50 -49.65
N PHE E 163 14.01 0.52 -49.41
CA PHE E 163 12.68 0.33 -48.75
C PHE E 163 11.55 0.75 -49.67
N GLU E 164 10.55 -0.13 -49.86
CA GLU E 164 9.38 0.23 -50.65
C GLU E 164 8.15 -0.25 -49.91
N TYR E 165 7.11 0.59 -49.90
CA TYR E 165 5.89 0.25 -49.17
C TYR E 165 4.67 0.70 -49.98
N VAL E 166 3.70 -0.19 -50.10
CA VAL E 166 2.43 0.08 -50.76
C VAL E 166 1.31 -0.12 -49.73
N SER E 167 0.50 0.91 -49.52
CA SER E 167 -0.54 0.88 -48.50
C SER E 167 -1.83 0.28 -49.10
N GLN E 168 -2.92 0.35 -48.32
CA GLN E 168 -4.19 -0.22 -48.70
C GLN E 168 -4.93 0.70 -49.67
N PRO E 169 -5.63 0.14 -50.67
CA PRO E 169 -6.36 0.98 -51.62
C PRO E 169 -7.66 1.51 -51.03
N PHE E 170 -8.08 2.66 -51.56
CA PHE E 170 -9.30 3.33 -51.13
C PHE E 170 -9.80 4.19 -52.28
N LEU E 171 -10.85 4.97 -52.02
CA LEU E 171 -11.43 5.86 -53.02
C LEU E 171 -11.82 7.18 -52.36
N MET E 172 -11.40 8.28 -52.98
CA MET E 172 -11.75 9.62 -52.51
C MET E 172 -12.33 10.42 -53.67
N ASP E 173 -12.97 11.54 -53.33
CA ASP E 173 -13.62 12.40 -54.31
C ASP E 173 -12.70 13.57 -54.64
N LEU E 174 -12.30 13.67 -55.91
CA LEU E 174 -11.48 14.78 -56.39
C LEU E 174 -12.31 15.92 -56.97
N GLU E 175 -13.63 15.83 -56.90
CA GLU E 175 -14.54 16.83 -57.44
C GLU E 175 -15.11 17.67 -56.32
N GLY E 176 -15.41 18.94 -56.63
CA GLY E 176 -15.95 19.85 -55.64
C GLY E 176 -17.38 19.53 -55.28
N LYS E 177 -17.81 20.07 -54.14
CA LYS E 177 -19.10 19.76 -53.53
C LYS E 177 -19.86 21.06 -53.30
N GLN E 178 -21.16 20.90 -53.02
CA GLN E 178 -22.05 22.02 -52.77
C GLN E 178 -22.66 21.88 -51.38
N GLY E 179 -23.19 22.99 -50.87
CA GLY E 179 -23.76 23.01 -49.54
C GLY E 179 -22.73 22.98 -48.43
N ASN E 180 -22.94 22.13 -47.43
CA ASN E 180 -22.03 22.02 -46.30
C ASN E 180 -20.74 21.30 -46.71
N PHE E 181 -19.70 21.50 -45.90
CA PHE E 181 -18.38 20.96 -46.20
C PHE E 181 -18.34 19.47 -45.86
N LYS E 182 -18.05 18.64 -46.87
CA LYS E 182 -18.26 17.20 -46.74
C LYS E 182 -17.12 16.45 -46.08
N ASN E 183 -15.91 17.01 -46.06
CA ASN E 183 -14.73 16.24 -45.67
C ASN E 183 -13.97 16.95 -44.56
N LEU E 184 -13.73 16.24 -43.46
CA LEU E 184 -12.84 16.67 -42.39
C LEU E 184 -11.95 15.49 -42.01
N ARG E 185 -10.65 15.63 -42.21
CA ARG E 185 -9.69 14.58 -41.94
C ARG E 185 -8.68 15.09 -40.92
N GLU E 186 -8.45 14.31 -39.86
CA GLU E 186 -7.58 14.71 -38.77
C GLU E 186 -6.47 13.68 -38.61
N PHE E 187 -5.22 14.12 -38.78
CA PHE E 187 -4.05 13.26 -38.75
C PHE E 187 -3.12 13.68 -37.62
N VAL E 188 -2.59 12.71 -36.89
CA VAL E 188 -1.59 12.93 -35.85
C VAL E 188 -0.35 12.13 -36.22
N PHE E 189 0.77 12.83 -36.41
CA PHE E 189 2.04 12.21 -36.76
C PHE E 189 3.03 12.45 -35.63
N LYS E 190 3.52 11.37 -35.03
CA LYS E 190 4.47 11.48 -33.93
C LYS E 190 5.54 10.40 -34.07
N ASN E 191 6.68 10.66 -33.42
CA ASN E 191 7.80 9.73 -33.43
C ASN E 191 8.20 9.50 -31.98
N ILE E 192 8.00 8.27 -31.50
CA ILE E 192 8.40 7.87 -30.15
C ILE E 192 9.25 6.61 -30.27
N ASP E 193 10.54 6.73 -29.88
CA ASP E 193 11.55 5.66 -29.87
C ASP E 193 11.75 5.02 -31.24
N GLY E 194 11.68 5.83 -32.29
CA GLY E 194 11.86 5.34 -33.63
C GLY E 194 10.65 4.69 -34.25
N TYR E 195 9.44 5.08 -33.85
CA TYR E 195 8.19 4.50 -34.37
C TYR E 195 7.36 5.61 -34.98
N PHE E 196 7.11 5.51 -36.29
CA PHE E 196 6.28 6.47 -37.01
C PHE E 196 4.87 5.91 -37.09
N LYS E 197 3.92 6.58 -36.44
CA LYS E 197 2.56 6.08 -36.27
C LYS E 197 1.57 7.04 -36.91
N ILE E 198 0.64 6.48 -37.69
CA ILE E 198 -0.34 7.26 -38.44
C ILE E 198 -1.72 7.05 -37.83
N TYR E 199 -2.34 8.13 -37.38
CA TYR E 199 -3.72 8.13 -36.89
C TYR E 199 -4.60 8.80 -37.94
N SER E 200 -5.69 8.13 -38.33
CA SER E 200 -6.52 8.60 -39.43
C SER E 200 -7.99 8.52 -39.05
N LYS E 201 -8.67 9.66 -39.08
CA LYS E 201 -10.10 9.73 -38.79
C LYS E 201 -10.79 10.54 -39.89
N HIS E 202 -11.83 9.96 -40.48
CA HIS E 202 -12.61 10.62 -41.52
C HIS E 202 -14.00 10.89 -40.97
N THR E 203 -14.41 12.16 -41.01
CA THR E 203 -15.72 12.58 -40.51
C THR E 203 -16.22 13.73 -41.37
N PRO E 204 -17.54 13.86 -41.54
CA PRO E 204 -18.07 15.07 -42.17
C PRO E 204 -18.06 16.25 -41.20
N ILE E 205 -18.16 17.44 -41.77
CA ILE E 205 -18.18 18.67 -40.99
C ILE E 205 -19.15 19.68 -41.60
N ASP E 212 -14.38 28.84 -40.76
CA ASP E 212 -12.95 28.84 -40.47
C ASP E 212 -12.69 28.43 -39.02
N LEU E 213 -13.75 28.04 -38.32
CA LEU E 213 -13.67 27.65 -36.91
C LEU E 213 -14.31 26.28 -36.77
N PRO E 214 -13.52 25.21 -36.82
CA PRO E 214 -14.09 23.87 -36.61
C PRO E 214 -14.42 23.61 -35.15
N GLN E 215 -15.54 22.93 -34.93
CA GLN E 215 -16.03 22.60 -33.60
C GLN E 215 -16.57 21.18 -33.60
N GLY E 216 -16.79 20.66 -32.41
CA GLY E 216 -17.26 19.30 -32.24
C GLY E 216 -16.16 18.38 -31.71
N PHE E 217 -16.57 17.18 -31.31
CA PHE E 217 -15.70 16.20 -30.70
C PHE E 217 -15.71 14.93 -31.54
N SER E 218 -14.56 14.29 -31.69
CA SER E 218 -14.44 13.06 -32.45
C SER E 218 -13.32 12.21 -31.86
N ALA E 219 -13.41 10.90 -32.12
CA ALA E 219 -12.44 9.94 -31.62
C ALA E 219 -11.64 9.39 -32.79
N LEU E 220 -10.32 9.61 -32.78
CA LEU E 220 -9.46 9.21 -33.87
C LEU E 220 -9.14 7.72 -33.81
N GLU E 221 -8.81 7.16 -34.97
CA GLU E 221 -8.47 5.75 -35.13
C GLU E 221 -7.11 5.61 -35.80
N PRO E 222 -6.32 4.60 -35.42
CA PRO E 222 -5.05 4.37 -36.10
C PRO E 222 -5.22 3.67 -37.44
N LEU E 223 -4.21 3.82 -38.30
CA LEU E 223 -4.19 3.18 -39.60
C LEU E 223 -3.07 2.15 -39.70
N VAL E 224 -1.80 2.59 -39.80
CA VAL E 224 -0.66 1.69 -39.91
C VAL E 224 0.41 2.12 -38.91
N ASP E 225 1.39 1.25 -38.71
CA ASP E 225 2.54 1.53 -37.86
C ASP E 225 3.79 1.12 -38.63
N LEU E 226 4.64 2.09 -38.94
CA LEU E 226 5.88 1.83 -39.68
C LEU E 226 7.08 2.18 -38.81
N PRO E 227 7.93 1.13 -38.34
CA PRO E 227 9.15 1.40 -37.55
C PRO E 227 10.33 1.86 -38.42
N ILE E 228 10.27 3.13 -38.82
CA ILE E 228 11.29 3.68 -39.71
C ILE E 228 12.58 3.98 -38.93
N GLY E 229 12.46 4.71 -37.83
CA GLY E 229 13.60 4.99 -36.96
C GLY E 229 14.61 5.97 -37.50
N ILE E 230 14.15 7.13 -37.98
CA ILE E 230 15.05 8.18 -38.47
C ILE E 230 14.79 9.45 -37.69
N ASN E 231 15.76 10.37 -37.78
CA ASN E 231 15.67 11.67 -37.13
C ASN E 231 14.96 12.63 -38.08
N ILE E 232 13.92 13.29 -37.58
CA ILE E 232 13.19 14.30 -38.35
C ILE E 232 13.19 15.59 -37.52
N THR E 233 13.78 16.64 -38.07
CA THR E 233 13.88 17.94 -37.39
C THR E 233 12.75 18.87 -37.76
N ARG E 234 12.65 19.25 -39.03
CA ARG E 234 11.61 20.14 -39.53
C ARG E 234 10.87 19.44 -40.68
N PHE E 235 9.82 20.08 -41.19
CA PHE E 235 9.02 19.47 -42.24
C PHE E 235 8.36 20.54 -43.11
N GLN E 236 7.91 20.11 -44.29
CA GLN E 236 7.18 20.96 -45.22
C GLN E 236 5.89 20.29 -45.69
N THR E 237 5.18 20.93 -46.62
CA THR E 237 3.90 20.44 -47.14
C THR E 237 3.96 20.39 -48.67
N LEU E 238 2.96 19.72 -49.26
CA LEU E 238 2.85 19.56 -50.70
C LEU E 238 1.61 20.28 -51.21
N LEU E 239 1.62 20.62 -52.50
CA LEU E 239 0.55 21.41 -53.12
C LEU E 239 0.19 20.82 -54.48
N ALA E 240 -1.11 20.68 -54.72
CA ALA E 240 -1.64 20.29 -56.03
C ALA E 240 -2.02 21.53 -56.81
N LEU E 241 -1.81 21.50 -58.12
CA LEU E 241 -2.02 22.64 -58.99
C LEU E 241 -3.13 22.35 -60.00
N HIS E 242 -3.90 23.39 -60.34
CA HIS E 242 -5.01 23.28 -61.26
C HIS E 242 -4.77 24.16 -62.48
N ARG E 243 -5.32 23.75 -63.62
CA ARG E 243 -5.27 24.56 -64.83
C ARG E 243 -6.58 24.39 -65.59
N SER E 244 -7.15 25.50 -66.04
CA SER E 244 -8.40 25.49 -66.78
C SER E 244 -8.19 25.03 -68.22
N SER E 252 5.24 26.36 -65.12
CA SER E 252 5.59 26.74 -63.76
C SER E 252 4.69 27.85 -63.24
N SER E 253 4.64 28.97 -63.97
CA SER E 253 3.83 30.11 -63.58
C SER E 253 2.42 30.07 -64.17
N GLY E 254 2.14 29.13 -65.08
CA GLY E 254 0.81 29.04 -65.66
C GLY E 254 -0.20 28.31 -64.81
N TRP E 255 0.26 27.48 -63.88
CA TRP E 255 -0.63 26.73 -63.00
C TRP E 255 -1.17 27.63 -61.90
N THR E 256 -2.37 27.29 -61.40
CA THR E 256 -3.06 28.08 -60.40
C THR E 256 -3.59 27.16 -59.31
N ALA E 257 -3.18 27.43 -58.07
CA ALA E 257 -3.65 26.65 -56.94
C ALA E 257 -5.09 27.02 -56.58
N GLY E 258 -5.76 26.11 -55.88
CA GLY E 258 -7.14 26.29 -55.50
C GLY E 258 -7.30 27.04 -54.20
N ALA E 259 -8.46 26.84 -53.57
CA ALA E 259 -8.81 27.50 -52.32
C ALA E 259 -9.08 26.44 -51.26
N ALA E 260 -8.33 26.49 -50.16
CA ALA E 260 -8.44 25.49 -49.10
C ALA E 260 -7.99 26.12 -47.79
N ALA E 261 -8.09 25.34 -46.71
CA ALA E 261 -7.62 25.75 -45.40
C ALA E 261 -7.24 24.51 -44.59
N TYR E 262 -6.22 24.67 -43.75
CA TYR E 262 -5.77 23.64 -42.81
C TYR E 262 -5.02 24.35 -41.68
N TYR E 263 -4.57 23.56 -40.70
CA TYR E 263 -3.74 24.08 -39.62
C TYR E 263 -2.87 22.95 -39.09
N VAL E 264 -1.75 23.34 -38.48
CA VAL E 264 -0.77 22.40 -37.94
C VAL E 264 -0.66 22.66 -36.43
N GLY E 265 -0.95 21.63 -35.63
CA GLY E 265 -0.87 21.71 -34.19
C GLY E 265 0.38 21.06 -33.62
N TYR E 266 0.47 21.11 -32.29
CA TYR E 266 1.62 20.62 -31.55
C TYR E 266 1.19 19.61 -30.51
N LEU E 267 2.16 18.86 -29.97
CA LEU E 267 1.91 17.84 -28.98
C LEU E 267 2.72 18.09 -27.71
N GLN E 268 2.06 17.96 -26.56
CA GLN E 268 2.67 18.17 -25.27
C GLN E 268 2.40 16.97 -24.36
N PRO E 269 3.34 16.63 -23.45
CA PRO E 269 3.11 15.47 -22.56
C PRO E 269 2.10 15.72 -21.45
N ARG E 270 0.83 15.52 -21.75
CA ARG E 270 -0.28 15.75 -20.82
C ARG E 270 -1.02 14.46 -20.53
N THR E 271 -1.81 14.48 -19.47
CA THR E 271 -2.56 13.32 -19.00
C THR E 271 -4.05 13.53 -19.25
N PHE E 272 -4.69 12.56 -19.90
CA PHE E 272 -6.12 12.61 -20.17
C PHE E 272 -6.87 11.52 -19.43
N LEU E 273 -8.15 11.79 -19.19
CA LEU E 273 -9.10 10.81 -18.65
C LEU E 273 -10.11 10.52 -19.76
N LEU E 274 -10.26 9.25 -20.12
CA LEU E 274 -11.08 8.86 -21.25
C LEU E 274 -12.29 8.06 -20.77
N LYS E 275 -13.49 8.52 -21.14
CA LYS E 275 -14.74 7.86 -20.80
C LYS E 275 -15.20 6.99 -21.97
N TYR E 276 -15.46 5.72 -21.68
CA TYR E 276 -15.86 4.75 -22.70
C TYR E 276 -17.33 4.40 -22.54
N ASN E 277 -18.00 4.21 -23.67
CA ASN E 277 -19.39 3.80 -23.70
C ASN E 277 -19.49 2.27 -23.77
N GLU E 278 -20.69 1.78 -24.05
CA GLU E 278 -20.89 0.35 -24.25
C GLU E 278 -20.32 -0.12 -25.59
N ASN E 279 -20.22 0.75 -26.58
CA ASN E 279 -19.66 0.41 -27.89
C ASN E 279 -18.15 0.54 -27.93
N GLY E 280 -17.53 1.17 -26.93
CA GLY E 280 -16.08 1.29 -26.90
C GLY E 280 -15.51 2.51 -27.55
N THR E 281 -16.26 3.59 -27.66
CA THR E 281 -15.79 4.83 -28.25
C THR E 281 -15.73 5.92 -27.17
N ILE E 282 -14.87 6.90 -27.40
CA ILE E 282 -14.66 7.96 -26.41
C ILE E 282 -15.79 8.97 -26.52
N THR E 283 -16.57 9.09 -25.46
CA THR E 283 -17.65 10.08 -25.44
C THR E 283 -17.13 11.46 -25.05
N ASP E 284 -16.25 11.54 -24.06
CA ASP E 284 -15.73 12.80 -23.57
C ASP E 284 -14.34 12.55 -23.00
N ALA E 285 -13.47 13.55 -23.13
CA ALA E 285 -12.12 13.49 -22.60
C ALA E 285 -11.89 14.63 -21.63
N VAL E 286 -11.23 14.33 -20.51
CA VAL E 286 -10.95 15.29 -19.46
C VAL E 286 -9.45 15.41 -19.31
N ASP E 287 -8.92 16.61 -19.51
CA ASP E 287 -7.50 16.86 -19.27
C ASP E 287 -7.24 16.92 -17.77
N CYS E 288 -6.06 16.48 -17.36
CA CYS E 288 -5.73 16.48 -15.94
C CYS E 288 -5.43 17.89 -15.44
N ALA E 289 -4.53 18.59 -16.10
CA ALA E 289 -4.25 19.99 -15.77
C ALA E 289 -4.65 20.87 -16.95
N LEU E 290 -5.79 21.54 -16.81
CA LEU E 290 -6.18 22.65 -17.68
C LEU E 290 -6.73 23.78 -16.83
N ASP E 291 -7.86 23.49 -16.19
CA ASP E 291 -8.60 24.35 -15.29
C ASP E 291 -8.64 23.67 -13.92
N PRO E 292 -8.89 24.41 -12.83
CA PRO E 292 -9.08 23.74 -11.53
C PRO E 292 -10.37 22.92 -11.41
N LEU E 293 -11.35 23.12 -12.30
CA LEU E 293 -12.43 22.15 -12.44
C LEU E 293 -11.91 20.85 -13.01
N SER E 294 -10.97 20.92 -13.96
CA SER E 294 -10.40 19.72 -14.55
C SER E 294 -9.37 19.07 -13.65
N GLU E 295 -8.79 19.82 -12.71
CA GLU E 295 -7.87 19.23 -11.76
C GLU E 295 -8.59 18.50 -10.64
N THR E 296 -9.88 18.80 -10.44
CA THR E 296 -10.67 18.09 -9.44
C THR E 296 -11.00 16.68 -9.92
N LYS E 297 -11.28 16.53 -11.21
CA LYS E 297 -11.65 15.22 -11.77
C LYS E 297 -10.46 14.29 -11.91
N CYS E 298 -9.24 14.85 -11.98
CA CYS E 298 -8.05 14.01 -12.19
C CYS E 298 -7.63 13.28 -10.92
N THR E 299 -7.82 13.91 -9.76
CA THR E 299 -7.46 13.25 -8.50
C THR E 299 -8.55 12.30 -8.05
N LEU E 300 -9.82 12.68 -8.21
CA LEU E 300 -10.93 11.86 -7.75
C LEU E 300 -11.22 10.67 -8.66
N LYS E 301 -10.77 10.73 -9.92
CA LYS E 301 -11.00 9.74 -10.99
C LYS E 301 -12.50 9.47 -11.21
N SER E 302 -13.27 10.53 -11.40
CA SER E 302 -14.70 10.44 -11.62
C SER E 302 -15.14 11.50 -12.61
N PHE E 303 -16.26 11.22 -13.29
CA PHE E 303 -16.80 12.15 -14.27
C PHE E 303 -17.54 13.32 -13.65
N THR E 304 -18.22 13.11 -12.53
CA THR E 304 -19.01 14.14 -11.88
C THR E 304 -18.34 14.57 -10.58
N VAL E 305 -18.51 15.85 -10.25
CA VAL E 305 -17.94 16.45 -9.05
C VAL E 305 -19.10 16.86 -8.15
N GLU E 306 -19.08 16.37 -6.91
CA GLU E 306 -20.12 16.68 -5.94
C GLU E 306 -19.82 18.01 -5.24
N LYS E 307 -20.64 18.36 -4.27
CA LYS E 307 -20.55 19.66 -3.61
C LYS E 307 -19.70 19.54 -2.34
N GLY E 308 -18.54 20.20 -2.36
CA GLY E 308 -17.65 20.17 -1.21
C GLY E 308 -16.26 20.61 -1.58
N ILE E 309 -15.39 20.63 -0.57
CA ILE E 309 -14.00 21.02 -0.73
C ILE E 309 -13.13 19.77 -0.89
N TYR E 310 -12.29 19.77 -1.91
CA TYR E 310 -11.43 18.64 -2.24
C TYR E 310 -9.98 19.09 -2.29
N GLN E 311 -9.08 18.16 -2.00
CA GLN E 311 -7.65 18.39 -2.05
C GLN E 311 -7.10 17.81 -3.35
N THR E 312 -6.30 18.60 -4.06
CA THR E 312 -5.86 18.25 -5.41
C THR E 312 -4.37 17.90 -5.43
N SER E 313 -3.48 18.86 -5.22
CA SER E 313 -2.07 18.67 -5.50
C SER E 313 -1.26 19.59 -4.58
N ASN E 314 0.03 19.74 -4.90
CA ASN E 314 0.95 20.53 -4.11
C ASN E 314 1.73 21.47 -5.03
N PHE E 315 2.43 22.41 -4.42
CA PHE E 315 3.17 23.42 -5.18
C PHE E 315 4.44 22.83 -5.78
N ARG E 316 4.69 23.17 -7.04
CA ARG E 316 5.91 22.77 -7.74
C ARG E 316 6.65 24.03 -8.16
N VAL E 317 7.81 24.26 -7.55
CA VAL E 317 8.68 25.37 -7.89
C VAL E 317 9.83 24.80 -8.71
N GLN E 318 9.87 25.14 -9.99
CA GLN E 318 10.89 24.61 -10.88
C GLN E 318 12.22 25.33 -10.66
N PRO E 319 13.33 24.60 -10.52
CA PRO E 319 14.63 25.26 -10.39
C PRO E 319 15.10 25.83 -11.72
N THR E 320 15.80 26.95 -11.65
CA THR E 320 16.23 27.68 -12.86
C THR E 320 17.66 27.31 -13.23
N GLU E 321 18.62 27.71 -12.40
CA GLU E 321 20.03 27.49 -12.67
C GLU E 321 20.56 26.36 -11.79
N SER E 322 21.86 26.10 -11.91
CA SER E 322 22.55 25.10 -11.11
C SER E 322 23.82 25.71 -10.56
N ILE E 323 24.06 25.54 -9.27
CA ILE E 323 25.23 26.10 -8.59
C ILE E 323 26.19 24.95 -8.29
N VAL E 324 27.38 25.01 -8.90
CA VAL E 324 28.46 24.08 -8.63
C VAL E 324 29.64 24.89 -8.10
N ARG E 325 29.99 24.67 -6.84
CA ARG E 325 31.10 25.37 -6.20
C ARG E 325 32.27 24.40 -6.07
N PHE E 326 33.40 24.75 -6.69
CA PHE E 326 34.57 23.90 -6.74
C PHE E 326 35.80 24.77 -6.50
N PRO E 327 36.76 24.30 -5.69
CA PRO E 327 37.92 25.14 -5.39
C PRO E 327 38.94 25.13 -6.51
N ASN E 328 39.75 26.17 -6.56
CA ASN E 328 40.71 26.35 -7.64
C ASN E 328 42.03 25.69 -7.23
N ILE E 329 42.36 24.59 -7.89
CA ILE E 329 43.59 23.84 -7.67
C ILE E 329 44.30 23.70 -9.00
N THR E 330 45.53 24.22 -9.07
CA THR E 330 46.32 24.16 -10.29
C THR E 330 47.22 22.93 -10.37
N ASN E 331 47.15 22.03 -9.37
CA ASN E 331 48.00 20.86 -9.34
C ASN E 331 47.27 19.65 -9.89
N LEU E 332 47.96 18.92 -10.78
CA LEU E 332 47.44 17.66 -11.32
C LEU E 332 47.87 16.51 -10.44
N CYS E 333 46.99 15.51 -10.32
CA CYS E 333 47.32 14.32 -9.54
C CYS E 333 48.30 13.44 -10.30
N PRO E 334 49.39 12.95 -9.64
CA PRO E 334 50.34 12.06 -10.32
C PRO E 334 49.92 10.59 -10.32
N PHE E 335 48.82 10.29 -11.01
CA PHE E 335 48.36 8.91 -11.11
C PHE E 335 49.16 8.12 -12.13
N ASP E 336 49.87 8.79 -13.05
CA ASP E 336 50.72 8.13 -14.02
C ASP E 336 52.04 7.63 -13.44
N GLU E 337 52.38 8.02 -12.22
CA GLU E 337 53.56 7.47 -11.56
C GLU E 337 53.32 6.04 -11.12
N VAL E 338 52.17 5.78 -10.48
CA VAL E 338 51.88 4.44 -9.99
C VAL E 338 51.35 3.52 -11.09
N PHE E 339 50.73 4.08 -12.13
CA PHE E 339 50.15 3.22 -13.18
C PHE E 339 51.20 2.78 -14.19
N ASN E 340 52.07 3.68 -14.63
CA ASN E 340 52.96 3.43 -15.76
C ASN E 340 54.34 2.95 -15.35
N ALA E 341 54.59 2.70 -14.06
CA ALA E 341 55.92 2.30 -13.62
C ALA E 341 56.21 0.84 -13.97
N THR E 342 57.49 0.57 -14.22
CA THR E 342 57.92 -0.78 -14.60
C THR E 342 57.92 -1.74 -13.41
N ARG E 343 58.55 -1.33 -12.31
CA ARG E 343 58.72 -2.18 -11.13
C ARG E 343 57.64 -1.87 -10.11
N PHE E 344 56.92 -2.91 -9.68
CA PHE E 344 55.90 -2.82 -8.65
C PHE E 344 56.28 -3.71 -7.48
N ALA E 345 55.66 -3.45 -6.33
CA ALA E 345 55.88 -4.26 -5.15
C ALA E 345 54.99 -5.51 -5.21
N SER E 346 55.12 -6.37 -4.19
CA SER E 346 54.42 -7.64 -4.16
C SER E 346 53.17 -7.54 -3.30
N VAL E 347 52.47 -8.67 -3.16
CA VAL E 347 51.18 -8.67 -2.48
C VAL E 347 51.35 -8.73 -0.95
N TYR E 348 52.50 -9.17 -0.45
CA TYR E 348 52.68 -9.23 1.00
C TYR E 348 53.02 -7.86 1.57
N ALA E 349 53.85 -7.10 0.85
CA ALA E 349 54.13 -5.71 1.18
C ALA E 349 54.01 -4.90 -0.11
N TRP E 350 53.03 -4.02 -0.16
CA TRP E 350 52.77 -3.21 -1.35
C TRP E 350 53.34 -1.81 -1.17
N ASN E 351 53.17 -0.99 -2.20
CA ASN E 351 53.54 0.42 -2.17
C ASN E 351 52.24 1.22 -2.04
N ARG E 352 52.05 1.82 -0.87
CA ARG E 352 50.84 2.58 -0.57
C ARG E 352 51.14 4.07 -0.74
N LYS E 353 50.57 4.68 -1.76
CA LYS E 353 50.83 6.06 -2.10
C LYS E 353 49.58 6.90 -1.85
N ARG E 354 49.74 7.98 -1.10
CA ARG E 354 48.65 8.89 -0.78
C ARG E 354 48.64 10.03 -1.80
N ILE E 355 47.53 10.16 -2.52
CA ILE E 355 47.37 11.19 -3.54
C ILE E 355 46.24 12.10 -3.09
N SER E 356 46.55 13.37 -2.86
CA SER E 356 45.58 14.32 -2.33
C SER E 356 45.93 15.73 -2.78
N ASN E 357 44.93 16.61 -2.64
CA ASN E 357 44.99 18.06 -2.90
C ASN E 357 45.39 18.36 -4.36
N CYS E 358 44.67 17.73 -5.29
CA CYS E 358 44.93 17.88 -6.71
C CYS E 358 43.65 17.58 -7.48
N VAL E 359 43.73 17.69 -8.81
CA VAL E 359 42.67 17.28 -9.71
C VAL E 359 43.22 16.23 -10.67
N ALA E 360 42.33 15.43 -11.25
CA ALA E 360 42.74 14.33 -12.12
C ALA E 360 41.87 14.32 -13.37
N ASP E 361 42.17 13.38 -14.26
CA ASP E 361 41.39 13.18 -15.48
C ASP E 361 41.09 11.70 -15.59
N TYR E 362 39.81 11.35 -15.51
CA TYR E 362 39.37 9.97 -15.61
C TYR E 362 38.88 9.58 -16.99
N SER E 363 38.95 10.51 -17.96
CA SER E 363 38.55 10.18 -19.32
C SER E 363 39.61 9.34 -20.02
N VAL E 364 40.88 9.57 -19.70
CA VAL E 364 41.94 8.75 -20.29
C VAL E 364 42.09 7.44 -19.53
N LEU E 365 41.63 7.37 -18.28
CA LEU E 365 41.70 6.13 -17.53
C LEU E 365 40.53 5.21 -17.83
N TYR E 366 39.31 5.74 -17.90
CA TYR E 366 38.11 4.93 -17.97
C TYR E 366 37.45 4.93 -19.34
N ASN E 367 37.04 6.11 -19.83
CA ASN E 367 36.42 6.31 -21.14
C ASN E 367 37.31 5.82 -22.28
N LEU E 368 38.48 6.43 -22.43
CA LEU E 368 39.55 5.77 -23.17
C LEU E 368 40.07 4.61 -22.33
N ALA E 369 40.00 3.39 -22.88
CA ALA E 369 40.30 2.18 -22.11
C ALA E 369 41.12 1.18 -22.91
N PRO E 370 42.47 1.31 -22.90
CA PRO E 370 43.33 0.19 -23.32
C PRO E 370 43.72 -0.72 -22.15
N PHE E 371 42.73 -1.16 -21.38
CA PHE E 371 42.93 -1.95 -20.17
C PHE E 371 42.23 -3.29 -20.29
N PHE E 372 42.79 -4.30 -19.63
CA PHE E 372 42.25 -5.66 -19.73
C PHE E 372 40.98 -5.84 -18.91
N THR E 373 40.99 -5.45 -17.63
CA THR E 373 39.81 -5.56 -16.80
C THR E 373 39.64 -4.30 -15.96
N PHE E 374 38.50 -3.62 -16.14
CA PHE E 374 38.09 -2.57 -15.20
C PHE E 374 36.79 -3.02 -14.54
N LYS E 375 36.73 -2.89 -13.21
CA LYS E 375 35.56 -3.21 -12.42
C LYS E 375 35.41 -2.14 -11.34
N CYS E 376 34.15 -1.87 -10.97
CA CYS E 376 33.83 -0.96 -9.87
C CYS E 376 32.65 -1.54 -9.09
N TYR E 377 32.55 -1.13 -7.82
CA TYR E 377 31.55 -1.70 -6.94
C TYR E 377 30.61 -0.63 -6.37
N GLY E 378 31.09 0.15 -5.40
CA GLY E 378 30.25 1.13 -4.74
C GLY E 378 29.97 2.39 -5.54
N VAL E 379 31.02 2.98 -6.10
CA VAL E 379 30.92 4.14 -6.95
C VAL E 379 30.65 3.65 -8.37
N SER E 380 29.67 4.27 -9.04
CA SER E 380 29.43 3.99 -10.45
C SER E 380 30.62 4.46 -11.29
N PRO E 381 31.08 3.65 -12.25
CA PRO E 381 32.28 4.04 -13.03
C PRO E 381 32.04 5.17 -14.02
N THR E 382 30.78 5.45 -14.37
CA THR E 382 30.47 6.59 -15.23
C THR E 382 30.62 7.91 -14.48
N LYS E 383 30.30 7.90 -13.19
CA LYS E 383 30.21 9.08 -12.34
C LYS E 383 31.50 9.35 -11.57
N LEU E 384 32.61 8.69 -11.93
CA LEU E 384 33.92 8.94 -11.32
C LEU E 384 34.38 10.39 -11.51
N ASN E 385 34.07 11.01 -12.63
CA ASN E 385 34.33 12.43 -12.83
C ASN E 385 33.31 13.33 -12.14
N ASP E 386 32.16 12.78 -11.72
CA ASP E 386 31.11 13.54 -11.07
C ASP E 386 31.34 13.68 -9.58
N LEU E 387 31.40 12.55 -8.86
CA LEU E 387 31.58 12.57 -7.41
C LEU E 387 33.00 13.01 -7.02
N CYS E 388 33.12 13.50 -5.79
CA CYS E 388 34.39 13.97 -5.26
C CYS E 388 34.70 13.24 -3.96
N PHE E 389 35.96 12.86 -3.78
CA PHE E 389 36.41 12.12 -2.62
C PHE E 389 37.66 12.77 -2.05
N THR E 390 38.05 12.32 -0.85
CA THR E 390 39.16 12.96 -0.15
C THR E 390 40.50 12.50 -0.72
N ASN E 391 40.82 11.22 -0.58
CA ASN E 391 42.11 10.70 -1.03
C ASN E 391 41.92 9.33 -1.67
N VAL E 392 42.94 8.89 -2.38
CA VAL E 392 42.94 7.58 -3.03
C VAL E 392 44.22 6.85 -2.64
N TYR E 393 44.10 5.54 -2.42
CA TYR E 393 45.24 4.70 -2.09
C TYR E 393 45.44 3.71 -3.22
N ALA E 394 46.51 3.89 -4.00
CA ALA E 394 46.84 3.02 -5.12
C ALA E 394 47.89 2.02 -4.68
N ASP E 395 47.52 0.75 -4.73
CA ASP E 395 48.39 -0.35 -4.30
C ASP E 395 48.88 -1.07 -5.56
N SER E 396 50.19 -1.17 -5.71
CA SER E 396 50.78 -1.73 -6.91
C SER E 396 51.22 -3.17 -6.65
N PHE E 397 50.60 -4.12 -7.36
CA PHE E 397 50.89 -5.54 -7.17
C PHE E 397 50.57 -6.30 -8.45
N VAL E 398 51.12 -7.51 -8.55
CA VAL E 398 50.90 -8.39 -9.70
C VAL E 398 50.20 -9.65 -9.21
N ILE E 399 49.00 -9.92 -9.72
CA ILE E 399 48.21 -11.08 -9.34
C ILE E 399 47.86 -11.88 -10.59
N ARG E 400 48.16 -13.19 -10.55
CA ARG E 400 47.85 -14.11 -11.63
C ARG E 400 46.34 -14.32 -11.80
N GLY E 401 45.96 -14.83 -12.97
CA GLY E 401 44.57 -14.90 -13.40
C GLY E 401 43.69 -15.90 -12.65
N ASP E 402 44.23 -16.70 -11.75
CA ASP E 402 43.41 -17.53 -10.89
C ASP E 402 42.78 -16.71 -9.77
N GLU E 403 43.53 -15.77 -9.21
CA GLU E 403 43.12 -15.00 -8.05
C GLU E 403 42.50 -13.63 -8.39
N VAL E 404 42.31 -13.32 -9.68
CA VAL E 404 41.75 -12.01 -10.04
C VAL E 404 40.25 -11.97 -9.82
N ARG E 405 39.58 -13.13 -9.73
CA ARG E 405 38.16 -13.13 -9.40
C ARG E 405 37.91 -13.05 -7.90
N GLN E 406 38.95 -13.25 -7.09
CA GLN E 406 38.87 -13.12 -5.64
C GLN E 406 39.18 -11.72 -5.14
N ILE E 407 39.31 -10.74 -6.03
CA ILE E 407 39.41 -9.34 -5.61
C ILE E 407 38.00 -8.75 -5.79
N ALA E 408 37.32 -8.55 -4.66
CA ALA E 408 35.92 -8.24 -4.43
C ALA E 408 35.75 -8.21 -2.91
N PRO E 409 34.75 -7.53 -2.35
CA PRO E 409 34.52 -7.62 -0.90
C PRO E 409 33.97 -8.98 -0.49
N GLY E 410 34.56 -9.54 0.57
CA GLY E 410 34.10 -10.80 1.15
C GLY E 410 34.46 -12.06 0.37
N GLN E 411 35.70 -12.15 -0.09
CA GLN E 411 36.17 -13.33 -0.81
C GLN E 411 37.13 -14.16 0.04
N THR E 412 37.58 -15.27 -0.54
CA THR E 412 38.51 -16.19 0.10
C THR E 412 39.47 -16.71 -0.96
N GLY E 413 40.77 -16.62 -0.68
CA GLY E 413 41.76 -17.12 -1.62
C GLY E 413 43.11 -17.25 -0.94
N ASN E 414 44.14 -17.45 -1.76
CA ASN E 414 45.50 -17.46 -1.24
C ASN E 414 45.95 -16.05 -0.86
N ILE E 415 45.82 -15.11 -1.79
CA ILE E 415 46.13 -13.72 -1.50
C ILE E 415 44.97 -13.08 -0.74
N ALA E 416 43.74 -13.57 -0.96
CA ALA E 416 42.55 -12.95 -0.39
C ALA E 416 42.29 -13.35 1.06
N ASP E 417 43.12 -14.20 1.66
CA ASP E 417 43.08 -14.46 3.09
C ASP E 417 44.30 -13.87 3.78
N TYR E 418 45.48 -14.44 3.57
CA TYR E 418 46.65 -14.16 4.38
C TYR E 418 47.49 -13.01 3.85
N ASN E 419 47.05 -12.31 2.80
CA ASN E 419 47.80 -11.18 2.26
C ASN E 419 46.94 -9.93 2.18
N TYR E 420 45.93 -9.89 1.31
CA TYR E 420 45.18 -8.67 1.03
C TYR E 420 43.69 -8.98 1.07
N LYS E 421 42.98 -8.41 2.03
CA LYS E 421 41.55 -8.60 2.17
C LYS E 421 40.80 -7.32 1.83
N LEU E 422 39.56 -7.49 1.36
CA LEU E 422 38.65 -6.38 1.13
C LEU E 422 37.45 -6.53 2.08
N PRO E 423 37.23 -5.58 2.99
CA PRO E 423 36.05 -5.64 3.85
C PRO E 423 34.77 -5.28 3.10
N ASP E 424 33.64 -5.55 3.76
CA ASP E 424 32.33 -5.36 3.13
C ASP E 424 31.96 -3.87 2.99
N ASP E 425 32.55 -3.00 3.80
CA ASP E 425 32.31 -1.57 3.68
C ASP E 425 33.33 -0.86 2.80
N PHE E 426 34.24 -1.61 2.15
CA PHE E 426 35.21 -1.01 1.24
C PHE E 426 34.52 -0.58 -0.05
N THR E 427 34.93 0.59 -0.55
CA THR E 427 34.36 1.16 -1.76
C THR E 427 35.51 1.61 -2.66
N GLY E 428 35.53 1.12 -3.89
CA GLY E 428 36.58 1.50 -4.82
C GLY E 428 36.42 0.79 -6.15
N CYS E 429 37.50 0.79 -6.92
CA CYS E 429 37.52 0.19 -8.24
C CYS E 429 38.78 -0.66 -8.43
N VAL E 430 38.71 -1.59 -9.38
CA VAL E 430 39.80 -2.51 -9.70
C VAL E 430 40.18 -2.30 -11.15
N ILE E 431 41.45 -1.98 -11.41
CA ILE E 431 41.97 -1.77 -12.75
C ILE E 431 43.05 -2.81 -13.03
N ALA E 432 42.90 -3.55 -14.12
CA ALA E 432 43.85 -4.61 -14.48
C ALA E 432 44.32 -4.43 -15.91
N TRP E 433 45.52 -4.94 -16.19
CA TRP E 433 46.15 -4.84 -17.50
C TRP E 433 47.10 -6.02 -17.68
N ASN E 434 47.25 -6.47 -18.94
CA ASN E 434 47.98 -7.70 -19.24
C ASN E 434 49.45 -7.34 -19.46
N SER E 435 50.31 -7.81 -18.55
CA SER E 435 51.73 -7.51 -18.52
C SER E 435 52.60 -8.57 -19.19
N ASN E 436 51.99 -9.53 -19.90
CA ASN E 436 52.70 -10.70 -20.44
C ASN E 436 53.71 -10.34 -21.53
N LYS E 437 53.48 -9.26 -22.27
CA LYS E 437 54.42 -8.83 -23.29
C LYS E 437 55.58 -8.00 -22.74
N LEU E 438 55.61 -7.74 -21.43
CA LEU E 438 56.68 -6.95 -20.82
C LEU E 438 57.35 -7.71 -19.67
N ASP E 439 56.58 -7.99 -18.62
CA ASP E 439 57.13 -8.45 -17.35
C ASP E 439 57.38 -9.95 -17.27
N SER E 440 57.12 -10.71 -18.34
CA SER E 440 57.26 -12.16 -18.25
C SER E 440 58.73 -12.57 -18.45
N LYS E 441 58.98 -13.86 -18.28
CA LYS E 441 60.31 -14.44 -18.46
C LYS E 441 60.12 -15.90 -18.84
N VAL E 442 61.01 -16.42 -19.69
CA VAL E 442 60.88 -17.77 -20.23
C VAL E 442 61.18 -18.82 -19.16
N SER E 443 62.21 -18.59 -18.35
CA SER E 443 62.56 -19.50 -17.29
C SER E 443 61.77 -19.27 -16.00
N GLY E 444 60.87 -18.31 -15.98
CA GLY E 444 60.09 -17.98 -14.80
C GLY E 444 60.65 -16.77 -14.08
N ASN E 445 59.75 -15.99 -13.47
CA ASN E 445 60.12 -14.74 -12.82
C ASN E 445 60.19 -14.99 -11.32
N TYR E 446 61.41 -15.02 -10.78
CA TYR E 446 61.65 -15.22 -9.36
C TYR E 446 61.88 -13.93 -8.60
N ASN E 447 61.72 -12.77 -9.25
CA ASN E 447 62.00 -11.50 -8.60
C ASN E 447 60.92 -11.11 -7.60
N TYR E 448 59.70 -11.60 -7.78
CA TYR E 448 58.59 -11.33 -6.88
C TYR E 448 58.11 -12.63 -6.26
N LEU E 449 57.76 -12.57 -4.97
CA LEU E 449 57.29 -13.74 -4.25
C LEU E 449 56.01 -13.40 -3.50
N TYR E 450 55.26 -14.44 -3.10
CA TYR E 450 53.97 -14.27 -2.45
C TYR E 450 53.82 -15.28 -1.31
N ARG E 451 52.96 -14.95 -0.36
CA ARG E 451 52.79 -15.73 0.87
C ARG E 451 51.55 -16.62 0.75
N LEU E 452 51.77 -17.94 0.79
CA LEU E 452 50.68 -18.89 0.93
C LEU E 452 50.21 -19.11 2.37
N PHE E 453 51.12 -19.11 3.34
CA PHE E 453 50.83 -19.61 4.68
C PHE E 453 50.92 -18.50 5.72
N ARG E 454 50.03 -18.58 6.71
CA ARG E 454 50.06 -17.72 7.90
C ARG E 454 49.35 -18.52 8.99
N LYS E 455 49.65 -18.18 10.27
CA LYS E 455 49.05 -18.88 11.40
C LYS E 455 47.57 -18.58 11.55
N SER E 456 47.16 -17.32 11.39
CA SER E 456 45.75 -16.94 11.52
C SER E 456 45.38 -16.00 10.39
N ASN E 457 44.13 -15.54 10.41
CA ASN E 457 43.64 -14.64 9.38
C ASN E 457 44.18 -13.23 9.59
N LEU E 458 44.76 -12.66 8.54
CA LEU E 458 45.36 -11.34 8.62
C LEU E 458 44.29 -10.25 8.49
N LYS E 459 44.44 -9.20 9.29
CA LYS E 459 43.58 -8.03 9.18
C LYS E 459 43.86 -7.29 7.87
N PRO E 460 42.84 -6.70 7.25
CA PRO E 460 43.05 -5.99 5.98
C PRO E 460 43.77 -4.66 6.18
N PHE E 461 44.32 -4.17 5.04
CA PHE E 461 45.18 -2.98 4.94
C PHE E 461 46.40 -3.06 5.86
N GLU E 462 47.05 -4.24 5.86
CA GLU E 462 48.20 -4.49 6.71
C GLU E 462 49.22 -5.30 5.93
N ARG E 463 50.48 -4.87 5.97
CA ARG E 463 51.57 -5.53 5.26
C ARG E 463 52.33 -6.45 6.21
N ASP E 464 52.75 -7.61 5.70
CA ASP E 464 53.47 -8.60 6.48
C ASP E 464 54.91 -8.64 5.96
N ILE E 465 55.84 -8.11 6.77
CA ILE E 465 57.26 -8.14 6.44
C ILE E 465 58.00 -9.27 7.16
N SER E 466 57.29 -10.12 7.91
CA SER E 466 57.95 -11.08 8.78
C SER E 466 58.49 -12.26 8.00
N THR E 467 59.78 -12.56 8.20
CA THR E 467 60.48 -13.65 7.55
C THR E 467 60.43 -14.96 8.34
N GLU E 468 59.63 -15.00 9.41
CA GLU E 468 59.61 -16.15 10.32
C GLU E 468 58.95 -17.37 9.67
N ILE E 469 59.61 -18.51 9.81
CA ILE E 469 59.15 -19.77 9.21
C ILE E 469 57.96 -20.29 10.01
N TYR E 470 56.91 -20.71 9.30
CA TYR E 470 55.72 -21.28 9.93
C TYR E 470 56.03 -22.65 10.52
N GLN E 471 55.74 -22.81 11.80
CA GLN E 471 56.05 -24.02 12.55
C GLN E 471 54.75 -24.78 12.79
N ALA E 472 54.61 -25.94 12.14
CA ALA E 472 53.38 -26.73 12.26
C ALA E 472 53.35 -27.54 13.55
N GLY E 473 54.47 -28.18 13.90
CA GLY E 473 54.54 -29.05 15.04
C GLY E 473 55.32 -28.44 16.21
N ASN E 474 55.83 -29.32 17.07
CA ASN E 474 56.62 -28.90 18.23
C ASN E 474 58.11 -28.92 17.96
N LYS E 475 58.54 -29.36 16.79
CA LYS E 475 59.96 -29.36 16.44
C LYS E 475 60.38 -27.96 16.02
N PRO E 476 61.49 -27.43 16.54
CA PRO E 476 61.96 -26.12 16.09
C PRO E 476 62.53 -26.15 14.68
N CYS E 477 62.12 -25.16 13.88
CA CYS E 477 62.51 -25.11 12.47
C CYS E 477 63.91 -24.56 12.26
N ASN E 478 64.37 -23.69 13.18
CA ASN E 478 65.67 -22.99 13.16
C ASN E 478 65.91 -22.19 11.89
N GLY E 479 64.85 -21.58 11.35
CA GLY E 479 64.95 -20.73 10.18
C GLY E 479 64.91 -21.44 8.84
N VAL E 480 64.94 -22.77 8.82
CA VAL E 480 64.95 -23.54 7.58
C VAL E 480 63.80 -24.54 7.61
N ALA E 481 63.51 -25.10 6.43
CA ALA E 481 62.48 -26.13 6.30
C ALA E 481 62.96 -27.44 6.89
N GLY E 482 62.00 -28.32 7.18
CA GLY E 482 62.32 -29.58 7.82
C GLY E 482 61.06 -30.31 8.23
N PHE E 483 61.21 -31.17 9.24
CA PHE E 483 60.09 -31.94 9.75
C PHE E 483 59.13 -31.05 10.52
N ASN E 484 57.85 -31.09 10.11
CA ASN E 484 56.74 -30.22 10.56
C ASN E 484 57.07 -28.74 10.39
N CYS E 485 57.74 -28.39 9.30
CA CYS E 485 58.09 -27.01 8.98
C CYS E 485 57.83 -26.77 7.51
N TYR E 486 57.01 -25.77 7.22
CA TYR E 486 56.67 -25.40 5.84
C TYR E 486 57.27 -24.04 5.52
N PHE E 487 57.56 -23.84 4.24
CA PHE E 487 58.23 -22.61 3.78
C PHE E 487 57.17 -21.72 3.15
N PRO E 488 56.74 -20.64 3.82
CA PRO E 488 55.50 -19.95 3.43
C PRO E 488 55.58 -19.11 2.16
N LEU E 489 56.74 -18.57 1.84
CA LEU E 489 56.87 -17.54 0.82
C LEU E 489 57.39 -18.17 -0.47
N ARG E 490 56.53 -18.32 -1.46
CA ARG E 490 56.89 -19.00 -2.70
C ARG E 490 56.79 -18.04 -3.88
N SER E 491 57.17 -18.52 -5.06
CA SER E 491 57.40 -17.69 -6.23
C SER E 491 56.36 -17.95 -7.31
N TYR E 492 56.17 -16.97 -8.18
CA TYR E 492 55.11 -16.99 -9.18
C TYR E 492 55.41 -17.98 -10.31
N SER E 493 54.34 -18.37 -10.99
CA SER E 493 54.32 -19.43 -11.99
C SER E 493 54.53 -18.93 -13.42
N PHE E 494 54.92 -17.67 -13.59
CA PHE E 494 54.75 -16.95 -14.87
C PHE E 494 55.71 -17.44 -15.95
N ARG E 495 55.13 -17.97 -17.03
CA ARG E 495 55.84 -18.42 -18.22
C ARG E 495 54.98 -18.08 -19.43
N PRO E 496 55.58 -17.69 -20.56
CA PRO E 496 54.79 -17.50 -21.79
C PRO E 496 54.32 -18.78 -22.44
N THR E 497 54.94 -19.92 -22.13
CA THR E 497 54.63 -21.18 -22.78
C THR E 497 53.33 -21.82 -22.31
N TYR E 498 52.75 -21.35 -21.21
CA TYR E 498 51.48 -21.88 -20.72
C TYR E 498 50.33 -21.12 -21.38
N GLY E 499 49.12 -21.32 -20.87
CA GLY E 499 47.92 -20.76 -21.45
C GLY E 499 47.73 -19.28 -21.15
N VAL E 500 46.54 -18.78 -21.51
CA VAL E 500 46.25 -17.37 -21.37
C VAL E 500 45.89 -17.00 -19.93
N GLY E 501 45.56 -17.97 -19.08
CA GLY E 501 45.29 -17.69 -17.69
C GLY E 501 46.56 -17.46 -16.90
N HIS E 502 47.66 -18.07 -17.35
CA HIS E 502 48.94 -17.99 -16.66
C HIS E 502 49.74 -16.74 -17.02
N GLN E 503 49.19 -15.85 -17.83
CA GLN E 503 49.82 -14.58 -18.12
C GLN E 503 49.77 -13.68 -16.89
N PRO E 504 50.84 -12.93 -16.60
CA PRO E 504 50.81 -12.03 -15.44
C PRO E 504 49.95 -10.79 -15.70
N TYR E 505 49.29 -10.32 -14.65
CA TYR E 505 48.39 -9.18 -14.73
C TYR E 505 48.80 -8.14 -13.68
N ARG E 506 49.04 -6.91 -14.13
CA ARG E 506 49.24 -5.80 -13.21
C ARG E 506 47.87 -5.32 -12.74
N VAL E 507 47.61 -5.42 -11.44
CA VAL E 507 46.31 -5.06 -10.87
C VAL E 507 46.53 -3.96 -9.85
N VAL E 508 45.87 -2.81 -10.04
CA VAL E 508 45.90 -1.71 -9.09
C VAL E 508 44.48 -1.47 -8.61
N VAL E 509 44.26 -1.61 -7.30
CA VAL E 509 42.96 -1.41 -6.68
C VAL E 509 42.95 -0.05 -6.00
N LEU E 510 42.00 0.80 -6.38
CA LEU E 510 41.89 2.15 -5.85
C LEU E 510 40.91 2.15 -4.67
N SER E 511 41.20 2.99 -3.68
CA SER E 511 40.37 3.09 -2.47
C SER E 511 39.67 4.44 -2.47
N PHE E 512 38.35 4.42 -2.26
CA PHE E 512 37.54 5.63 -2.23
C PHE E 512 36.93 5.81 -0.84
N GLU E 513 36.84 7.06 -0.40
CA GLU E 513 36.25 7.42 0.89
C GLU E 513 35.14 8.42 0.66
N LEU E 514 34.01 8.24 1.36
CA LEU E 514 32.82 9.05 1.16
C LEU E 514 32.41 9.68 2.49
N LEU E 515 32.41 11.02 2.53
CA LEU E 515 31.92 11.88 3.62
C LEU E 515 32.64 11.66 4.95
N HIS E 516 33.90 11.23 4.93
CA HIS E 516 34.70 11.10 6.14
C HIS E 516 35.57 12.32 6.41
N ALA E 517 35.58 13.29 5.47
CA ALA E 517 36.50 14.41 5.36
C ALA E 517 36.03 15.29 4.21
N PRO E 518 36.47 16.55 4.11
CA PRO E 518 36.20 17.33 2.88
C PRO E 518 36.95 16.77 1.68
N ALA E 519 36.35 16.93 0.51
CA ALA E 519 36.79 16.26 -0.72
C ALA E 519 37.52 17.25 -1.61
N THR E 520 38.83 17.10 -1.72
CA THR E 520 39.65 17.96 -2.57
C THR E 520 40.01 17.34 -3.92
N VAL E 521 39.66 16.07 -4.16
CA VAL E 521 40.14 15.34 -5.34
C VAL E 521 38.95 14.84 -6.14
N CYS E 522 38.78 15.39 -7.35
CA CYS E 522 37.90 14.90 -8.40
C CYS E 522 38.36 15.50 -9.73
N GLY E 523 37.56 15.27 -10.77
CA GLY E 523 37.93 15.61 -12.13
C GLY E 523 37.75 17.07 -12.47
N PRO E 524 37.88 17.42 -13.77
CA PRO E 524 37.83 18.84 -14.16
C PRO E 524 36.41 19.37 -14.35
N LYS E 525 35.63 19.41 -13.26
CA LYS E 525 34.30 19.99 -13.30
C LYS E 525 34.40 21.50 -13.27
N LYS E 526 33.41 22.17 -13.86
CA LYS E 526 33.42 23.62 -13.94
C LYS E 526 32.88 24.21 -12.64
N SER E 527 32.86 25.54 -12.57
CA SER E 527 32.42 26.25 -11.38
C SER E 527 31.58 27.45 -11.80
N THR E 528 30.46 27.64 -11.10
CA THR E 528 29.56 28.75 -11.36
C THR E 528 29.47 29.63 -10.11
N ASN E 529 29.07 30.88 -10.32
CA ASN E 529 28.90 31.82 -9.22
C ASN E 529 27.63 31.50 -8.43
N LEU E 530 27.58 32.01 -7.21
CA LEU E 530 26.43 31.81 -6.34
C LEU E 530 25.24 32.63 -6.79
N VAL E 531 24.05 32.11 -6.49
CA VAL E 531 22.78 32.80 -6.72
C VAL E 531 22.03 32.79 -5.39
N LYS E 532 21.80 33.97 -4.82
CA LYS E 532 21.17 34.09 -3.52
C LYS E 532 19.70 34.48 -3.68
N ASN E 533 18.87 33.91 -2.78
CA ASN E 533 17.41 34.14 -2.67
C ASN E 533 16.68 33.76 -3.96
N LYS E 534 16.98 32.56 -4.47
CA LYS E 534 16.26 31.98 -5.61
C LYS E 534 16.30 30.47 -5.45
N CYS E 535 15.19 29.80 -5.76
CA CYS E 535 15.15 28.35 -5.66
C CYS E 535 15.82 27.76 -6.90
N VAL E 536 16.96 27.09 -6.68
CA VAL E 536 17.77 26.51 -7.76
C VAL E 536 18.31 25.18 -7.28
N ASN E 537 18.86 24.40 -8.22
CA ASN E 537 19.54 23.16 -7.86
C ASN E 537 20.92 23.47 -7.31
N PHE E 538 21.29 22.79 -6.22
CA PHE E 538 22.59 22.94 -5.58
C PHE E 538 23.45 21.73 -5.93
N ASN E 539 24.75 21.97 -6.13
CA ASN E 539 25.76 20.92 -6.03
C ASN E 539 26.88 21.53 -5.20
N PHE E 540 27.06 21.03 -3.97
CA PHE E 540 28.07 21.55 -3.05
C PHE E 540 29.01 20.41 -2.67
N ASN E 541 30.23 20.44 -3.23
CA ASN E 541 31.32 19.48 -3.04
C ASN E 541 30.88 18.03 -3.30
N GLY E 542 30.07 17.86 -4.35
CA GLY E 542 29.48 16.57 -4.65
C GLY E 542 28.11 16.32 -4.04
N LEU E 543 27.77 17.03 -2.96
CA LEU E 543 26.47 16.86 -2.32
C LEU E 543 25.43 17.78 -2.96
N LYS E 544 24.27 17.23 -3.28
CA LYS E 544 23.23 17.94 -3.99
C LYS E 544 22.22 18.54 -3.01
N GLY E 545 21.23 19.23 -3.55
CA GLY E 545 20.21 19.87 -2.75
C GLY E 545 19.39 20.84 -3.56
N THR E 546 18.29 21.28 -2.96
CA THR E 546 17.39 22.24 -3.59
C THR E 546 16.92 23.22 -2.54
N GLY E 547 17.08 24.52 -2.81
CA GLY E 547 16.64 25.53 -1.86
C GLY E 547 17.15 26.91 -2.24
N VAL E 548 17.22 27.77 -1.23
CA VAL E 548 17.69 29.15 -1.40
C VAL E 548 18.91 29.36 -0.52
N LEU E 549 19.65 30.43 -0.82
CA LEU E 549 20.82 30.82 -0.06
C LEU E 549 20.53 32.12 0.68
N THR E 550 20.60 32.08 2.00
CA THR E 550 20.29 33.21 2.87
C THR E 550 21.45 33.42 3.84
N GLU E 551 21.39 34.55 4.54
CA GLU E 551 22.42 34.93 5.50
C GLU E 551 22.37 34.05 6.74
N SER E 552 23.49 34.02 7.47
CA SER E 552 23.68 33.13 8.61
C SER E 552 24.09 33.95 9.83
N ASN E 553 23.27 33.92 10.87
CA ASN E 553 23.59 34.56 12.14
C ASN E 553 24.20 33.61 13.15
N LYS E 554 24.43 32.34 12.79
CA LYS E 554 24.93 31.36 13.74
C LYS E 554 26.44 31.22 13.62
N LYS E 555 27.09 31.04 14.77
CA LYS E 555 28.53 30.83 14.85
C LYS E 555 28.83 29.35 14.72
N PHE E 556 29.69 29.00 13.77
CA PHE E 556 30.02 27.62 13.45
C PHE E 556 31.50 27.37 13.62
N LEU E 557 31.86 26.08 13.66
CA LEU E 557 33.26 25.68 13.68
C LEU E 557 33.91 25.96 12.32
N PRO E 558 35.19 26.36 12.30
CA PRO E 558 35.86 26.56 11.01
C PRO E 558 36.17 25.29 10.24
N PHE E 559 36.17 24.13 10.89
CA PHE E 559 36.42 22.86 10.24
C PHE E 559 35.15 22.22 9.71
N GLN E 560 33.99 22.86 9.90
CA GLN E 560 32.69 22.28 9.55
C GLN E 560 32.47 22.32 8.04
N GLN E 561 32.23 21.13 7.45
CA GLN E 561 31.86 21.08 6.04
C GLN E 561 30.40 21.47 5.83
N PHE E 562 29.49 20.86 6.59
CA PHE E 562 28.05 21.18 6.52
C PHE E 562 27.43 20.83 7.87
N GLY E 563 26.14 21.13 8.00
CA GLY E 563 25.44 20.92 9.24
C GLY E 563 23.98 20.58 9.00
N ARG E 564 23.31 20.16 10.07
CA ARG E 564 21.93 19.70 9.99
C ARG E 564 21.06 20.49 10.95
N ASP E 565 19.74 20.45 10.69
CA ASP E 565 18.77 21.15 11.50
C ASP E 565 18.25 20.22 12.61
N ILE E 566 17.15 20.62 13.25
CA ILE E 566 16.47 19.76 14.21
C ILE E 566 15.70 18.63 13.52
N ALA E 567 15.41 18.77 12.23
CA ALA E 567 14.70 17.76 11.45
C ALA E 567 15.64 16.83 10.67
N ASP E 568 16.97 16.98 10.88
CA ASP E 568 18.05 16.19 10.27
C ASP E 568 18.06 16.28 8.74
N THR E 569 17.91 17.49 8.20
CA THR E 569 18.20 17.80 6.81
C THR E 569 19.21 18.94 6.79
N THR E 570 19.85 19.14 5.64
CA THR E 570 20.97 20.09 5.59
C THR E 570 20.46 21.52 5.52
N ASP E 571 20.69 22.28 6.59
CA ASP E 571 20.28 23.67 6.67
C ASP E 571 21.38 24.67 6.34
N ALA E 572 22.63 24.24 6.25
CA ALA E 572 23.75 25.16 6.07
C ALA E 572 24.91 24.41 5.43
N VAL E 573 25.81 25.18 4.81
CA VAL E 573 26.91 24.61 4.04
C VAL E 573 28.08 25.58 4.09
N ARG E 574 29.30 25.04 3.99
CA ARG E 574 30.50 25.84 3.79
C ARG E 574 30.91 25.75 2.33
N ASP E 575 31.33 26.88 1.77
CA ASP E 575 31.87 26.90 0.42
C ASP E 575 33.22 26.18 0.36
N PRO E 576 33.48 25.38 -0.68
CA PRO E 576 34.78 24.69 -0.77
C PRO E 576 35.96 25.61 -1.07
N GLN E 577 35.75 26.65 -1.89
CA GLN E 577 36.86 27.48 -2.35
C GLN E 577 37.34 28.44 -1.26
N THR E 578 36.42 29.20 -0.67
CA THR E 578 36.71 30.15 0.39
C THR E 578 35.87 29.80 1.61
N LEU E 579 36.23 30.38 2.76
CA LEU E 579 35.52 30.07 3.99
C LEU E 579 34.35 31.03 4.13
N GLU E 580 33.14 30.51 3.92
CA GLU E 580 31.90 31.28 3.83
C GLU E 580 30.78 30.40 4.38
N ILE E 581 29.83 31.02 5.07
CA ILE E 581 28.73 30.30 5.68
C ILE E 581 27.42 30.88 5.17
N LEU E 582 26.60 30.05 4.50
CA LEU E 582 25.29 30.45 4.02
C LEU E 582 24.27 29.39 4.40
N ASP E 583 23.10 29.85 4.82
CA ASP E 583 22.02 28.94 5.19
C ASP E 583 21.30 28.41 3.96
N ILE E 584 20.68 27.24 4.12
CA ILE E 584 19.88 26.61 3.07
C ILE E 584 18.48 26.41 3.62
N THR E 585 17.50 27.08 3.01
CA THR E 585 16.09 26.89 3.31
C THR E 585 15.41 26.23 2.11
N PRO E 586 14.78 25.07 2.27
CA PRO E 586 14.24 24.35 1.10
C PRO E 586 12.98 24.98 0.55
N CYS E 587 12.66 24.60 -0.70
CA CYS E 587 11.57 25.16 -1.46
C CYS E 587 10.49 24.09 -1.68
N SER E 588 9.46 24.48 -2.45
CA SER E 588 8.32 23.67 -2.90
C SER E 588 7.54 23.08 -1.72
N PHE E 589 6.87 23.98 -0.99
CA PHE E 589 6.06 23.61 0.15
C PHE E 589 4.66 24.19 0.01
N GLY E 590 3.68 23.45 0.49
CA GLY E 590 2.29 23.87 0.46
C GLY E 590 1.47 23.08 -0.56
N GLY E 591 0.17 22.99 -0.30
CA GLY E 591 -0.74 22.24 -1.11
C GLY E 591 -1.67 23.10 -1.95
N VAL E 592 -2.47 22.41 -2.77
CA VAL E 592 -3.49 23.04 -3.60
C VAL E 592 -4.85 22.48 -3.21
N SER E 593 -5.75 23.36 -2.78
CA SER E 593 -7.11 22.97 -2.42
C SER E 593 -8.08 23.71 -3.33
N VAL E 594 -9.15 23.02 -3.74
CA VAL E 594 -10.15 23.62 -4.62
C VAL E 594 -11.49 23.65 -3.89
N ILE E 595 -12.29 24.66 -4.21
CA ILE E 595 -13.62 24.86 -3.66
C ILE E 595 -14.56 25.03 -4.85
N THR E 596 -15.50 24.11 -5.00
CA THR E 596 -16.40 24.14 -6.16
C THR E 596 -17.78 23.63 -5.76
N PRO E 597 -18.84 24.10 -6.45
CA PRO E 597 -20.13 23.40 -6.36
C PRO E 597 -20.23 22.23 -7.33
N GLY E 598 -21.42 21.68 -7.49
CA GLY E 598 -21.61 20.55 -8.38
C GLY E 598 -21.55 20.96 -9.84
N THR E 599 -21.46 19.93 -10.70
CA THR E 599 -21.31 20.17 -12.14
C THR E 599 -22.61 20.60 -12.79
N ASN E 600 -23.76 20.36 -12.15
CA ASN E 600 -25.03 20.82 -12.69
C ASN E 600 -25.35 22.25 -12.29
N THR E 601 -24.51 22.89 -11.48
CA THR E 601 -24.75 24.27 -11.04
C THR E 601 -23.98 25.24 -11.93
N SER E 602 -22.66 25.29 -11.78
CA SER E 602 -21.81 26.18 -12.57
C SER E 602 -20.41 25.58 -12.66
N ASN E 603 -19.55 26.24 -13.43
CA ASN E 603 -18.16 25.85 -13.60
C ASN E 603 -17.19 26.63 -12.73
N GLN E 604 -17.68 27.54 -11.88
CA GLN E 604 -16.82 28.43 -11.12
C GLN E 604 -16.17 27.69 -9.95
N VAL E 605 -14.84 27.72 -9.91
CA VAL E 605 -14.04 27.03 -8.91
C VAL E 605 -13.22 28.05 -8.14
N ALA E 606 -13.41 28.11 -6.82
CA ALA E 606 -12.61 28.95 -5.94
C ALA E 606 -11.35 28.17 -5.57
N VAL E 607 -10.20 28.83 -5.64
CA VAL E 607 -8.93 28.17 -5.39
C VAL E 607 -8.42 28.56 -4.01
N LEU E 608 -8.09 27.56 -3.19
CA LEU E 608 -7.61 27.77 -1.84
C LEU E 608 -6.14 27.40 -1.75
N TYR E 609 -5.30 28.38 -1.42
CA TYR E 609 -3.91 28.12 -1.08
C TYR E 609 -3.78 28.02 0.43
N GLN E 610 -2.93 27.10 0.90
CA GLN E 610 -2.85 26.79 2.32
C GLN E 610 -1.40 26.92 2.80
N GLY E 611 -1.19 27.82 3.77
CA GLY E 611 0.10 27.91 4.43
C GLY E 611 1.11 28.84 3.81
N VAL E 612 0.91 29.23 2.55
CA VAL E 612 1.86 30.03 1.80
C VAL E 612 1.23 31.40 1.54
N ASN E 613 1.96 32.46 1.89
CA ASN E 613 1.50 33.82 1.64
C ASN E 613 1.62 34.10 0.14
N CYS E 614 0.60 34.76 -0.41
CA CYS E 614 0.50 35.02 -1.84
C CYS E 614 1.11 36.35 -2.27
N THR E 615 1.75 37.08 -1.35
CA THR E 615 2.39 38.33 -1.72
C THR E 615 3.67 38.11 -2.52
N GLU E 616 4.31 36.95 -2.35
CA GLU E 616 5.49 36.63 -3.13
C GLU E 616 5.14 36.18 -4.55
N VAL E 617 3.96 35.62 -4.76
CA VAL E 617 3.53 35.16 -6.07
C VAL E 617 2.41 36.05 -6.60
N PRO E 628 1.23 24.71 -9.66
CA PRO E 628 0.17 25.00 -10.62
C PRO E 628 0.62 25.95 -11.73
N THR E 629 0.17 25.68 -12.96
CA THR E 629 0.52 26.47 -14.12
C THR E 629 -0.51 27.54 -14.45
N TRP E 630 -1.56 27.69 -13.66
CA TRP E 630 -2.64 28.62 -13.97
C TRP E 630 -2.35 29.95 -13.27
N ARG E 631 -2.01 30.97 -14.07
CA ARG E 631 -1.64 32.28 -13.56
C ARG E 631 -2.77 33.30 -13.61
N VAL E 632 -3.97 32.90 -14.03
CA VAL E 632 -5.04 33.86 -14.27
C VAL E 632 -5.67 34.30 -12.95
N TYR E 633 -5.83 33.38 -12.00
CA TYR E 633 -6.39 33.72 -10.70
C TYR E 633 -5.38 34.35 -9.74
N SER E 634 -4.12 34.46 -10.13
CA SER E 634 -3.09 35.15 -9.37
C SER E 634 -3.00 36.63 -9.68
N THR E 635 -3.93 37.15 -10.49
CA THR E 635 -3.92 38.57 -10.88
C THR E 635 -4.27 39.47 -9.69
N GLY E 636 -5.12 39.00 -8.79
CA GLY E 636 -5.51 39.79 -7.64
C GLY E 636 -6.94 40.27 -7.70
N SER E 637 -7.27 41.11 -6.69
CA SER E 637 -8.53 41.78 -6.34
C SER E 637 -9.64 40.86 -5.81
N ASN E 638 -9.49 39.54 -5.96
CA ASN E 638 -10.31 38.57 -5.26
C ASN E 638 -9.64 38.02 -4.00
N VAL E 639 -8.48 38.54 -3.64
CA VAL E 639 -7.63 37.96 -2.60
C VAL E 639 -8.18 38.36 -1.22
N PHE E 640 -8.48 37.36 -0.40
CA PHE E 640 -8.81 37.58 1.00
C PHE E 640 -7.86 36.73 1.84
N GLN E 641 -7.34 37.33 2.91
CA GLN E 641 -6.35 36.66 3.74
C GLN E 641 -7.03 35.97 4.92
N THR E 642 -6.77 34.67 5.07
CA THR E 642 -7.27 33.87 6.18
C THR E 642 -6.10 33.40 7.03
N ARG E 643 -6.42 32.61 8.05
CA ARG E 643 -5.38 32.00 8.89
C ARG E 643 -4.71 30.84 8.15
N ALA E 644 -5.49 30.09 7.36
CA ALA E 644 -4.95 28.97 6.62
C ALA E 644 -4.10 29.40 5.43
N GLY E 645 -4.44 30.51 4.79
CA GLY E 645 -3.68 31.00 3.66
C GLY E 645 -4.51 31.98 2.85
N CYS E 646 -4.07 32.21 1.62
CA CYS E 646 -4.76 33.10 0.70
C CYS E 646 -5.90 32.37 0.01
N LEU E 647 -7.07 32.99 0.00
CA LEU E 647 -8.23 32.46 -0.69
C LEU E 647 -8.54 33.35 -1.89
N ILE E 648 -8.40 32.79 -3.09
CA ILE E 648 -8.59 33.54 -4.32
C ILE E 648 -9.77 32.95 -5.08
N GLY E 649 -10.36 33.77 -5.95
CA GLY E 649 -11.55 33.37 -6.68
C GLY E 649 -12.84 33.49 -5.91
N ALA E 650 -12.83 34.16 -4.76
CA ALA E 650 -14.02 34.33 -3.94
C ALA E 650 -14.07 35.76 -3.41
N GLU E 651 -15.25 36.36 -3.46
CA GLU E 651 -15.45 37.73 -3.01
C GLU E 651 -15.90 37.73 -1.57
N TYR E 652 -15.13 38.40 -0.71
CA TYR E 652 -15.47 38.47 0.71
C TYR E 652 -16.59 39.48 0.94
N VAL E 653 -17.58 39.07 1.74
CA VAL E 653 -18.70 39.93 2.10
C VAL E 653 -18.70 40.13 3.60
N ASN E 654 -19.35 41.22 4.02
CA ASN E 654 -19.40 41.60 5.42
C ASN E 654 -20.64 41.08 6.15
N ASN E 655 -21.54 40.40 5.45
CA ASN E 655 -22.72 39.86 6.11
C ASN E 655 -22.39 38.52 6.76
N SER E 656 -23.36 37.96 7.47
CA SER E 656 -23.16 36.70 8.18
C SER E 656 -24.38 35.82 7.96
N TYR E 657 -24.17 34.68 7.31
CA TYR E 657 -25.25 33.78 6.93
C TYR E 657 -24.89 32.35 7.36
N GLU E 658 -25.73 31.40 6.94
CA GLU E 658 -25.46 29.98 7.10
C GLU E 658 -24.86 29.45 5.80
N CYS E 659 -23.73 28.78 5.90
CA CYS E 659 -22.97 28.38 4.73
C CYS E 659 -23.15 26.89 4.45
N ASP E 660 -22.44 26.41 3.43
CA ASP E 660 -22.48 25.00 3.03
C ASP E 660 -21.10 24.36 3.08
N ILE E 661 -20.16 24.82 2.27
CA ILE E 661 -18.84 24.18 2.15
C ILE E 661 -17.91 24.83 3.16
N PRO E 662 -17.40 24.10 4.16
CA PRO E 662 -16.49 24.71 5.14
C PRO E 662 -15.08 24.87 4.58
N ILE E 663 -14.35 25.83 5.15
CA ILE E 663 -12.94 26.03 4.82
C ILE E 663 -12.14 25.82 6.10
N GLY E 664 -12.20 26.78 7.01
CA GLY E 664 -11.52 26.69 8.28
C GLY E 664 -11.36 28.05 8.91
N ALA E 665 -11.00 28.02 10.20
CA ALA E 665 -10.66 29.20 11.04
C ALA E 665 -11.79 30.23 11.13
N GLY E 666 -13.04 29.76 11.09
CA GLY E 666 -14.19 30.64 11.11
C GLY E 666 -14.66 31.14 9.77
N ILE E 667 -13.80 31.11 8.75
CA ILE E 667 -14.19 31.56 7.41
C ILE E 667 -14.84 30.38 6.68
N CYS E 668 -16.05 30.61 6.18
CA CYS E 668 -16.80 29.57 5.51
C CYS E 668 -17.35 30.11 4.20
N ALA E 669 -17.52 29.23 3.22
CA ALA E 669 -17.93 29.61 1.88
C ALA E 669 -19.27 28.99 1.53
N SER E 670 -19.95 29.62 0.58
CA SER E 670 -21.22 29.13 0.08
C SER E 670 -21.39 29.62 -1.36
N TYR E 671 -22.53 29.30 -1.96
CA TYR E 671 -22.87 29.75 -3.31
C TYR E 671 -24.14 30.59 -3.20
N GLN E 672 -24.00 31.90 -3.42
CA GLN E 672 -25.10 32.84 -3.31
C GLN E 672 -25.09 33.76 -4.52
N THR E 673 -26.19 34.49 -4.69
CA THR E 673 -26.31 35.45 -5.79
C THR E 673 -25.66 36.78 -5.42
N SER E 686 -24.76 36.01 -12.87
CA SER E 686 -24.75 37.03 -11.83
C SER E 686 -24.59 36.42 -10.45
N GLN E 687 -24.07 35.19 -10.42
CA GLN E 687 -23.86 34.45 -9.19
C GLN E 687 -22.40 34.05 -9.08
N SER E 688 -21.86 34.10 -7.85
CA SER E 688 -20.46 33.79 -7.64
C SER E 688 -20.28 33.23 -6.23
N ILE E 689 -19.14 32.58 -6.02
CA ILE E 689 -18.81 31.99 -4.73
C ILE E 689 -18.33 33.09 -3.80
N ILE E 690 -18.98 33.21 -2.63
CA ILE E 690 -18.61 34.20 -1.63
C ILE E 690 -18.15 33.47 -0.37
N ALA E 691 -17.36 34.18 0.43
CA ALA E 691 -16.83 33.65 1.68
C ALA E 691 -17.08 34.67 2.78
N TYR E 692 -17.46 34.17 3.96
CA TYR E 692 -17.83 35.01 5.09
C TYR E 692 -17.62 34.23 6.38
N THR E 693 -18.07 34.81 7.49
CA THR E 693 -17.99 34.20 8.81
C THR E 693 -19.32 33.54 9.13
N MET E 694 -19.27 32.31 9.63
CA MET E 694 -20.47 31.51 9.89
C MET E 694 -21.28 32.07 11.07
N SER E 695 -22.57 32.27 10.83
CA SER E 695 -23.49 32.80 11.82
C SER E 695 -23.78 31.78 12.89
N LEU E 696 -23.94 32.25 14.12
CA LEU E 696 -24.28 31.41 15.26
C LEU E 696 -25.77 31.40 15.55
N GLY E 697 -26.58 32.07 14.74
CA GLY E 697 -28.01 32.16 14.94
C GLY E 697 -28.43 33.54 15.41
N ALA E 698 -29.73 33.67 15.66
CA ALA E 698 -30.32 34.94 16.04
C ALA E 698 -30.01 35.30 17.49
N GLU E 699 -30.10 36.59 17.80
CA GLU E 699 -29.83 37.11 19.13
C GLU E 699 -31.13 37.23 19.92
N ASN E 700 -31.11 36.75 21.16
CA ASN E 700 -32.28 36.79 22.04
C ASN E 700 -31.92 37.65 23.25
N SER E 701 -32.67 38.72 23.46
CA SER E 701 -32.47 39.63 24.59
C SER E 701 -33.80 39.86 25.29
N VAL E 702 -33.89 39.38 26.54
CA VAL E 702 -35.09 39.49 27.36
C VAL E 702 -34.67 40.19 28.65
N ALA E 703 -35.48 41.13 29.13
CA ALA E 703 -35.30 41.68 30.46
C ALA E 703 -35.92 40.75 31.50
N TYR E 704 -35.25 40.64 32.65
CA TYR E 704 -35.67 39.69 33.69
C TYR E 704 -35.84 40.41 35.03
N SER E 705 -36.64 39.80 35.90
CA SER E 705 -36.82 40.22 37.28
C SER E 705 -37.19 38.99 38.11
N ASN E 706 -37.36 39.20 39.42
CA ASN E 706 -37.73 38.10 40.29
C ASN E 706 -39.22 37.79 40.25
N ASN E 707 -40.04 38.76 39.89
CA ASN E 707 -41.49 38.66 40.00
C ASN E 707 -42.20 38.22 38.73
N SER E 708 -41.46 37.90 37.67
CA SER E 708 -42.07 37.59 36.39
C SER E 708 -41.74 36.16 35.94
N ILE E 709 -42.78 35.41 35.58
CA ILE E 709 -42.62 34.03 35.13
C ILE E 709 -43.37 33.90 33.80
N ALA E 710 -43.03 32.88 33.02
CA ALA E 710 -43.70 32.59 31.75
C ALA E 710 -44.12 31.13 31.73
N ILE E 711 -45.44 30.90 31.70
CA ILE E 711 -46.02 29.57 31.58
C ILE E 711 -46.65 29.47 30.19
N PRO E 712 -46.28 28.48 29.37
CA PRO E 712 -46.84 28.41 28.00
C PRO E 712 -48.30 27.95 27.99
N THR E 713 -49.11 28.68 27.21
CA THR E 713 -50.53 28.39 27.07
C THR E 713 -50.89 27.63 25.79
N ASN E 714 -49.92 27.38 24.90
CA ASN E 714 -50.21 26.80 23.60
C ASN E 714 -49.24 25.66 23.32
N PHE E 715 -49.78 24.55 22.83
CA PHE E 715 -49.02 23.31 22.66
C PHE E 715 -49.06 22.87 21.20
N THR E 716 -48.06 22.07 20.83
CA THR E 716 -48.01 21.44 19.52
C THR E 716 -47.25 20.13 19.65
N ILE E 717 -47.41 19.27 18.64
CA ILE E 717 -46.77 17.96 18.59
C ILE E 717 -45.80 17.95 17.41
N SER E 718 -44.53 17.72 17.70
CA SER E 718 -43.48 17.70 16.68
C SER E 718 -42.96 16.27 16.53
N VAL E 719 -42.82 15.84 15.28
CA VAL E 719 -42.31 14.52 14.95
C VAL E 719 -41.01 14.69 14.18
N THR E 720 -39.93 14.10 14.68
CA THR E 720 -38.63 14.16 14.05
C THR E 720 -38.21 12.77 13.58
N THR E 721 -37.05 12.70 12.93
CA THR E 721 -36.55 11.45 12.35
C THR E 721 -35.06 11.33 12.65
N GLU E 722 -34.67 10.21 13.28
CA GLU E 722 -33.29 9.95 13.63
C GLU E 722 -32.89 8.61 13.03
N ILE E 723 -31.72 8.55 12.41
CA ILE E 723 -31.27 7.36 11.69
C ILE E 723 -29.94 6.90 12.32
N LEU E 724 -29.95 5.71 12.91
CA LEU E 724 -28.76 5.07 13.44
C LEU E 724 -28.45 3.81 12.64
N PRO E 725 -27.25 3.67 12.07
CA PRO E 725 -26.93 2.43 11.34
C PRO E 725 -26.64 1.28 12.28
N VAL E 726 -26.85 0.05 11.79
CA VAL E 726 -26.75 -1.16 12.60
C VAL E 726 -25.62 -2.04 12.10
N SER E 727 -25.73 -2.52 10.85
CA SER E 727 -24.83 -3.52 10.33
C SER E 727 -24.21 -3.06 9.02
N MET E 728 -23.16 -3.76 8.60
CA MET E 728 -22.44 -3.49 7.37
C MET E 728 -22.52 -4.68 6.43
N THR E 729 -21.83 -4.56 5.30
CA THR E 729 -21.81 -5.62 4.29
C THR E 729 -20.71 -6.63 4.62
N LYS E 730 -21.10 -7.90 4.78
CA LYS E 730 -20.16 -8.95 5.14
C LYS E 730 -19.39 -9.41 3.90
N THR E 731 -18.06 -9.46 4.02
CA THR E 731 -17.19 -9.84 2.92
C THR E 731 -16.34 -11.04 3.31
N SER E 732 -15.78 -11.71 2.30
CA SER E 732 -14.91 -12.85 2.50
C SER E 732 -13.82 -12.85 1.43
N VAL E 733 -12.61 -13.22 1.83
CA VAL E 733 -11.43 -13.19 0.96
C VAL E 733 -10.87 -14.60 0.85
N ASP E 734 -10.78 -15.10 -0.38
CA ASP E 734 -10.10 -16.36 -0.66
C ASP E 734 -8.61 -16.08 -0.78
N CYS E 735 -7.79 -17.00 -0.26
CA CYS E 735 -6.34 -16.80 -0.30
C CYS E 735 -5.75 -17.13 -1.67
N THR E 736 -6.29 -18.15 -2.35
CA THR E 736 -5.66 -18.64 -3.57
C THR E 736 -5.98 -17.75 -4.76
N MET E 737 -7.22 -17.28 -4.89
CA MET E 737 -7.65 -16.59 -6.11
C MET E 737 -7.17 -15.14 -6.16
N TYR E 738 -7.08 -14.47 -5.01
CA TYR E 738 -6.65 -13.07 -5.03
C TYR E 738 -5.13 -12.94 -5.11
N ILE E 739 -4.40 -13.77 -4.37
CA ILE E 739 -2.94 -13.67 -4.36
C ILE E 739 -2.34 -14.30 -5.62
N CYS E 740 -2.85 -15.44 -6.03
CA CYS E 740 -2.30 -16.18 -7.15
C CYS E 740 -3.26 -16.19 -8.33
N GLY E 741 -2.69 -16.35 -9.53
CA GLY E 741 -3.43 -16.37 -10.77
C GLY E 741 -3.84 -17.76 -11.24
N ASP E 742 -4.00 -18.67 -10.26
CA ASP E 742 -4.18 -20.13 -10.43
C ASP E 742 -3.02 -20.74 -11.20
N SER E 743 -1.80 -20.45 -10.76
CA SER E 743 -0.58 -21.04 -11.29
C SER E 743 0.04 -21.95 -10.25
N THR E 744 0.77 -22.96 -10.71
CA THR E 744 1.33 -23.95 -9.80
C THR E 744 2.56 -23.43 -9.06
N GLU E 745 3.29 -22.49 -9.66
CA GLU E 745 4.50 -21.98 -9.02
C GLU E 745 4.18 -20.91 -7.98
N CYS E 746 2.99 -20.32 -8.03
CA CYS E 746 2.62 -19.32 -7.03
C CYS E 746 2.19 -19.97 -5.73
N SER E 747 1.56 -21.15 -5.81
CA SER E 747 1.11 -21.83 -4.59
C SER E 747 2.26 -22.55 -3.89
N ASN E 748 3.36 -22.80 -4.59
CA ASN E 748 4.51 -23.44 -3.95
C ASN E 748 5.28 -22.45 -3.11
N LEU E 749 5.35 -21.18 -3.54
CA LEU E 749 5.97 -20.14 -2.73
C LEU E 749 5.02 -19.56 -1.69
N LEU E 750 3.72 -19.85 -1.80
CA LEU E 750 2.76 -19.39 -0.80
C LEU E 750 2.86 -20.18 0.49
N LEU E 751 3.28 -21.45 0.41
CA LEU E 751 3.40 -22.28 1.60
C LEU E 751 4.62 -21.91 2.45
N GLN E 752 5.61 -21.25 1.84
CA GLN E 752 6.71 -20.69 2.64
C GLN E 752 6.27 -19.46 3.42
N TYR E 753 5.29 -18.71 2.92
CA TYR E 753 4.76 -17.56 3.65
C TYR E 753 3.79 -17.97 4.74
N GLY E 754 3.19 -19.16 4.64
CA GLY E 754 2.39 -19.72 5.72
C GLY E 754 1.06 -19.04 6.03
N SER E 755 0.95 -18.56 7.27
CA SER E 755 -0.31 -18.17 7.89
C SER E 755 -0.69 -16.70 7.64
N PHE E 756 0.00 -16.03 6.71
CA PHE E 756 -0.28 -14.63 6.38
C PHE E 756 -1.70 -14.40 5.87
N CYS E 757 -2.21 -15.29 5.02
CA CYS E 757 -3.60 -15.17 4.61
C CYS E 757 -4.55 -15.95 5.51
N THR E 758 -4.03 -16.74 6.45
CA THR E 758 -4.89 -17.46 7.38
C THR E 758 -5.41 -16.52 8.46
N GLN E 759 -4.56 -15.61 8.93
CA GLN E 759 -4.96 -14.63 9.94
C GLN E 759 -5.92 -13.59 9.36
N LEU E 760 -5.74 -13.23 8.09
CA LEU E 760 -6.58 -12.20 7.49
C LEU E 760 -7.93 -12.77 7.08
N LYS E 761 -8.03 -14.08 6.87
CA LYS E 761 -9.31 -14.70 6.56
C LYS E 761 -10.15 -14.89 7.83
N ARG E 762 -9.50 -15.29 8.93
CA ARG E 762 -10.22 -15.53 10.18
C ARG E 762 -10.56 -14.24 10.91
N ALA E 763 -9.88 -13.13 10.57
CA ALA E 763 -10.26 -11.84 11.15
C ALA E 763 -11.54 -11.31 10.53
N LEU E 764 -11.70 -11.47 9.21
CA LEU E 764 -12.95 -11.08 8.55
C LEU E 764 -14.07 -12.07 8.79
N THR E 765 -13.75 -13.31 9.20
CA THR E 765 -14.78 -14.25 9.61
C THR E 765 -15.38 -13.85 10.96
N GLY E 766 -14.54 -13.38 11.88
CA GLY E 766 -15.02 -12.95 13.18
C GLY E 766 -15.76 -11.62 13.15
N ILE E 767 -15.52 -10.81 12.12
CA ILE E 767 -16.37 -9.64 11.89
C ILE E 767 -17.76 -10.09 11.43
N ALA E 768 -17.81 -11.10 10.57
CA ALA E 768 -19.08 -11.56 9.98
C ALA E 768 -19.95 -12.31 10.98
N VAL E 769 -19.37 -12.82 12.05
CA VAL E 769 -20.19 -13.36 13.15
C VAL E 769 -20.83 -12.22 13.92
N GLU E 770 -20.09 -11.13 14.16
CA GLU E 770 -20.58 -10.01 14.95
C GLU E 770 -21.55 -9.12 14.18
N GLN E 771 -21.63 -9.25 12.85
CA GLN E 771 -22.62 -8.50 12.09
C GLN E 771 -24.02 -9.08 12.28
N ASP E 772 -24.12 -10.40 12.50
CA ASP E 772 -25.41 -11.01 12.81
C ASP E 772 -25.79 -10.84 14.27
N LYS E 773 -24.82 -10.59 15.15
CA LYS E 773 -25.14 -10.32 16.55
C LYS E 773 -25.64 -8.91 16.77
N ASN E 774 -25.33 -7.99 15.84
CA ASN E 774 -25.84 -6.63 15.95
C ASN E 774 -27.32 -6.55 15.58
N THR E 775 -27.79 -7.45 14.71
CA THR E 775 -29.20 -7.46 14.35
C THR E 775 -30.06 -8.11 15.42
N GLN E 776 -29.47 -9.00 16.23
CA GLN E 776 -30.25 -9.68 17.26
C GLN E 776 -30.47 -8.81 18.50
N GLU E 777 -29.58 -7.86 18.75
CA GLU E 777 -29.74 -6.99 19.92
C GLU E 777 -30.51 -5.71 19.62
N VAL E 778 -30.79 -5.44 18.35
CA VAL E 778 -31.45 -4.21 17.92
C VAL E 778 -32.85 -4.49 17.36
N PHE E 779 -32.93 -5.30 16.29
CA PHE E 779 -34.17 -5.45 15.53
C PHE E 779 -35.20 -6.28 16.28
N ALA E 780 -34.77 -7.36 16.93
CA ALA E 780 -35.67 -8.20 17.70
C ALA E 780 -35.35 -8.04 19.19
N GLN E 781 -36.22 -7.32 19.91
CA GLN E 781 -36.04 -7.18 21.35
C GLN E 781 -36.60 -8.38 22.11
N VAL E 782 -37.78 -8.86 21.70
CA VAL E 782 -38.47 -9.96 22.38
C VAL E 782 -38.70 -11.08 21.37
N LYS E 783 -38.97 -12.26 21.92
CA LYS E 783 -39.23 -13.45 21.11
C LYS E 783 -40.72 -13.66 20.85
N GLN E 784 -41.58 -12.76 21.32
CA GLN E 784 -43.02 -12.88 21.15
C GLN E 784 -43.51 -11.88 20.12
N ILE E 785 -44.27 -12.37 19.15
CA ILE E 785 -44.77 -11.56 18.04
C ILE E 785 -46.23 -11.21 18.30
N TYR E 786 -46.53 -9.92 18.32
CA TYR E 786 -47.89 -9.42 18.50
C TYR E 786 -48.39 -8.83 17.20
N LYS E 787 -49.69 -8.98 16.96
CA LYS E 787 -50.30 -8.51 15.73
C LYS E 787 -51.45 -7.56 16.04
N THR E 788 -51.84 -6.80 15.03
CA THR E 788 -52.90 -5.79 15.09
C THR E 788 -54.24 -6.43 14.72
N PRO E 789 -55.30 -6.16 15.49
CA PRO E 789 -56.65 -6.63 15.11
C PRO E 789 -57.15 -5.91 13.87
N PRO E 790 -57.98 -6.57 13.04
CA PRO E 790 -58.36 -5.99 11.74
C PRO E 790 -59.33 -4.80 11.83
N ILE E 791 -60.04 -4.65 12.94
CA ILE E 791 -60.89 -3.49 13.14
C ILE E 791 -60.05 -2.44 13.86
N LYS E 792 -59.74 -1.36 13.17
CA LYS E 792 -58.78 -0.37 13.65
C LYS E 792 -59.49 0.96 13.91
N TYR E 793 -59.71 1.28 15.17
CA TYR E 793 -59.91 2.66 15.60
C TYR E 793 -59.10 2.86 16.88
N PHE E 794 -58.03 3.63 16.79
CA PHE E 794 -57.14 3.89 17.93
C PHE E 794 -57.00 5.40 18.07
N GLY E 795 -57.59 5.95 19.13
CA GLY E 795 -57.45 7.35 19.50
C GLY E 795 -57.94 8.43 18.55
N GLY E 796 -58.68 8.06 17.50
CA GLY E 796 -59.02 9.00 16.45
C GLY E 796 -57.84 9.42 15.60
N PHE E 797 -56.91 8.51 15.34
CA PHE E 797 -55.70 8.79 14.58
C PHE E 797 -55.64 7.92 13.32
N ASN E 798 -54.80 8.32 12.37
CA ASN E 798 -54.54 7.54 11.17
C ASN E 798 -53.18 6.87 11.36
N PHE E 799 -53.21 5.57 11.63
CA PHE E 799 -52.01 4.76 11.81
C PHE E 799 -51.62 3.94 10.60
N SER E 800 -52.28 4.13 9.45
CA SER E 800 -52.10 3.27 8.29
C SER E 800 -50.75 3.46 7.59
N GLN E 801 -50.04 4.56 7.86
CA GLN E 801 -48.75 4.78 7.23
C GLN E 801 -47.63 3.95 7.89
N ILE E 802 -47.74 3.64 9.18
CA ILE E 802 -46.70 2.85 9.83
C ILE E 802 -47.02 1.36 9.86
N LEU E 803 -48.26 0.97 9.51
CA LEU E 803 -48.65 -0.43 9.49
C LEU E 803 -48.39 -1.04 8.11
N PRO E 804 -48.02 -2.32 8.05
CA PRO E 804 -47.76 -2.95 6.75
C PRO E 804 -49.04 -3.25 5.97
N ASP E 805 -48.88 -3.38 4.66
CA ASP E 805 -49.99 -3.58 3.74
C ASP E 805 -50.21 -5.07 3.56
N PRO E 806 -51.38 -5.61 3.94
CA PRO E 806 -51.64 -7.04 3.68
C PRO E 806 -51.90 -7.37 2.21
N SER E 807 -52.23 -6.38 1.37
CA SER E 807 -52.49 -6.66 -0.04
C SER E 807 -51.20 -6.91 -0.80
N LYS E 808 -50.12 -6.27 -0.40
CA LYS E 808 -48.82 -6.53 -1.01
C LYS E 808 -48.27 -7.85 -0.45
N PRO E 809 -47.68 -8.70 -1.31
CA PRO E 809 -47.09 -9.96 -0.80
C PRO E 809 -45.84 -9.76 0.04
N SER E 810 -45.11 -8.67 -0.18
CA SER E 810 -44.10 -8.25 0.78
C SER E 810 -44.76 -7.43 1.87
N LYS E 811 -44.29 -7.60 3.11
CA LYS E 811 -44.84 -6.86 4.23
C LYS E 811 -43.99 -5.61 4.43
N ARG E 812 -44.56 -4.46 4.06
CA ARG E 812 -43.89 -3.17 4.10
C ARG E 812 -44.95 -2.11 4.38
N SER E 813 -44.58 -1.09 5.15
CA SER E 813 -45.48 0.00 5.43
C SER E 813 -45.38 1.06 4.32
N PHE E 814 -46.13 2.15 4.48
CA PHE E 814 -46.13 3.20 3.47
C PHE E 814 -44.88 4.07 3.57
N ILE E 815 -44.28 4.16 4.76
CA ILE E 815 -43.07 4.95 4.94
C ILE E 815 -41.85 4.18 4.42
N GLU E 816 -41.85 2.85 4.60
CA GLU E 816 -40.68 2.04 4.25
C GLU E 816 -40.58 1.80 2.75
N ASP E 817 -41.63 2.09 1.98
CA ASP E 817 -41.50 2.13 0.53
C ASP E 817 -40.71 3.35 0.07
N LEU E 818 -40.74 4.43 0.85
CA LEU E 818 -39.92 5.61 0.62
C LEU E 818 -38.57 5.53 1.33
N LEU E 819 -38.28 4.41 1.99
CA LEU E 819 -36.99 4.16 2.62
C LEU E 819 -36.11 3.26 1.76
N PHE E 820 -36.62 2.06 1.42
CA PHE E 820 -35.87 1.04 0.69
C PHE E 820 -35.50 1.49 -0.72
N ASN E 821 -36.35 2.31 -1.36
CA ASN E 821 -36.12 2.69 -2.74
C ASN E 821 -35.13 3.83 -2.90
N LYS E 822 -34.85 4.59 -1.84
CA LYS E 822 -33.95 5.72 -1.94
C LYS E 822 -32.49 5.37 -1.63
N VAL E 823 -32.21 4.15 -1.19
CA VAL E 823 -30.86 3.71 -0.89
C VAL E 823 -30.47 2.67 -1.93
N THR E 824 -29.46 2.99 -2.73
CA THR E 824 -28.99 2.08 -3.77
C THR E 824 -27.84 1.22 -3.29
N LYS E 851 -15.63 -10.40 -13.63
CA LYS E 851 -15.49 -9.44 -12.53
C LYS E 851 -15.33 -10.15 -11.19
N PHE E 852 -15.11 -11.46 -11.25
CA PHE E 852 -14.99 -12.30 -10.05
C PHE E 852 -13.53 -12.66 -9.85
N LYS E 853 -12.89 -12.05 -8.86
CA LYS E 853 -11.51 -12.35 -8.50
C LYS E 853 -11.39 -13.29 -7.32
N GLY E 854 -12.51 -13.77 -6.79
CA GLY E 854 -12.50 -14.50 -5.53
C GLY E 854 -13.02 -13.71 -4.36
N LEU E 855 -13.26 -12.42 -4.53
CA LEU E 855 -13.87 -11.59 -3.49
C LEU E 855 -15.38 -11.73 -3.60
N THR E 856 -15.99 -12.24 -2.53
CA THR E 856 -17.42 -12.52 -2.53
C THR E 856 -18.10 -11.74 -1.41
N VAL E 857 -19.42 -11.60 -1.55
CA VAL E 857 -20.26 -10.94 -0.56
C VAL E 857 -21.03 -12.03 0.16
N LEU E 858 -20.85 -12.09 1.48
CA LEU E 858 -21.59 -13.07 2.27
C LEU E 858 -23.03 -12.61 2.43
N PRO E 859 -24.02 -13.51 2.27
CA PRO E 859 -25.41 -13.10 2.47
C PRO E 859 -25.70 -12.96 3.94
N PRO E 860 -26.61 -12.05 4.32
CA PRO E 860 -26.96 -11.90 5.74
C PRO E 860 -27.87 -13.02 6.21
N LEU E 861 -27.82 -13.29 7.52
CA LEU E 861 -28.69 -14.30 8.11
C LEU E 861 -30.13 -13.79 8.18
N LEU E 862 -30.30 -12.50 8.45
CA LEU E 862 -31.61 -11.90 8.64
C LEU E 862 -31.98 -11.11 7.39
N THR E 863 -32.97 -11.60 6.65
CA THR E 863 -33.43 -10.93 5.44
C THR E 863 -34.23 -9.69 5.78
N ASP E 864 -34.40 -8.82 4.77
CA ASP E 864 -35.12 -7.56 4.96
C ASP E 864 -36.62 -7.78 5.09
N GLU E 865 -37.13 -8.92 4.61
CA GLU E 865 -38.53 -9.27 4.86
C GLU E 865 -38.75 -9.64 6.32
N MET E 866 -37.75 -10.23 6.96
CA MET E 866 -37.87 -10.63 8.36
C MET E 866 -37.48 -9.52 9.32
N ILE E 867 -36.86 -8.44 8.83
CA ILE E 867 -36.68 -7.24 9.66
C ILE E 867 -38.02 -6.55 9.88
N ALA E 868 -38.85 -6.49 8.83
CA ALA E 868 -40.18 -5.89 8.94
C ALA E 868 -41.14 -6.77 9.73
N GLN E 869 -40.87 -8.07 9.81
CA GLN E 869 -41.63 -8.93 10.71
C GLN E 869 -41.28 -8.69 12.16
N TYR E 870 -40.04 -8.26 12.45
CA TYR E 870 -39.71 -7.79 13.79
C TYR E 870 -40.21 -6.37 14.01
N THR E 871 -40.29 -5.57 12.94
CA THR E 871 -40.64 -4.17 13.07
C THR E 871 -42.14 -3.99 13.30
N SER E 872 -42.97 -4.75 12.57
CA SER E 872 -44.42 -4.60 12.67
C SER E 872 -44.97 -5.22 13.94
N ALA E 873 -44.21 -6.09 14.61
CA ALA E 873 -44.59 -6.55 15.93
C ALA E 873 -44.29 -5.51 17.00
N LEU E 874 -43.19 -4.77 16.86
CA LEU E 874 -42.85 -3.74 17.83
C LEU E 874 -43.65 -2.45 17.60
N LEU E 875 -44.06 -2.20 16.35
CA LEU E 875 -44.93 -1.06 16.08
C LEU E 875 -46.35 -1.33 16.53
N ALA E 876 -46.75 -2.61 16.56
CA ALA E 876 -47.99 -3.05 17.18
C ALA E 876 -48.02 -2.75 18.68
N GLY E 877 -47.11 -3.39 19.43
CA GLY E 877 -47.26 -3.45 20.88
C GLY E 877 -46.90 -2.18 21.62
N THR E 878 -46.28 -1.22 20.92
CA THR E 878 -46.14 0.12 21.47
C THR E 878 -47.50 0.82 21.50
N ILE E 879 -48.27 0.70 20.41
CA ILE E 879 -49.62 1.23 20.39
C ILE E 879 -50.57 0.31 21.14
N THR E 880 -50.44 -1.01 20.96
CA THR E 880 -51.41 -1.95 21.53
C THR E 880 -51.13 -2.24 23.00
N SER E 881 -49.98 -2.85 23.30
CA SER E 881 -49.71 -3.39 24.62
C SER E 881 -49.10 -2.38 25.59
N GLY E 882 -48.86 -1.15 25.16
CA GLY E 882 -48.28 -0.17 26.05
C GLY E 882 -46.77 -0.30 26.15
N TRP E 883 -46.25 -0.03 27.35
CA TRP E 883 -44.83 -0.18 27.63
C TRP E 883 -44.49 -1.50 28.32
N THR E 884 -45.48 -2.36 28.53
CA THR E 884 -45.31 -3.55 29.37
C THR E 884 -44.97 -4.82 28.58
N PHE E 885 -44.77 -4.72 27.26
CA PHE E 885 -44.49 -5.93 26.49
C PHE E 885 -43.04 -6.37 26.63
N GLY E 886 -42.12 -5.42 26.84
CA GLY E 886 -40.72 -5.76 27.00
C GLY E 886 -40.34 -5.95 28.46
N ALA E 887 -41.16 -5.44 29.36
CA ALA E 887 -40.94 -5.54 30.80
C ALA E 887 -41.64 -6.75 31.42
N GLY E 888 -42.27 -7.58 30.62
CA GLY E 888 -43.01 -8.71 31.15
C GLY E 888 -44.06 -9.15 30.15
N ALA E 889 -45.11 -9.78 30.68
CA ALA E 889 -46.24 -10.18 29.86
C ALA E 889 -47.03 -8.94 29.43
N ALA E 890 -47.62 -9.01 28.24
CA ALA E 890 -48.29 -7.85 27.67
C ALA E 890 -49.66 -7.64 28.30
N LEU E 891 -49.88 -6.47 28.87
CA LEU E 891 -51.16 -6.10 29.43
C LEU E 891 -52.10 -5.63 28.32
N GLN E 892 -53.33 -5.31 28.70
CA GLN E 892 -54.29 -4.68 27.79
C GLN E 892 -54.56 -3.29 28.32
N ILE E 893 -53.99 -2.28 27.65
CA ILE E 893 -54.26 -0.88 27.93
C ILE E 893 -54.81 -0.26 26.66
N PRO E 894 -56.01 0.33 26.67
CA PRO E 894 -56.50 1.06 25.48
C PRO E 894 -55.70 2.33 25.24
N PHE E 895 -55.72 2.80 23.98
CA PHE E 895 -54.72 3.76 23.51
C PHE E 895 -54.98 5.17 24.02
N ALA E 896 -56.25 5.50 24.34
CA ALA E 896 -56.58 6.82 24.86
C ALA E 896 -56.12 6.98 26.31
N MET E 897 -55.93 5.87 27.02
CA MET E 897 -55.38 5.91 28.37
C MET E 897 -53.86 5.81 28.37
N GLN E 898 -53.24 5.45 27.24
CA GLN E 898 -51.78 5.32 27.17
C GLN E 898 -51.12 6.69 27.13
N MET E 899 -51.72 7.63 26.40
CA MET E 899 -51.14 8.98 26.29
C MET E 899 -51.35 9.80 27.55
N ALA E 900 -52.30 9.41 28.42
CA ALA E 900 -52.46 10.08 29.69
C ALA E 900 -51.36 9.72 30.66
N TYR E 901 -50.89 8.46 30.63
CA TYR E 901 -49.80 8.06 31.53
C TYR E 901 -48.45 8.54 31.04
N ARG E 902 -48.30 8.73 29.72
CA ARG E 902 -47.05 9.28 29.20
C ARG E 902 -46.97 10.78 29.41
N PHE E 903 -48.11 11.45 29.60
CA PHE E 903 -48.08 12.84 30.03
C PHE E 903 -47.75 12.96 31.51
N ASN E 904 -48.04 11.92 32.31
CA ASN E 904 -47.83 12.01 33.74
C ASN E 904 -46.36 11.86 34.13
N GLY E 905 -45.52 11.31 33.24
CA GLY E 905 -44.10 11.24 33.54
C GLY E 905 -43.38 12.57 33.33
N ILE E 906 -43.86 13.38 32.38
CA ILE E 906 -43.25 14.68 32.14
C ILE E 906 -43.93 15.80 32.91
N GLY E 907 -44.89 15.49 33.78
CA GLY E 907 -45.50 16.48 34.63
C GLY E 907 -46.78 17.11 34.11
N VAL E 908 -47.49 16.45 33.21
CA VAL E 908 -48.72 16.97 32.62
C VAL E 908 -49.88 16.09 33.09
N THR E 909 -50.81 16.70 33.84
CA THR E 909 -51.99 15.98 34.30
C THR E 909 -52.97 15.74 33.16
N GLN E 910 -53.95 14.86 33.42
CA GLN E 910 -54.90 14.36 32.42
C GLN E 910 -55.95 15.37 31.95
N ASN E 911 -55.96 16.61 32.50
CA ASN E 911 -56.84 17.67 32.02
C ASN E 911 -56.55 18.08 30.59
N VAL E 912 -55.28 17.98 30.16
CA VAL E 912 -54.87 18.50 28.87
C VAL E 912 -55.28 17.56 27.73
N LEU E 913 -55.21 16.24 27.97
CA LEU E 913 -55.43 15.27 26.90
C LEU E 913 -56.91 15.12 26.55
N TYR E 914 -57.77 15.01 27.57
CA TYR E 914 -59.16 14.65 27.33
C TYR E 914 -59.99 15.82 26.81
N GLU E 915 -59.59 17.05 27.13
CA GLU E 915 -60.31 18.21 26.61
C GLU E 915 -59.90 18.53 25.18
N ASN E 916 -58.61 18.44 24.88
CA ASN E 916 -58.03 18.86 23.61
C ASN E 916 -57.92 17.74 22.58
N GLN E 917 -58.55 16.57 22.85
CA GLN E 917 -58.35 15.33 22.09
C GLN E 917 -58.74 15.44 20.60
N LYS E 918 -59.71 16.31 20.28
CA LYS E 918 -60.02 16.56 18.87
C LYS E 918 -58.96 17.42 18.20
N LEU E 919 -58.22 18.22 18.96
CA LEU E 919 -57.16 19.04 18.39
C LEU E 919 -55.84 18.29 18.27
N ILE E 920 -55.71 17.13 18.94
CA ILE E 920 -54.50 16.32 18.80
C ILE E 920 -54.51 15.59 17.46
N ALA E 921 -55.70 15.26 16.96
CA ALA E 921 -55.82 14.52 15.69
C ALA E 921 -55.51 15.41 14.49
N ASN E 922 -55.64 16.72 14.64
CA ASN E 922 -55.16 17.63 13.61
C ASN E 922 -53.65 17.84 13.69
N GLN E 923 -53.08 17.80 14.90
CA GLN E 923 -51.65 18.04 15.06
C GLN E 923 -50.82 16.80 14.75
N PHE E 924 -51.28 15.62 15.16
CA PHE E 924 -50.45 14.42 15.03
C PHE E 924 -50.48 13.87 13.62
N ASN E 925 -51.62 14.00 12.93
CA ASN E 925 -51.72 13.47 11.57
C ASN E 925 -51.03 14.38 10.56
N SER E 926 -50.97 15.67 10.84
CA SER E 926 -50.26 16.59 9.94
C SER E 926 -48.75 16.55 10.16
N ALA E 927 -48.30 16.19 11.35
CA ALA E 927 -46.87 16.13 11.61
C ALA E 927 -46.25 14.87 11.01
N ILE E 928 -47.00 13.77 10.95
CA ILE E 928 -46.50 12.55 10.36
C ILE E 928 -46.62 12.61 8.83
N GLY E 929 -47.48 13.49 8.31
CA GLY E 929 -47.57 13.68 6.87
C GLY E 929 -46.44 14.50 6.30
N LYS E 930 -45.80 15.32 7.13
CA LYS E 930 -44.62 16.06 6.69
C LYS E 930 -43.38 15.18 6.66
N ILE E 931 -43.39 14.08 7.40
CA ILE E 931 -42.27 13.13 7.36
C ILE E 931 -42.32 12.32 6.06
N GLN E 932 -43.54 11.98 5.61
CA GLN E 932 -43.71 11.21 4.38
C GLN E 932 -43.41 12.06 3.15
N ASP E 933 -43.71 13.36 3.22
CA ASP E 933 -43.41 14.26 2.10
C ASP E 933 -41.94 14.62 2.04
N SER E 934 -41.23 14.57 3.16
CA SER E 934 -39.82 14.93 3.17
C SER E 934 -38.95 13.80 2.65
N LEU E 935 -39.32 12.55 2.94
CA LEU E 935 -38.53 11.41 2.48
C LEU E 935 -38.73 11.12 1.00
N SER E 936 -39.89 11.49 0.45
CA SER E 936 -40.13 11.31 -0.97
C SER E 936 -39.43 12.37 -1.81
N SER E 937 -39.45 13.63 -1.37
CA SER E 937 -38.84 14.71 -2.13
C SER E 937 -37.32 14.72 -1.94
N THR E 938 -36.86 14.59 -0.71
CA THR E 938 -35.44 14.71 -0.38
C THR E 938 -34.90 13.36 0.08
N ALA E 939 -33.85 12.88 -0.60
CA ALA E 939 -33.17 11.66 -0.23
C ALA E 939 -31.96 11.89 0.67
N SER E 940 -31.71 13.14 1.08
CA SER E 940 -30.51 13.48 1.84
C SER E 940 -30.59 13.06 3.31
N ALA E 941 -31.78 12.73 3.82
CA ALA E 941 -31.89 12.29 5.20
C ALA E 941 -31.41 10.85 5.37
N LEU E 942 -31.46 10.05 4.30
CA LEU E 942 -31.00 8.67 4.31
C LEU E 942 -29.54 8.54 3.90
N GLY E 943 -28.82 9.67 3.75
CA GLY E 943 -27.45 9.65 3.28
C GLY E 943 -26.43 9.11 4.27
N LYS E 944 -26.80 8.97 5.53
CA LYS E 944 -25.94 8.27 6.49
C LYS E 944 -25.91 6.78 6.19
N LEU E 945 -27.03 6.21 5.75
CA LEU E 945 -27.06 4.82 5.32
C LEU E 945 -26.49 4.64 3.93
N GLN E 946 -26.50 5.71 3.11
CA GLN E 946 -25.91 5.63 1.79
C GLN E 946 -24.39 5.64 1.84
N ASP E 947 -23.80 6.17 2.92
CA ASP E 947 -22.35 6.12 3.07
C ASP E 947 -21.86 4.73 3.43
N VAL E 948 -22.72 3.94 4.11
CA VAL E 948 -22.39 2.57 4.50
C VAL E 948 -22.28 1.67 3.28
N VAL E 949 -23.11 1.94 2.27
CA VAL E 949 -22.91 1.35 0.95
C VAL E 949 -21.67 1.92 0.29
N ASN E 950 -21.43 3.23 0.46
CA ASN E 950 -20.32 3.89 -0.26
C ASN E 950 -18.97 3.63 0.40
N HIS E 951 -18.94 3.35 1.70
CA HIS E 951 -17.67 2.95 2.32
C HIS E 951 -17.31 1.51 1.95
N ASN E 952 -18.31 0.66 1.70
CA ASN E 952 -18.02 -0.70 1.25
C ASN E 952 -17.72 -0.75 -0.24
N ALA E 953 -18.30 0.15 -1.03
CA ALA E 953 -18.08 0.12 -2.48
C ALA E 953 -16.72 0.70 -2.86
N GLN E 954 -16.27 1.75 -2.16
CA GLN E 954 -14.98 2.34 -2.47
C GLN E 954 -13.83 1.50 -1.91
N ALA E 955 -14.10 0.66 -0.92
CA ALA E 955 -13.06 -0.23 -0.40
C ALA E 955 -12.84 -1.42 -1.32
N LEU E 956 -13.91 -1.92 -1.95
CA LEU E 956 -13.76 -3.05 -2.86
C LEU E 956 -13.22 -2.62 -4.22
N ASN E 957 -13.55 -1.40 -4.66
CA ASN E 957 -13.11 -0.94 -5.97
C ASN E 957 -11.65 -0.51 -5.95
N THR E 958 -11.15 -0.12 -4.78
CA THR E 958 -9.72 0.21 -4.66
C THR E 958 -8.89 -1.06 -4.52
N LEU E 959 -9.48 -2.11 -3.92
CA LEU E 959 -8.74 -3.35 -3.68
C LEU E 959 -8.58 -4.16 -4.96
N VAL E 960 -9.52 -4.05 -5.89
CA VAL E 960 -9.40 -4.77 -7.15
C VAL E 960 -8.50 -4.06 -8.16
N LYS E 961 -8.11 -2.81 -7.89
CA LYS E 961 -7.16 -2.11 -8.75
C LYS E 961 -5.72 -2.32 -8.33
N GLN E 962 -5.46 -3.16 -7.32
CA GLN E 962 -4.10 -3.47 -6.91
C GLN E 962 -3.38 -4.38 -7.89
N LEU E 963 -4.13 -5.16 -8.69
CA LEU E 963 -3.50 -6.11 -9.60
C LEU E 963 -2.96 -5.45 -10.85
N SER E 964 -3.42 -4.24 -11.18
CA SER E 964 -2.97 -3.56 -12.39
C SER E 964 -1.58 -2.96 -12.21
N SER E 965 -1.28 -2.47 -11.00
CA SER E 965 0.02 -1.88 -10.74
C SER E 965 1.08 -2.96 -10.57
N LYS E 966 2.30 -2.63 -10.99
CA LYS E 966 3.34 -3.64 -11.18
C LYS E 966 4.20 -3.85 -9.93
N PHE E 967 4.03 -3.04 -8.88
CA PHE E 967 4.68 -3.15 -7.56
C PHE E 967 6.20 -3.08 -7.63
N GLY E 968 6.76 -2.39 -8.63
CA GLY E 968 8.19 -2.37 -8.85
C GLY E 968 8.72 -3.47 -9.74
N ALA E 969 7.98 -4.57 -9.92
CA ALA E 969 8.37 -5.64 -10.81
C ALA E 969 8.16 -5.23 -12.26
N ILE E 970 8.78 -6.00 -13.16
CA ILE E 970 8.71 -5.72 -14.60
C ILE E 970 7.31 -6.00 -15.14
N SER E 971 6.78 -7.19 -14.86
CA SER E 971 5.44 -7.54 -15.28
C SER E 971 4.59 -7.90 -14.07
N SER E 972 3.38 -7.37 -14.04
CA SER E 972 2.44 -7.62 -12.94
C SER E 972 1.71 -8.95 -13.08
N VAL E 973 1.75 -9.57 -14.25
CA VAL E 973 1.11 -10.86 -14.50
C VAL E 973 2.04 -11.96 -14.00
N LEU E 974 1.49 -12.89 -13.21
CA LEU E 974 2.28 -14.01 -12.70
C LEU E 974 2.62 -15.01 -13.80
N ASN E 975 1.81 -15.09 -14.85
CA ASN E 975 2.13 -15.96 -15.97
C ASN E 975 3.22 -15.35 -16.85
N ASP E 976 3.38 -14.03 -16.82
CA ASP E 976 4.39 -13.39 -17.65
C ASP E 976 5.77 -13.42 -16.99
N ILE E 977 5.83 -13.71 -15.69
CA ILE E 977 7.14 -13.88 -15.04
C ILE E 977 7.68 -15.27 -15.34
N PHE E 978 6.81 -16.28 -15.28
CA PHE E 978 7.21 -17.67 -15.47
C PHE E 978 7.53 -17.98 -16.94
N SER E 979 6.96 -17.24 -17.89
CA SER E 979 7.18 -17.51 -19.30
C SER E 979 8.30 -16.69 -19.92
N ARG E 980 8.99 -15.85 -19.15
CA ARG E 980 10.02 -14.98 -19.72
C ARG E 980 11.37 -15.14 -19.02
N LEU E 981 11.41 -14.78 -17.75
CA LEU E 981 12.67 -14.69 -17.00
C LEU E 981 13.20 -16.07 -16.64
N ASP E 982 14.48 -16.08 -16.24
CA ASP E 982 15.17 -17.28 -15.75
C ASP E 982 14.51 -17.79 -14.47
N PRO E 983 14.56 -19.11 -14.22
CA PRO E 983 13.99 -19.67 -12.97
C PRO E 983 14.73 -19.25 -11.69
N PRO E 984 16.03 -18.90 -11.69
CA PRO E 984 16.50 -18.08 -10.55
C PRO E 984 15.94 -16.66 -10.55
N GLU E 985 15.75 -16.03 -11.71
CA GLU E 985 15.29 -14.66 -11.75
C GLU E 985 13.78 -14.55 -11.55
N ALA E 986 13.02 -15.63 -11.79
CA ALA E 986 11.58 -15.56 -11.63
C ALA E 986 11.17 -15.64 -10.16
N GLU E 987 12.03 -16.24 -9.31
CA GLU E 987 11.68 -16.39 -7.91
C GLU E 987 11.84 -15.08 -7.14
N VAL E 988 12.60 -14.13 -7.68
CA VAL E 988 12.66 -12.80 -7.09
C VAL E 988 11.39 -12.01 -7.44
N GLN E 989 10.98 -12.07 -8.71
CA GLN E 989 9.93 -11.17 -9.21
C GLN E 989 8.54 -11.64 -8.81
N ILE E 990 8.37 -12.95 -8.57
CA ILE E 990 7.12 -13.45 -8.01
C ILE E 990 6.99 -13.05 -6.54
N ASP E 991 8.09 -13.11 -5.80
CA ASP E 991 8.09 -12.74 -4.39
C ASP E 991 8.01 -11.23 -4.15
N ARG E 992 8.24 -10.40 -5.17
CA ARG E 992 7.99 -8.97 -5.03
C ARG E 992 6.51 -8.65 -5.12
N LEU E 993 5.75 -9.44 -5.90
CA LEU E 993 4.32 -9.15 -6.04
C LEU E 993 3.52 -9.65 -4.86
N ILE E 994 3.91 -10.79 -4.29
CA ILE E 994 3.18 -11.38 -3.16
C ILE E 994 3.44 -10.57 -1.89
N THR E 995 4.63 -9.96 -1.80
CA THR E 995 4.90 -8.97 -0.76
C THR E 995 4.07 -7.72 -0.97
N GLY E 996 3.83 -7.34 -2.23
CA GLY E 996 2.98 -6.18 -2.50
C GLY E 996 1.51 -6.47 -2.33
N ARG E 997 1.07 -7.69 -2.62
CA ARG E 997 -0.35 -8.02 -2.49
C ARG E 997 -0.76 -8.28 -1.04
N LEU E 998 0.15 -8.79 -0.21
CA LEU E 998 -0.20 -9.02 1.19
C LEU E 998 -0.14 -7.75 2.01
N GLN E 999 0.56 -6.71 1.53
CA GLN E 999 0.48 -5.41 2.20
C GLN E 999 -0.83 -4.70 1.86
N SER E 1000 -1.34 -4.91 0.64
CA SER E 1000 -2.62 -4.33 0.28
C SER E 1000 -3.78 -5.11 0.88
N LEU E 1001 -3.58 -6.40 1.15
CA LEU E 1001 -4.65 -7.21 1.74
C LEU E 1001 -4.77 -6.96 3.24
N GLN E 1002 -3.63 -6.79 3.93
CA GLN E 1002 -3.63 -6.51 5.36
C GLN E 1002 -4.12 -5.10 5.65
N THR E 1003 -3.97 -4.19 4.69
CA THR E 1003 -4.54 -2.84 4.82
C THR E 1003 -6.07 -2.89 4.74
N TYR E 1004 -6.62 -3.79 3.94
CA TYR E 1004 -8.07 -3.89 3.78
C TYR E 1004 -8.72 -4.55 5.00
N VAL E 1005 -8.04 -5.50 5.63
CA VAL E 1005 -8.56 -6.15 6.83
C VAL E 1005 -8.49 -5.19 8.02
N THR E 1006 -7.47 -4.32 8.04
CA THR E 1006 -7.32 -3.33 9.10
C THR E 1006 -8.38 -2.23 9.01
N GLN E 1007 -8.66 -1.75 7.78
CA GLN E 1007 -9.63 -0.66 7.60
C GLN E 1007 -11.07 -1.14 7.79
N GLN E 1008 -11.36 -2.40 7.49
CA GLN E 1008 -12.71 -2.91 7.72
C GLN E 1008 -12.96 -3.23 9.19
N LEU E 1009 -11.91 -3.57 9.95
CA LEU E 1009 -12.08 -3.90 11.36
C LEU E 1009 -12.26 -2.65 12.21
N ILE E 1010 -11.67 -1.52 11.79
CA ILE E 1010 -11.89 -0.25 12.47
C ILE E 1010 -13.31 0.25 12.19
N ARG E 1011 -13.80 0.04 10.96
CA ARG E 1011 -15.20 0.34 10.65
C ARG E 1011 -16.15 -0.68 11.26
N ALA E 1012 -15.67 -1.88 11.59
CA ALA E 1012 -16.47 -2.82 12.37
C ALA E 1012 -16.60 -2.37 13.82
N ALA E 1013 -15.58 -1.69 14.35
CA ALA E 1013 -15.67 -1.15 15.71
C ALA E 1013 -16.52 0.11 15.76
N GLU E 1014 -16.56 0.89 14.69
CA GLU E 1014 -17.40 2.07 14.67
C GLU E 1014 -18.87 1.71 14.45
N ILE E 1015 -19.14 0.59 13.77
CA ILE E 1015 -20.52 0.17 13.57
C ILE E 1015 -20.99 -0.66 14.76
N ARG E 1016 -20.06 -1.11 15.62
CA ARG E 1016 -20.45 -1.78 16.86
C ARG E 1016 -20.91 -0.77 17.89
N ALA E 1017 -20.24 0.39 17.96
CA ALA E 1017 -20.61 1.42 18.93
C ALA E 1017 -21.88 2.14 18.51
N SER E 1018 -22.17 2.18 17.20
CA SER E 1018 -23.44 2.76 16.76
C SER E 1018 -24.60 1.80 16.98
N ALA E 1019 -24.34 0.49 16.91
CA ALA E 1019 -25.38 -0.49 17.15
C ALA E 1019 -25.66 -0.65 18.64
N ASN E 1020 -24.68 -0.35 19.49
CA ASN E 1020 -24.92 -0.33 20.92
C ASN E 1020 -25.73 0.89 21.32
N LEU E 1021 -25.59 1.99 20.58
CA LEU E 1021 -26.49 3.12 20.78
C LEU E 1021 -27.86 2.84 20.16
N ALA E 1022 -27.90 2.05 19.08
CA ALA E 1022 -29.17 1.72 18.45
C ALA E 1022 -29.95 0.70 19.27
N ALA E 1023 -29.25 -0.15 20.03
CA ALA E 1023 -29.93 -1.03 20.97
C ALA E 1023 -30.35 -0.29 22.23
N THR E 1024 -29.72 0.85 22.51
CA THR E 1024 -30.08 1.65 23.68
C THR E 1024 -31.38 2.41 23.42
N LYS E 1025 -31.58 2.89 22.18
CA LYS E 1025 -32.79 3.63 21.84
C LYS E 1025 -34.02 2.73 21.78
N MET E 1026 -33.84 1.44 21.49
CA MET E 1026 -34.95 0.51 21.53
C MET E 1026 -35.35 0.21 22.97
N SER E 1027 -34.36 0.10 23.86
CA SER E 1027 -34.62 -0.21 25.26
C SER E 1027 -35.12 1.00 26.05
N GLU E 1028 -34.91 2.22 25.55
CA GLU E 1028 -35.31 3.43 26.26
C GLU E 1028 -36.46 4.15 25.55
N CYS E 1029 -36.24 4.59 24.31
CA CYS E 1029 -37.21 5.48 23.65
C CYS E 1029 -38.41 4.70 23.13
N VAL E 1030 -38.25 3.41 22.85
CA VAL E 1030 -39.29 2.61 22.20
C VAL E 1030 -40.08 1.82 23.23
N LEU E 1031 -39.41 0.91 23.94
CA LEU E 1031 -40.06 -0.01 24.86
C LEU E 1031 -40.51 0.61 26.18
N GLY E 1032 -40.16 1.86 26.45
CA GLY E 1032 -40.58 2.50 27.68
C GLY E 1032 -40.67 4.00 27.50
N GLN E 1033 -41.00 4.68 28.60
CA GLN E 1033 -41.06 6.13 28.64
C GLN E 1033 -39.74 6.66 29.16
N SER E 1034 -39.16 7.61 28.46
CA SER E 1034 -37.86 8.18 28.82
C SER E 1034 -38.00 9.66 29.16
N LYS E 1035 -37.41 10.05 30.29
CA LYS E 1035 -37.43 11.42 30.75
C LYS E 1035 -36.22 12.21 30.30
N ARG E 1036 -35.37 11.65 29.45
CA ARG E 1036 -34.12 12.26 29.07
C ARG E 1036 -34.33 13.43 28.12
N VAL E 1037 -33.33 14.32 28.06
CA VAL E 1037 -33.34 15.51 27.23
C VAL E 1037 -32.31 15.32 26.14
N ASP E 1038 -32.76 15.46 24.86
CA ASP E 1038 -31.95 15.37 23.64
C ASP E 1038 -31.26 14.01 23.48
N PHE E 1039 -31.93 12.96 23.94
CA PHE E 1039 -31.53 11.58 23.72
C PHE E 1039 -32.51 10.99 22.72
N CYS E 1040 -33.79 11.00 23.08
CA CYS E 1040 -34.89 10.53 22.28
C CYS E 1040 -35.43 11.58 21.31
N GLY E 1041 -34.75 12.72 21.18
CA GLY E 1041 -35.19 13.84 20.38
C GLY E 1041 -35.53 15.05 21.22
N LYS E 1042 -35.70 16.18 20.53
CA LYS E 1042 -35.79 17.48 21.18
C LYS E 1042 -37.16 17.67 21.84
N GLY E 1043 -37.14 18.01 23.13
CA GLY E 1043 -38.35 18.20 23.90
C GLY E 1043 -38.64 17.02 24.81
N TYR E 1044 -39.83 17.06 25.40
CA TYR E 1044 -40.26 15.99 26.29
C TYR E 1044 -40.71 14.79 25.47
N HIS E 1045 -40.33 13.59 25.92
CA HIS E 1045 -40.49 12.39 25.11
C HIS E 1045 -41.78 11.66 25.45
N LEU E 1046 -42.45 11.17 24.41
CA LEU E 1046 -43.63 10.33 24.55
C LEU E 1046 -43.33 8.87 24.20
N MET E 1047 -42.90 8.60 22.97
CA MET E 1047 -42.75 7.26 22.41
C MET E 1047 -42.04 7.39 21.06
N SER E 1048 -41.53 6.26 20.58
CA SER E 1048 -40.71 6.22 19.38
C SER E 1048 -41.17 5.08 18.48
N PHE E 1049 -41.13 5.32 17.18
CA PHE E 1049 -41.59 4.36 16.18
C PHE E 1049 -40.41 3.91 15.31
N PRO E 1050 -39.92 2.68 15.45
CA PRO E 1050 -38.87 2.20 14.55
C PRO E 1050 -39.40 1.79 13.19
N GLN E 1051 -38.55 1.93 12.19
CA GLN E 1051 -38.88 1.55 10.81
C GLN E 1051 -37.74 0.72 10.24
N SER E 1052 -38.06 -0.16 9.29
CA SER E 1052 -37.04 -0.99 8.68
C SER E 1052 -36.26 -0.20 7.63
N ALA E 1053 -34.95 -0.42 7.62
CA ALA E 1053 -34.02 0.31 6.78
C ALA E 1053 -32.90 -0.61 6.34
N PRO E 1054 -32.36 -0.42 5.13
CA PRO E 1054 -31.16 -1.21 4.75
C PRO E 1054 -29.94 -0.73 5.51
N HIS E 1055 -29.20 -1.70 6.07
CA HIS E 1055 -27.97 -1.53 6.87
C HIS E 1055 -28.17 -0.60 8.09
N GLY E 1056 -29.35 -0.61 8.68
CA GLY E 1056 -29.64 0.30 9.76
C GLY E 1056 -31.10 0.28 10.13
N VAL E 1057 -31.53 1.34 10.82
CA VAL E 1057 -32.89 1.46 11.33
C VAL E 1057 -33.26 2.95 11.35
N VAL E 1058 -34.52 3.24 11.04
CA VAL E 1058 -35.04 4.61 11.02
C VAL E 1058 -36.03 4.76 12.18
N PHE E 1059 -35.76 5.73 13.05
CA PHE E 1059 -36.58 6.00 14.23
C PHE E 1059 -37.50 7.18 13.93
N LEU E 1060 -38.76 7.05 14.32
CA LEU E 1060 -39.73 8.14 14.26
C LEU E 1060 -40.12 8.49 15.69
N HIS E 1061 -39.67 9.65 16.16
CA HIS E 1061 -39.87 10.05 17.55
C HIS E 1061 -41.06 10.99 17.62
N VAL E 1062 -41.88 10.81 18.65
CA VAL E 1062 -43.02 11.69 18.94
C VAL E 1062 -42.65 12.55 20.14
N THR E 1063 -42.54 13.85 19.92
CA THR E 1063 -42.03 14.77 20.92
C THR E 1063 -43.09 15.77 21.34
N TYR E 1064 -42.91 16.33 22.54
CA TYR E 1064 -43.85 17.26 23.14
C TYR E 1064 -43.17 18.62 23.24
N VAL E 1065 -43.60 19.56 22.39
CA VAL E 1065 -42.97 20.87 22.25
C VAL E 1065 -43.99 21.94 22.63
N PRO E 1066 -43.72 22.77 23.65
CA PRO E 1066 -44.56 23.94 23.89
C PRO E 1066 -44.30 25.03 22.85
N ALA E 1067 -45.35 25.78 22.53
CA ALA E 1067 -45.33 26.70 21.40
C ALA E 1067 -45.28 28.17 21.83
N GLN E 1068 -46.38 28.73 22.30
CA GLN E 1068 -46.47 30.15 22.57
C GLN E 1068 -46.43 30.41 24.07
N GLU E 1069 -45.84 31.55 24.44
CA GLU E 1069 -45.57 31.88 25.83
C GLU E 1069 -46.29 33.17 26.21
N LYS E 1070 -46.57 33.32 27.51
CA LYS E 1070 -47.20 34.52 28.02
C LYS E 1070 -46.61 34.83 29.40
N ASN E 1071 -46.27 36.09 29.64
CA ASN E 1071 -45.62 36.49 30.87
C ASN E 1071 -46.64 36.65 32.01
N PHE E 1072 -46.35 36.02 33.13
CA PHE E 1072 -47.21 36.02 34.32
C PHE E 1072 -46.44 36.58 35.51
N THR E 1073 -47.19 36.95 36.56
CA THR E 1073 -46.60 37.50 37.77
C THR E 1073 -46.55 36.42 38.85
N THR E 1074 -45.35 36.15 39.37
CA THR E 1074 -45.12 35.08 40.33
C THR E 1074 -44.68 35.65 41.67
N ALA E 1075 -44.44 34.73 42.62
CA ALA E 1075 -44.12 34.94 44.04
C ALA E 1075 -43.79 33.60 44.67
N PRO E 1076 -42.79 33.54 45.57
CA PRO E 1076 -42.44 32.26 46.21
C PRO E 1076 -43.48 31.75 47.19
N ALA E 1077 -44.13 32.62 47.96
CA ALA E 1077 -45.03 32.18 49.01
C ALA E 1077 -46.17 33.16 49.17
N ILE E 1078 -47.24 32.69 49.82
CA ILE E 1078 -48.45 33.45 50.07
C ILE E 1078 -48.69 33.52 51.57
N CYS E 1079 -48.77 34.72 52.11
CA CYS E 1079 -48.99 34.93 53.54
C CYS E 1079 -50.47 35.17 53.80
N HIS E 1080 -51.04 34.39 54.73
CA HIS E 1080 -52.47 34.53 55.07
C HIS E 1080 -52.65 34.81 56.56
N ASP E 1081 -52.51 33.81 57.43
CA ASP E 1081 -52.77 33.95 58.85
C ASP E 1081 -51.52 34.27 59.66
N GLY E 1082 -50.39 34.49 59.01
CA GLY E 1082 -49.11 34.60 59.67
C GLY E 1082 -48.20 33.42 59.42
N LYS E 1083 -48.72 32.36 58.80
CA LYS E 1083 -47.91 31.21 58.40
C LYS E 1083 -47.79 31.22 56.88
N ALA E 1084 -46.60 30.87 56.38
CA ALA E 1084 -46.35 30.91 54.95
C ALA E 1084 -46.96 29.69 54.26
N HIS E 1085 -47.68 29.95 53.16
CA HIS E 1085 -48.27 28.89 52.35
C HIS E 1085 -47.39 28.69 51.12
N PHE E 1086 -46.69 27.57 51.09
CA PHE E 1086 -45.79 27.07 50.06
C PHE E 1086 -46.56 26.20 49.07
N PRO E 1087 -46.22 26.27 47.78
CA PRO E 1087 -46.91 25.43 46.79
C PRO E 1087 -46.50 23.96 46.91
N ARG E 1088 -47.50 23.08 46.85
CA ARG E 1088 -47.23 21.64 46.85
C ARG E 1088 -46.95 21.16 45.43
N GLU E 1089 -47.95 21.27 44.56
CA GLU E 1089 -47.81 20.96 43.15
C GLU E 1089 -48.21 22.19 42.35
N GLY E 1090 -47.34 22.62 41.44
CA GLY E 1090 -47.65 23.72 40.55
C GLY E 1090 -46.95 25.01 40.91
N VAL E 1091 -47.36 26.08 40.23
CA VAL E 1091 -46.72 27.38 40.29
C VAL E 1091 -47.75 28.41 40.76
N PHE E 1092 -47.24 29.58 41.16
CA PHE E 1092 -48.09 30.72 41.49
C PHE E 1092 -48.03 31.72 40.34
N VAL E 1093 -49.19 32.00 39.74
CA VAL E 1093 -49.30 32.96 38.65
C VAL E 1093 -50.29 34.04 39.04
N SER E 1094 -50.23 35.16 38.33
CA SER E 1094 -51.17 36.25 38.53
C SER E 1094 -51.38 36.99 37.21
N ASN E 1095 -52.60 37.45 37.00
CA ASN E 1095 -52.94 38.25 35.83
C ASN E 1095 -52.83 39.75 36.09
N GLY E 1096 -52.36 40.15 37.27
CA GLY E 1096 -52.29 41.54 37.66
C GLY E 1096 -53.30 41.95 38.72
N THR E 1097 -54.25 41.07 39.06
CA THR E 1097 -55.26 41.37 40.07
C THR E 1097 -55.26 40.31 41.17
N HIS E 1098 -55.61 39.07 40.85
CA HIS E 1098 -55.67 37.99 41.83
C HIS E 1098 -54.58 36.95 41.54
N TRP E 1099 -54.11 36.30 42.60
CA TRP E 1099 -53.10 35.25 42.48
C TRP E 1099 -53.78 33.92 42.20
N PHE E 1100 -53.33 33.25 41.14
CA PHE E 1100 -53.92 31.99 40.70
C PHE E 1100 -52.90 30.87 40.86
N VAL E 1101 -53.40 29.66 41.05
CA VAL E 1101 -52.58 28.47 41.22
C VAL E 1101 -52.82 27.56 40.02
N THR E 1102 -51.79 27.36 39.20
CA THR E 1102 -51.83 26.45 38.08
C THR E 1102 -50.57 25.59 38.10
N GLN E 1103 -50.54 24.58 37.24
CA GLN E 1103 -49.42 23.65 37.23
C GLN E 1103 -48.25 24.23 36.43
N ARG E 1104 -47.18 23.43 36.33
CA ARG E 1104 -45.90 23.94 35.84
C ARG E 1104 -45.87 24.06 34.33
N ASN E 1105 -46.36 23.06 33.61
CA ASN E 1105 -46.23 23.01 32.16
C ASN E 1105 -47.42 23.63 31.42
N PHE E 1106 -48.52 23.93 32.11
CA PHE E 1106 -49.69 24.48 31.44
C PHE E 1106 -50.33 25.52 32.33
N TYR E 1107 -51.26 26.29 31.76
CA TYR E 1107 -51.99 27.32 32.48
C TYR E 1107 -53.45 26.88 32.62
N GLU E 1108 -53.84 26.48 33.82
CA GLU E 1108 -55.23 26.18 34.17
C GLU E 1108 -55.48 26.85 35.52
N PRO E 1109 -55.97 28.09 35.52
CA PRO E 1109 -56.06 28.86 36.77
C PRO E 1109 -57.16 28.36 37.71
N GLN E 1110 -56.82 28.24 38.98
CA GLN E 1110 -57.71 27.71 40.01
C GLN E 1110 -57.68 28.61 41.23
N ILE E 1111 -58.63 28.38 42.13
CA ILE E 1111 -58.64 29.09 43.40
C ILE E 1111 -57.55 28.52 44.32
N ILE E 1112 -57.18 29.31 45.32
CA ILE E 1112 -56.14 28.92 46.27
C ILE E 1112 -56.80 28.08 47.37
N THR E 1113 -56.38 26.83 47.48
CA THR E 1113 -56.95 25.89 48.44
C THR E 1113 -55.85 25.37 49.36
N THR E 1114 -56.28 24.80 50.49
CA THR E 1114 -55.33 24.23 51.44
C THR E 1114 -54.79 22.88 50.99
N ASP E 1115 -55.51 22.18 50.10
CA ASP E 1115 -55.03 20.90 49.60
C ASP E 1115 -53.95 21.09 48.55
N ASN E 1116 -53.96 22.21 47.84
CA ASN E 1116 -52.96 22.51 46.82
C ASN E 1116 -51.75 23.24 47.38
N THR E 1117 -51.80 23.69 48.63
CA THR E 1117 -50.70 24.41 49.25
C THR E 1117 -50.17 23.61 50.44
N PHE E 1118 -49.14 24.14 51.08
CA PHE E 1118 -48.51 23.50 52.23
C PHE E 1118 -48.10 24.58 53.22
N VAL E 1119 -48.33 24.31 54.50
CA VAL E 1119 -48.12 25.29 55.56
C VAL E 1119 -46.82 24.96 56.27
N SER E 1120 -45.83 25.83 56.14
CA SER E 1120 -44.57 25.71 56.89
C SER E 1120 -44.00 27.10 57.14
N GLY E 1121 -43.44 27.30 58.32
CA GLY E 1121 -42.79 28.55 58.66
C GLY E 1121 -43.75 29.70 58.90
N ASN E 1122 -43.16 30.86 59.18
CA ASN E 1122 -43.90 32.11 59.28
C ASN E 1122 -43.62 32.99 58.06
N CYS E 1123 -44.18 34.20 58.06
CA CYS E 1123 -44.08 35.09 56.91
C CYS E 1123 -42.85 36.00 56.96
N ASP E 1124 -42.01 35.86 57.98
CA ASP E 1124 -40.83 36.72 58.14
C ASP E 1124 -39.55 36.10 57.58
N VAL E 1125 -39.62 34.92 56.98
CA VAL E 1125 -38.45 34.24 56.46
C VAL E 1125 -38.28 34.55 54.98
N VAL E 1126 -39.29 34.17 54.17
CA VAL E 1126 -39.16 34.16 52.73
C VAL E 1126 -39.22 35.57 52.17
N ILE E 1127 -38.17 35.94 51.43
CA ILE E 1127 -38.10 37.24 50.76
C ILE E 1127 -38.97 37.18 49.51
N GLY E 1128 -39.92 38.11 49.39
CA GLY E 1128 -40.84 38.13 48.28
C GLY E 1128 -42.20 37.55 48.54
N ILE E 1129 -42.58 37.36 49.81
CA ILE E 1129 -43.87 36.78 50.15
C ILE E 1129 -44.95 37.85 49.98
N VAL E 1130 -46.12 37.43 49.50
CA VAL E 1130 -47.23 38.33 49.23
C VAL E 1130 -48.42 37.93 50.10
N ASN E 1131 -49.36 38.86 50.25
CA ASN E 1131 -50.52 38.67 51.12
C ASN E 1131 -51.77 38.45 50.27
N ASN E 1132 -52.44 37.32 50.50
CA ASN E 1132 -53.71 37.02 49.84
C ASN E 1132 -54.49 36.12 50.81
N THR E 1133 -55.73 35.79 50.44
CA THR E 1133 -56.60 34.94 51.24
C THR E 1133 -56.62 33.53 50.66
N VAL E 1134 -56.53 32.53 51.55
CA VAL E 1134 -56.55 31.12 51.17
C VAL E 1134 -57.95 30.59 51.45
N TYR E 1135 -58.61 30.09 50.41
CA TYR E 1135 -59.98 29.59 50.57
C TYR E 1135 -59.98 28.21 51.21
N ASP E 1136 -60.71 28.09 52.32
CA ASP E 1136 -60.87 26.83 53.03
C ASP E 1136 -62.14 26.17 52.51
N PRO E 1137 -62.08 24.95 51.96
CA PRO E 1137 -63.31 24.27 51.52
C PRO E 1137 -64.20 23.79 52.66
N LEU E 1138 -63.68 23.68 53.89
CA LEU E 1138 -64.50 23.27 55.02
C LEU E 1138 -65.43 24.38 55.51
N GLN E 1139 -65.10 25.64 55.22
CA GLN E 1139 -65.94 26.77 55.65
C GLN E 1139 -67.31 26.86 54.95
N PRO E 1140 -67.49 26.59 53.64
CA PRO E 1140 -68.87 26.46 53.15
C PRO E 1140 -69.59 25.19 53.60
N GLU E 1141 -68.87 24.16 54.06
CA GLU E 1141 -69.54 22.97 54.57
C GLU E 1141 -70.13 23.20 55.96
N LEU E 1142 -69.58 24.16 56.71
CA LEU E 1142 -70.12 24.48 58.02
C LEU E 1142 -71.37 25.34 57.92
N ASP E 1143 -71.50 26.13 56.86
CA ASP E 1143 -72.66 26.99 56.65
C ASP E 1143 -73.76 26.33 55.84
N SER E 1144 -73.57 25.07 55.43
CA SER E 1144 -74.57 24.36 54.65
C SER E 1144 -75.12 23.16 55.42
N GLN F 1 36.51 41.86 -21.44
CA GLN F 1 36.15 42.99 -20.59
C GLN F 1 34.65 43.24 -20.62
N VAL F 2 33.99 42.97 -19.49
CA VAL F 2 32.55 43.17 -19.38
C VAL F 2 32.27 44.64 -19.07
N GLN F 3 31.52 45.29 -19.95
CA GLN F 3 31.19 46.69 -19.80
C GLN F 3 29.72 46.91 -20.16
N LEU F 4 29.00 47.61 -19.31
CA LEU F 4 27.59 47.92 -19.51
C LEU F 4 27.45 49.21 -20.29
N GLN F 5 26.57 49.22 -21.29
CA GLN F 5 26.39 50.35 -22.18
C GLN F 5 24.98 50.90 -22.06
N GLN F 6 24.87 52.22 -21.94
CA GLN F 6 23.61 52.94 -21.85
C GLN F 6 23.66 54.15 -22.78
N PRO F 7 22.52 54.57 -23.31
CA PRO F 7 22.50 55.85 -24.06
C PRO F 7 22.64 57.04 -23.12
N GLY F 8 23.04 58.16 -23.72
CA GLY F 8 23.39 59.37 -22.97
C GLY F 8 22.24 60.09 -22.31
N ALA F 9 21.20 60.42 -23.08
CA ALA F 9 20.10 61.21 -22.53
C ALA F 9 18.80 60.80 -23.21
N GLU F 10 17.72 60.81 -22.42
CA GLU F 10 16.39 60.52 -22.92
C GLU F 10 15.46 61.67 -22.55
N LEU F 11 14.43 61.85 -23.37
CA LEU F 11 13.46 62.92 -23.18
C LEU F 11 12.05 62.33 -23.21
N VAL F 12 11.24 62.65 -22.19
CA VAL F 12 9.88 62.15 -22.09
C VAL F 12 9.04 63.21 -21.39
N ARG F 13 7.74 63.35 -21.82
CA ARG F 13 6.74 64.18 -21.19
C ARG F 13 6.15 63.47 -19.97
N PRO F 14 5.63 64.19 -18.97
CA PRO F 14 4.93 63.51 -17.87
C PRO F 14 3.58 62.93 -18.31
N GLY F 15 3.31 61.71 -17.88
CA GLY F 15 2.13 60.99 -18.27
C GLY F 15 2.37 59.89 -19.30
N ALA F 16 3.47 59.98 -20.04
CA ALA F 16 3.81 58.97 -21.05
C ALA F 16 4.71 57.92 -20.42
N SER F 17 5.26 57.04 -21.26
CA SER F 17 6.16 55.97 -20.83
C SER F 17 7.51 56.14 -21.49
N VAL F 18 8.58 55.82 -20.77
CA VAL F 18 9.94 55.90 -21.28
C VAL F 18 10.60 54.53 -21.09
N LYS F 19 11.49 54.17 -22.02
CA LYS F 19 12.16 52.88 -22.02
C LYS F 19 13.66 53.12 -22.10
N LEU F 20 14.42 52.41 -21.26
CA LEU F 20 15.87 52.52 -21.22
C LEU F 20 16.51 51.19 -21.59
N SER F 21 17.78 51.26 -22.01
CA SER F 21 18.51 50.10 -22.50
C SER F 21 19.82 49.95 -21.74
N CYS F 22 20.09 48.73 -21.27
CA CYS F 22 21.35 48.38 -20.63
C CYS F 22 21.89 47.13 -21.32
N LYS F 23 23.01 47.28 -22.03
CA LYS F 23 23.55 46.21 -22.85
C LYS F 23 24.74 45.56 -22.15
N ALA F 24 24.67 44.24 -21.96
CA ALA F 24 25.74 43.47 -21.35
C ALA F 24 26.47 42.67 -22.41
N SER F 25 27.79 42.55 -22.24
CA SER F 25 28.62 41.83 -23.19
C SER F 25 29.81 41.23 -22.48
N GLY F 26 30.35 40.15 -23.05
CA GLY F 26 31.50 39.47 -22.48
C GLY F 26 31.18 38.44 -21.41
N TYR F 27 29.91 38.26 -21.05
CA TYR F 27 29.52 37.33 -20.02
C TYR F 27 28.09 36.89 -20.33
N SER F 28 27.72 35.70 -19.84
CA SER F 28 26.41 35.12 -20.14
C SER F 28 25.30 35.85 -19.41
N PHE F 29 24.18 36.04 -20.10
CA PHE F 29 23.13 36.96 -19.65
C PHE F 29 22.29 36.40 -18.53
N THR F 30 22.09 35.09 -18.46
CA THR F 30 21.24 34.48 -17.45
C THR F 30 21.99 34.10 -16.17
N ARG F 31 23.29 34.37 -16.09
CA ARG F 31 24.09 33.95 -14.94
C ARG F 31 24.19 35.02 -13.85
N PHE F 32 23.74 36.24 -14.10
CA PHE F 32 23.80 37.31 -13.11
C PHE F 32 22.41 37.89 -12.92
N TRP F 33 22.29 38.85 -12.00
CA TRP F 33 21.08 39.63 -11.83
C TRP F 33 21.37 41.09 -12.13
N MET F 34 20.33 41.84 -12.46
CA MET F 34 20.45 43.24 -12.87
C MET F 34 19.80 44.15 -11.84
N ASN F 35 20.54 45.18 -11.43
CA ASN F 35 20.06 46.18 -10.49
C ASN F 35 19.98 47.53 -11.19
N TRP F 36 19.04 48.37 -10.75
CA TRP F 36 18.86 49.71 -11.29
C TRP F 36 19.02 50.74 -10.18
N VAL F 37 19.90 51.71 -10.40
CA VAL F 37 20.27 52.71 -9.40
C VAL F 37 19.85 54.08 -9.88
N LYS F 38 19.04 54.77 -9.08
CA LYS F 38 18.56 56.12 -9.36
C LYS F 38 19.40 57.13 -8.59
N GLN F 39 19.93 58.13 -9.28
CA GLN F 39 20.68 59.20 -8.64
C GLN F 39 20.01 60.54 -8.92
N ARG F 40 19.40 61.12 -7.89
CA ARG F 40 18.93 62.50 -7.89
C ARG F 40 20.00 63.38 -7.27
N PRO F 41 20.34 64.53 -7.87
CA PRO F 41 21.40 65.37 -7.31
C PRO F 41 21.02 66.03 -5.99
N GLY F 42 21.90 65.88 -5.01
CA GLY F 42 21.71 66.40 -3.67
C GLY F 42 21.00 65.47 -2.70
N GLN F 43 20.17 64.55 -3.21
CA GLN F 43 19.55 63.55 -2.34
C GLN F 43 20.46 62.35 -2.15
N GLY F 44 21.23 61.97 -3.18
CA GLY F 44 22.02 60.78 -3.15
C GLY F 44 21.42 59.67 -3.98
N LEU F 45 21.99 58.48 -3.82
CA LEU F 45 21.58 57.33 -4.61
C LEU F 45 20.29 56.72 -4.07
N GLU F 46 19.45 56.24 -4.98
CA GLU F 46 18.20 55.55 -4.63
C GLU F 46 18.14 54.23 -5.39
N TRP F 47 17.43 53.26 -4.81
CA TRP F 47 17.38 51.92 -5.37
C TRP F 47 16.03 51.65 -6.03
N ILE F 48 16.06 51.36 -7.33
CA ILE F 48 14.82 51.18 -8.09
C ILE F 48 14.30 49.76 -7.92
N GLY F 49 15.05 48.78 -8.41
CA GLY F 49 14.58 47.41 -8.37
C GLY F 49 15.62 46.45 -8.89
N MET F 50 15.34 45.15 -8.70
CA MET F 50 16.24 44.07 -9.05
C MET F 50 15.43 42.93 -9.67
N ILE F 51 15.90 42.42 -10.80
CA ILE F 51 15.18 41.44 -11.59
C ILE F 51 16.10 40.27 -11.94
N HIS F 52 15.61 39.04 -11.73
CA HIS F 52 16.24 37.84 -12.28
C HIS F 52 15.86 37.78 -13.76
N PRO F 53 16.83 37.85 -14.68
CA PRO F 53 16.48 37.86 -16.11
C PRO F 53 16.01 36.51 -16.66
N SER F 54 16.41 35.39 -16.05
CA SER F 54 16.06 34.10 -16.63
C SER F 54 14.63 33.70 -16.31
N ASP F 55 14.19 33.95 -15.07
CA ASP F 55 12.85 33.60 -14.64
C ASP F 55 11.83 34.70 -14.94
N SER F 56 12.33 35.91 -15.28
CA SER F 56 11.57 37.18 -15.35
C SER F 56 10.78 37.45 -14.07
N GLU F 57 11.45 37.38 -12.93
CA GLU F 57 10.84 37.66 -11.63
C GLU F 57 11.44 38.95 -11.09
N THR F 58 10.59 39.83 -10.57
CA THR F 58 10.98 41.17 -10.18
C THR F 58 10.95 41.35 -8.67
N ARG F 59 11.86 42.17 -8.17
CA ARG F 59 11.88 42.65 -6.79
C ARG F 59 11.88 44.16 -6.82
N LEU F 60 10.91 44.79 -6.15
CA LEU F 60 10.74 46.22 -6.21
C LEU F 60 10.73 46.85 -4.83
N ASN F 61 10.97 48.15 -4.79
CA ASN F 61 10.87 48.94 -3.57
C ASN F 61 9.39 49.15 -3.25
N GLN F 62 9.11 49.45 -1.98
CA GLN F 62 7.72 49.63 -1.54
C GLN F 62 7.14 50.96 -2.03
N LYS F 63 7.96 52.01 -2.03
CA LYS F 63 7.54 53.30 -2.55
C LYS F 63 7.44 53.29 -4.08
N PHE F 64 8.28 52.50 -4.74
CA PHE F 64 8.41 52.47 -6.18
C PHE F 64 7.50 51.45 -6.86
N LYS F 65 6.54 50.88 -6.12
CA LYS F 65 5.52 50.00 -6.69
C LYS F 65 4.67 50.74 -7.73
N ASP F 66 4.48 50.07 -8.88
CA ASP F 66 3.68 50.42 -10.07
C ASP F 66 4.22 51.61 -10.88
N LYS F 67 5.28 52.26 -10.43
CA LYS F 67 5.91 53.30 -11.23
C LYS F 67 6.84 52.72 -12.30
N ALA F 68 7.59 51.68 -11.94
CA ALA F 68 8.55 51.07 -12.84
C ALA F 68 8.10 49.67 -13.23
N THR F 69 8.46 49.29 -14.46
CA THR F 69 8.19 47.95 -14.98
C THR F 69 9.48 47.41 -15.57
N LEU F 70 9.94 46.27 -15.05
CA LEU F 70 11.23 45.70 -15.42
C LEU F 70 11.02 44.50 -16.34
N THR F 71 11.60 44.57 -17.53
CA THR F 71 11.58 43.45 -18.46
C THR F 71 12.99 43.28 -19.03
N VAL F 72 13.25 42.08 -19.54
CA VAL F 72 14.57 41.71 -20.07
C VAL F 72 14.40 41.12 -21.46
N ASP F 73 15.52 41.05 -22.19
CA ASP F 73 15.59 40.39 -23.49
C ASP F 73 16.76 39.41 -23.43
N LYS F 74 16.46 38.12 -23.48
CA LYS F 74 17.52 37.10 -23.42
C LYS F 74 18.17 36.86 -24.77
N SER F 75 17.50 37.25 -25.86
CA SER F 75 18.05 36.99 -27.19
C SER F 75 19.15 38.00 -27.54
N SER F 76 18.94 39.27 -27.23
CA SER F 76 19.90 40.32 -27.54
C SER F 76 20.87 40.61 -26.40
N THR F 77 20.71 39.90 -25.27
CA THR F 77 21.43 40.09 -23.99
C THR F 77 21.40 41.54 -23.50
N THR F 78 20.19 42.10 -23.46
CA THR F 78 19.99 43.50 -23.15
C THR F 78 18.84 43.64 -22.16
N ALA F 79 19.09 44.28 -21.03
CA ALA F 79 18.09 44.49 -20.00
C ALA F 79 17.40 45.84 -20.19
N TYR F 80 16.11 45.89 -19.91
CA TYR F 80 15.29 47.06 -20.11
C TYR F 80 14.70 47.55 -18.80
N MET F 81 14.33 48.82 -18.76
CA MET F 81 13.59 49.41 -17.66
C MET F 81 12.54 50.34 -18.23
N GLN F 82 11.29 50.14 -17.82
CA GLN F 82 10.16 50.91 -18.33
C GLN F 82 9.48 51.65 -17.18
N LEU F 83 9.38 52.97 -17.30
CA LEU F 83 8.75 53.81 -16.29
C LEU F 83 7.35 54.19 -16.74
N SER F 84 6.42 54.27 -15.79
CA SER F 84 5.03 54.62 -16.06
C SER F 84 4.68 55.88 -15.30
N SER F 85 4.28 56.93 -16.05
CA SER F 85 3.86 58.26 -15.61
C SER F 85 4.87 58.96 -14.71
N PRO F 86 5.99 59.46 -15.24
CA PRO F 86 6.98 60.12 -14.37
C PRO F 86 6.54 61.52 -13.97
N THR F 87 7.10 62.00 -12.87
CA THR F 87 6.79 63.30 -12.30
C THR F 87 7.99 64.22 -12.39
N SER F 88 7.85 65.41 -11.81
CA SER F 88 8.95 66.38 -11.81
C SER F 88 10.07 65.98 -10.85
N GLU F 89 9.75 65.19 -9.82
CA GLU F 89 10.76 64.66 -8.93
C GLU F 89 11.41 63.39 -9.45
N ASP F 90 10.92 62.84 -10.56
CA ASP F 90 11.48 61.63 -11.13
C ASP F 90 12.60 61.90 -12.14
N SER F 91 12.97 63.15 -12.36
CA SER F 91 14.09 63.46 -13.23
C SER F 91 15.39 63.24 -12.46
N ALA F 92 16.20 62.31 -12.95
CA ALA F 92 17.36 61.83 -12.20
C ALA F 92 18.34 61.20 -13.17
N VAL F 93 19.39 60.60 -12.61
CA VAL F 93 20.41 59.88 -13.38
C VAL F 93 20.27 58.40 -13.08
N TYR F 94 20.03 57.61 -14.11
CA TYR F 94 19.78 56.17 -13.97
C TYR F 94 21.03 55.37 -14.33
N TYR F 95 21.32 54.36 -13.51
CA TYR F 95 22.43 53.45 -13.75
C TYR F 95 21.91 52.01 -13.78
N CYS F 96 22.69 51.13 -14.40
CA CYS F 96 22.46 49.69 -14.30
C CYS F 96 23.77 49.04 -13.86
N ALA F 97 23.66 47.99 -13.04
CA ALA F 97 24.83 47.38 -12.42
C ALA F 97 24.66 45.86 -12.34
N ARG F 98 25.74 45.14 -12.66
CA ARG F 98 25.79 43.71 -12.44
C ARG F 98 26.21 43.40 -11.02
N LYS F 99 25.43 42.56 -10.34
CA LYS F 99 25.73 42.14 -8.97
C LYS F 99 26.31 40.74 -9.01
N ASP F 100 27.60 40.62 -8.71
CA ASP F 100 28.25 39.33 -8.58
C ASP F 100 28.06 38.85 -7.14
N TYR F 101 27.53 37.65 -6.97
CA TYR F 101 27.24 37.11 -5.65
C TYR F 101 28.33 36.13 -5.26
N ASP F 102 29.21 36.54 -4.36
CA ASP F 102 30.03 35.62 -3.59
C ASP F 102 30.07 36.19 -2.18
N TYR F 103 29.49 35.44 -1.22
CA TYR F 103 29.14 35.88 0.14
C TYR F 103 28.29 37.16 0.02
N ASP F 104 28.84 38.30 0.41
CA ASP F 104 28.15 39.58 0.34
C ASP F 104 27.99 40.01 -1.13
N ALA F 105 26.91 40.76 -1.38
CA ALA F 105 26.61 41.26 -2.71
C ALA F 105 27.20 42.65 -2.88
N TRP F 106 28.06 42.81 -3.88
CA TRP F 106 28.64 44.10 -4.23
C TRP F 106 28.11 44.53 -5.59
N PHE F 107 28.59 45.68 -6.06
CA PHE F 107 28.30 46.17 -7.40
C PHE F 107 29.60 46.13 -8.18
N ALA F 108 29.72 45.17 -9.10
CA ALA F 108 30.99 44.95 -9.79
C ALA F 108 31.20 45.94 -10.92
N TYR F 109 30.22 46.10 -11.80
CA TYR F 109 30.35 46.88 -13.01
C TYR F 109 29.22 47.88 -13.10
N TRP F 110 29.40 48.90 -13.94
CA TRP F 110 28.46 50.01 -14.05
C TRP F 110 28.33 50.42 -15.51
N GLY F 111 27.30 51.23 -15.78
CA GLY F 111 27.07 51.74 -17.11
C GLY F 111 27.61 53.15 -17.30
N GLN F 112 27.33 53.71 -18.48
CA GLN F 112 27.81 55.04 -18.81
C GLN F 112 26.92 56.16 -18.25
N GLY F 113 25.70 55.83 -17.85
CA GLY F 113 24.79 56.80 -17.26
C GLY F 113 23.77 57.31 -18.26
N THR F 114 22.57 57.58 -17.76
CA THR F 114 21.48 58.10 -18.58
C THR F 114 20.75 59.19 -17.78
N LEU F 115 20.65 60.39 -18.35
CA LEU F 115 19.94 61.49 -17.73
C LEU F 115 18.60 61.66 -18.41
N VAL F 116 17.52 61.47 -17.64
CA VAL F 116 16.15 61.58 -18.14
C VAL F 116 15.55 62.86 -17.59
N THR F 117 15.17 63.77 -18.49
CA THR F 117 14.55 65.04 -18.12
C THR F 117 13.07 64.97 -18.44
N VAL F 118 12.24 65.13 -17.42
CA VAL F 118 10.78 65.05 -17.55
C VAL F 118 10.23 66.46 -17.54
N SER F 119 9.59 66.86 -18.64
CA SER F 119 9.08 68.19 -18.94
C SER F 119 8.29 68.12 -20.24
N ALA F 120 7.49 69.15 -20.48
CA ALA F 120 6.67 69.26 -21.68
C ALA F 120 7.34 70.07 -22.77
N ALA F 121 8.59 70.49 -22.58
CA ALA F 121 9.29 71.33 -23.53
C ALA F 121 9.73 70.54 -24.76
N LYS F 122 10.03 71.28 -25.82
CA LYS F 122 10.44 70.73 -27.10
C LYS F 122 11.91 71.03 -27.34
N THR F 123 12.54 70.20 -28.16
CA THR F 123 13.98 70.28 -28.40
C THR F 123 14.34 71.51 -29.22
N THR F 124 15.18 72.36 -28.65
CA THR F 124 15.60 73.62 -29.25
C THR F 124 17.06 73.51 -29.68
N PRO F 125 17.41 73.82 -30.92
CA PRO F 125 18.82 73.85 -31.32
C PRO F 125 19.54 75.03 -30.70
N PRO F 126 20.83 74.89 -30.35
CA PRO F 126 21.52 75.94 -29.59
C PRO F 126 21.91 77.13 -30.45
N SER F 127 22.00 78.29 -29.80
CA SER F 127 22.47 79.53 -30.40
C SER F 127 23.78 79.90 -29.71
N VAL F 128 24.87 79.83 -30.47
CA VAL F 128 26.23 79.99 -29.93
C VAL F 128 26.77 81.33 -30.37
N TYR F 129 27.24 82.13 -29.42
CA TYR F 129 27.81 83.43 -29.69
C TYR F 129 29.24 83.50 -29.13
N PRO F 130 30.17 84.13 -29.84
CA PRO F 130 31.53 84.26 -29.32
C PRO F 130 31.63 85.36 -28.27
N LEU F 131 32.67 85.25 -27.44
CA LEU F 131 32.96 86.24 -26.41
C LEU F 131 34.41 86.69 -26.56
N ALA F 132 34.61 87.97 -26.89
CA ALA F 132 35.93 88.55 -27.06
C ALA F 132 36.02 89.82 -26.22
N PRO F 133 37.17 90.10 -25.60
CA PRO F 133 37.32 91.36 -24.87
C PRO F 133 37.41 92.58 -25.76
N GLY F 134 37.94 92.45 -26.98
CA GLY F 134 38.04 93.54 -27.93
C GLY F 134 39.27 94.43 -27.78
N SER F 135 39.94 94.40 -26.64
CA SER F 135 41.12 95.22 -26.41
C SER F 135 41.98 94.53 -25.35
N ALA F 136 43.11 95.15 -25.01
CA ALA F 136 43.98 94.63 -23.99
C ALA F 136 44.67 95.79 -23.27
N ALA F 137 44.85 95.64 -21.96
CA ALA F 137 45.54 96.63 -21.15
C ALA F 137 47.01 96.28 -20.94
N GLN F 138 47.46 95.13 -21.49
CA GLN F 138 48.83 94.61 -21.43
C GLN F 138 49.34 94.39 -20.00
N THR F 139 48.43 94.02 -19.10
CA THR F 139 48.80 93.72 -17.71
C THR F 139 49.00 92.23 -17.47
N ASN F 140 48.77 91.39 -18.49
CA ASN F 140 48.93 89.95 -18.37
C ASN F 140 49.61 89.42 -19.62
N SER F 141 50.36 88.34 -19.46
CA SER F 141 51.10 87.72 -20.55
C SER F 141 50.30 86.66 -21.30
N MET F 142 49.10 86.32 -20.83
CA MET F 142 48.28 85.29 -21.45
C MET F 142 46.94 85.88 -21.85
N VAL F 143 46.29 85.23 -22.82
CA VAL F 143 45.06 85.74 -23.43
C VAL F 143 43.88 84.90 -22.97
N THR F 144 42.85 85.56 -22.45
CA THR F 144 41.63 84.92 -21.98
C THR F 144 40.53 85.10 -23.01
N LEU F 145 39.92 83.99 -23.44
CA LEU F 145 38.81 84.00 -24.39
C LEU F 145 37.68 83.12 -23.84
N GLY F 146 36.51 83.24 -24.47
CA GLY F 146 35.36 82.49 -24.03
C GLY F 146 34.30 82.34 -25.12
N CYS F 147 33.31 81.51 -24.81
CA CYS F 147 32.17 81.27 -25.67
C CYS F 147 30.89 81.41 -24.86
N LEU F 148 29.77 81.63 -25.56
CA LEU F 148 28.47 81.79 -24.93
C LEU F 148 27.49 80.82 -25.55
N VAL F 149 26.96 79.90 -24.74
CA VAL F 149 26.04 78.86 -25.19
C VAL F 149 24.70 79.06 -24.49
N LYS F 150 23.67 79.40 -25.26
CA LYS F 150 22.36 79.63 -24.68
C LYS F 150 21.29 79.15 -25.65
N GLY F 151 20.07 78.99 -25.11
CA GLY F 151 18.92 78.58 -25.89
C GLY F 151 18.95 77.16 -26.42
N TYR F 152 19.12 76.18 -25.54
CA TYR F 152 19.14 74.78 -25.95
C TYR F 152 18.37 73.95 -24.93
N PHE F 153 18.08 72.71 -25.33
CA PHE F 153 17.27 71.74 -24.59
C PHE F 153 17.33 70.42 -25.36
N PRO F 154 17.47 69.29 -24.67
CA PRO F 154 17.79 69.07 -23.25
C PRO F 154 19.28 69.17 -22.92
N GLU F 155 19.59 69.40 -21.65
CA GLU F 155 20.96 69.36 -21.14
C GLU F 155 21.36 67.88 -20.95
N PRO F 156 22.67 67.55 -21.00
CA PRO F 156 23.90 68.29 -21.31
C PRO F 156 24.16 68.50 -22.80
N VAL F 157 25.00 69.49 -23.11
CA VAL F 157 25.47 69.74 -24.47
C VAL F 157 26.99 69.57 -24.45
N THR F 158 27.55 69.18 -25.59
CA THR F 158 29.00 68.96 -25.69
C THR F 158 29.66 70.22 -26.24
N VAL F 159 30.50 70.84 -25.42
CA VAL F 159 31.24 72.06 -25.79
C VAL F 159 32.73 71.72 -25.80
N THR F 160 33.34 71.80 -26.98
CA THR F 160 34.76 71.53 -27.14
C THR F 160 35.47 72.77 -27.65
N TRP F 161 36.78 72.82 -27.44
CA TRP F 161 37.61 73.94 -27.85
C TRP F 161 38.50 73.47 -29.00
N ASN F 162 38.19 73.99 -30.21
CA ASN F 162 38.84 73.68 -31.51
C ASN F 162 38.82 72.17 -31.79
N SER F 163 37.61 71.60 -31.67
CA SER F 163 37.30 70.16 -31.78
C SER F 163 38.13 69.31 -30.81
N GLY F 164 38.28 69.81 -29.58
CA GLY F 164 39.04 69.09 -28.57
C GLY F 164 40.53 69.16 -28.73
N SER F 165 41.05 70.28 -29.23
CA SER F 165 42.50 70.41 -29.41
C SER F 165 43.20 70.75 -28.10
N LEU F 166 42.62 71.65 -27.30
CA LEU F 166 43.21 72.06 -26.03
C LEU F 166 42.46 71.39 -24.90
N SER F 167 43.13 70.44 -24.24
CA SER F 167 42.56 69.74 -23.10
C SER F 167 43.00 70.34 -21.76
N SER F 168 43.84 71.36 -21.78
CA SER F 168 44.35 71.99 -20.57
C SER F 168 43.99 73.46 -20.56
N GLY F 169 43.74 73.99 -19.36
CA GLY F 169 43.38 75.39 -19.21
C GLY F 169 41.96 75.72 -19.61
N VAL F 170 41.04 74.76 -19.51
CA VAL F 170 39.66 74.96 -19.90
C VAL F 170 38.78 74.81 -18.65
N HIS F 171 37.59 75.42 -18.72
CA HIS F 171 36.64 75.39 -17.62
C HIS F 171 35.25 75.12 -18.16
N THR F 172 34.53 74.20 -17.53
CA THR F 172 33.17 73.85 -17.90
C THR F 172 32.23 74.24 -16.76
N PHE F 173 31.18 75.02 -17.09
CA PHE F 173 30.30 75.61 -16.09
C PHE F 173 28.90 75.02 -16.23
N PRO F 174 28.16 74.86 -15.12
CA PRO F 174 26.83 74.24 -15.21
C PRO F 174 25.77 75.20 -15.76
N ALA F 175 24.73 74.62 -16.32
CA ALA F 175 23.64 75.36 -16.93
C ALA F 175 22.61 75.80 -15.89
N VAL F 176 22.00 76.96 -16.14
CA VAL F 176 20.96 77.52 -15.28
C VAL F 176 19.65 77.51 -16.06
N LEU F 177 18.60 76.97 -15.46
CA LEU F 177 17.30 76.87 -16.11
C LEU F 177 16.54 78.18 -15.95
N GLN F 178 16.29 78.85 -17.08
CA GLN F 178 15.45 80.05 -17.12
C GLN F 178 14.53 79.96 -18.32
N SER F 179 13.20 79.95 -18.04
CA SER F 179 12.10 79.98 -19.02
C SER F 179 12.15 78.82 -20.01
N ASP F 180 12.32 77.60 -19.48
CA ASP F 180 12.47 76.32 -20.20
C ASP F 180 13.65 76.34 -21.19
N LEU F 181 14.73 77.02 -20.81
CA LEU F 181 15.94 77.09 -21.62
C LEU F 181 17.16 76.89 -20.72
N TYR F 182 18.30 76.67 -21.35
CA TYR F 182 19.56 76.42 -20.64
C TYR F 182 20.64 77.35 -21.15
N THR F 183 21.46 77.87 -20.23
CA THR F 183 22.54 78.79 -20.57
C THR F 183 23.77 78.45 -19.76
N LEU F 184 24.89 78.26 -20.46
CA LEU F 184 26.19 77.96 -19.79
C LEU F 184 27.31 78.64 -20.57
N SER F 185 28.36 79.08 -19.88
CA SER F 185 29.52 79.72 -20.49
C SER F 185 30.75 78.84 -20.27
N SER F 186 31.82 79.17 -20.97
CA SER F 186 33.08 78.45 -20.82
C SER F 186 34.22 79.42 -21.05
N SER F 187 35.37 79.13 -20.45
CA SER F 187 36.52 80.01 -20.53
C SER F 187 37.77 79.22 -20.86
N VAL F 188 38.75 79.91 -21.42
CA VAL F 188 40.05 79.32 -21.74
C VAL F 188 41.10 80.42 -21.55
N THR F 189 42.32 80.02 -21.20
CA THR F 189 43.45 80.94 -21.06
C THR F 189 44.60 80.39 -21.89
N VAL F 190 44.97 81.13 -22.93
CA VAL F 190 46.03 80.70 -23.85
C VAL F 190 47.18 81.70 -23.75
N PRO F 191 48.44 81.29 -23.97
CA PRO F 191 49.54 82.25 -23.98
C PRO F 191 49.54 83.11 -25.24
N SER F 192 50.32 84.18 -25.19
CA SER F 192 50.33 85.20 -26.23
C SER F 192 51.04 84.77 -27.51
N SER F 193 51.81 83.68 -27.49
CA SER F 193 52.39 83.16 -28.72
C SER F 193 51.38 82.36 -29.53
N THR F 194 50.37 81.80 -28.86
CA THR F 194 49.40 80.92 -29.50
C THR F 194 48.34 81.70 -30.27
N TRP F 195 47.86 82.82 -29.71
CA TRP F 195 46.68 83.51 -30.21
C TRP F 195 46.82 84.18 -31.60
N PRO F 196 47.94 84.81 -31.99
CA PRO F 196 48.07 85.12 -33.44
C PRO F 196 48.34 83.90 -34.30
N SER F 197 48.89 82.83 -33.73
CA SER F 197 49.23 81.65 -34.54
C SER F 197 48.00 80.82 -34.85
N GLU F 198 47.17 80.55 -33.84
CA GLU F 198 46.00 79.69 -33.99
C GLU F 198 44.74 80.48 -33.70
N THR F 199 43.65 80.12 -34.38
CA THR F 199 42.37 80.80 -34.18
C THR F 199 41.46 79.95 -33.30
N VAL F 200 41.08 80.50 -32.15
CA VAL F 200 40.22 79.81 -31.20
C VAL F 200 38.77 79.97 -31.64
N THR F 201 38.08 78.86 -31.84
CA THR F 201 36.70 78.85 -32.28
C THR F 201 35.82 78.12 -31.28
N CYS F 202 34.51 78.33 -31.39
CA CYS F 202 33.53 77.72 -30.50
C CYS F 202 32.89 76.54 -31.23
N ASN F 203 33.20 75.33 -30.77
CA ASN F 203 32.67 74.11 -31.36
C ASN F 203 31.70 73.50 -30.34
N VAL F 204 30.41 73.57 -30.65
CA VAL F 204 29.36 73.08 -29.77
C VAL F 204 28.56 72.02 -30.51
N ALA F 205 28.55 70.80 -29.98
CA ALA F 205 27.82 69.68 -30.58
C ALA F 205 26.61 69.35 -29.70
N HIS F 206 25.42 69.46 -30.28
CA HIS F 206 24.19 69.11 -29.58
C HIS F 206 23.83 67.68 -29.94
N PRO F 207 23.91 66.73 -29.01
CA PRO F 207 23.65 65.32 -29.36
C PRO F 207 22.18 65.00 -29.61
N ALA F 208 21.24 65.79 -29.07
CA ALA F 208 19.83 65.47 -29.20
C ALA F 208 19.29 65.85 -30.57
N SER F 209 19.59 67.07 -31.03
CA SER F 209 19.08 67.54 -32.30
C SER F 209 20.01 67.28 -33.48
N SER F 210 21.23 66.76 -33.19
CA SER F 210 22.32 66.48 -34.16
C SER F 210 22.69 67.72 -34.97
N THR F 211 22.96 68.82 -34.27
CA THR F 211 23.30 70.10 -34.91
C THR F 211 24.58 70.63 -34.29
N LYS F 212 25.60 70.83 -35.12
CA LYS F 212 26.88 71.37 -34.69
C LYS F 212 27.02 72.80 -35.19
N VAL F 213 27.32 73.71 -34.27
CA VAL F 213 27.44 75.14 -34.57
C VAL F 213 28.90 75.55 -34.41
N ASP F 214 29.48 76.08 -35.48
CA ASP F 214 30.87 76.52 -35.49
C ASP F 214 30.88 78.04 -35.61
N LYS F 215 31.30 78.71 -34.54
CA LYS F 215 31.43 80.17 -34.50
C LYS F 215 32.85 80.50 -34.09
N LYS F 216 33.48 81.44 -34.81
CA LYS F 216 34.84 81.84 -34.52
C LYS F 216 34.86 83.11 -33.68
N ILE F 217 35.81 83.16 -32.75
CA ILE F 217 35.96 84.31 -31.86
C ILE F 217 36.66 85.45 -32.61
N ASP G 1 13.71 48.26 6.83
CA ASP G 1 15.12 47.93 6.65
C ASP G 1 16.04 48.76 7.56
N ILE G 2 17.28 48.95 7.13
CA ILE G 2 18.29 49.69 7.88
C ILE G 2 18.56 51.00 7.15
N VAL G 3 18.31 52.11 7.83
CA VAL G 3 18.53 53.44 7.28
C VAL G 3 19.92 53.91 7.68
N LEU G 4 20.76 54.20 6.69
CA LEU G 4 22.12 54.66 6.93
C LEU G 4 22.16 56.18 7.01
N THR G 5 22.95 56.69 7.95
CA THR G 5 23.11 58.13 8.14
C THR G 5 24.59 58.43 8.34
N GLN G 6 25.14 59.28 7.48
CA GLN G 6 26.54 59.69 7.58
C GLN G 6 26.63 61.13 8.07
N SER G 7 27.56 61.36 9.00
CA SER G 7 27.78 62.71 9.53
C SER G 7 29.27 63.04 9.52
N PRO G 8 29.63 64.29 9.17
CA PRO G 8 28.80 65.41 8.68
C PRO G 8 28.54 65.33 7.18
N ALA G 9 27.91 66.37 6.63
CA ALA G 9 27.62 66.39 5.20
C ALA G 9 28.84 66.75 4.37
N SER G 10 29.62 67.74 4.80
CA SER G 10 30.82 68.16 4.10
C SER G 10 32.00 68.16 5.05
N LEU G 11 33.18 67.80 4.55
CA LEU G 11 34.39 67.70 5.34
C LEU G 11 35.57 68.23 4.54
N ALA G 12 36.36 69.11 5.15
CA ALA G 12 37.54 69.70 4.51
C ALA G 12 38.78 69.24 5.24
N VAL G 13 39.61 68.44 4.56
CA VAL G 13 40.82 67.87 5.13
C VAL G 13 42.01 68.40 4.34
N SER G 14 42.97 68.99 5.04
CA SER G 14 44.20 69.48 4.43
C SER G 14 45.10 68.33 4.00
N LEU G 15 46.05 68.64 3.12
CA LEU G 15 46.95 67.64 2.56
C LEU G 15 47.96 67.16 3.60
N GLY G 16 48.01 65.84 3.80
CA GLY G 16 48.89 65.23 4.77
C GLY G 16 48.21 64.70 6.01
N GLN G 17 46.92 64.97 6.20
CA GLN G 17 46.18 64.53 7.37
C GLN G 17 45.42 63.24 7.06
N ARG G 18 44.57 62.82 7.99
CA ARG G 18 43.77 61.62 7.87
C ARG G 18 42.30 61.95 8.05
N ALA G 19 41.48 61.50 7.10
CA ALA G 19 40.04 61.74 7.11
C ALA G 19 39.31 60.56 7.71
N THR G 20 38.28 60.84 8.50
CA THR G 20 37.44 59.81 9.11
C THR G 20 35.97 60.17 8.88
N ILE G 21 35.28 59.34 8.12
CA ILE G 21 33.87 59.53 7.80
C ILE G 21 33.11 58.28 8.19
N SER G 22 32.13 58.43 9.09
CA SER G 22 31.41 57.30 9.66
C SER G 22 30.07 57.08 8.96
N CYS G 23 29.76 55.82 8.70
CA CYS G 23 28.46 55.40 8.20
C CYS G 23 27.78 54.59 9.31
N ARG G 24 26.74 55.17 9.90
CA ARG G 24 26.06 54.56 11.04
C ARG G 24 24.86 53.77 10.56
N ALA G 25 24.63 52.61 11.17
CA ALA G 25 23.51 51.74 10.83
C ALA G 25 22.54 51.65 12.00
N SER G 26 21.26 51.46 11.67
CA SER G 26 20.24 51.37 12.71
C SER G 26 20.24 50.00 13.38
N LYS G 27 20.59 48.96 12.65
CA LYS G 27 20.62 47.60 13.18
C LYS G 27 21.99 46.98 12.91
N SER G 28 22.26 45.87 13.57
CA SER G 28 23.54 45.19 13.44
C SER G 28 23.59 44.43 12.12
N VAL G 29 24.61 44.74 11.31
CA VAL G 29 24.79 44.10 10.01
C VAL G 29 25.76 42.92 10.09
N SER G 30 26.23 42.56 11.28
CA SER G 30 27.22 41.51 11.42
C SER G 30 26.53 40.14 11.35
N ALA G 31 26.90 39.35 10.34
CA ALA G 31 26.33 38.00 10.17
C ALA G 31 27.38 37.10 9.53
N SER G 32 27.44 35.83 9.91
CA SER G 32 28.49 34.92 9.38
C SER G 32 29.87 35.56 9.63
N VAL G 33 30.06 36.21 10.79
CA VAL G 33 31.38 36.81 11.16
C VAL G 33 31.59 38.15 10.43
N TYR G 34 31.55 38.15 9.09
CA TYR G 34 31.87 39.39 8.34
C TYR G 34 30.63 40.27 8.17
N SER G 35 30.69 41.53 8.64
CA SER G 35 29.57 42.44 8.44
C SER G 35 29.41 42.75 6.96
N TYR G 36 28.22 43.21 6.58
CA TYR G 36 27.92 43.57 5.21
C TYR G 36 28.00 45.09 5.07
N MET G 37 29.08 45.57 4.45
CA MET G 37 29.24 46.99 4.14
C MET G 37 30.15 47.11 2.92
N HIS G 38 29.82 48.06 2.05
CA HIS G 38 30.67 48.40 0.92
C HIS G 38 30.87 49.91 0.88
N TRP G 39 31.93 50.35 0.23
CA TRP G 39 32.26 51.76 0.09
C TRP G 39 32.43 52.10 -1.38
N TYR G 40 31.76 53.17 -1.82
CA TYR G 40 31.76 53.57 -3.22
C TYR G 40 32.23 55.02 -3.32
N GLN G 41 32.90 55.33 -4.43
CA GLN G 41 33.40 56.67 -4.71
C GLN G 41 32.96 57.09 -6.09
N GLN G 42 32.17 58.16 -6.18
CA GLN G 42 31.61 58.62 -7.44
C GLN G 42 32.11 60.02 -7.75
N LYS G 43 32.92 60.16 -8.79
CA LYS G 43 33.30 61.45 -9.32
C LYS G 43 32.13 62.05 -10.10
N PRO G 44 32.02 63.38 -10.16
CA PRO G 44 30.98 64.00 -11.01
C PRO G 44 31.29 63.82 -12.48
N GLY G 45 30.26 63.41 -13.24
CA GLY G 45 30.44 63.04 -14.62
C GLY G 45 30.95 61.64 -14.85
N GLN G 46 31.14 60.86 -13.78
CA GLN G 46 31.70 59.52 -13.84
C GLN G 46 30.83 58.55 -13.05
N PRO G 47 30.75 57.29 -13.46
CA PRO G 47 30.07 56.27 -12.65
C PRO G 47 30.88 55.93 -11.41
N PRO G 48 30.24 55.45 -10.34
CA PRO G 48 31.01 55.04 -9.15
C PRO G 48 31.76 53.74 -9.37
N LYS G 49 32.72 53.49 -8.48
CA LYS G 49 33.56 52.30 -8.56
C LYS G 49 33.52 51.55 -7.24
N LEU G 50 33.87 50.27 -7.30
CA LEU G 50 33.98 49.43 -6.11
C LEU G 50 35.34 49.67 -5.45
N LEU G 51 35.32 49.93 -4.14
CA LEU G 51 36.54 50.23 -3.40
C LEU G 51 36.83 49.23 -2.30
N ILE G 52 36.03 49.22 -1.23
CA ILE G 52 36.27 48.37 -0.06
C ILE G 52 35.13 47.38 0.05
N TYR G 53 35.46 46.09 0.05
CA TYR G 53 34.49 45.02 0.26
C TYR G 53 34.80 44.31 1.57
N LEU G 54 33.77 44.14 2.40
CA LEU G 54 33.76 43.45 3.70
C LEU G 54 34.71 44.06 4.74
N ALA G 55 35.10 45.33 4.57
CA ALA G 55 35.77 46.24 5.50
C ALA G 55 37.20 45.88 5.96
N SER G 56 37.64 44.63 5.77
CA SER G 56 38.99 44.21 6.10
C SER G 56 39.89 44.08 4.88
N SER G 57 39.38 44.30 3.68
CA SER G 57 40.09 43.93 2.46
C SER G 57 40.07 45.08 1.47
N LEU G 58 40.90 44.94 0.44
CA LEU G 58 41.07 45.96 -0.59
C LEU G 58 40.91 45.35 -1.97
N GLU G 59 40.10 46.00 -2.81
CA GLU G 59 39.92 45.58 -4.19
C GLU G 59 41.16 45.94 -4.99
N SER G 60 41.55 45.03 -5.91
CA SER G 60 42.66 45.30 -6.81
C SER G 60 42.28 46.36 -7.83
N GLY G 61 43.23 47.25 -8.14
CA GLY G 61 42.97 48.43 -8.92
C GLY G 61 42.71 49.68 -8.09
N VAL G 62 42.35 49.51 -6.83
CA VAL G 62 42.16 50.61 -5.89
C VAL G 62 43.48 50.79 -5.15
N PRO G 63 44.00 52.02 -5.01
CA PRO G 63 45.25 52.22 -4.27
C PRO G 63 45.08 52.02 -2.77
N ALA G 64 46.22 51.89 -2.10
CA ALA G 64 46.24 51.44 -0.70
C ALA G 64 45.97 52.55 0.30
N ARG G 65 45.76 53.79 -0.15
CA ARG G 65 45.38 54.86 0.76
C ARG G 65 43.91 54.80 1.18
N PHE G 66 43.09 54.04 0.47
CA PHE G 66 41.68 53.89 0.79
C PHE G 66 41.51 52.63 1.64
N SER G 67 41.04 52.81 2.87
CA SER G 67 40.92 51.70 3.81
C SER G 67 39.77 51.97 4.77
N GLY G 68 39.36 50.92 5.47
CA GLY G 68 38.27 51.04 6.42
C GLY G 68 38.45 50.08 7.58
N SER G 69 37.67 50.31 8.63
CA SER G 69 37.69 49.50 9.84
C SER G 69 36.34 49.65 10.53
N GLY G 70 36.24 49.13 11.75
CA GLY G 70 35.05 49.25 12.55
C GLY G 70 34.29 47.94 12.66
N SER G 71 33.50 47.84 13.72
CA SER G 71 32.69 46.66 13.99
C SER G 71 31.36 47.11 14.59
N GLY G 72 30.37 46.21 14.52
CA GLY G 72 29.05 46.54 15.02
C GLY G 72 28.31 47.48 14.09
N THR G 73 27.66 48.49 14.68
CA THR G 73 26.92 49.49 13.90
C THR G 73 27.73 50.75 13.64
N ASP G 74 28.96 50.84 14.14
CA ASP G 74 29.81 52.01 13.97
C ASP G 74 31.00 51.59 13.11
N PHE G 75 31.07 52.12 11.89
CA PHE G 75 32.16 51.83 10.96
C PHE G 75 32.93 53.10 10.67
N THR G 76 34.23 52.94 10.43
CA THR G 76 35.12 54.06 10.13
C THR G 76 35.73 53.88 8.75
N LEU G 77 35.88 55.00 8.04
CA LEU G 77 36.54 55.04 6.75
C LEU G 77 37.83 55.85 6.92
N ASN G 78 38.98 55.17 6.87
CA ASN G 78 40.27 55.79 7.12
C ASN G 78 40.97 56.03 5.79
N ILE G 79 41.06 57.29 5.39
CA ILE G 79 41.70 57.68 4.14
C ILE G 79 42.90 58.55 4.46
N HIS G 80 44.08 58.11 4.02
CA HIS G 80 45.38 58.71 4.34
C HIS G 80 46.45 58.02 3.49
N PRO G 81 47.37 58.79 2.87
CA PRO G 81 47.47 60.26 2.75
C PRO G 81 46.48 60.89 1.77
N VAL G 82 45.98 62.08 2.12
CA VAL G 82 44.98 62.75 1.30
C VAL G 82 45.64 63.40 0.10
N GLU G 83 45.07 63.17 -1.09
CA GLU G 83 45.58 63.71 -2.34
C GLU G 83 44.51 64.57 -2.98
N GLU G 84 44.94 65.37 -3.97
CA GLU G 84 44.05 66.37 -4.56
C GLU G 84 43.07 65.73 -5.55
N GLU G 85 43.34 64.51 -6.00
CA GLU G 85 42.43 63.81 -6.91
C GLU G 85 41.39 62.98 -6.17
N ASP G 86 41.36 63.03 -4.84
CA ASP G 86 40.46 62.22 -4.06
C ASP G 86 39.11 62.89 -3.76
N ALA G 87 38.88 64.10 -4.29
CA ALA G 87 37.65 64.81 -3.99
C ALA G 87 36.51 64.27 -4.85
N ALA G 88 35.48 63.72 -4.18
CA ALA G 88 34.34 63.02 -4.74
C ALA G 88 33.40 62.69 -3.59
N THR G 89 32.24 62.13 -3.93
CA THR G 89 31.26 61.73 -2.93
C THR G 89 31.49 60.28 -2.50
N TYR G 90 31.31 60.03 -1.22
CA TYR G 90 31.49 58.70 -0.64
C TYR G 90 30.15 58.13 -0.21
N TYR G 91 29.93 56.85 -0.51
CA TYR G 91 28.66 56.18 -0.29
C TYR G 91 28.89 54.90 0.49
N CYS G 92 27.83 54.46 1.19
CA CYS G 92 27.86 53.20 1.91
C CYS G 92 26.56 52.44 1.68
N HIS G 93 26.65 51.11 1.69
CA HIS G 93 25.57 50.22 1.27
C HIS G 93 25.58 48.95 2.10
N HIS G 94 24.38 48.48 2.46
CA HIS G 94 24.20 47.22 3.16
C HIS G 94 23.30 46.30 2.33
N SER G 95 23.72 45.05 2.18
CA SER G 95 22.94 44.01 1.53
C SER G 95 22.17 43.14 2.52
N ARG G 96 22.16 43.51 3.80
CA ARG G 96 21.69 42.63 4.87
C ARG G 96 20.17 42.47 4.87
N GLU G 97 19.44 43.58 4.79
CA GLU G 97 17.98 43.55 4.84
C GLU G 97 17.41 43.75 3.46
N LEU G 98 16.38 42.97 3.14
CA LEU G 98 15.66 43.09 1.87
C LEU G 98 14.36 43.87 2.07
N PRO G 99 14.13 44.93 1.27
CA PRO G 99 14.96 45.54 0.22
C PRO G 99 16.11 46.44 0.75
N PRO G 100 17.24 46.44 0.04
CA PRO G 100 18.39 47.22 0.52
C PRO G 100 18.22 48.71 0.30
N ALA G 101 18.99 49.48 1.07
CA ALA G 101 18.94 50.94 1.02
C ALA G 101 20.33 51.48 0.74
N PHE G 102 20.37 52.76 0.35
CA PHE G 102 21.61 53.44 0.01
C PHE G 102 21.85 54.58 0.99
N GLY G 103 23.12 54.95 1.15
CA GLY G 103 23.49 55.98 2.10
C GLY G 103 23.19 57.38 1.60
N GLY G 104 23.35 58.35 2.51
CA GLY G 104 23.07 59.73 2.19
C GLY G 104 24.16 60.42 1.42
N GLY G 105 25.42 60.06 1.66
CA GLY G 105 26.53 60.62 0.94
C GLY G 105 27.26 61.68 1.73
N THR G 106 28.58 61.78 1.52
CA THR G 106 29.41 62.77 2.18
C THR G 106 30.43 63.28 1.17
N LYS G 107 30.49 64.60 1.01
CA LYS G 107 31.39 65.26 0.07
C LYS G 107 32.68 65.62 0.79
N LEU G 108 33.81 65.27 0.19
CA LEU G 108 35.12 65.57 0.75
C LEU G 108 35.82 66.63 -0.09
N GLU G 109 36.35 67.65 0.58
CA GLU G 109 37.10 68.71 -0.07
C GLU G 109 38.49 68.81 0.55
N ILE G 110 39.40 69.44 -0.18
CA ILE G 110 40.78 69.64 0.24
C ILE G 110 40.95 71.09 0.67
N LYS G 111 41.36 71.29 1.92
CA LYS G 111 41.57 72.63 2.46
C LYS G 111 43.00 73.07 2.18
N ARG G 112 43.14 74.15 1.39
CA ARG G 112 44.42 74.72 1.03
C ARG G 112 44.43 76.20 1.38
N ALA G 113 45.50 76.88 0.98
CA ALA G 113 45.60 78.31 1.21
C ALA G 113 44.70 79.09 0.26
N ASP G 114 44.33 80.29 0.68
CA ASP G 114 43.43 81.12 -0.11
C ASP G 114 44.17 81.78 -1.27
N ALA G 115 43.41 82.10 -2.32
CA ALA G 115 43.95 82.73 -3.51
C ALA G 115 43.03 83.84 -3.98
N ALA G 116 43.61 84.80 -4.74
CA ALA G 116 42.89 85.96 -5.28
C ALA G 116 42.29 85.62 -6.64
N PRO G 117 41.04 86.02 -6.90
CA PRO G 117 40.43 85.70 -8.19
C PRO G 117 40.92 86.61 -9.30
N THR G 118 40.79 86.12 -10.53
CA THR G 118 41.11 86.89 -11.73
C THR G 118 39.80 87.35 -12.37
N VAL G 119 39.63 88.67 -12.49
CA VAL G 119 38.38 89.25 -12.95
C VAL G 119 38.58 89.79 -14.36
N SER G 120 37.81 89.27 -15.31
CA SER G 120 37.81 89.74 -16.69
C SER G 120 36.38 89.80 -17.19
N ILE G 121 35.98 90.94 -17.74
CA ILE G 121 34.63 91.16 -18.24
C ILE G 121 34.68 91.28 -19.76
N PHE G 122 33.78 90.57 -20.44
CA PHE G 122 33.76 90.54 -21.90
C PHE G 122 32.55 91.28 -22.44
N PRO G 123 32.74 92.23 -23.37
CA PRO G 123 31.58 92.82 -24.07
C PRO G 123 30.97 91.83 -25.04
N PRO G 124 29.70 91.97 -25.39
CA PRO G 124 29.07 91.02 -26.32
C PRO G 124 29.51 91.24 -27.76
N SER G 125 29.49 90.14 -28.52
CA SER G 125 29.88 90.16 -29.92
C SER G 125 28.81 90.83 -30.77
N SER G 126 29.21 91.22 -31.99
CA SER G 126 28.30 91.88 -32.92
C SER G 126 27.31 90.92 -33.58
N GLU G 127 27.54 89.60 -33.48
CA GLU G 127 26.58 88.64 -34.01
C GLU G 127 25.34 88.56 -33.13
N GLN G 128 25.49 88.82 -31.83
CA GLN G 128 24.33 88.84 -30.94
C GLN G 128 23.53 90.13 -31.12
N LEU G 129 24.22 91.23 -31.47
CA LEU G 129 23.54 92.52 -31.64
C LEU G 129 22.77 92.60 -32.94
N THR G 130 23.03 91.70 -33.88
CA THR G 130 22.20 91.59 -35.09
C THR G 130 20.82 91.05 -34.75
N SER G 131 20.75 90.05 -33.87
CA SER G 131 19.48 89.46 -33.45
C SER G 131 18.69 90.35 -32.50
N GLY G 132 19.33 91.35 -31.88
CA GLY G 132 18.64 92.27 -31.00
C GLY G 132 18.95 92.10 -29.53
N GLY G 133 19.69 91.07 -29.14
CA GLY G 133 20.06 90.86 -27.76
C GLY G 133 21.50 91.24 -27.47
N ALA G 134 21.81 91.27 -26.18
CA ALA G 134 23.17 91.48 -25.70
C ALA G 134 23.35 90.77 -24.37
N SER G 135 24.55 90.21 -24.18
CA SER G 135 24.88 89.54 -22.93
C SER G 135 26.27 90.00 -22.49
N VAL G 136 26.34 90.65 -21.34
CA VAL G 136 27.60 91.09 -20.75
C VAL G 136 27.99 90.02 -19.72
N VAL G 137 29.05 89.28 -20.01
CA VAL G 137 29.45 88.11 -19.24
C VAL G 137 30.84 88.37 -18.66
N CYS G 138 30.96 88.26 -17.33
CA CYS G 138 32.22 88.45 -16.63
C CYS G 138 32.69 87.13 -16.05
N PHE G 139 33.96 86.80 -16.26
CA PHE G 139 34.56 85.56 -15.78
C PHE G 139 35.37 85.80 -14.52
N LEU G 140 35.17 84.94 -13.51
CA LEU G 140 35.94 84.95 -12.28
C LEU G 140 36.49 83.55 -12.06
N ASN G 141 37.80 83.40 -12.12
CA ASN G 141 38.45 82.10 -11.98
C ASN G 141 39.53 82.17 -10.93
N ASN G 142 39.94 80.98 -10.47
CA ASN G 142 41.09 80.70 -9.59
C ASN G 142 40.96 81.41 -8.23
N PHE G 143 40.03 80.90 -7.43
CA PHE G 143 39.82 81.46 -6.10
C PHE G 143 39.39 80.36 -5.13
N TYR G 144 39.85 80.47 -3.89
CA TYR G 144 39.42 79.63 -2.79
C TYR G 144 39.27 80.54 -1.56
N PRO G 145 38.23 80.35 -0.74
CA PRO G 145 37.09 79.41 -0.79
C PRO G 145 35.98 79.82 -1.75
N LYS G 146 34.84 79.11 -1.66
CA LYS G 146 33.73 79.33 -2.59
C LYS G 146 32.86 80.50 -2.21
N ASP G 147 33.08 81.12 -1.04
CA ASP G 147 32.27 82.28 -0.67
C ASP G 147 32.80 83.51 -1.39
N ILE G 148 31.96 84.08 -2.27
CA ILE G 148 32.36 85.20 -3.11
C ILE G 148 31.06 85.92 -3.49
N ASN G 149 31.16 87.22 -3.79
CA ASN G 149 30.02 88.01 -4.22
C ASN G 149 30.38 88.78 -5.48
N VAL G 150 29.47 88.74 -6.46
CA VAL G 150 29.64 89.42 -7.74
C VAL G 150 28.63 90.56 -7.82
N LYS G 151 29.13 91.79 -7.96
CA LYS G 151 28.30 92.97 -8.02
C LYS G 151 28.31 93.53 -9.45
N TRP G 152 27.13 93.88 -9.94
CA TRP G 152 26.97 94.47 -11.28
C TRP G 152 26.50 95.91 -11.11
N LYS G 153 27.28 96.85 -11.64
CA LYS G 153 26.95 98.27 -11.60
C LYS G 153 26.97 98.82 -13.02
N ILE G 154 25.84 99.37 -13.46
CA ILE G 154 25.72 99.97 -14.78
C ILE G 154 25.71 101.48 -14.59
N ASP G 155 26.81 102.12 -15.05
CA ASP G 155 27.04 103.57 -15.02
C ASP G 155 26.98 104.15 -13.60
N GLY G 156 27.50 103.39 -12.64
CA GLY G 156 27.48 103.79 -11.25
C GLY G 156 26.23 103.40 -10.48
N SER G 157 25.25 102.78 -11.15
CA SER G 157 24.01 102.35 -10.52
C SER G 157 23.98 100.83 -10.49
N GLU G 158 23.80 100.25 -9.31
CA GLU G 158 23.80 98.81 -9.15
C GLU G 158 22.45 98.23 -9.58
N ARG G 159 22.50 97.25 -10.49
CA ARG G 159 21.30 96.57 -10.97
C ARG G 159 21.53 95.07 -10.89
N GLN G 160 20.74 94.39 -10.06
CA GLN G 160 20.86 92.96 -9.84
C GLN G 160 19.90 92.14 -10.70
N ASN G 161 19.12 92.79 -11.57
CA ASN G 161 18.15 92.08 -12.39
C ASN G 161 18.84 91.37 -13.55
N GLY G 162 18.50 90.10 -13.75
CA GLY G 162 19.09 89.31 -14.82
C GLY G 162 20.51 88.88 -14.56
N VAL G 163 20.80 88.36 -13.37
CA VAL G 163 22.12 87.87 -13.01
C VAL G 163 22.03 86.37 -12.74
N LEU G 164 22.80 85.59 -13.49
CA LEU G 164 22.79 84.14 -13.37
C LEU G 164 24.19 83.67 -13.00
N ASN G 165 24.31 82.90 -11.92
CA ASN G 165 25.58 82.42 -11.41
C ASN G 165 25.68 80.91 -11.53
N SER G 166 26.89 80.42 -11.81
CA SER G 166 27.15 78.99 -11.93
C SER G 166 28.45 78.67 -11.20
N TRP G 167 28.37 77.80 -10.20
CA TRP G 167 29.54 77.37 -9.44
C TRP G 167 29.82 75.91 -9.73
N THR G 168 31.11 75.55 -9.76
CA THR G 168 31.55 74.21 -10.12
C THR G 168 32.04 73.45 -8.89
N ASP G 169 32.51 72.24 -9.13
CA ASP G 169 33.09 71.39 -8.11
C ASP G 169 34.59 71.69 -8.05
N GLN G 170 35.31 71.05 -7.13
CA GLN G 170 36.73 71.31 -6.95
C GLN G 170 37.54 70.61 -8.04
N ASP G 171 38.52 71.32 -8.59
CA ASP G 171 39.37 70.79 -9.66
C ASP G 171 40.34 69.77 -9.09
N SER G 172 40.77 68.84 -9.95
CA SER G 172 41.75 67.83 -9.54
C SER G 172 43.14 68.44 -9.39
N LYS G 173 43.64 69.09 -10.45
CA LYS G 173 45.00 69.60 -10.43
C LYS G 173 45.10 70.93 -9.67
N ASP G 174 44.22 71.87 -9.97
CA ASP G 174 44.32 73.22 -9.40
C ASP G 174 43.76 73.32 -7.99
N SER G 175 42.73 72.51 -7.67
CA SER G 175 42.02 72.48 -6.38
C SER G 175 41.42 73.84 -6.01
N THR G 176 40.90 74.56 -7.01
CA THR G 176 40.27 75.86 -6.79
C THR G 176 38.86 75.87 -7.34
N TYR G 177 38.21 77.04 -7.31
CA TYR G 177 36.82 77.18 -7.71
C TYR G 177 36.70 78.23 -8.80
N SER G 178 35.58 78.19 -9.53
CA SER G 178 35.33 79.13 -10.61
C SER G 178 33.84 79.48 -10.64
N MET G 179 33.54 80.75 -10.88
CA MET G 179 32.16 81.21 -10.94
C MET G 179 32.02 82.24 -12.04
N SER G 180 30.99 82.09 -12.86
CA SER G 180 30.70 83.02 -13.95
C SER G 180 29.38 83.73 -13.69
N SER G 181 29.25 84.93 -14.25
CA SER G 181 28.05 85.73 -14.11
C SER G 181 27.65 86.29 -15.46
N THR G 182 26.36 86.22 -15.78
CA THR G 182 25.83 86.63 -17.07
C THR G 182 24.76 87.69 -16.87
N LEU G 183 24.97 88.86 -17.48
CA LEU G 183 24.00 89.96 -17.45
C LEU G 183 23.45 90.15 -18.86
N THR G 184 22.16 89.88 -19.03
CA THR G 184 21.51 89.95 -20.33
C THR G 184 20.64 91.21 -20.40
N LEU G 185 20.90 92.05 -21.40
CA LEU G 185 20.16 93.29 -21.57
C LEU G 185 19.87 93.51 -23.05
N THR G 186 18.85 94.33 -23.30
CA THR G 186 18.40 94.61 -24.66
C THR G 186 19.37 95.54 -25.40
N LYS G 187 19.24 95.57 -26.72
CA LYS G 187 20.08 96.40 -27.57
C LYS G 187 19.78 97.89 -27.39
N ASP G 188 18.52 98.22 -27.04
CA ASP G 188 18.18 99.62 -26.79
C ASP G 188 18.73 100.11 -25.46
N GLU G 189 18.94 99.18 -24.51
CA GLU G 189 19.64 99.52 -23.28
C GLU G 189 21.16 99.44 -23.43
N TYR G 190 21.65 98.85 -24.52
CA TYR G 190 23.09 98.74 -24.74
C TYR G 190 23.67 100.06 -25.25
N GLU G 191 22.94 100.77 -26.11
CA GLU G 191 23.45 102.02 -26.67
C GLU G 191 23.27 103.20 -25.73
N ARG G 192 22.37 103.11 -24.75
CA ARG G 192 22.15 104.20 -23.81
C ARG G 192 23.08 104.16 -22.60
N HIS G 193 23.81 103.07 -22.41
CA HIS G 193 24.75 102.95 -21.30
C HIS G 193 26.14 102.64 -21.84
N ASN G 194 27.16 102.94 -21.03
CA ASN G 194 28.55 102.77 -21.45
C ASN G 194 29.34 101.90 -20.49
N SER G 195 29.52 102.33 -19.25
CA SER G 195 30.39 101.63 -18.31
C SER G 195 29.66 100.43 -17.71
N TYR G 196 30.25 99.24 -17.84
CA TYR G 196 29.77 98.03 -17.21
C TYR G 196 30.86 97.55 -16.27
N THR G 197 30.61 97.61 -14.97
CA THR G 197 31.62 97.35 -13.95
C THR G 197 31.39 95.98 -13.32
N CYS G 198 32.41 95.13 -13.40
CA CYS G 198 32.40 93.81 -12.78
C CYS G 198 33.22 93.88 -11.50
N GLU G 199 32.56 93.70 -10.36
CA GLU G 199 33.21 93.76 -9.05
C GLU G 199 33.21 92.39 -8.41
N ALA G 200 34.22 92.14 -7.57
CA ALA G 200 34.38 90.88 -6.87
C ALA G 200 34.65 91.15 -5.39
N THR G 201 33.95 90.42 -4.52
CA THR G 201 34.12 90.51 -3.08
C THR G 201 34.69 89.19 -2.59
N HIS G 202 35.94 89.22 -2.12
CA HIS G 202 36.63 88.03 -1.65
C HIS G 202 37.23 88.35 -0.29
N LYS G 203 37.51 87.30 0.48
CA LYS G 203 38.03 87.46 1.84
C LYS G 203 39.48 87.91 1.86
N THR G 204 40.24 87.70 0.79
CA THR G 204 41.64 88.12 0.74
C THR G 204 41.81 89.61 0.51
N SER G 205 41.00 90.21 -0.36
CA SER G 205 41.13 91.63 -0.70
C SER G 205 40.05 92.42 0.04
N THR G 206 40.48 93.47 0.75
CA THR G 206 39.52 94.35 1.41
C THR G 206 38.80 95.23 0.40
N SER G 207 39.55 95.90 -0.47
CA SER G 207 38.94 96.65 -1.56
C SER G 207 38.51 95.70 -2.68
N PRO G 208 37.37 95.95 -3.33
CA PRO G 208 36.94 95.06 -4.41
C PRO G 208 37.73 95.32 -5.69
N ILE G 209 37.81 94.28 -6.52
CA ILE G 209 38.54 94.36 -7.77
C ILE G 209 37.63 94.96 -8.83
N VAL G 210 38.03 96.10 -9.38
CA VAL G 210 37.22 96.84 -10.35
C VAL G 210 37.80 96.60 -11.74
N LYS G 211 37.01 95.96 -12.60
CA LYS G 211 37.37 95.74 -13.99
C LYS G 211 36.18 96.15 -14.85
N SER G 212 36.39 97.16 -15.69
CA SER G 212 35.30 97.72 -16.50
C SER G 212 35.84 98.15 -17.86
N PHE G 213 34.92 98.37 -18.79
CA PHE G 213 35.25 98.85 -20.12
C PHE G 213 34.31 99.98 -20.48
N ASN G 214 34.66 100.69 -21.56
CA ASN G 214 33.84 101.77 -22.08
C ASN G 214 33.45 101.46 -23.52
N ARG G 215 32.18 101.72 -23.84
CA ARG G 215 31.68 101.45 -25.19
C ARG G 215 32.13 102.54 -26.17
#